data_9RIA
#
_entry.id   9RIA
#
_cell.length_a   1.00
_cell.length_b   1.00
_cell.length_c   1.00
_cell.angle_alpha   90.00
_cell.angle_beta   90.00
_cell.angle_gamma   90.00
#
_symmetry.space_group_name_H-M   'P 1'
#
loop_
_entity.id
_entity.type
_entity.pdbx_description
1 polymer SlNRC3
2 polymer 'RxLR effector protein PITG_16705'
3 non-polymer "ADENOSINE-5'-TRIPHOSPHATE"
#
loop_
_entity_poly.entity_id
_entity_poly.type
_entity_poly.pdbx_seq_one_letter_code
_entity_poly.pdbx_strand_id
1 'polypeptide(L)'
;MADVAVKFELENETQLEIDNADLILGIQGEVENLLTDLNYFNAFLKEAAKSRRENEVLKELVKKIRKVVNDAEDSIDKFV
VEAKRHDDKNKFAQWFHITHVARAKGVADEIKSIRERVKEIRDNDAYGLQAITLDDNFNRGDEERKAPVVEEDDVVGFDD
EAKTVIDRLIGGSDYVEVVPVVGMPGLGKTTLAYKIYKDPKVEYEFFTRVWVYVSQTFKRREIFLNIISKFTRNTKQYDD
TPEDDLANEVKELLGKGGKYLIVLDDVWTMEAWDRIKIAFPNNGKRNRVLMTTRQSNVAKRCNDKPHDLKFLTKDESWEL
LEKKVFHKEKCPPELELPGISIAEKCMGLPLAIVVIAGALIGKGKTTREWELVAASVGEHLINRDPENCKKLVQMSYDRL
PYDLKACFLYCGAFPGGSQIPAKKLIRLWIAEGFIQYQGPLALEDVAEDHLNDLVNRNLVMVTQRSCSGQIKTCRVHDML
HEFCRHEAMMEENLFQEIKQGQERSFPGKQELATYRRLCIQSLIPEFLSMKPSGEHVRSFLCVGSKKIDMPPNEIPSIPK
AFPLLRVLDAESIKFSRFSREFFKLFHLRYIALSTDKIKTIPADFGNLWNIQTLIVETQQATLDIKADIWNMTRLRHVCT
NASATLPSTKRPKSSKDNLVNRCLQTLSTIAPECCTAEVFTRTPNLKKLGVRGKIDALLESSKDGSGSGLFSNIGKLGCL
EYLKLVNDTRLSSKPLHLPPAYIFPQKLKKLSLVDTWFEWKDMSILGLLPELEVLKLKENAFKGQSWEQEDGGFPRLQVL
WIERTDLTSWKASSGNFPRLKHLALISCDKLEELPAELADVKNLQLIELQSSSESAARSARAILKRNQEKEQDGDKGTGF
KLSIFPHDLGLSDYKDHDGDYKDHDLDAAAADYKDDDDK
;
A,B,C
2 'polypeptide(L)'
;MAPSIVENIKALVKSSAVTPAKLQQWLDERLEAGLVFKNMNLDEPNIFSLLHEPNFAKWVQYADDLSAKSSHKESSVIST
LTSLHGDKVVYDTIQAAKLYPQLSELALKLEKDQIRFWIATRKDPSVVFEALNLNWAGISIFPKPEFSAWLKYVDDVNAR
HPKEAPLSIIPTLKQRFSRGDEAGTDVLLKLIANGKATTEAKTVANKVESALFDFWLNSRETPDKVMDAFKYGTTTQAFL
GSPRWKEWERYLSAYNARYPEKKATAIETLTRKYGDAQLLDTLIGASSKGETKTLAAKLQAQQFDRWMNLKESPLDVYNR
LRSSYGDTAFFNEPQLNVWVSYMNVFVDKNPSKVDKMFLELGDTFGDMRLFRVLGEAKKFPNLESTATKLQMEKASTLFA
SGKSPEGIFKVLALDNVGDDILSNTLFHKWLAYLQKFNKEHPNNQESWFDMLRISYQPFGVERIIETGRKNPLTRLMAEK
VENAYHNYWLDIKMEPKTAFRSLHLDESGEKLLADPKFNTWVQYLKTFNDRYPNEKTTVIDGLRDNSHDIALLRMFSAAK
NDPSTEKLATDLQSALILKWQDAKKTPEELKRVFVGVPAADEMLDRYIKLLAVASSTPYSYPYDVPDYAGYPYDVPDYAG
LYPYDVPDYATRAAYPYDVPDYAGYPYDVPDYAGLYPYDVPDYA
;
G
#
loop_
_chem_comp.id
_chem_comp.type
_chem_comp.name
_chem_comp.formula
ATP non-polymer ADENOSINE-5'-TRIPHOSPHATE 'C10 H16 N5 O13 P3'
#
# COMPACT_ATOMS: atom_id res chain seq x y z
N LEU A 25 8.69 44.85 9.89
CA LEU A 25 9.41 43.58 10.00
C LEU A 25 8.45 42.43 10.29
N GLY A 26 7.67 42.57 11.36
CA GLY A 26 6.76 41.51 11.76
C GLY A 26 5.54 41.38 10.87
N ILE A 27 5.28 42.35 10.01
CA ILE A 27 4.14 42.27 9.10
C ILE A 27 4.35 41.13 8.10
N GLN A 28 5.58 40.97 7.59
CA GLN A 28 5.87 39.86 6.69
C GLN A 28 5.68 38.51 7.39
N GLY A 29 6.08 38.42 8.66
CA GLY A 29 5.83 37.20 9.41
C GLY A 29 4.35 36.92 9.59
N GLU A 30 3.54 37.97 9.78
CA GLU A 30 2.11 37.80 9.86
C GLU A 30 1.51 37.37 8.53
N VAL A 31 2.15 37.76 7.42
CA VAL A 31 1.71 37.29 6.11
C VAL A 31 1.91 35.78 6.00
N GLU A 32 2.98 35.26 6.60
CA GLU A 32 3.19 33.81 6.63
C GLU A 32 2.10 33.12 7.43
N ASN A 33 1.68 33.72 8.55
CA ASN A 33 0.60 33.13 9.34
C ASN A 33 -0.70 33.09 8.55
N LEU A 34 -1.01 34.17 7.83
CA LEU A 34 -2.21 34.19 7.00
C LEU A 34 -2.10 33.20 5.85
N LEU A 35 -0.91 33.08 5.27
CA LEU A 35 -0.70 32.15 4.16
C LEU A 35 -0.89 30.71 4.60
N THR A 36 -0.45 30.38 5.82
CA THR A 36 -0.68 29.04 6.35
C THR A 36 -2.16 28.75 6.49
N ASP A 37 -2.94 29.73 6.96
CA ASP A 37 -4.39 29.57 7.04
C ASP A 37 -4.99 29.45 5.64
N LEU A 38 -4.43 30.17 4.67
CA LEU A 38 -4.98 30.14 3.31
C LEU A 38 -4.78 28.78 2.66
N ASN A 39 -3.67 28.10 2.97
CA ASN A 39 -3.46 26.76 2.44
C ASN A 39 -4.53 25.80 2.97
N TYR A 40 -4.89 25.93 4.24
CA TYR A 40 -5.94 25.09 4.82
C TYR A 40 -7.29 25.40 4.17
N PHE A 41 -7.62 26.69 4.06
CA PHE A 41 -8.92 27.08 3.50
C PHE A 41 -9.04 26.72 2.03
N ASN A 42 -7.96 26.90 1.25
CA ASN A 42 -8.00 26.53 -0.16
C ASN A 42 -8.20 25.02 -0.32
N ALA A 43 -7.57 24.21 0.53
CA ALA A 43 -7.83 22.78 0.51
C ALA A 43 -9.25 22.47 0.95
N PHE A 44 -9.80 23.28 1.86
CA PHE A 44 -11.19 23.11 2.27
C PHE A 44 -12.14 23.33 1.10
N LEU A 45 -11.91 24.39 0.34
CA LEU A 45 -12.75 24.67 -0.82
C LEU A 45 -12.57 23.61 -1.90
N LYS A 46 -11.33 23.14 -2.10
CA LYS A 46 -11.08 22.09 -3.09
C LYS A 46 -11.77 20.79 -2.72
N GLU A 47 -11.76 20.42 -1.43
CA GLU A 47 -12.42 19.20 -1.00
C GLU A 47 -13.93 19.34 -1.04
N ALA A 48 -14.45 20.51 -0.64
CA ALA A 48 -15.90 20.73 -0.65
C ALA A 48 -16.45 20.73 -2.07
N ALA A 49 -15.68 21.23 -3.04
CA ALA A 49 -16.12 21.25 -4.42
C ALA A 49 -16.13 19.86 -5.06
N LYS A 50 -15.55 18.86 -4.40
CA LYS A 50 -15.52 17.50 -4.93
C LYS A 50 -16.80 16.72 -4.65
N SER A 51 -17.66 17.23 -3.78
CA SER A 51 -18.90 16.53 -3.43
C SER A 51 -19.98 17.58 -3.16
N ARG A 52 -20.95 17.68 -4.06
CA ARG A 52 -22.06 18.62 -3.91
C ARG A 52 -23.15 17.97 -3.05
N ARG A 53 -22.94 18.03 -1.74
CA ARG A 53 -23.90 17.47 -0.81
C ARG A 53 -25.11 18.39 -0.67
N GLU A 54 -26.14 17.88 0.01
CA GLU A 54 -27.37 18.64 0.24
C GLU A 54 -27.29 19.52 1.47
N ASN A 55 -26.17 19.52 2.20
CA ASN A 55 -26.05 20.31 3.42
C ASN A 55 -25.97 21.80 3.09
N GLU A 56 -27.02 22.55 3.46
CA GLU A 56 -27.06 23.97 3.16
C GLU A 56 -26.10 24.75 4.06
N VAL A 57 -25.88 24.28 5.29
CA VAL A 57 -24.98 25.01 6.19
C VAL A 57 -23.55 25.00 5.67
N LEU A 58 -23.14 23.92 5.00
CA LEU A 58 -21.82 23.89 4.39
C LEU A 58 -21.78 24.74 3.13
N LYS A 59 -22.91 24.88 2.44
CA LYS A 59 -22.97 25.75 1.27
C LYS A 59 -22.73 27.20 1.65
N GLU A 60 -23.21 27.61 2.82
CA GLU A 60 -22.96 28.98 3.28
C GLU A 60 -21.57 29.12 3.90
N LEU A 61 -21.00 28.02 4.40
CA LEU A 61 -19.65 28.08 4.95
C LEU A 61 -18.61 28.23 3.84
N VAL A 62 -18.77 27.48 2.75
CA VAL A 62 -17.83 27.57 1.64
C VAL A 62 -17.89 28.95 1.00
N LYS A 63 -19.09 29.55 0.95
CA LYS A 63 -19.22 30.89 0.41
C LYS A 63 -18.55 31.92 1.32
N LYS A 64 -18.64 31.72 2.64
CA LYS A 64 -18.01 32.67 3.55
C LYS A 64 -16.49 32.51 3.57
N ILE A 65 -16.01 31.27 3.53
CA ILE A 65 -14.57 31.02 3.51
C ILE A 65 -13.97 31.50 2.19
N ARG A 66 -14.69 31.28 1.09
CA ARG A 66 -14.20 31.72 -0.21
C ARG A 66 -14.05 33.23 -0.27
N LYS A 67 -15.01 33.96 0.31
CA LYS A 67 -14.92 35.41 0.33
C LYS A 67 -13.72 35.88 1.16
N VAL A 68 -13.46 35.21 2.29
CA VAL A 68 -12.31 35.56 3.11
C VAL A 68 -11.02 35.23 2.38
N VAL A 69 -10.99 34.11 1.66
CA VAL A 69 -9.81 33.73 0.89
C VAL A 69 -9.54 34.75 -0.21
N ASN A 70 -10.60 35.15 -0.92
CA ASN A 70 -10.44 36.13 -1.99
C ASN A 70 -9.96 37.47 -1.43
N ASP A 71 -10.53 37.90 -0.30
CA ASP A 71 -10.10 39.15 0.32
C ASP A 71 -8.70 39.02 0.92
N ALA A 72 -8.22 37.78 1.11
CA ALA A 72 -6.91 37.59 1.71
C ALA A 72 -5.82 37.62 0.63
N GLU A 73 -6.05 36.96 -0.50
CA GLU A 73 -5.07 36.99 -1.58
C GLU A 73 -4.96 38.37 -2.20
N ASP A 74 -6.04 39.16 -2.13
CA ASP A 74 -5.97 40.55 -2.57
C ASP A 74 -5.07 41.37 -1.64
N SER A 75 -5.22 41.17 -0.33
CA SER A 75 -4.39 41.89 0.62
C SER A 75 -2.94 41.46 0.53
N ILE A 76 -2.70 40.16 0.32
CA ILE A 76 -1.34 39.66 0.16
C ILE A 76 -0.70 40.25 -1.08
N ASP A 77 -1.45 40.32 -2.18
CA ASP A 77 -0.90 40.91 -3.41
C ASP A 77 -0.63 42.40 -3.24
N LYS A 78 -1.43 43.09 -2.43
CA LYS A 78 -1.13 44.47 -2.10
C LYS A 78 0.18 44.57 -1.34
N PHE A 79 0.41 43.64 -0.41
CA PHE A 79 1.65 43.64 0.34
C PHE A 79 2.85 43.33 -0.55
N VAL A 80 2.66 42.45 -1.53
CA VAL A 80 3.76 42.06 -2.41
C VAL A 80 4.23 43.25 -3.24
N VAL A 81 3.28 43.97 -3.85
CA VAL A 81 3.66 45.11 -4.67
C VAL A 81 4.20 46.25 -3.82
N GLU A 82 3.73 46.37 -2.57
CA GLU A 82 4.27 47.40 -1.68
C GLU A 82 5.72 47.10 -1.31
N ALA A 83 6.03 45.84 -1.02
CA ALA A 83 7.41 45.46 -0.72
C ALA A 83 8.32 45.64 -1.93
N LYS A 84 7.82 45.30 -3.12
CA LYS A 84 8.61 45.48 -4.33
C LYS A 84 8.88 46.95 -4.62
N ARG A 85 7.86 47.80 -4.45
CA ARG A 85 8.04 49.23 -4.66
C ARG A 85 9.02 49.83 -3.66
N HIS A 86 8.91 49.45 -2.38
CA HIS A 86 9.81 49.96 -1.37
C HIS A 86 11.24 49.48 -1.59
N ASP A 87 11.39 48.22 -1.96
CA ASP A 87 12.72 47.65 -2.23
C ASP A 87 12.72 46.87 -3.54
N HIS A 97 8.50 58.59 1.02
CA HIS A 97 8.59 57.43 1.89
C HIS A 97 7.49 57.46 2.94
N ILE A 98 6.98 58.66 3.25
CA ILE A 98 5.89 58.78 4.22
C ILE A 98 4.62 58.15 3.65
N THR A 99 4.38 58.34 2.35
CA THR A 99 3.23 57.69 1.72
C THR A 99 3.37 56.17 1.75
N HIS A 100 4.58 55.67 1.54
CA HIS A 100 4.81 54.23 1.64
C HIS A 100 4.58 53.72 3.06
N VAL A 101 4.96 54.52 4.06
CA VAL A 101 4.72 54.13 5.45
C VAL A 101 3.23 54.07 5.74
N ALA A 102 2.48 55.06 5.27
CA ALA A 102 1.04 55.05 5.48
C ALA A 102 0.37 53.87 4.78
N ARG A 103 0.82 53.57 3.56
CA ARG A 103 0.28 52.43 2.83
C ARG A 103 0.64 51.12 3.52
N ALA A 104 1.85 51.04 4.08
CA ALA A 104 2.25 49.85 4.82
C ALA A 104 1.39 49.66 6.06
N LYS A 105 1.09 50.75 6.76
CA LYS A 105 0.21 50.67 7.93
C LYS A 105 -1.20 50.26 7.51
N GLY A 106 -1.67 50.75 6.37
CA GLY A 106 -2.98 50.34 5.88
C GLY A 106 -3.03 48.86 5.51
N VAL A 107 -1.96 48.35 4.90
CA VAL A 107 -1.88 46.93 4.58
C VAL A 107 -1.86 46.10 5.87
N ALA A 108 -1.10 46.56 6.87
CA ALA A 108 -1.04 45.84 8.14
C ALA A 108 -2.41 45.79 8.80
N ASP A 109 -3.15 46.90 8.76
CA ASP A 109 -4.50 46.91 9.32
C ASP A 109 -5.43 45.98 8.54
N GLU A 110 -5.31 45.97 7.21
CA GLU A 110 -6.14 45.09 6.40
C GLU A 110 -5.82 43.62 6.67
N ILE A 111 -4.53 43.30 6.83
CA ILE A 111 -4.12 41.94 7.15
C ILE A 111 -4.66 41.53 8.52
N LYS A 112 -4.61 42.45 9.49
CA LYS A 112 -5.14 42.16 10.82
C LYS A 112 -6.63 41.86 10.76
N SER A 113 -7.37 42.62 9.94
CA SER A 113 -8.81 42.36 9.79
C SER A 113 -9.05 40.97 9.19
N ILE A 114 -8.24 40.59 8.20
CA ILE A 114 -8.39 39.27 7.59
C ILE A 114 -8.06 38.18 8.61
N ARG A 115 -7.02 38.39 9.41
CA ARG A 115 -6.66 37.42 10.44
C ARG A 115 -7.77 37.26 11.47
N GLU A 116 -8.39 38.37 11.88
CA GLU A 116 -9.49 38.30 12.82
C GLU A 116 -10.71 37.62 12.21
N ARG A 117 -10.94 37.84 10.91
CA ARG A 117 -12.03 37.14 10.24
C ARG A 117 -11.76 35.64 10.14
N VAL A 118 -10.50 35.26 10.03
CA VAL A 118 -10.14 33.85 9.98
C VAL A 118 -10.46 33.18 11.30
N LYS A 119 -10.17 33.86 12.41
CA LYS A 119 -10.43 33.29 13.73
C LYS A 119 -11.92 33.07 13.96
N GLU A 120 -12.76 33.94 13.41
CA GLU A 120 -14.20 33.78 13.56
C GLU A 120 -14.69 32.54 12.84
N ILE A 121 -14.06 32.18 11.72
CA ILE A 121 -14.43 30.97 11.00
C ILE A 121 -14.21 29.73 11.87
N ARG A 122 -13.06 29.68 12.54
CA ARG A 122 -12.74 28.50 13.35
C ARG A 122 -13.51 28.50 14.66
N ASP A 123 -13.79 29.67 15.21
CA ASP A 123 -14.47 29.75 16.50
C ASP A 123 -15.94 29.35 16.40
N ASN A 124 -16.60 29.74 15.32
CA ASN A 124 -18.03 29.53 15.17
C ASN A 124 -18.40 28.37 14.26
N ASP A 125 -17.62 28.12 13.22
CA ASP A 125 -17.94 27.09 12.23
C ASP A 125 -17.07 25.86 12.41
N ALA A 126 -16.83 25.47 13.67
CA ALA A 126 -16.06 24.26 13.94
C ALA A 126 -16.75 23.03 13.39
N TYR A 127 -18.08 22.96 13.51
CA TYR A 127 -18.82 21.81 12.98
C TYR A 127 -18.73 21.74 11.47
N GLY A 128 -18.73 22.89 10.78
CA GLY A 128 -18.61 22.87 9.34
C GLY A 128 -17.31 22.26 8.86
N LEU A 129 -16.21 22.56 9.56
CA LEU A 129 -14.94 21.92 9.25
C LEU A 129 -14.93 20.44 9.63
N GLN A 130 -15.75 20.04 10.60
CA GLN A 130 -15.87 18.63 10.95
C GLN A 130 -16.43 17.81 9.79
N ALA A 131 -17.44 18.35 9.09
CA ALA A 131 -18.15 17.59 8.08
C ALA A 131 -17.27 17.27 6.86
N ILE A 132 -16.24 18.06 6.61
CA ILE A 132 -15.43 17.87 5.41
C ILE A 132 -14.12 17.14 5.69
N THR A 133 -13.56 17.24 6.90
CA THR A 133 -12.36 16.47 7.21
C THR A 133 -12.69 15.01 7.50
N LEU A 134 -13.95 14.71 7.80
CA LEU A 134 -14.42 13.34 7.86
C LEU A 134 -14.96 12.90 6.50
N ASP A 135 -15.35 11.64 6.41
CA ASP A 135 -15.89 11.08 5.18
C ASP A 135 -17.12 10.25 5.50
N ASP A 136 -17.85 9.90 4.44
CA ASP A 136 -19.08 9.11 4.58
C ASP A 136 -18.76 7.70 5.08
N GLU A 143 -29.92 3.43 -6.17
CA GLU A 143 -30.85 4.55 -6.12
C GLU A 143 -30.58 5.54 -7.24
N GLU A 144 -29.31 5.85 -7.47
CA GLU A 144 -28.92 6.77 -8.53
C GLU A 144 -28.71 6.07 -9.87
N ARG A 145 -28.76 4.74 -9.90
CA ARG A 145 -28.50 4.00 -11.12
C ARG A 145 -29.76 3.78 -11.96
N LYS A 146 -30.79 4.59 -11.78
CA LYS A 146 -31.99 4.48 -12.60
C LYS A 146 -31.73 5.10 -13.97
N ALA A 147 -32.04 4.33 -15.01
CA ALA A 147 -31.78 4.80 -16.37
C ALA A 147 -32.66 6.01 -16.68
N PRO A 148 -32.14 6.96 -17.47
CA PRO A 148 -32.93 8.16 -17.79
C PRO A 148 -34.12 7.84 -18.67
N VAL A 149 -35.14 8.68 -18.57
CA VAL A 149 -36.35 8.53 -19.38
C VAL A 149 -36.24 9.38 -20.63
N VAL A 150 -36.46 8.76 -21.79
CA VAL A 150 -36.44 9.45 -23.07
C VAL A 150 -37.67 9.04 -23.85
N GLU A 151 -38.28 10.01 -24.54
CA GLU A 151 -39.52 9.74 -25.25
C GLU A 151 -39.27 8.83 -26.44
N GLU A 152 -40.14 7.84 -26.59
CA GLU A 152 -40.07 6.90 -27.70
C GLU A 152 -40.82 7.43 -28.92
N ASP A 153 -42.02 7.96 -28.72
CA ASP A 153 -42.83 8.51 -29.79
C ASP A 153 -42.62 10.02 -29.89
N ASP A 154 -43.09 10.59 -31.00
CA ASP A 154 -42.98 12.02 -31.28
C ASP A 154 -41.52 12.49 -31.25
N VAL A 155 -40.64 11.67 -31.82
CA VAL A 155 -39.24 12.05 -31.99
C VAL A 155 -39.12 12.80 -33.30
N VAL A 156 -38.65 14.04 -33.23
CA VAL A 156 -38.64 14.95 -34.38
C VAL A 156 -37.20 15.31 -34.73
N GLY A 157 -36.85 15.09 -36.00
CA GLY A 157 -35.57 15.53 -36.51
C GLY A 157 -34.45 14.52 -36.45
N PHE A 158 -34.73 13.27 -36.12
CA PHE A 158 -33.69 12.25 -36.02
C PHE A 158 -33.87 11.13 -37.04
N ASP A 159 -34.73 11.33 -38.04
CA ASP A 159 -34.91 10.30 -39.06
C ASP A 159 -33.65 10.12 -39.91
N ASP A 160 -33.00 11.22 -40.28
CA ASP A 160 -31.81 11.13 -41.10
C ASP A 160 -30.61 10.64 -40.29
N GLU A 161 -30.45 11.15 -39.07
CA GLU A 161 -29.32 10.73 -38.24
C GLU A 161 -29.41 9.26 -37.87
N ALA A 162 -30.62 8.77 -37.57
CA ALA A 162 -30.79 7.36 -37.28
C ALA A 162 -30.43 6.50 -38.48
N LYS A 163 -30.86 6.92 -39.68
CA LYS A 163 -30.54 6.16 -40.88
C LYS A 163 -29.05 6.15 -41.15
N THR A 164 -28.36 7.26 -40.84
CA THR A 164 -26.92 7.32 -41.03
C THR A 164 -26.21 6.31 -40.13
N VAL A 165 -26.59 6.24 -38.86
CA VAL A 165 -25.96 5.32 -37.94
C VAL A 165 -26.34 3.88 -38.25
N ILE A 166 -27.59 3.63 -38.65
CA ILE A 166 -28.01 2.28 -39.00
C ILE A 166 -27.22 1.76 -40.19
N ASP A 167 -27.05 2.59 -41.22
CA ASP A 167 -26.27 2.18 -42.38
C ASP A 167 -24.82 1.91 -42.00
N ARG A 168 -24.34 2.54 -40.93
CA ARG A 168 -22.98 2.28 -40.46
C ARG A 168 -22.91 1.01 -39.61
N LEU A 169 -23.98 0.70 -38.86
CA LEU A 169 -24.00 -0.52 -38.07
C LEU A 169 -24.11 -1.75 -38.96
N ILE A 170 -24.96 -1.69 -39.99
CA ILE A 170 -25.17 -2.84 -40.86
C ILE A 170 -23.90 -3.16 -41.63
N GLY A 171 -23.22 -2.15 -42.17
CA GLY A 171 -22.00 -2.34 -42.91
C GLY A 171 -20.81 -2.60 -42.01
N GLY A 172 -19.65 -2.14 -42.44
CA GLY A 172 -18.44 -2.27 -41.65
C GLY A 172 -17.73 -3.60 -41.86
N SER A 173 -16.78 -3.85 -40.96
CA SER A 173 -15.92 -5.03 -41.05
C SER A 173 -16.59 -6.23 -40.39
N ASP A 174 -15.82 -7.30 -40.19
CA ASP A 174 -16.33 -8.55 -39.65
C ASP A 174 -16.07 -8.72 -38.15
N TYR A 175 -15.24 -7.88 -37.55
CA TYR A 175 -15.01 -7.95 -36.11
C TYR A 175 -15.85 -6.90 -35.41
N VAL A 176 -15.81 -6.92 -34.07
CA VAL A 176 -16.63 -6.02 -33.26
C VAL A 176 -16.24 -4.58 -33.52
N GLU A 177 -17.16 -3.80 -34.07
CA GLU A 177 -16.96 -2.38 -34.32
C GLU A 177 -17.87 -1.56 -33.42
N VAL A 178 -17.34 -0.47 -32.89
CA VAL A 178 -18.13 0.44 -32.08
C VAL A 178 -18.49 1.66 -32.92
N VAL A 179 -19.72 2.12 -32.79
CA VAL A 179 -20.20 3.32 -33.48
C VAL A 179 -20.62 4.33 -32.43
N PRO A 180 -19.69 5.18 -31.98
CA PRO A 180 -20.00 6.10 -30.87
C PRO A 180 -20.68 7.37 -31.36
N VAL A 181 -21.90 7.59 -30.90
CA VAL A 181 -22.58 8.87 -31.08
C VAL A 181 -22.19 9.78 -29.93
N VAL A 182 -21.76 11.00 -30.25
CA VAL A 182 -21.14 11.88 -29.28
C VAL A 182 -21.71 13.27 -29.46
N GLY A 183 -21.94 13.96 -28.35
CA GLY A 183 -22.50 15.29 -28.38
C GLY A 183 -22.54 15.91 -27.00
N MET A 184 -22.96 17.17 -26.96
CA MET A 184 -23.02 17.97 -25.75
C MET A 184 -24.18 17.50 -24.87
N PRO A 185 -24.20 17.85 -23.58
CA PRO A 185 -25.29 17.40 -22.70
C PRO A 185 -26.65 17.82 -23.22
N GLY A 186 -27.61 16.90 -23.11
CA GLY A 186 -28.97 17.16 -23.55
C GLY A 186 -29.19 17.17 -25.04
N LEU A 187 -28.21 16.74 -25.83
CA LEU A 187 -28.34 16.81 -27.28
C LEU A 187 -29.38 15.83 -27.82
N GLY A 188 -29.51 14.67 -27.20
CA GLY A 188 -30.44 13.67 -27.69
C GLY A 188 -29.76 12.38 -28.09
N LYS A 189 -28.63 12.08 -27.46
CA LYS A 189 -27.91 10.84 -27.76
C LYS A 189 -28.71 9.62 -27.33
N THR A 190 -29.25 9.64 -26.11
CA THR A 190 -30.05 8.51 -25.64
C THR A 190 -31.37 8.39 -26.40
N THR A 191 -31.97 9.53 -26.76
CA THR A 191 -33.19 9.48 -27.57
C THR A 191 -32.92 8.87 -28.94
N LEU A 192 -31.81 9.26 -29.57
CA LEU A 192 -31.45 8.68 -30.84
C LEU A 192 -31.04 7.22 -30.69
N ALA A 193 -30.31 6.90 -29.61
CA ALA A 193 -29.88 5.53 -29.39
C ALA A 193 -31.06 4.60 -29.16
N TYR A 194 -32.07 5.06 -28.42
CA TYR A 194 -33.28 4.27 -28.24
C TYR A 194 -34.07 4.16 -29.53
N LYS A 195 -34.05 5.22 -30.35
CA LYS A 195 -34.69 5.16 -31.65
C LYS A 195 -33.97 4.16 -32.56
N ILE A 196 -32.65 4.16 -32.54
CA ILE A 196 -31.88 3.18 -33.30
C ILE A 196 -32.11 1.78 -32.76
N TYR A 197 -32.27 1.68 -31.43
CA TYR A 197 -32.45 0.40 -30.77
C TYR A 197 -33.77 -0.26 -31.11
N LYS A 198 -34.70 0.48 -31.75
CA LYS A 198 -36.06 -0.01 -31.94
C LYS A 198 -36.55 0.06 -33.38
N ASP A 199 -35.71 0.37 -34.36
CA ASP A 199 -36.16 0.38 -35.74
C ASP A 199 -36.41 -1.04 -36.23
N PRO A 200 -37.30 -1.25 -37.19
CA PRO A 200 -37.49 -2.59 -37.74
C PRO A 200 -36.24 -3.16 -38.39
N LYS A 201 -35.37 -2.31 -38.95
CA LYS A 201 -34.17 -2.82 -39.62
C LYS A 201 -33.13 -3.29 -38.61
N VAL A 202 -32.96 -2.56 -37.51
CA VAL A 202 -32.01 -2.98 -36.48
C VAL A 202 -32.51 -4.24 -35.78
N GLU A 203 -33.80 -4.27 -35.44
CA GLU A 203 -34.36 -5.43 -34.77
C GLU A 203 -34.30 -6.68 -35.65
N TYR A 204 -34.56 -6.52 -36.95
CA TYR A 204 -34.55 -7.67 -37.86
C TYR A 204 -33.14 -8.22 -38.05
N GLU A 205 -32.16 -7.33 -38.25
CA GLU A 205 -30.82 -7.78 -38.65
C GLU A 205 -30.08 -8.48 -37.52
N PHE A 206 -30.16 -7.92 -36.31
CA PHE A 206 -29.34 -8.43 -35.22
C PHE A 206 -30.01 -9.62 -34.54
N PHE A 207 -29.20 -10.63 -34.19
CA PHE A 207 -29.74 -11.81 -33.49
C PHE A 207 -30.26 -11.36 -32.12
N THR A 208 -29.36 -10.87 -31.26
CA THR A 208 -29.77 -10.39 -29.92
C THR A 208 -29.36 -8.94 -29.75
N ARG A 209 -30.25 -8.11 -29.20
CA ARG A 209 -29.90 -6.68 -28.93
C ARG A 209 -30.01 -6.44 -27.42
N VAL A 210 -28.99 -5.84 -26.81
CA VAL A 210 -28.99 -5.66 -25.32
C VAL A 210 -28.79 -4.17 -25.00
N TRP A 211 -29.58 -3.64 -24.06
CA TRP A 211 -29.40 -2.23 -23.62
C TRP A 211 -28.66 -2.21 -22.29
N VAL A 212 -27.51 -1.53 -22.25
CA VAL A 212 -26.72 -1.44 -21.02
C VAL A 212 -26.61 0.02 -20.64
N TYR A 213 -26.92 0.33 -19.39
CA TYR A 213 -26.81 1.70 -18.90
C TYR A 213 -25.56 1.81 -18.03
N VAL A 214 -24.44 2.19 -18.65
CA VAL A 214 -23.27 2.62 -17.91
C VAL A 214 -23.57 4.05 -17.45
N SER A 215 -22.88 4.51 -16.41
CA SER A 215 -23.18 5.82 -15.85
C SER A 215 -21.88 6.48 -15.41
N GLN A 216 -22.03 7.58 -14.67
CA GLN A 216 -20.89 8.26 -14.07
C GLN A 216 -20.10 7.32 -13.18
N THR A 217 -20.80 6.61 -12.30
CA THR A 217 -20.21 5.59 -11.44
C THR A 217 -21.05 4.33 -11.55
N PHE A 218 -20.39 3.20 -11.78
CA PHE A 218 -21.08 1.95 -11.98
C PHE A 218 -20.25 0.81 -11.40
N LYS A 219 -20.92 -0.33 -11.18
CA LYS A 219 -20.27 -1.54 -10.74
C LYS A 219 -20.33 -2.55 -11.88
N ARG A 220 -19.16 -3.04 -12.30
CA ARG A 220 -19.10 -3.94 -13.45
C ARG A 220 -19.81 -5.26 -13.15
N ARG A 221 -19.84 -5.67 -11.88
CA ARG A 221 -20.54 -6.90 -11.51
C ARG A 221 -22.03 -6.80 -11.81
N GLU A 222 -22.64 -5.66 -11.51
CA GLU A 222 -24.08 -5.49 -11.75
C GLU A 222 -24.40 -5.51 -13.23
N ILE A 223 -23.52 -4.93 -14.06
CA ILE A 223 -23.78 -4.88 -15.50
C ILE A 223 -23.82 -6.30 -16.08
N PHE A 224 -22.84 -7.13 -15.70
CA PHE A 224 -22.80 -8.49 -16.22
C PHE A 224 -23.97 -9.32 -15.70
N LEU A 225 -24.37 -9.11 -14.44
CA LEU A 225 -25.50 -9.84 -13.90
C LEU A 225 -26.82 -9.40 -14.54
N ASN A 226 -26.89 -8.15 -15.02
CA ASN A 226 -28.10 -7.71 -15.71
C ASN A 226 -28.20 -8.31 -17.11
N ILE A 227 -27.07 -8.43 -17.82
CA ILE A 227 -27.07 -9.10 -19.12
C ILE A 227 -27.42 -10.57 -18.96
N ILE A 228 -26.85 -11.21 -17.93
CA ILE A 228 -27.14 -12.61 -17.66
C ILE A 228 -28.60 -12.78 -17.27
N SER A 229 -29.15 -11.82 -16.52
CA SER A 229 -30.54 -11.87 -16.09
C SER A 229 -31.51 -11.91 -17.27
N LYS A 230 -31.11 -11.36 -18.42
CA LYS A 230 -31.99 -11.40 -19.58
C LYS A 230 -32.02 -12.77 -20.23
N PHE A 231 -30.90 -13.50 -20.20
CA PHE A 231 -30.87 -14.84 -20.77
C PHE A 231 -31.45 -15.86 -19.81
N THR A 232 -31.08 -15.81 -18.54
CA THR A 232 -31.61 -16.70 -17.52
C THR A 232 -31.96 -15.90 -16.28
N ARG A 233 -33.09 -16.24 -15.65
CA ARG A 233 -33.56 -15.47 -14.50
C ARG A 233 -32.90 -15.87 -13.20
N ASN A 234 -32.17 -16.98 -13.17
CA ASN A 234 -31.58 -17.50 -11.93
C ASN A 234 -30.20 -16.87 -11.68
N THR A 235 -30.20 -15.55 -11.51
CA THR A 235 -28.95 -14.86 -11.19
C THR A 235 -28.51 -15.10 -9.75
N LYS A 236 -29.34 -15.72 -8.91
CA LYS A 236 -28.94 -16.00 -7.53
C LYS A 236 -27.73 -16.94 -7.49
N GLN A 237 -27.52 -17.72 -8.55
CA GLN A 237 -26.53 -18.79 -8.51
C GLN A 237 -25.11 -18.31 -8.74
N TYR A 238 -24.89 -17.02 -8.96
CA TYR A 238 -23.57 -16.49 -9.24
C TYR A 238 -22.94 -15.77 -8.06
N ASP A 239 -23.47 -15.97 -6.86
CA ASP A 239 -23.00 -15.20 -5.70
C ASP A 239 -21.53 -15.43 -5.40
N ASP A 240 -21.03 -16.64 -5.66
CA ASP A 240 -19.62 -16.97 -5.44
C ASP A 240 -18.84 -17.02 -6.75
N THR A 241 -19.42 -16.56 -7.84
CA THR A 241 -18.76 -16.52 -9.14
C THR A 241 -18.12 -15.17 -9.35
N PRO A 242 -16.80 -15.10 -9.59
CA PRO A 242 -16.14 -13.81 -9.75
C PRO A 242 -16.51 -13.13 -11.06
N GLU A 243 -16.20 -11.85 -11.13
CA GLU A 243 -16.53 -11.07 -12.32
C GLU A 243 -15.81 -11.58 -13.55
N ASP A 244 -14.64 -12.21 -13.38
CA ASP A 244 -13.95 -12.81 -14.52
C ASP A 244 -14.75 -13.93 -15.14
N ASP A 245 -15.36 -14.79 -14.30
CA ASP A 245 -16.20 -15.85 -14.82
C ASP A 245 -17.59 -15.35 -15.20
N LEU A 246 -17.98 -14.18 -14.70
CA LEU A 246 -19.21 -13.54 -15.18
C LEU A 246 -19.05 -13.04 -16.60
N ALA A 247 -17.91 -12.39 -16.87
CA ALA A 247 -17.65 -11.92 -18.23
C ALA A 247 -17.50 -13.09 -19.20
N ASN A 248 -16.94 -14.20 -18.73
CA ASN A 248 -16.86 -15.39 -19.57
C ASN A 248 -18.25 -15.97 -19.82
N GLU A 249 -19.14 -15.84 -18.85
CA GLU A 249 -20.52 -16.29 -19.05
C GLU A 249 -21.26 -15.40 -20.03
N VAL A 250 -21.02 -14.08 -19.98
CA VAL A 250 -21.60 -13.18 -20.96
C VAL A 250 -21.03 -13.44 -22.34
N LYS A 251 -19.74 -13.79 -22.41
CA LYS A 251 -19.16 -14.23 -23.67
C LYS A 251 -19.91 -15.42 -24.24
N GLU A 252 -20.19 -16.42 -23.39
CA GLU A 252 -20.85 -17.63 -23.86
C GLU A 252 -22.28 -17.34 -24.29
N LEU A 253 -23.00 -16.52 -23.53
CA LEU A 253 -24.40 -16.23 -23.86
C LEU A 253 -24.50 -15.45 -25.17
N LEU A 254 -23.64 -14.45 -25.37
CA LEU A 254 -23.69 -13.66 -26.59
C LEU A 254 -23.20 -14.48 -27.79
N GLY A 255 -22.33 -15.45 -27.54
CA GLY A 255 -21.78 -16.28 -28.60
C GLY A 255 -22.64 -17.45 -29.01
N LYS A 256 -23.84 -17.59 -28.45
CA LYS A 256 -24.71 -18.69 -28.82
C LYS A 256 -25.31 -18.54 -30.21
N GLY A 257 -25.24 -17.35 -30.81
CA GLY A 257 -25.87 -17.08 -32.09
C GLY A 257 -25.07 -16.12 -32.93
N GLY A 258 -25.76 -15.28 -33.68
CA GLY A 258 -25.16 -14.39 -34.64
C GLY A 258 -24.78 -13.04 -34.07
N LYS A 259 -25.11 -11.99 -34.83
CA LYS A 259 -24.73 -10.63 -34.45
C LYS A 259 -25.38 -10.24 -33.14
N TYR A 260 -24.70 -9.35 -32.40
CA TYR A 260 -25.31 -8.69 -31.26
C TYR A 260 -25.05 -7.19 -31.35
N LEU A 261 -26.06 -6.40 -30.99
CA LEU A 261 -25.92 -4.97 -30.86
C LEU A 261 -26.09 -4.61 -29.39
N ILE A 262 -25.07 -4.00 -28.80
CA ILE A 262 -25.08 -3.66 -27.39
C ILE A 262 -24.96 -2.15 -27.26
N VAL A 263 -25.95 -1.53 -26.65
CA VAL A 263 -26.04 -0.08 -26.56
C VAL A 263 -25.44 0.32 -25.21
N LEU A 264 -24.15 0.58 -25.19
CA LEU A 264 -23.47 1.08 -24.00
C LEU A 264 -23.84 2.54 -23.83
N ASP A 265 -24.80 2.81 -22.95
CA ASP A 265 -25.30 4.16 -22.77
C ASP A 265 -24.46 4.92 -21.75
N ASP A 266 -24.12 6.17 -22.10
CA ASP A 266 -23.48 7.11 -21.19
C ASP A 266 -22.17 6.57 -20.64
N VAL A 267 -21.27 6.21 -21.53
CA VAL A 267 -19.91 5.81 -21.14
C VAL A 267 -19.08 7.07 -20.94
N TRP A 268 -18.36 7.14 -19.81
CA TRP A 268 -17.66 8.35 -19.45
C TRP A 268 -16.15 8.25 -19.49
N THR A 269 -15.58 7.04 -19.51
CA THR A 269 -14.15 6.88 -19.35
C THR A 269 -13.62 5.87 -20.36
N MET A 270 -12.34 6.04 -20.72
CA MET A 270 -11.65 5.05 -21.52
C MET A 270 -11.62 3.70 -20.81
N GLU A 271 -11.39 3.72 -19.51
CA GLU A 271 -11.30 2.49 -18.73
C GLU A 271 -12.65 1.77 -18.69
N ALA A 272 -13.75 2.53 -18.56
CA ALA A 272 -15.06 1.91 -18.43
C ALA A 272 -15.42 1.08 -19.67
N TRP A 273 -14.96 1.51 -20.86
CA TRP A 273 -15.19 0.72 -22.06
C TRP A 273 -14.30 -0.52 -22.08
N ASP A 274 -13.05 -0.39 -21.64
CA ASP A 274 -12.13 -1.52 -21.63
C ASP A 274 -12.60 -2.62 -20.68
N ARG A 275 -13.12 -2.23 -19.51
CA ARG A 275 -13.53 -3.22 -18.52
C ARG A 275 -14.82 -3.93 -18.91
N ILE A 276 -15.61 -3.35 -19.80
CA ILE A 276 -16.89 -3.94 -20.21
C ILE A 276 -16.75 -4.73 -21.51
N LYS A 277 -15.83 -4.32 -22.39
CA LYS A 277 -15.66 -5.00 -23.66
C LYS A 277 -15.15 -6.43 -23.50
N ILE A 278 -14.65 -6.79 -22.31
CA ILE A 278 -14.15 -8.14 -22.10
C ILE A 278 -15.30 -9.14 -22.06
N ALA A 279 -16.53 -8.67 -21.88
CA ALA A 279 -17.69 -9.56 -21.94
C ALA A 279 -18.24 -9.71 -23.35
N PHE A 280 -17.64 -9.03 -24.34
CA PHE A 280 -18.17 -9.04 -25.69
C PHE A 280 -17.33 -9.97 -26.55
N PRO A 281 -17.89 -11.09 -27.02
CA PRO A 281 -17.08 -12.03 -27.80
C PRO A 281 -16.76 -11.48 -29.18
N ASN A 282 -15.67 -12.02 -29.76
CA ASN A 282 -15.22 -11.65 -31.10
C ASN A 282 -15.12 -12.95 -31.92
N ASN A 283 -16.24 -13.33 -32.54
CA ASN A 283 -16.33 -14.55 -33.32
C ASN A 283 -16.49 -14.27 -34.82
N GLY A 284 -16.16 -13.07 -35.27
CA GLY A 284 -16.21 -12.74 -36.68
C GLY A 284 -17.60 -12.77 -37.30
N LYS A 285 -18.61 -12.26 -36.58
CA LYS A 285 -19.97 -12.21 -37.10
C LYS A 285 -20.51 -10.78 -37.18
N ARG A 286 -19.64 -9.80 -37.45
CA ARG A 286 -20.04 -8.41 -37.61
C ARG A 286 -20.80 -7.88 -36.39
N ASN A 287 -20.34 -8.25 -35.21
CA ASN A 287 -20.96 -7.77 -33.98
C ASN A 287 -20.76 -6.26 -33.84
N ARG A 288 -21.76 -5.60 -33.25
CA ARG A 288 -21.79 -4.15 -33.19
C ARG A 288 -21.99 -3.68 -31.75
N VAL A 289 -21.43 -2.51 -31.45
CA VAL A 289 -21.64 -1.82 -30.18
C VAL A 289 -22.01 -0.38 -30.50
N LEU A 290 -23.12 0.09 -29.93
CA LEU A 290 -23.57 1.47 -30.13
C LEU A 290 -23.38 2.23 -28.83
N MET A 291 -22.39 3.11 -28.80
CA MET A 291 -22.02 3.84 -27.59
C MET A 291 -22.49 5.27 -27.69
N THR A 292 -23.01 5.80 -26.57
CA THR A 292 -23.37 7.20 -26.45
C THR A 292 -22.53 7.81 -25.34
N THR A 293 -21.96 8.98 -25.61
CA THR A 293 -21.03 9.60 -24.67
C THR A 293 -20.89 11.08 -24.97
N ARG A 294 -20.58 11.85 -23.92
CA ARG A 294 -20.25 13.25 -24.08
C ARG A 294 -18.79 13.48 -24.44
N GLN A 295 -17.98 12.42 -24.49
CA GLN A 295 -16.53 12.53 -24.63
C GLN A 295 -16.15 12.10 -26.05
N SER A 296 -15.50 13.02 -26.77
CA SER A 296 -15.01 12.68 -28.10
C SER A 296 -13.73 11.85 -28.02
N ASN A 297 -12.89 12.07 -27.01
CA ASN A 297 -11.67 11.29 -26.90
C ASN A 297 -11.97 9.83 -26.55
N VAL A 298 -13.03 9.60 -25.78
CA VAL A 298 -13.47 8.22 -25.54
C VAL A 298 -14.06 7.63 -26.82
N ALA A 299 -14.77 8.45 -27.59
CA ALA A 299 -15.36 7.97 -28.85
C ALA A 299 -14.28 7.61 -29.86
N LYS A 300 -13.20 8.41 -29.91
CA LYS A 300 -12.14 8.16 -30.88
C LYS A 300 -11.45 6.82 -30.64
N ARG A 301 -11.24 6.45 -29.37
CA ARG A 301 -10.59 5.18 -29.07
C ARG A 301 -11.40 4.01 -29.58
N CYS A 302 -12.72 4.04 -29.38
CA CYS A 302 -13.58 2.96 -29.88
C CYS A 302 -13.63 2.97 -31.40
N ASN A 303 -13.71 4.15 -32.01
CA ASN A 303 -13.71 4.27 -33.46
C ASN A 303 -13.14 5.63 -33.81
N ASP A 304 -12.16 5.67 -34.72
CA ASP A 304 -11.50 6.91 -35.08
C ASP A 304 -12.38 7.86 -35.88
N LYS A 305 -13.65 7.52 -36.09
CA LYS A 305 -14.58 8.37 -36.82
C LYS A 305 -15.86 8.54 -36.02
N PRO A 306 -15.83 9.27 -34.90
CA PRO A 306 -17.03 9.40 -34.08
C PRO A 306 -18.16 10.09 -34.82
N HIS A 307 -19.39 9.69 -34.51
CA HIS A 307 -20.59 10.26 -35.11
C HIS A 307 -21.08 11.40 -34.23
N ASP A 308 -20.66 12.62 -34.57
CA ASP A 308 -21.08 13.80 -33.83
C ASP A 308 -22.54 14.09 -34.16
N LEU A 309 -23.39 14.04 -33.14
CA LEU A 309 -24.82 14.25 -33.34
C LEU A 309 -25.11 15.70 -33.71
N LYS A 310 -26.12 15.89 -34.56
CA LYS A 310 -26.47 17.20 -35.08
C LYS A 310 -27.48 17.89 -34.16
N PHE A 311 -27.55 19.21 -34.29
CA PHE A 311 -28.53 20.00 -33.58
C PHE A 311 -29.78 20.20 -34.43
N LEU A 312 -30.92 20.34 -33.75
CA LEU A 312 -32.19 20.54 -34.44
C LEU A 312 -32.17 21.87 -35.19
N THR A 313 -32.79 21.88 -36.37
CA THR A 313 -32.90 23.11 -37.14
C THR A 313 -33.92 24.04 -36.49
N LYS A 314 -34.09 25.22 -37.07
CA LYS A 314 -35.06 26.17 -36.54
C LYS A 314 -36.48 25.67 -36.74
N ASP A 315 -36.74 25.00 -37.86
CA ASP A 315 -38.06 24.40 -38.08
C ASP A 315 -38.33 23.26 -37.12
N GLU A 316 -37.33 22.38 -36.92
CA GLU A 316 -37.52 21.23 -36.05
C GLU A 316 -37.61 21.64 -34.58
N SER A 317 -36.87 22.69 -34.20
CA SER A 317 -36.96 23.18 -32.83
C SER A 317 -38.35 23.70 -32.51
N TRP A 318 -38.96 24.43 -33.45
CA TRP A 318 -40.32 24.91 -33.25
C TRP A 318 -41.32 23.75 -33.27
N GLU A 319 -41.07 22.74 -34.10
CA GLU A 319 -41.96 21.59 -34.16
C GLU A 319 -42.01 20.85 -32.83
N LEU A 320 -40.85 20.69 -32.19
CA LEU A 320 -40.81 20.02 -30.89
C LEU A 320 -41.50 20.85 -29.82
N LEU A 321 -41.30 22.17 -29.84
CA LEU A 321 -41.90 23.02 -28.82
C LEU A 321 -43.41 23.02 -28.91
N GLU A 322 -43.97 23.06 -30.12
CA GLU A 322 -45.42 23.04 -30.26
C GLU A 322 -45.99 21.66 -29.96
N LYS A 323 -45.20 20.60 -30.17
CA LYS A 323 -45.66 19.25 -29.84
C LYS A 323 -45.59 18.98 -28.33
N LYS A 324 -44.73 19.70 -27.62
CA LYS A 324 -44.57 19.45 -26.18
C LYS A 324 -45.51 20.32 -25.35
N VAL A 325 -45.80 21.53 -25.83
CA VAL A 325 -46.65 22.45 -25.07
C VAL A 325 -48.12 22.21 -25.39
N PHE A 326 -48.46 22.14 -26.68
CA PHE A 326 -49.84 22.06 -27.11
C PHE A 326 -50.29 20.64 -27.44
N HIS A 327 -49.40 19.66 -27.32
CA HIS A 327 -49.70 18.24 -27.57
C HIS A 327 -50.25 18.11 -28.99
N LYS A 328 -51.41 17.47 -29.19
CA LYS A 328 -51.91 17.25 -30.54
C LYS A 328 -52.47 18.54 -31.16
N GLU A 329 -53.05 19.41 -30.34
CA GLU A 329 -53.63 20.65 -30.85
C GLU A 329 -52.52 21.57 -31.37
N LYS A 330 -52.84 22.32 -32.42
CA LYS A 330 -51.90 23.23 -33.01
C LYS A 330 -51.77 24.51 -32.18
N CYS A 331 -50.71 25.25 -32.43
CA CYS A 331 -50.47 26.49 -31.70
C CYS A 331 -51.44 27.57 -32.17
N PRO A 332 -52.04 28.33 -31.25
CA PRO A 332 -52.91 29.43 -31.67
C PRO A 332 -52.12 30.46 -32.45
N PRO A 333 -52.76 31.15 -33.40
CA PRO A 333 -52.01 32.10 -34.24
C PRO A 333 -51.38 33.24 -33.46
N GLU A 334 -52.02 33.68 -32.38
CA GLU A 334 -51.46 34.78 -31.59
C GLU A 334 -50.17 34.37 -30.88
N LEU A 335 -50.05 33.09 -30.53
CA LEU A 335 -48.86 32.59 -29.85
C LEU A 335 -47.81 32.04 -30.80
N GLU A 336 -48.08 32.02 -32.10
CA GLU A 336 -47.12 31.47 -33.05
C GLU A 336 -45.88 32.35 -33.15
N LEU A 337 -46.05 33.67 -33.22
CA LEU A 337 -44.91 34.57 -33.34
C LEU A 337 -43.98 34.50 -32.13
N PRO A 338 -44.45 34.58 -30.88
CA PRO A 338 -43.51 34.39 -29.76
C PRO A 338 -42.95 32.99 -29.67
N GLY A 339 -43.70 31.98 -30.11
CA GLY A 339 -43.25 30.61 -29.97
C GLY A 339 -41.99 30.33 -30.78
N ILE A 340 -41.95 30.79 -32.03
CA ILE A 340 -40.76 30.59 -32.85
C ILE A 340 -39.58 31.37 -32.28
N SER A 341 -39.85 32.50 -31.62
CA SER A 341 -38.77 33.28 -31.02
C SER A 341 -38.07 32.50 -29.91
N ILE A 342 -38.84 31.84 -29.04
CA ILE A 342 -38.23 31.03 -27.98
C ILE A 342 -37.60 29.76 -28.53
N ALA A 343 -38.15 29.20 -29.60
CA ALA A 343 -37.53 28.03 -30.22
C ALA A 343 -36.13 28.35 -30.75
N GLU A 344 -35.96 29.54 -31.32
CA GLU A 344 -34.64 29.97 -31.75
C GLU A 344 -33.70 30.20 -30.56
N LYS A 345 -34.26 30.53 -29.39
CA LYS A 345 -33.42 30.76 -28.21
C LYS A 345 -32.76 29.49 -27.72
N CYS A 346 -33.31 28.31 -28.05
CA CYS A 346 -32.72 27.05 -27.61
C CYS A 346 -31.55 26.61 -28.48
N MET A 347 -31.36 27.25 -29.64
CA MET A 347 -30.27 26.90 -30.57
C MET A 347 -30.33 25.43 -30.96
N GLY A 348 -31.54 24.92 -31.17
CA GLY A 348 -31.72 23.57 -31.65
C GLY A 348 -31.36 22.48 -30.66
N LEU A 349 -31.40 22.77 -29.36
CA LEU A 349 -31.12 21.77 -28.34
C LEU A 349 -32.43 21.21 -27.82
N PRO A 350 -32.68 19.91 -27.94
CA PRO A 350 -33.94 19.35 -27.43
C PRO A 350 -34.14 19.54 -25.93
N LEU A 351 -33.06 19.49 -25.13
CA LEU A 351 -33.22 19.60 -23.69
C LEU A 351 -33.75 20.98 -23.30
N ALA A 352 -33.24 22.03 -23.94
CA ALA A 352 -33.74 23.38 -23.65
C ALA A 352 -35.19 23.52 -24.08
N ILE A 353 -35.56 22.89 -25.20
CA ILE A 353 -36.95 22.95 -25.67
C ILE A 353 -37.88 22.27 -24.67
N VAL A 354 -37.46 21.14 -24.11
CA VAL A 354 -38.28 20.43 -23.14
C VAL A 354 -38.44 21.26 -21.87
N VAL A 355 -37.37 21.94 -21.46
CA VAL A 355 -37.41 22.70 -20.22
C VAL A 355 -38.32 23.92 -20.36
N ILE A 356 -38.20 24.67 -21.47
CA ILE A 356 -39.07 25.82 -21.67
C ILE A 356 -40.51 25.39 -21.88
N ALA A 357 -40.72 24.16 -22.36
CA ALA A 357 -42.08 23.66 -22.54
C ALA A 357 -42.82 23.59 -21.20
N GLY A 358 -42.13 23.11 -20.16
CA GLY A 358 -42.73 23.12 -18.84
C GLY A 358 -42.96 24.52 -18.31
N ALA A 359 -42.04 25.45 -18.62
CA ALA A 359 -42.20 26.82 -18.18
C ALA A 359 -43.41 27.48 -18.84
N LEU A 360 -43.60 27.23 -20.15
CA LEU A 360 -44.74 27.81 -20.84
C LEU A 360 -46.06 27.22 -20.36
N ILE A 361 -46.07 25.92 -20.02
CA ILE A 361 -47.27 25.30 -19.48
C ILE A 361 -47.64 25.92 -18.15
N GLY A 362 -46.66 26.11 -17.26
CA GLY A 362 -46.94 26.71 -15.97
C GLY A 362 -47.35 28.17 -16.06
N LYS A 363 -46.72 28.91 -16.97
CA LYS A 363 -46.97 30.34 -17.09
C LYS A 363 -48.28 30.67 -17.79
N GLY A 364 -49.08 29.67 -18.16
CA GLY A 364 -50.32 29.93 -18.87
C GLY A 364 -50.08 30.17 -20.35
N LYS A 365 -51.17 30.49 -21.04
CA LYS A 365 -51.14 30.72 -22.48
C LYS A 365 -51.70 32.12 -22.77
N THR A 366 -50.82 33.11 -22.69
CA THR A 366 -51.12 34.48 -23.10
C THR A 366 -49.96 35.01 -23.91
N THR A 367 -50.26 35.95 -24.81
CA THR A 367 -49.21 36.52 -25.64
C THR A 367 -48.19 37.30 -24.82
N ARG A 368 -48.65 38.07 -23.84
CA ARG A 368 -47.75 38.89 -23.04
C ARG A 368 -46.78 38.02 -22.23
N GLU A 369 -47.29 36.94 -21.63
CA GLU A 369 -46.43 36.06 -20.85
C GLU A 369 -45.39 35.38 -21.73
N TRP A 370 -45.79 34.96 -22.93
CA TRP A 370 -44.85 34.28 -23.83
C TRP A 370 -43.72 35.22 -24.26
N GLU A 371 -44.04 36.50 -24.51
CA GLU A 371 -43.00 37.45 -24.85
C GLU A 371 -42.09 37.75 -23.66
N LEU A 372 -42.63 37.70 -22.45
CA LEU A 372 -41.80 37.84 -21.26
C LEU A 372 -40.82 36.69 -21.12
N VAL A 373 -41.27 35.47 -21.45
CA VAL A 373 -40.40 34.31 -21.38
C VAL A 373 -39.27 34.42 -22.40
N ALA A 374 -39.58 34.91 -23.60
CA ALA A 374 -38.55 35.05 -24.63
C ALA A 374 -37.47 36.02 -24.22
N ALA A 375 -37.79 37.00 -23.38
CA ALA A 375 -36.79 37.94 -22.88
C ALA A 375 -35.99 37.39 -21.70
N SER A 376 -36.43 36.28 -21.11
CA SER A 376 -35.72 35.68 -19.98
C SER A 376 -35.59 34.17 -20.12
N VAL A 377 -35.21 33.69 -21.29
CA VAL A 377 -35.13 32.24 -21.52
C VAL A 377 -34.11 31.60 -20.60
N GLY A 378 -32.98 32.28 -20.39
CA GLY A 378 -31.93 31.71 -19.55
C GLY A 378 -32.37 31.47 -18.11
N GLU A 379 -33.26 32.33 -17.60
CA GLU A 379 -33.75 32.14 -16.24
C GLU A 379 -34.53 30.83 -16.10
N HIS A 380 -35.37 30.51 -17.10
CA HIS A 380 -36.18 29.30 -17.01
C HIS A 380 -35.34 28.05 -17.18
N LEU A 381 -34.19 28.14 -17.86
CA LEU A 381 -33.37 26.97 -18.09
C LEU A 381 -32.66 26.51 -16.81
N ILE A 382 -32.10 27.45 -16.06
CA ILE A 382 -31.21 27.11 -14.95
C ILE A 382 -31.76 27.63 -13.63
N ASN A 383 -32.07 28.94 -13.60
CA ASN A 383 -32.41 29.58 -12.34
C ASN A 383 -33.67 28.99 -11.71
N ARG A 384 -34.69 28.75 -12.52
CA ARG A 384 -35.99 28.36 -12.00
C ARG A 384 -36.37 26.91 -12.29
N ASP A 385 -35.51 26.17 -13.00
CA ASP A 385 -35.75 24.75 -13.27
C ASP A 385 -34.46 23.98 -13.02
N PRO A 386 -34.07 23.80 -11.76
CA PRO A 386 -32.88 22.99 -11.46
C PRO A 386 -33.13 21.49 -11.44
N GLU A 387 -34.38 21.06 -11.60
CA GLU A 387 -34.72 19.66 -11.46
C GLU A 387 -34.31 18.82 -12.67
N ASN A 388 -34.39 19.36 -13.88
CA ASN A 388 -34.16 18.56 -15.07
C ASN A 388 -32.92 19.01 -15.84
N CYS A 389 -32.82 20.31 -16.12
CA CYS A 389 -31.74 20.80 -16.97
C CYS A 389 -30.43 20.93 -16.19
N LYS A 390 -30.48 21.59 -15.03
CA LYS A 390 -29.26 21.95 -14.32
C LYS A 390 -28.47 20.72 -13.88
N LYS A 391 -29.16 19.66 -13.46
CA LYS A 391 -28.46 18.46 -13.01
C LYS A 391 -27.68 17.81 -14.14
N LEU A 392 -28.27 17.77 -15.34
CA LEU A 392 -27.58 17.18 -16.47
C LEU A 392 -26.32 17.96 -16.84
N VAL A 393 -26.39 19.29 -16.79
CA VAL A 393 -25.21 20.11 -17.03
C VAL A 393 -24.15 19.85 -15.96
N GLN A 394 -24.59 19.72 -14.71
CA GLN A 394 -23.64 19.58 -13.61
C GLN A 394 -22.92 18.24 -13.66
N MET A 395 -23.46 17.26 -14.39
CA MET A 395 -22.78 15.97 -14.51
C MET A 395 -21.43 16.12 -15.22
N SER A 396 -21.36 16.93 -16.27
CA SER A 396 -20.08 17.19 -16.91
C SER A 396 -19.23 18.15 -16.07
N TYR A 397 -19.86 19.08 -15.36
CA TYR A 397 -19.11 20.10 -14.66
C TYR A 397 -18.40 19.55 -13.43
N ASP A 398 -19.10 18.73 -12.63
CA ASP A 398 -18.50 18.23 -11.40
C ASP A 398 -17.42 17.17 -11.66
N ARG A 399 -17.40 16.57 -12.86
CA ARG A 399 -16.33 15.67 -13.25
C ARG A 399 -15.09 16.43 -13.72
N LEU A 400 -15.24 17.69 -14.10
CA LEU A 400 -14.09 18.48 -14.55
C LEU A 400 -13.05 18.56 -13.43
N PRO A 401 -11.77 18.51 -13.77
CA PRO A 401 -10.73 18.80 -12.77
C PRO A 401 -10.90 20.21 -12.22
N TYR A 402 -10.31 20.42 -11.04
CA TYR A 402 -10.48 21.69 -10.34
C TYR A 402 -9.96 22.86 -11.15
N ASP A 403 -8.90 22.67 -11.93
CA ASP A 403 -8.36 23.75 -12.75
C ASP A 403 -9.24 24.03 -13.95
N LEU A 404 -9.86 23.00 -14.52
CA LEU A 404 -10.71 23.18 -15.69
C LEU A 404 -12.04 23.83 -15.35
N LYS A 405 -12.43 23.83 -14.07
CA LYS A 405 -13.72 24.41 -13.69
C LYS A 405 -13.70 25.92 -13.87
N ALA A 406 -12.65 26.59 -13.38
CA ALA A 406 -12.53 28.02 -13.57
C ALA A 406 -12.27 28.37 -15.03
N CYS A 407 -11.60 27.49 -15.76
CA CYS A 407 -11.39 27.71 -17.19
C CYS A 407 -12.70 27.68 -17.95
N PHE A 408 -13.60 26.76 -17.60
CA PHE A 408 -14.87 26.64 -18.30
C PHE A 408 -15.82 27.77 -17.93
N LEU A 409 -15.86 28.14 -16.65
CA LEU A 409 -16.72 29.24 -16.21
C LEU A 409 -16.28 30.57 -16.80
N TYR A 410 -14.98 30.74 -17.05
CA TYR A 410 -14.50 31.97 -17.66
C TYR A 410 -15.03 32.13 -19.08
N CYS A 411 -15.34 31.02 -19.75
CA CYS A 411 -15.88 31.09 -21.10
C CYS A 411 -17.30 31.66 -21.13
N GLY A 412 -17.96 31.78 -19.98
CA GLY A 412 -19.27 32.39 -19.92
C GLY A 412 -19.27 33.90 -19.80
N ALA A 413 -18.09 34.51 -19.63
CA ALA A 413 -18.02 35.96 -19.57
C ALA A 413 -18.40 36.59 -20.91
N PHE A 414 -17.96 36.00 -22.02
CA PHE A 414 -18.24 36.53 -23.32
C PHE A 414 -19.74 36.42 -23.63
N PRO A 415 -20.27 37.32 -24.45
CA PRO A 415 -21.72 37.33 -24.68
C PRO A 415 -22.20 36.05 -25.34
N GLY A 416 -23.45 35.69 -25.04
CA GLY A 416 -24.05 34.49 -25.61
C GLY A 416 -24.09 34.51 -27.12
N GLY A 417 -23.62 33.42 -27.73
CA GLY A 417 -23.55 33.32 -29.18
C GLY A 417 -22.35 33.99 -29.81
N SER A 418 -21.57 34.75 -29.05
CA SER A 418 -20.39 35.41 -29.59
C SER A 418 -19.27 34.40 -29.82
N GLN A 419 -18.35 34.76 -30.71
CA GLN A 419 -17.23 33.92 -31.07
C GLN A 419 -16.00 34.35 -30.27
N ILE A 420 -15.39 33.40 -29.58
CA ILE A 420 -14.24 33.65 -28.72
C ILE A 420 -12.98 33.25 -29.48
N PRO A 421 -12.04 34.16 -29.73
CA PRO A 421 -10.75 33.76 -30.28
C PRO A 421 -10.03 32.83 -29.30
N ALA A 422 -9.36 31.82 -29.85
CA ALA A 422 -8.70 30.83 -29.01
C ALA A 422 -7.45 31.39 -28.37
N LYS A 423 -6.69 32.21 -29.11
CA LYS A 423 -5.46 32.78 -28.56
C LYS A 423 -5.77 33.84 -27.52
N LYS A 424 -6.86 34.60 -27.71
CA LYS A 424 -7.27 35.56 -26.71
C LYS A 424 -7.77 34.86 -25.45
N LEU A 425 -8.53 33.78 -25.62
CA LEU A 425 -9.02 33.02 -24.47
C LEU A 425 -7.87 32.40 -23.69
N ILE A 426 -6.88 31.84 -24.40
CA ILE A 426 -5.76 31.18 -23.72
C ILE A 426 -4.95 32.18 -22.92
N ARG A 427 -4.64 33.33 -23.51
CA ARG A 427 -3.88 34.35 -22.79
C ARG A 427 -4.65 34.89 -21.59
N LEU A 428 -5.98 34.94 -21.69
CA LEU A 428 -6.78 35.37 -20.54
C LEU A 428 -6.70 34.36 -19.41
N TRP A 429 -6.73 33.06 -19.72
CA TRP A 429 -6.62 32.04 -18.69
C TRP A 429 -5.28 32.12 -17.98
N ILE A 430 -4.20 32.33 -18.72
CA ILE A 430 -2.88 32.45 -18.11
C ILE A 430 -2.80 33.69 -17.24
N ALA A 431 -3.37 34.80 -17.71
CA ALA A 431 -3.32 36.05 -16.95
C ALA A 431 -4.10 35.93 -15.65
N GLU A 432 -5.24 35.24 -15.66
CA GLU A 432 -6.03 35.07 -14.45
C GLU A 432 -5.37 34.11 -13.47
N GLY A 433 -4.44 33.28 -13.93
CA GLY A 433 -3.78 32.31 -13.07
C GLY A 433 -4.40 30.94 -13.07
N PHE A 434 -5.33 30.65 -13.99
CA PHE A 434 -5.97 29.34 -14.02
C PHE A 434 -5.02 28.24 -14.50
N ILE A 435 -3.97 28.59 -15.24
CA ILE A 435 -3.03 27.62 -15.78
C ILE A 435 -1.82 27.62 -14.87
N GLN A 436 -1.66 26.55 -14.11
CA GLN A 436 -0.49 26.34 -13.25
C GLN A 436 0.31 25.18 -13.81
N TYR A 437 1.60 25.40 -14.06
CA TYR A 437 2.41 24.43 -14.77
C TYR A 437 3.87 24.64 -14.43
N GLN A 438 4.61 23.53 -14.36
CA GLN A 438 6.05 23.58 -14.09
C GLN A 438 6.87 22.67 -14.99
N GLY A 439 6.25 21.96 -15.91
CA GLY A 439 6.95 21.02 -16.76
C GLY A 439 7.73 21.69 -17.87
N PRO A 440 8.05 20.93 -18.92
CA PRO A 440 8.86 21.49 -20.02
C PRO A 440 8.06 22.28 -21.05
N LEU A 441 6.76 22.05 -21.15
CA LEU A 441 5.97 22.73 -22.17
C LEU A 441 5.77 24.21 -21.82
N ALA A 442 5.34 24.97 -22.82
CA ALA A 442 5.00 26.37 -22.61
C ALA A 442 3.58 26.47 -22.04
N LEU A 443 3.32 27.57 -21.34
CA LEU A 443 2.02 27.78 -20.74
C LEU A 443 0.92 27.90 -21.80
N GLU A 444 1.27 28.40 -22.99
CA GLU A 444 0.29 28.45 -24.07
C GLU A 444 -0.10 27.06 -24.55
N ASP A 445 0.86 26.13 -24.59
CA ASP A 445 0.56 24.77 -25.04
C ASP A 445 -0.23 24.01 -23.98
N VAL A 446 0.03 24.31 -22.70
CA VAL A 446 -0.74 23.68 -21.64
C VAL A 446 -2.17 24.20 -21.63
N ALA A 447 -2.34 25.52 -21.75
CA ALA A 447 -3.68 26.10 -21.78
C ALA A 447 -4.43 25.69 -23.04
N GLU A 448 -3.72 25.53 -24.16
CA GLU A 448 -4.36 25.02 -25.37
C GLU A 448 -4.84 23.59 -25.15
N ASP A 449 -4.09 22.80 -24.37
CA ASP A 449 -4.53 21.46 -24.04
C ASP A 449 -5.77 21.49 -23.14
N HIS A 450 -5.86 22.50 -22.27
CA HIS A 450 -7.08 22.69 -21.49
C HIS A 450 -8.27 22.98 -22.40
N LEU A 451 -8.07 23.83 -23.42
CA LEU A 451 -9.14 24.10 -24.38
C LEU A 451 -9.51 22.84 -25.16
N ASN A 452 -8.51 22.04 -25.52
CA ASN A 452 -8.79 20.78 -26.21
C ASN A 452 -9.59 19.84 -25.32
N ASP A 453 -9.26 19.81 -24.03
CA ASP A 453 -9.99 18.94 -23.11
C ASP A 453 -11.46 19.37 -22.99
N LEU A 454 -11.71 20.68 -22.93
CA LEU A 454 -13.09 21.16 -22.88
C LEU A 454 -13.83 20.83 -24.17
N VAL A 455 -13.18 20.98 -25.32
CA VAL A 455 -13.81 20.66 -26.60
C VAL A 455 -14.09 19.16 -26.69
N ASN A 456 -13.14 18.33 -26.26
CA ASN A 456 -13.33 16.89 -26.27
C ASN A 456 -14.42 16.45 -25.29
N ARG A 457 -14.72 17.26 -24.29
CA ARG A 457 -15.83 16.98 -23.39
C ARG A 457 -17.16 17.52 -23.89
N ASN A 458 -17.15 18.15 -25.07
CA ASN A 458 -18.35 18.77 -25.66
C ASN A 458 -18.93 19.86 -24.76
N LEU A 459 -18.08 20.50 -23.96
CA LEU A 459 -18.48 21.67 -23.21
C LEU A 459 -18.22 22.98 -23.94
N VAL A 460 -17.37 22.95 -24.97
CA VAL A 460 -17.06 24.11 -25.78
C VAL A 460 -17.05 23.68 -27.25
N MET A 461 -17.75 24.43 -28.09
CA MET A 461 -17.79 24.16 -29.53
C MET A 461 -16.56 24.75 -30.19
N VAL A 462 -16.22 24.20 -31.36
CA VAL A 462 -15.17 24.75 -32.20
C VAL A 462 -15.82 25.18 -33.52
N THR A 463 -15.68 26.46 -33.86
CA THR A 463 -16.26 27.00 -35.07
C THR A 463 -15.25 27.19 -36.20
N GLN A 464 -13.99 27.52 -35.85
CA GLN A 464 -12.95 27.73 -36.84
C GLN A 464 -11.70 26.95 -36.44
N ARG A 465 -10.97 26.48 -37.44
CA ARG A 465 -9.71 25.79 -37.23
C ARG A 465 -8.66 26.36 -38.19
N SER A 466 -7.42 26.42 -37.72
CA SER A 466 -6.34 26.96 -38.53
C SER A 466 -5.97 25.98 -39.64
N CYS A 467 -4.98 26.37 -40.44
CA CYS A 467 -4.50 25.50 -41.51
C CYS A 467 -3.91 24.21 -40.97
N SER A 468 -3.19 24.30 -39.85
CA SER A 468 -2.58 23.12 -39.23
C SER A 468 -3.56 22.31 -38.39
N GLY A 469 -4.79 22.79 -38.23
CA GLY A 469 -5.78 22.11 -37.40
C GLY A 469 -5.88 22.63 -35.99
N GLN A 470 -5.06 23.59 -35.60
CA GLN A 470 -5.16 24.18 -34.27
C GLN A 470 -6.45 24.99 -34.14
N ILE A 471 -7.05 24.94 -32.95
CA ILE A 471 -8.30 25.65 -32.72
C ILE A 471 -8.06 27.14 -32.82
N LYS A 472 -8.87 27.82 -33.65
CA LYS A 472 -8.76 29.25 -33.87
C LYS A 472 -9.87 30.05 -33.22
N THR A 473 -11.12 29.60 -33.31
CA THR A 473 -12.24 30.30 -32.72
C THR A 473 -13.22 29.29 -32.14
N CYS A 474 -13.66 29.55 -30.91
CA CYS A 474 -14.56 28.64 -30.20
C CYS A 474 -15.76 29.41 -29.67
N ARG A 475 -16.85 28.69 -29.43
CA ARG A 475 -18.08 29.28 -28.90
C ARG A 475 -18.74 28.29 -27.96
N VAL A 476 -19.25 28.80 -26.84
CA VAL A 476 -19.97 27.97 -25.88
C VAL A 476 -21.45 27.98 -26.23
N HIS A 477 -22.09 26.83 -26.10
CA HIS A 477 -23.51 26.71 -26.40
C HIS A 477 -24.33 27.56 -25.43
N ASP A 478 -25.58 27.83 -25.82
CA ASP A 478 -26.41 28.74 -25.05
C ASP A 478 -26.73 28.19 -23.66
N MET A 479 -27.11 26.90 -23.58
CA MET A 479 -27.47 26.35 -22.27
C MET A 479 -26.28 26.34 -21.34
N LEU A 480 -25.08 26.09 -21.88
CA LEU A 480 -23.88 26.07 -21.06
C LEU A 480 -23.45 27.47 -20.68
N HIS A 481 -23.76 28.47 -21.52
CA HIS A 481 -23.45 29.85 -21.17
C HIS A 481 -24.28 30.32 -19.98
N GLU A 482 -25.57 29.98 -19.96
CA GLU A 482 -26.42 30.35 -18.82
C GLU A 482 -26.00 29.60 -17.57
N PHE A 483 -25.59 28.34 -17.71
CA PHE A 483 -25.09 27.59 -16.57
C PHE A 483 -23.78 28.20 -16.07
N CYS A 484 -22.91 28.63 -16.99
CA CYS A 484 -21.68 29.29 -16.60
C CYS A 484 -21.97 30.58 -15.84
N ARG A 485 -22.95 31.36 -16.32
CA ARG A 485 -23.26 32.62 -15.66
C ARG A 485 -23.91 32.39 -14.30
N HIS A 486 -24.77 31.38 -14.18
CA HIS A 486 -25.38 31.07 -12.89
C HIS A 486 -24.34 30.59 -11.89
N GLU A 487 -23.43 29.73 -12.33
CA GLU A 487 -22.40 29.20 -11.42
C GLU A 487 -21.38 30.26 -11.05
N ALA A 488 -21.04 31.16 -11.98
CA ALA A 488 -19.96 32.11 -11.77
C ALA A 488 -20.45 33.46 -11.24
N MET A 489 -21.75 33.63 -11.01
CA MET A 489 -22.27 34.84 -10.37
C MET A 489 -22.98 34.57 -9.06
N MET A 490 -23.78 33.51 -8.97
CA MET A 490 -24.58 33.23 -7.80
C MET A 490 -24.03 32.10 -6.94
N GLU A 491 -23.00 31.39 -7.40
CA GLU A 491 -22.42 30.30 -6.61
C GLU A 491 -20.96 30.58 -6.26
N GLU A 492 -20.11 30.90 -7.23
CA GLU A 492 -18.68 31.04 -6.98
C GLU A 492 -18.19 32.48 -7.08
N ASN A 493 -19.02 33.41 -7.54
CA ASN A 493 -18.65 34.82 -7.65
C ASN A 493 -17.39 35.00 -8.48
N LEU A 494 -17.27 34.20 -9.54
CA LEU A 494 -16.13 34.34 -10.44
C LEU A 494 -16.16 35.69 -11.15
N PHE A 495 -17.28 36.02 -11.78
CA PHE A 495 -17.42 37.30 -12.45
C PHE A 495 -18.86 37.78 -12.34
N GLN A 496 -19.04 39.09 -12.49
CA GLN A 496 -20.35 39.72 -12.49
C GLN A 496 -20.45 40.66 -13.69
N GLU A 497 -21.59 40.64 -14.36
CA GLU A 497 -21.82 41.48 -15.52
C GLU A 497 -22.44 42.82 -15.12
N ILE A 498 -22.19 43.84 -15.93
CA ILE A 498 -22.72 45.18 -15.71
C ILE A 498 -23.61 45.52 -16.89
N LYS A 499 -24.89 45.81 -16.62
CA LYS A 499 -25.84 46.13 -17.66
C LYS A 499 -26.95 46.98 -17.07
N GLN A 500 -27.69 47.65 -17.95
CA GLN A 500 -28.80 48.53 -17.57
C GLN A 500 -30.08 47.97 -18.20
N GLY A 501 -30.75 47.07 -17.48
CA GLY A 501 -31.97 46.46 -17.96
C GLY A 501 -33.21 47.16 -17.45
N GLN A 502 -34.32 46.42 -17.44
CA GLN A 502 -35.58 46.97 -16.97
C GLN A 502 -35.52 47.30 -15.48
N GLU A 503 -34.93 46.42 -14.67
CA GLU A 503 -34.82 46.63 -13.24
C GLU A 503 -33.40 46.60 -12.71
N ARG A 504 -32.47 45.95 -13.41
CA ARG A 504 -31.08 45.87 -12.96
C ARG A 504 -30.31 47.05 -13.55
N SER A 505 -30.24 48.14 -12.79
CA SER A 505 -29.47 49.30 -13.19
C SER A 505 -28.00 49.07 -12.84
N PHE A 506 -27.19 50.12 -12.96
CA PHE A 506 -25.78 50.00 -12.60
C PHE A 506 -25.64 49.74 -11.11
N PRO A 507 -24.78 48.81 -10.70
CA PRO A 507 -24.69 48.48 -9.27
C PRO A 507 -24.12 49.62 -8.44
N GLY A 508 -24.52 49.65 -7.18
CA GLY A 508 -24.06 50.66 -6.25
C GLY A 508 -22.72 50.31 -5.63
N LYS A 509 -22.32 51.14 -4.66
CA LYS A 509 -21.04 50.93 -3.99
C LYS A 509 -21.03 49.63 -3.19
N GLN A 510 -22.15 49.29 -2.55
CA GLN A 510 -22.20 48.06 -1.76
C GLN A 510 -22.02 46.83 -2.63
N GLU A 511 -22.65 46.81 -3.81
CA GLU A 511 -22.50 45.66 -4.71
C GLU A 511 -21.08 45.60 -5.28
N LEU A 512 -20.50 46.74 -5.62
CA LEU A 512 -19.13 46.76 -6.14
C LEU A 512 -18.11 46.37 -5.07
N ALA A 513 -18.46 46.44 -3.80
CA ALA A 513 -17.55 46.00 -2.75
C ALA A 513 -17.38 44.49 -2.73
N THR A 514 -18.27 43.74 -3.39
CA THR A 514 -18.19 42.30 -3.45
C THR A 514 -17.90 41.76 -4.84
N TYR A 515 -17.90 42.60 -5.86
CA TYR A 515 -17.67 42.13 -7.23
C TYR A 515 -16.20 41.76 -7.42
N ARG A 516 -15.97 40.58 -7.99
CA ARG A 516 -14.61 40.10 -8.20
C ARG A 516 -14.10 40.43 -9.59
N ARG A 517 -14.82 40.03 -10.63
CA ARG A 517 -14.46 40.34 -12.00
C ARG A 517 -15.60 41.06 -12.69
N LEU A 518 -15.28 42.08 -13.46
CA LEU A 518 -16.27 42.90 -14.15
C LEU A 518 -16.30 42.53 -15.62
N CYS A 519 -17.51 42.34 -16.15
CA CYS A 519 -17.73 42.02 -17.56
C CYS A 519 -18.80 42.96 -18.09
N ILE A 520 -18.39 43.97 -18.83
CA ILE A 520 -19.29 44.99 -19.38
C ILE A 520 -19.27 44.87 -20.90
N GLN A 521 -20.46 44.92 -21.50
CA GLN A 521 -20.60 44.82 -22.95
C GLN A 521 -20.79 46.18 -23.60
N SER A 522 -21.78 46.95 -23.14
CA SER A 522 -22.09 48.25 -23.71
C SER A 522 -22.22 49.28 -22.61
N LEU A 523 -22.42 50.54 -23.02
CA LEU A 523 -22.59 51.66 -22.10
C LEU A 523 -21.40 51.79 -21.15
N ILE A 524 -20.19 51.54 -21.67
CA ILE A 524 -18.99 51.68 -20.85
C ILE A 524 -18.78 53.12 -20.38
N PRO A 525 -18.83 54.14 -21.23
CA PRO A 525 -18.65 55.52 -20.71
C PRO A 525 -19.74 55.93 -19.72
N GLU A 526 -20.97 55.46 -19.92
CA GLU A 526 -22.04 55.79 -18.98
C GLU A 526 -21.80 55.15 -17.62
N PHE A 527 -21.36 53.88 -17.60
CA PHE A 527 -21.03 53.22 -16.34
C PHE A 527 -19.85 53.91 -15.66
N LEU A 528 -18.85 54.30 -16.45
CA LEU A 528 -17.64 54.89 -15.90
C LEU A 528 -17.83 56.34 -15.48
N SER A 529 -18.90 56.99 -15.93
CA SER A 529 -19.11 58.41 -15.62
C SER A 529 -19.50 58.61 -14.16
N MET A 530 -20.14 57.61 -13.54
CA MET A 530 -20.60 57.74 -12.16
C MET A 530 -19.46 57.65 -11.15
N LYS A 531 -18.21 57.54 -11.61
CA LYS A 531 -17.05 57.35 -10.75
C LYS A 531 -17.24 56.12 -9.87
N PRO A 532 -17.26 54.91 -10.46
CA PRO A 532 -17.42 53.71 -9.65
C PRO A 532 -16.19 53.46 -8.77
N SER A 533 -16.43 52.76 -7.67
CA SER A 533 -15.38 52.45 -6.69
C SER A 533 -15.42 50.95 -6.40
N GLY A 534 -14.74 50.17 -7.23
CA GLY A 534 -14.55 48.76 -6.96
C GLY A 534 -13.13 48.46 -6.53
N GLU A 535 -12.93 48.24 -5.24
CA GLU A 535 -11.60 48.02 -4.69
C GLU A 535 -11.18 46.56 -4.71
N HIS A 536 -12.06 45.65 -5.12
CA HIS A 536 -11.75 44.23 -5.19
C HIS A 536 -11.89 43.67 -6.59
N VAL A 537 -11.90 44.53 -7.61
CA VAL A 537 -12.09 44.09 -8.99
C VAL A 537 -10.74 43.65 -9.54
N ARG A 538 -10.68 42.42 -10.04
CA ARG A 538 -9.46 41.84 -10.58
C ARG A 538 -9.46 41.76 -12.10
N SER A 539 -10.60 41.96 -12.75
CA SER A 539 -10.67 41.88 -14.20
C SER A 539 -11.71 42.86 -14.70
N PHE A 540 -11.46 43.40 -15.90
CA PHE A 540 -12.39 44.32 -16.56
C PHE A 540 -12.43 43.93 -18.04
N LEU A 541 -13.37 43.06 -18.38
CA LEU A 541 -13.49 42.51 -19.74
C LEU A 541 -14.53 43.29 -20.51
N CYS A 542 -14.08 44.09 -21.48
CA CYS A 542 -14.98 44.74 -22.42
C CYS A 542 -15.28 43.74 -23.52
N VAL A 543 -16.40 43.03 -23.36
CA VAL A 543 -16.73 41.90 -24.21
C VAL A 543 -17.58 42.34 -25.39
N GLY A 544 -17.65 43.65 -25.62
CA GLY A 544 -18.39 44.16 -26.75
C GLY A 544 -17.70 43.86 -28.07
N SER A 545 -18.48 43.94 -29.15
CA SER A 545 -17.95 43.69 -30.48
C SER A 545 -17.54 44.98 -31.18
N LYS A 546 -18.45 45.96 -31.26
CA LYS A 546 -18.18 47.20 -31.95
C LYS A 546 -17.31 48.11 -31.09
N LYS A 547 -16.28 48.68 -31.71
CA LYS A 547 -15.38 49.59 -31.00
C LYS A 547 -16.09 50.89 -30.66
N ILE A 548 -15.76 51.44 -29.50
CA ILE A 548 -16.30 52.72 -29.03
C ILE A 548 -15.13 53.62 -28.66
N ASP A 549 -15.28 54.91 -28.95
CA ASP A 549 -14.27 55.89 -28.58
C ASP A 549 -14.52 56.38 -27.16
N MET A 550 -13.55 56.15 -26.29
CA MET A 550 -13.68 56.59 -24.91
C MET A 550 -13.57 58.11 -24.85
N PRO A 551 -14.53 58.80 -24.23
CA PRO A 551 -14.43 60.26 -24.09
C PRO A 551 -13.17 60.64 -23.35
N PRO A 552 -12.52 61.74 -23.76
CA PRO A 552 -11.23 62.09 -23.16
C PRO A 552 -11.29 62.33 -21.66
N ASN A 553 -12.41 62.83 -21.14
CA ASN A 553 -12.53 63.10 -19.72
C ASN A 553 -12.75 61.85 -18.88
N GLU A 554 -13.08 60.73 -19.50
CA GLU A 554 -13.33 59.48 -18.79
C GLU A 554 -12.26 58.43 -19.06
N ILE A 555 -11.15 58.82 -19.68
CA ILE A 555 -10.07 57.86 -19.96
C ILE A 555 -9.46 57.29 -18.68
N PRO A 556 -9.07 58.07 -17.68
CA PRO A 556 -8.45 57.51 -16.48
C PRO A 556 -9.42 56.90 -15.49
N SER A 557 -10.68 56.68 -15.87
CA SER A 557 -11.66 56.18 -14.91
C SER A 557 -11.46 54.70 -14.59
N ILE A 558 -11.04 53.90 -15.59
CA ILE A 558 -10.81 52.48 -15.37
C ILE A 558 -9.69 52.27 -14.36
N PRO A 559 -8.51 52.90 -14.50
CA PRO A 559 -7.48 52.69 -13.47
C PRO A 559 -7.84 53.30 -12.13
N LYS A 560 -8.61 54.39 -12.10
CA LYS A 560 -8.97 55.01 -10.83
C LYS A 560 -9.99 54.15 -10.08
N ALA A 561 -10.92 53.52 -10.80
CA ALA A 561 -11.98 52.76 -10.14
C ALA A 561 -11.44 51.50 -9.49
N PHE A 562 -10.57 50.76 -10.19
CA PHE A 562 -10.10 49.45 -9.74
C PHE A 562 -8.57 49.46 -9.67
N PRO A 563 -8.00 49.87 -8.53
CA PRO A 563 -6.52 49.88 -8.42
C PRO A 563 -5.90 48.48 -8.48
N LEU A 564 -6.65 47.43 -8.16
CA LEU A 564 -6.13 46.07 -8.19
C LEU A 564 -6.46 45.34 -9.48
N LEU A 565 -6.54 46.07 -10.59
CA LEU A 565 -6.86 45.44 -11.87
C LEU A 565 -5.74 44.52 -12.30
N ARG A 566 -6.08 43.25 -12.56
CA ARG A 566 -5.14 42.28 -13.08
C ARG A 566 -5.31 42.02 -14.56
N VAL A 567 -6.50 42.22 -15.11
CA VAL A 567 -6.77 42.03 -16.52
C VAL A 567 -7.59 43.21 -17.02
N LEU A 568 -7.14 43.82 -18.12
CA LEU A 568 -7.83 44.94 -18.75
C LEU A 568 -8.01 44.59 -20.23
N ASP A 569 -9.17 44.03 -20.57
CA ASP A 569 -9.47 43.66 -21.95
C ASP A 569 -10.26 44.80 -22.59
N ALA A 570 -9.53 45.88 -22.87
CA ALA A 570 -10.11 47.09 -23.46
C ALA A 570 -9.79 47.21 -24.95
N GLU A 571 -9.65 46.09 -25.66
CA GLU A 571 -9.40 46.14 -27.10
C GLU A 571 -10.60 46.64 -27.88
N SER A 572 -11.79 46.68 -27.27
CA SER A 572 -12.96 47.25 -27.90
C SER A 572 -13.12 48.74 -27.61
N ILE A 573 -12.16 49.36 -26.94
CA ILE A 573 -12.20 50.77 -26.58
C ILE A 573 -11.01 51.47 -27.22
N LYS A 574 -11.27 52.57 -27.91
CA LYS A 574 -10.21 53.37 -28.49
C LYS A 574 -9.76 54.44 -27.50
N PHE A 575 -8.47 54.48 -27.21
CA PHE A 575 -7.89 55.44 -26.28
C PHE A 575 -7.13 56.49 -27.06
N SER A 576 -7.46 57.76 -26.82
CA SER A 576 -6.76 58.86 -27.47
C SER A 576 -5.44 59.22 -26.79
N ARG A 577 -5.29 58.87 -25.51
CA ARG A 577 -4.09 59.20 -24.76
C ARG A 577 -3.95 58.25 -23.59
N PHE A 578 -2.72 58.09 -23.13
CA PHE A 578 -2.44 57.37 -21.90
C PHE A 578 -2.52 58.31 -20.71
N SER A 579 -2.70 57.73 -19.52
CA SER A 579 -2.83 58.51 -18.30
C SER A 579 -1.87 57.98 -17.26
N ARG A 580 -1.47 58.87 -16.34
CA ARG A 580 -0.60 58.45 -15.25
C ARG A 580 -1.30 57.47 -14.31
N GLU A 581 -2.63 57.42 -14.33
CA GLU A 581 -3.34 56.45 -13.50
C GLU A 581 -3.16 55.04 -14.03
N PHE A 582 -2.97 54.88 -15.34
CA PHE A 582 -2.75 53.55 -15.91
C PHE A 582 -1.46 52.94 -15.39
N PHE A 583 -0.44 53.76 -15.18
CA PHE A 583 0.87 53.27 -14.74
C PHE A 583 0.90 52.92 -13.27
N LYS A 584 -0.22 53.06 -12.56
CA LYS A 584 -0.32 52.65 -11.17
C LYS A 584 -0.99 51.30 -10.98
N LEU A 585 -1.42 50.65 -12.08
CA LEU A 585 -1.99 49.31 -12.01
C LEU A 585 -0.87 48.28 -11.99
N PHE A 586 -0.19 48.21 -10.85
CA PHE A 586 1.00 47.38 -10.71
C PHE A 586 0.68 45.89 -10.84
N HIS A 587 -0.57 45.49 -10.63
CA HIS A 587 -0.97 44.09 -10.73
C HIS A 587 -1.35 43.68 -12.15
N LEU A 588 -1.29 44.59 -13.12
CA LEU A 588 -1.74 44.29 -14.47
C LEU A 588 -0.90 43.19 -15.09
N ARG A 589 -1.57 42.21 -15.70
CA ARG A 589 -0.92 41.12 -16.41
C ARG A 589 -1.36 41.02 -17.87
N TYR A 590 -2.65 41.19 -18.14
CA TYR A 590 -3.16 41.22 -19.50
C TYR A 590 -3.68 42.62 -19.77
N ILE A 591 -3.10 43.30 -20.76
CA ILE A 591 -3.58 44.61 -21.19
C ILE A 591 -3.70 44.60 -22.71
N ALA A 592 -4.91 44.85 -23.19
CA ALA A 592 -5.18 44.99 -24.62
C ALA A 592 -6.00 46.26 -24.80
N LEU A 593 -5.57 47.12 -25.72
CA LEU A 593 -6.27 48.38 -25.95
C LEU A 593 -6.03 48.84 -27.39
N SER A 594 -7.07 49.42 -27.98
CA SER A 594 -6.99 50.01 -29.30
C SER A 594 -6.77 51.51 -29.19
N THR A 595 -6.28 52.10 -30.27
CA THR A 595 -5.95 53.53 -30.27
C THR A 595 -5.82 54.02 -31.70
N ASP A 596 -6.13 55.29 -31.92
CA ASP A 596 -5.90 55.94 -33.20
C ASP A 596 -4.94 57.11 -33.11
N LYS A 597 -4.57 57.53 -31.90
CA LYS A 597 -3.75 58.71 -31.68
C LYS A 597 -2.39 58.42 -31.06
N ILE A 598 -2.33 57.50 -30.10
CA ILE A 598 -1.07 57.24 -29.41
C ILE A 598 -0.09 56.58 -30.38
N LYS A 599 1.07 57.21 -30.55
CA LYS A 599 2.13 56.67 -31.39
C LYS A 599 3.22 55.97 -30.59
N THR A 600 3.47 56.39 -29.35
CA THR A 600 4.53 55.84 -28.52
C THR A 600 3.97 55.37 -27.19
N ILE A 601 4.43 54.19 -26.75
CA ILE A 601 4.14 53.70 -25.40
C ILE A 601 5.11 54.39 -24.46
N PRO A 602 4.64 55.11 -23.44
CA PRO A 602 5.54 55.91 -22.61
C PRO A 602 6.44 55.03 -21.76
N ALA A 603 7.50 55.67 -21.24
CA ALA A 603 8.49 54.95 -20.43
C ALA A 603 7.92 54.53 -19.09
N ASP A 604 6.95 55.29 -18.55
CA ASP A 604 6.34 54.92 -17.28
C ASP A 604 5.50 53.66 -17.37
N PHE A 605 5.22 53.18 -18.59
CA PHE A 605 4.51 51.92 -18.75
C PHE A 605 5.32 50.75 -18.20
N GLY A 606 6.64 50.85 -18.20
CA GLY A 606 7.49 49.79 -17.69
C GLY A 606 7.41 49.58 -16.20
N ASN A 607 6.75 50.47 -15.46
CA ASN A 607 6.54 50.28 -14.04
C ASN A 607 5.63 49.09 -13.73
N LEU A 608 4.91 48.58 -14.73
CA LEU A 608 4.06 47.39 -14.56
C LEU A 608 4.88 46.16 -14.92
N TRP A 609 5.66 45.70 -13.94
CA TRP A 609 6.57 44.57 -14.16
C TRP A 609 5.85 43.23 -14.22
N ASN A 610 4.56 43.19 -13.91
CA ASN A 610 3.81 41.94 -13.88
C ASN A 610 3.17 41.59 -15.22
N ILE A 611 3.33 42.44 -16.23
CA ILE A 611 2.58 42.30 -17.48
C ILE A 611 3.12 41.12 -18.27
N GLN A 612 2.21 40.25 -18.72
CA GLN A 612 2.53 39.15 -19.62
C GLN A 612 2.18 39.48 -21.07
N THR A 613 0.91 39.85 -21.30
CA THR A 613 0.42 40.16 -22.64
C THR A 613 0.29 41.66 -22.81
N LEU A 614 0.84 42.18 -23.90
CA LEU A 614 0.80 43.60 -24.23
C LEU A 614 0.29 43.76 -25.66
N ILE A 615 -0.96 44.17 -25.80
CA ILE A 615 -1.59 44.36 -27.10
C ILE A 615 -1.97 45.82 -27.25
N VAL A 616 -1.45 46.48 -28.29
CA VAL A 616 -1.80 47.85 -28.62
C VAL A 616 -2.19 47.85 -30.09
N GLU A 617 -3.48 47.69 -30.37
CA GLU A 617 -3.99 47.66 -31.75
C GLU A 617 -4.17 49.10 -32.21
N THR A 618 -3.16 49.63 -32.89
CA THR A 618 -3.13 51.02 -33.31
C THR A 618 -3.32 51.14 -34.82
N GLN A 619 -4.01 52.21 -35.23
CA GLN A 619 -4.19 52.50 -36.65
C GLN A 619 -3.06 53.36 -37.21
N GLN A 620 -2.11 53.78 -36.37
CA GLN A 620 -0.97 54.55 -36.84
C GLN A 620 -0.03 53.65 -37.64
N ALA A 621 0.83 54.30 -38.43
CA ALA A 621 1.79 53.55 -39.24
C ALA A 621 2.87 52.91 -38.38
N THR A 622 3.35 53.62 -37.36
CA THR A 622 4.44 53.15 -36.53
C THR A 622 4.07 53.26 -35.06
N LEU A 623 4.62 52.34 -34.25
CA LEU A 623 4.47 52.37 -32.80
C LEU A 623 5.86 52.27 -32.19
N ASP A 624 6.15 53.13 -31.23
CA ASP A 624 7.48 53.21 -30.62
C ASP A 624 7.35 52.91 -29.12
N ILE A 625 7.87 51.75 -28.70
CA ILE A 625 7.71 51.28 -27.33
C ILE A 625 8.89 51.84 -26.53
N LYS A 626 8.67 52.95 -25.84
CA LYS A 626 9.67 53.49 -24.92
C LYS A 626 9.67 52.80 -23.57
N ALA A 627 8.67 51.96 -23.29
CA ALA A 627 8.59 51.28 -22.01
C ALA A 627 9.74 50.30 -21.85
N ASP A 628 10.14 50.07 -20.59
CA ASP A 628 11.21 49.14 -20.29
C ASP A 628 10.67 47.72 -20.29
N ILE A 629 10.30 47.22 -21.47
CA ILE A 629 9.71 45.89 -21.57
C ILE A 629 10.71 44.79 -21.25
N TRP A 630 12.02 45.10 -21.31
CA TRP A 630 13.01 44.10 -20.95
C TRP A 630 13.02 43.83 -19.46
N ASN A 631 12.62 44.81 -18.65
CA ASN A 631 12.50 44.60 -17.22
C ASN A 631 11.30 43.71 -16.87
N MET A 632 10.38 43.50 -17.78
CA MET A 632 9.24 42.60 -17.57
C MET A 632 9.76 41.17 -17.66
N THR A 633 10.08 40.60 -16.50
CA THR A 633 10.64 39.25 -16.47
C THR A 633 9.63 38.21 -16.92
N ARG A 634 8.34 38.48 -16.77
CA ARG A 634 7.29 37.53 -17.15
C ARG A 634 6.58 37.92 -18.44
N LEU A 635 7.13 38.86 -19.21
CA LEU A 635 6.53 39.23 -20.48
C LEU A 635 6.50 38.03 -21.42
N ARG A 636 5.34 37.80 -22.04
CA ARG A 636 5.14 36.65 -22.92
C ARG A 636 4.73 37.02 -24.33
N HIS A 637 3.90 38.05 -24.51
CA HIS A 637 3.44 38.43 -25.84
C HIS A 637 3.44 39.94 -25.98
N VAL A 638 3.93 40.40 -27.13
CA VAL A 638 3.81 41.80 -27.54
C VAL A 638 3.24 41.82 -28.94
N CYS A 639 1.99 42.29 -29.06
CA CYS A 639 1.28 42.29 -30.33
C CYS A 639 0.84 43.70 -30.68
N THR A 640 0.97 44.02 -31.97
CA THR A 640 0.56 45.33 -32.49
C THR A 640 0.44 45.23 -33.99
N ASN A 641 -0.29 46.17 -34.58
CA ASN A 641 -0.42 46.24 -36.03
C ASN A 641 0.59 47.18 -36.67
N ALA A 642 1.25 48.03 -35.89
CA ALA A 642 2.21 48.97 -36.44
C ALA A 642 3.62 48.40 -36.34
N SER A 643 4.57 49.14 -36.90
CA SER A 643 5.99 48.76 -36.88
C SER A 643 6.56 49.11 -35.50
N ALA A 644 6.58 48.13 -34.60
CA ALA A 644 7.01 48.37 -33.23
C ALA A 644 8.51 48.63 -33.17
N THR A 645 8.89 49.71 -32.50
CA THR A 645 10.29 50.07 -32.31
C THR A 645 10.68 49.79 -30.86
N LEU A 646 11.40 48.69 -30.66
CA LEU A 646 11.80 48.19 -29.35
C LEU A 646 12.83 49.10 -28.70
N PRO A 647 12.85 49.17 -27.38
CA PRO A 647 13.83 50.02 -26.69
C PRO A 647 15.20 49.33 -26.59
N SER A 648 16.14 50.07 -26.03
CA SER A 648 17.49 49.53 -25.84
C SER A 648 17.48 48.41 -24.81
N THR A 649 18.20 47.33 -25.13
CA THR A 649 18.24 46.17 -24.25
C THR A 649 19.13 46.36 -23.04
N LYS A 650 20.06 47.31 -23.07
CA LYS A 650 20.99 47.51 -21.97
C LYS A 650 20.29 48.15 -20.77
N ASN A 658 23.51 39.19 -20.13
CA ASN A 658 23.15 39.07 -18.72
C ASN A 658 21.73 38.52 -18.57
N LEU A 659 20.78 39.40 -18.27
CA LEU A 659 19.40 38.99 -18.11
C LEU A 659 18.82 38.52 -19.43
N VAL A 660 17.88 37.57 -19.35
CA VAL A 660 17.26 36.95 -20.52
C VAL A 660 15.76 36.86 -20.29
N ASN A 661 14.99 37.29 -21.28
CA ASN A 661 13.53 37.17 -21.25
C ASN A 661 13.15 35.77 -21.72
N ARG A 662 13.16 34.82 -20.80
CA ARG A 662 12.89 33.43 -21.15
C ARG A 662 11.44 33.17 -21.49
N CYS A 663 10.52 34.04 -21.06
CA CYS A 663 9.09 33.79 -21.21
C CYS A 663 8.49 34.46 -22.44
N LEU A 664 9.28 35.18 -23.23
CA LEU A 664 8.75 35.92 -24.38
C LEU A 664 8.58 34.96 -25.56
N GLN A 665 7.34 34.79 -26.01
CA GLN A 665 7.01 33.91 -27.12
C GLN A 665 6.76 34.66 -28.42
N THR A 666 6.15 35.84 -28.36
CA THR A 666 5.73 36.55 -29.56
C THR A 666 6.19 38.00 -29.50
N LEU A 667 6.82 38.48 -30.58
CA LEU A 667 7.12 39.88 -30.74
C LEU A 667 6.27 40.56 -31.81
N SER A 668 5.59 39.77 -32.65
CA SER A 668 4.68 40.24 -33.71
C SER A 668 5.44 41.24 -34.58
N THR A 669 4.79 42.27 -35.12
CA THR A 669 5.38 43.16 -36.12
C THR A 669 6.30 44.15 -35.41
N ILE A 670 7.57 44.14 -35.80
CA ILE A 670 8.55 45.09 -35.29
C ILE A 670 9.30 45.70 -36.47
N ALA A 671 10.03 46.77 -36.19
CA ALA A 671 10.81 47.42 -37.24
C ALA A 671 11.98 46.55 -37.66
N PRO A 672 12.35 46.57 -38.94
CA PRO A 672 13.51 45.76 -39.37
C PRO A 672 14.81 46.13 -38.68
N GLU A 673 15.00 47.41 -38.35
CA GLU A 673 16.24 47.84 -37.72
C GLU A 673 16.37 47.34 -36.28
N CYS A 674 15.29 46.86 -35.66
CA CYS A 674 15.34 46.33 -34.31
C CYS A 674 15.55 44.82 -34.28
N CYS A 675 15.69 44.18 -35.44
CA CYS A 675 15.96 42.75 -35.49
C CYS A 675 17.46 42.49 -35.34
N THR A 676 18.06 43.05 -34.30
CA THR A 676 19.50 42.90 -34.09
C THR A 676 19.79 41.57 -33.41
N ALA A 677 21.06 41.16 -33.51
CA ALA A 677 21.49 39.94 -32.82
C ALA A 677 21.43 40.11 -31.31
N GLU A 678 21.49 41.35 -30.82
CA GLU A 678 21.41 41.60 -29.39
C GLU A 678 19.99 41.41 -28.87
N VAL A 679 19.00 41.90 -29.64
CA VAL A 679 17.61 41.73 -29.24
C VAL A 679 17.24 40.25 -29.22
N PHE A 680 17.65 39.50 -30.24
CA PHE A 680 17.34 38.09 -30.30
C PHE A 680 18.09 37.30 -29.24
N THR A 681 19.22 37.83 -28.74
CA THR A 681 19.90 37.19 -27.62
C THR A 681 19.04 37.22 -26.36
N ARG A 682 18.38 38.35 -26.10
CA ARG A 682 17.52 38.47 -24.94
C ARG A 682 16.23 37.67 -25.05
N THR A 683 15.90 37.14 -26.23
CA THR A 683 14.66 36.40 -26.44
C THR A 683 15.00 35.08 -27.16
N PRO A 684 15.37 34.05 -26.41
CA PRO A 684 15.75 32.77 -27.04
C PRO A 684 14.55 31.90 -27.39
N ASN A 685 13.41 32.07 -26.73
CA ASN A 685 12.27 31.18 -26.88
C ASN A 685 11.22 31.73 -27.84
N LEU A 686 11.54 32.77 -28.61
CA LEU A 686 10.59 33.35 -29.54
C LEU A 686 10.11 32.29 -30.54
N LYS A 687 8.79 32.19 -30.67
CA LYS A 687 8.17 31.24 -31.58
C LYS A 687 7.45 31.88 -32.75
N LYS A 688 7.06 33.15 -32.61
CA LYS A 688 6.47 33.92 -33.71
C LYS A 688 7.22 35.24 -33.83
N LEU A 689 7.63 35.58 -35.05
CA LEU A 689 8.28 36.84 -35.34
C LEU A 689 7.59 37.52 -36.52
N GLY A 690 7.43 38.83 -36.43
CA GLY A 690 6.87 39.60 -37.52
C GLY A 690 7.72 40.82 -37.81
N VAL A 691 7.81 41.14 -39.10
CA VAL A 691 8.55 42.30 -39.58
C VAL A 691 7.63 43.12 -40.46
N ARG A 692 7.58 44.43 -40.22
CA ARG A 692 6.74 45.33 -40.99
C ARG A 692 7.53 46.58 -41.35
N GLY A 693 7.38 47.04 -42.59
CA GLY A 693 7.98 48.28 -43.02
C GLY A 693 9.01 48.13 -44.12
N LYS A 694 10.07 48.95 -44.04
CA LYS A 694 11.14 48.95 -45.04
C LYS A 694 12.10 47.81 -44.73
N ILE A 695 11.77 46.63 -45.26
CA ILE A 695 12.51 45.41 -44.93
C ILE A 695 13.75 45.27 -45.80
N ASP A 696 14.04 46.29 -46.63
CA ASP A 696 15.29 46.26 -47.38
C ASP A 696 16.48 46.52 -46.46
N ALA A 697 16.24 47.04 -45.26
CA ALA A 697 17.27 47.10 -44.23
C ALA A 697 17.53 45.75 -43.59
N LEU A 698 16.67 44.76 -43.86
CA LEU A 698 16.84 43.40 -43.34
C LEU A 698 17.60 42.52 -44.32
N LEU A 699 17.26 42.61 -45.62
CA LEU A 699 17.84 41.75 -46.63
C LEU A 699 19.05 42.35 -47.31
N GLU A 700 19.43 43.58 -46.98
CA GLU A 700 20.57 44.21 -47.64
C GLU A 700 21.87 43.52 -47.25
N SER A 701 22.80 43.48 -48.19
CA SER A 701 24.10 42.88 -47.92
C SER A 701 24.99 43.88 -47.19
N SER A 702 25.64 43.42 -46.11
CA SER A 702 26.57 44.24 -45.35
C SER A 702 27.87 44.34 -46.15
N LYS A 703 27.96 45.40 -46.95
CA LYS A 703 29.07 45.57 -47.88
C LYS A 703 30.37 45.97 -47.18
N ASP A 704 30.33 46.24 -45.88
CA ASP A 704 31.55 46.61 -45.16
C ASP A 704 32.57 45.48 -45.14
N GLY A 705 32.15 44.25 -45.42
CA GLY A 705 33.04 43.10 -45.42
C GLY A 705 32.53 41.92 -44.62
N SER A 706 31.60 42.11 -43.70
CA SER A 706 31.07 41.00 -42.92
C SER A 706 29.78 40.48 -43.54
N GLY A 707 29.24 39.42 -42.94
CA GLY A 707 27.96 38.86 -43.29
C GLY A 707 26.91 39.01 -42.21
N SER A 708 26.82 40.18 -41.58
CA SER A 708 25.98 40.37 -40.41
C SER A 708 24.66 41.05 -40.75
N GLY A 709 24.11 40.74 -41.92
CA GLY A 709 22.82 41.30 -42.28
C GLY A 709 21.77 41.01 -41.22
N LEU A 710 20.82 41.94 -41.07
CA LEU A 710 19.85 41.84 -39.98
C LEU A 710 18.98 40.60 -40.09
N PHE A 711 18.77 40.08 -41.31
CA PHE A 711 18.01 38.85 -41.46
C PHE A 711 18.76 37.65 -40.90
N SER A 712 20.11 37.69 -40.95
CA SER A 712 20.90 36.58 -40.43
C SER A 712 20.71 36.40 -38.93
N ASN A 713 20.38 37.48 -38.21
CA ASN A 713 20.13 37.35 -36.78
C ASN A 713 18.87 36.55 -36.50
N ILE A 714 17.89 36.60 -37.42
CA ILE A 714 16.66 35.83 -37.24
C ILE A 714 16.97 34.33 -37.23
N GLY A 715 17.93 33.90 -38.06
CA GLY A 715 18.28 32.50 -38.13
C GLY A 715 18.87 31.94 -36.84
N LYS A 716 19.31 32.82 -35.93
CA LYS A 716 19.85 32.38 -34.66
C LYS A 716 18.77 32.02 -33.65
N LEU A 717 17.50 32.28 -33.97
CA LEU A 717 16.39 31.93 -33.09
C LEU A 717 16.02 30.46 -33.34
N GLY A 718 16.36 29.58 -32.40
CA GLY A 718 16.12 28.17 -32.58
C GLY A 718 14.68 27.73 -32.37
N CYS A 719 13.90 28.51 -31.63
CA CYS A 719 12.53 28.15 -31.32
C CYS A 719 11.51 28.77 -32.28
N LEU A 720 11.96 29.54 -33.27
CA LEU A 720 11.03 30.18 -34.18
C LEU A 720 10.29 29.14 -35.02
N GLU A 721 8.99 29.36 -35.20
CA GLU A 721 8.14 28.43 -35.93
C GLU A 721 7.35 29.15 -37.01
N TYR A 722 6.99 30.41 -36.76
CA TYR A 722 6.22 31.21 -37.70
C TYR A 722 6.90 32.55 -37.90
N LEU A 723 7.08 32.95 -39.16
CA LEU A 723 7.74 34.20 -39.52
C LEU A 723 6.85 34.99 -40.46
N LYS A 724 6.81 36.31 -40.25
CA LYS A 724 6.01 37.22 -41.06
C LYS A 724 6.88 38.36 -41.55
N LEU A 725 6.71 38.73 -42.81
CA LEU A 725 7.38 39.87 -43.42
C LEU A 725 6.38 40.68 -44.22
N VAL A 726 6.35 41.99 -43.96
CA VAL A 726 5.43 42.91 -44.63
C VAL A 726 6.25 44.09 -45.14
N ASN A 727 6.08 44.42 -46.41
CA ASN A 727 6.84 45.49 -47.03
C ASN A 727 6.00 46.77 -47.13
N ASP A 728 6.69 47.90 -47.11
CA ASP A 728 6.04 49.20 -47.19
C ASP A 728 6.64 50.06 -48.29
N THR A 729 7.95 49.95 -48.51
CA THR A 729 8.63 50.80 -49.47
C THR A 729 8.81 50.07 -50.80
N ARG A 730 8.30 50.66 -51.87
CA ARG A 730 8.38 50.06 -53.20
C ARG A 730 9.34 50.78 -54.14
N LEU A 731 9.90 51.92 -53.71
CA LEU A 731 10.73 52.75 -54.58
C LEU A 731 12.18 52.29 -54.67
N SER A 732 12.48 51.05 -54.31
CA SER A 732 13.82 50.53 -54.47
C SER A 732 14.15 50.38 -55.95
N SER A 733 15.43 50.62 -56.29
CA SER A 733 15.85 50.51 -57.68
C SER A 733 15.68 49.10 -58.23
N LYS A 734 15.89 48.08 -57.40
CA LYS A 734 15.68 46.69 -57.79
C LYS A 734 14.92 45.99 -56.68
N PRO A 735 14.07 45.03 -57.01
CA PRO A 735 13.34 44.28 -55.98
C PRO A 735 14.30 43.43 -55.15
N LEU A 736 13.91 43.22 -53.90
CA LEU A 736 14.73 42.45 -52.97
C LEU A 736 14.78 40.98 -53.38
N HIS A 737 15.88 40.32 -53.01
CA HIS A 737 16.08 38.91 -53.29
C HIS A 737 16.40 38.19 -51.99
N LEU A 738 15.98 36.93 -51.90
CA LEU A 738 16.04 36.21 -50.64
C LEU A 738 17.47 35.86 -50.27
N PRO A 739 17.84 35.95 -48.99
CA PRO A 739 19.13 35.43 -48.56
C PRO A 739 19.14 33.91 -48.66
N PRO A 740 20.32 33.31 -48.73
CA PRO A 740 20.39 31.85 -48.90
C PRO A 740 19.67 31.10 -47.78
N ALA A 741 19.14 29.92 -48.13
CA ALA A 741 18.24 29.19 -47.25
C ALA A 741 18.89 28.79 -45.93
N TYR A 742 20.21 28.55 -45.91
CA TYR A 742 20.86 28.20 -44.65
C TYR A 742 20.87 29.36 -43.67
N ILE A 743 20.59 30.57 -44.13
CA ILE A 743 20.46 31.71 -43.22
C ILE A 743 19.10 31.70 -42.53
N PHE A 744 18.08 31.13 -43.17
CA PHE A 744 16.76 31.05 -42.57
C PHE A 744 16.80 30.15 -41.34
N PRO A 745 15.92 30.40 -40.35
CA PRO A 745 15.80 29.45 -39.24
C PRO A 745 15.35 28.09 -39.75
N GLN A 746 16.10 27.06 -39.38
CA GLN A 746 15.85 25.72 -39.90
C GLN A 746 14.54 25.14 -39.36
N LYS A 747 14.19 25.47 -38.12
CA LYS A 747 12.98 24.96 -37.50
C LYS A 747 11.74 25.77 -37.87
N LEU A 748 11.81 26.55 -38.95
CA LEU A 748 10.66 27.33 -39.39
C LEU A 748 9.62 26.42 -40.03
N LYS A 749 8.36 26.56 -39.60
CA LYS A 749 7.28 25.74 -40.11
C LYS A 749 6.15 26.53 -40.74
N LYS A 750 6.23 27.86 -40.76
CA LYS A 750 5.25 28.69 -41.44
C LYS A 750 5.88 30.02 -41.83
N LEU A 751 5.57 30.47 -43.05
CA LEU A 751 6.09 31.71 -43.60
C LEU A 751 4.95 32.52 -44.20
N SER A 752 5.07 33.84 -44.13
CA SER A 752 4.06 34.76 -44.64
C SER A 752 4.75 36.03 -45.14
N LEU A 753 4.48 36.40 -46.40
CA LEU A 753 5.10 37.55 -47.02
C LEU A 753 4.01 38.47 -47.59
N VAL A 754 4.24 39.78 -47.51
CA VAL A 754 3.29 40.78 -47.98
C VAL A 754 4.03 41.83 -48.77
N ASP A 755 3.60 42.07 -50.01
CA ASP A 755 4.12 43.16 -50.85
C ASP A 755 5.63 43.11 -51.02
N THR A 756 6.24 41.92 -50.93
CA THR A 756 7.69 41.83 -50.95
C THR A 756 8.26 41.87 -52.36
N TRP A 757 7.44 41.69 -53.39
CA TRP A 757 7.86 41.77 -54.79
C TRP A 757 9.01 40.81 -55.10
N PHE A 758 8.95 39.61 -54.52
CA PHE A 758 9.95 38.59 -54.83
C PHE A 758 9.66 37.94 -56.17
N GLU A 759 10.69 37.75 -56.98
CA GLU A 759 10.53 37.08 -58.26
C GLU A 759 10.21 35.61 -58.04
N TRP A 760 9.46 35.03 -58.97
CA TRP A 760 9.08 33.62 -58.85
C TRP A 760 10.30 32.70 -58.88
N LYS A 761 11.43 33.17 -59.39
CA LYS A 761 12.63 32.33 -59.43
C LYS A 761 13.16 32.05 -58.03
N ASP A 762 12.99 33.00 -57.11
CA ASP A 762 13.48 32.77 -55.74
C ASP A 762 12.45 32.09 -54.85
N MET A 763 11.52 31.32 -55.43
CA MET A 763 10.67 30.47 -54.61
C MET A 763 11.32 29.11 -54.39
N SER A 764 12.16 28.65 -55.31
CA SER A 764 12.80 27.35 -55.17
C SER A 764 13.72 27.30 -53.95
N ILE A 765 14.30 28.44 -53.57
CA ILE A 765 15.16 28.47 -52.39
C ILE A 765 14.33 28.26 -51.12
N LEU A 766 13.09 28.76 -51.11
CA LEU A 766 12.18 28.43 -50.02
C LEU A 766 11.92 26.93 -49.93
N GLY A 767 12.13 26.21 -51.03
CA GLY A 767 12.03 24.76 -51.01
C GLY A 767 13.13 24.07 -50.22
N LEU A 768 14.24 24.77 -49.96
CA LEU A 768 15.33 24.21 -49.17
C LEU A 768 15.07 24.31 -47.67
N LEU A 769 13.99 24.95 -47.26
CA LEU A 769 13.62 24.98 -45.86
C LEU A 769 13.15 23.59 -45.44
N PRO A 770 13.75 22.97 -44.43
CA PRO A 770 13.43 21.56 -44.13
C PRO A 770 12.06 21.36 -43.51
N GLU A 771 11.64 22.24 -42.61
CA GLU A 771 10.46 22.00 -41.80
C GLU A 771 9.27 22.88 -42.16
N LEU A 772 9.35 23.63 -43.26
CA LEU A 772 8.26 24.53 -43.63
C LEU A 772 7.00 23.73 -43.95
N GLU A 773 5.86 24.15 -43.41
CA GLU A 773 4.59 23.48 -43.62
C GLU A 773 3.49 24.38 -44.15
N VAL A 774 3.49 25.66 -43.84
CA VAL A 774 2.50 26.60 -44.35
C VAL A 774 3.23 27.79 -44.96
N LEU A 775 2.85 28.15 -46.18
CA LEU A 775 3.36 29.35 -46.82
C LEU A 775 2.18 30.15 -47.35
N LYS A 776 2.11 31.42 -46.99
CA LYS A 776 1.00 32.27 -47.41
C LYS A 776 1.53 33.60 -47.92
N LEU A 777 0.91 34.11 -48.98
CA LEU A 777 1.32 35.33 -49.64
C LEU A 777 0.09 36.16 -49.98
N LYS A 778 0.11 37.44 -49.63
CA LYS A 778 -0.91 38.37 -50.06
C LYS A 778 -0.48 39.04 -51.36
N GLU A 779 -1.27 40.02 -51.81
CA GLU A 779 -1.06 40.61 -53.11
C GLU A 779 0.28 41.32 -53.21
N ASN A 780 0.91 41.17 -54.39
CA ASN A 780 2.20 41.77 -54.72
C ASN A 780 3.34 41.24 -53.85
N ALA A 781 3.13 40.12 -53.16
CA ALA A 781 4.23 39.48 -52.44
C ALA A 781 5.23 38.89 -53.44
N PHE A 782 4.74 38.40 -54.58
CA PHE A 782 5.58 37.88 -55.63
C PHE A 782 5.25 38.58 -56.95
N LYS A 783 6.29 38.93 -57.70
CA LYS A 783 6.16 39.68 -58.93
C LYS A 783 6.56 38.81 -60.12
N GLY A 784 5.84 38.94 -61.22
CA GLY A 784 6.10 38.19 -62.41
C GLY A 784 4.90 37.39 -62.89
N GLN A 785 5.04 36.82 -64.07
CA GLN A 785 3.97 36.01 -64.67
C GLN A 785 4.36 34.55 -64.88
N SER A 786 5.65 34.23 -64.85
CA SER A 786 6.12 32.87 -65.09
C SER A 786 6.61 32.28 -63.76
N TRP A 787 6.14 31.08 -63.45
CA TRP A 787 6.45 30.40 -62.20
C TRP A 787 6.99 29.02 -62.52
N GLU A 788 8.24 28.78 -62.16
CA GLU A 788 8.92 27.52 -62.45
C GLU A 788 9.58 27.00 -61.19
N GLN A 789 9.65 25.68 -61.07
CA GLN A 789 10.19 25.02 -59.89
C GLN A 789 11.27 24.03 -60.27
N GLU A 790 12.26 23.86 -59.40
CA GLU A 790 13.29 22.87 -59.60
C GLU A 790 12.80 21.50 -59.13
N ASP A 791 13.64 20.48 -59.33
CA ASP A 791 13.34 19.16 -58.83
C ASP A 791 13.50 19.11 -57.32
N GLY A 792 12.61 18.37 -56.66
CA GLY A 792 12.64 18.30 -55.22
C GLY A 792 12.18 19.60 -54.58
N GLY A 793 12.64 19.82 -53.36
CA GLY A 793 12.24 21.01 -52.62
C GLY A 793 10.88 20.87 -51.97
N PHE A 794 10.56 21.78 -51.05
CA PHE A 794 9.34 21.73 -50.27
C PHE A 794 9.11 20.34 -49.66
N PRO A 795 10.06 19.83 -48.88
CA PRO A 795 9.95 18.44 -48.41
C PRO A 795 8.79 18.20 -47.46
N ARG A 796 8.29 19.24 -46.78
CA ARG A 796 7.25 19.06 -45.78
C ARG A 796 6.13 20.09 -45.91
N LEU A 797 5.98 20.73 -47.07
CA LEU A 797 4.93 21.74 -47.22
C LEU A 797 3.56 21.09 -47.20
N GLN A 798 2.60 21.77 -46.56
CA GLN A 798 1.26 21.25 -46.37
C GLN A 798 0.16 22.21 -46.80
N VAL A 799 0.37 23.53 -46.72
CA VAL A 799 -0.61 24.52 -47.13
C VAL A 799 0.09 25.64 -47.87
N LEU A 800 -0.49 26.06 -48.98
CA LEU A 800 0.02 27.19 -49.76
C LEU A 800 -1.11 28.16 -50.05
N TRP A 801 -0.82 29.45 -49.92
CA TRP A 801 -1.81 30.52 -50.00
C TRP A 801 -1.26 31.62 -50.90
N ILE A 802 -2.01 31.98 -51.93
CA ILE A 802 -1.63 33.05 -52.84
C ILE A 802 -2.83 33.95 -53.08
N GLU A 803 -2.58 35.26 -53.18
CA GLU A 803 -3.65 36.24 -53.35
C GLU A 803 -3.22 37.30 -54.35
N ARG A 804 -4.06 37.49 -55.39
CA ARG A 804 -3.97 38.64 -56.29
C ARG A 804 -2.58 38.86 -56.87
N THR A 805 -1.90 37.80 -57.29
CA THR A 805 -0.61 37.96 -57.92
C THR A 805 -0.77 38.00 -59.45
N ASP A 806 0.31 38.37 -60.13
CA ASP A 806 0.32 38.49 -61.58
C ASP A 806 0.58 37.16 -62.29
N LEU A 807 0.31 36.04 -61.63
CA LEU A 807 0.58 34.73 -62.22
C LEU A 807 -0.31 34.47 -63.43
N THR A 808 0.32 34.04 -64.52
CA THR A 808 -0.40 33.61 -65.72
C THR A 808 0.04 32.24 -66.21
N SER A 809 1.33 31.91 -66.07
CA SER A 809 1.86 30.62 -66.49
C SER A 809 2.48 29.93 -65.28
N TRP A 810 2.26 28.62 -65.19
CA TRP A 810 2.68 27.85 -64.02
C TRP A 810 3.18 26.48 -64.47
N LYS A 811 4.45 26.19 -64.16
CA LYS A 811 5.06 24.91 -64.45
C LYS A 811 5.69 24.38 -63.17
N ALA A 812 5.42 23.11 -62.85
CA ALA A 812 5.89 22.51 -61.61
C ALA A 812 6.24 21.05 -61.86
N SER A 813 6.59 20.35 -60.79
CA SER A 813 6.93 18.93 -60.85
C SER A 813 6.35 18.24 -59.62
N SER A 814 6.19 16.91 -59.72
CA SER A 814 5.57 16.14 -58.65
C SER A 814 6.43 16.11 -57.39
N GLY A 815 7.72 16.40 -57.49
CA GLY A 815 8.59 16.34 -56.32
C GLY A 815 8.44 17.50 -55.37
N ASN A 816 7.76 18.57 -55.78
CA ASN A 816 7.59 19.73 -54.92
C ASN A 816 6.41 19.63 -53.97
N PHE A 817 5.53 18.64 -54.14
CA PHE A 817 4.33 18.51 -53.31
C PHE A 817 4.25 17.10 -52.74
N PRO A 818 5.11 16.75 -51.79
CA PRO A 818 4.99 15.44 -51.14
C PRO A 818 3.97 15.41 -50.01
N ARG A 819 3.62 16.58 -49.45
CA ARG A 819 2.69 16.62 -48.33
C ARG A 819 1.64 17.72 -48.47
N LEU A 820 1.53 18.36 -49.64
CA LEU A 820 0.60 19.47 -49.80
C LEU A 820 -0.83 19.00 -49.64
N LYS A 821 -1.63 19.79 -48.92
CA LYS A 821 -3.04 19.53 -48.66
C LYS A 821 -3.96 20.64 -49.11
N HIS A 822 -3.56 21.90 -48.92
CA HIS A 822 -4.38 23.05 -49.29
C HIS A 822 -3.61 23.95 -50.23
N LEU A 823 -4.28 24.42 -51.28
CA LEU A 823 -3.67 25.28 -52.30
C LEU A 823 -4.76 26.20 -52.85
N ALA A 824 -4.78 27.43 -52.35
CA ALA A 824 -5.77 28.43 -52.75
C ALA A 824 -5.09 29.55 -53.52
N LEU A 825 -5.78 30.07 -54.53
CA LEU A 825 -5.25 31.07 -55.46
C LEU A 825 -6.25 32.22 -55.59
N ILE A 826 -6.68 32.75 -54.44
CA ILE A 826 -7.74 33.75 -54.38
C ILE A 826 -7.46 34.90 -55.33
N SER A 827 -8.42 35.19 -56.20
CA SER A 827 -8.38 36.33 -57.12
C SER A 827 -7.18 36.27 -58.05
N CYS A 828 -6.64 35.06 -58.27
CA CYS A 828 -5.61 34.85 -59.28
C CYS A 828 -6.25 34.37 -60.58
N ASP A 829 -7.17 35.18 -61.08
CA ASP A 829 -7.94 34.84 -62.27
C ASP A 829 -7.10 34.85 -63.54
N LYS A 830 -5.88 35.37 -63.49
CA LYS A 830 -5.02 35.42 -64.67
C LYS A 830 -4.32 34.09 -64.95
N LEU A 831 -4.41 33.13 -64.03
CA LEU A 831 -3.78 31.83 -64.27
C LEU A 831 -4.51 31.10 -65.41
N GLU A 832 -3.73 30.50 -66.31
CA GLU A 832 -4.31 29.84 -67.47
C GLU A 832 -4.81 28.43 -67.12
N GLU A 833 -3.90 27.56 -66.70
CA GLU A 833 -4.24 26.17 -66.46
C GLU A 833 -3.38 25.61 -65.33
N LEU A 834 -3.97 24.70 -64.56
CA LEU A 834 -3.23 24.03 -63.49
C LEU A 834 -2.33 22.94 -64.06
N PRO A 835 -1.14 22.74 -63.48
CA PRO A 835 -0.27 21.66 -63.96
C PRO A 835 -0.90 20.30 -63.76
N ALA A 836 -0.59 19.38 -64.67
CA ALA A 836 -1.12 18.02 -64.58
C ALA A 836 -0.53 17.24 -63.41
N GLU A 837 0.62 17.68 -62.89
CA GLU A 837 1.24 16.98 -61.76
C GLU A 837 0.44 17.13 -60.48
N LEU A 838 -0.44 18.14 -60.40
CA LEU A 838 -1.26 18.30 -59.20
C LEU A 838 -2.22 17.13 -59.03
N ALA A 839 -2.75 16.61 -60.14
CA ALA A 839 -3.66 15.47 -60.07
C ALA A 839 -3.00 14.22 -59.52
N ASP A 840 -1.66 14.14 -59.57
CA ASP A 840 -0.93 13.00 -59.03
C ASP A 840 -0.63 13.15 -57.54
N VAL A 841 -0.93 14.30 -56.94
CA VAL A 841 -0.65 14.53 -55.53
C VAL A 841 -1.74 13.85 -54.71
N LYS A 842 -1.35 12.80 -53.97
CA LYS A 842 -2.32 12.08 -53.14
C LYS A 842 -2.85 12.94 -52.00
N ASN A 843 -1.97 13.74 -51.39
CA ASN A 843 -2.34 14.48 -50.18
C ASN A 843 -3.16 15.73 -50.47
N LEU A 844 -3.32 16.10 -51.75
CA LEU A 844 -4.10 17.29 -52.08
C LEU A 844 -5.55 17.11 -51.65
N GLN A 845 -6.12 18.16 -51.04
CA GLN A 845 -7.45 18.10 -50.47
C GLN A 845 -8.45 19.05 -51.16
N LEU A 846 -8.11 20.32 -51.32
CA LEU A 846 -9.07 21.27 -51.86
C LEU A 846 -8.35 22.41 -52.55
N ILE A 847 -8.78 22.73 -53.77
CA ILE A 847 -8.38 23.94 -54.48
C ILE A 847 -9.65 24.70 -54.81
N GLU A 848 -9.74 25.94 -54.32
CA GLU A 848 -10.95 26.73 -54.46
C GLU A 848 -10.64 28.00 -55.26
N LEU A 849 -11.42 28.23 -56.32
CA LEU A 849 -11.29 29.41 -57.15
C LEU A 849 -12.67 29.90 -57.56
N GLN A 850 -12.85 31.21 -57.59
CA GLN A 850 -14.11 31.83 -58.00
C GLN A 850 -13.84 32.87 -59.07
N SER A 851 -14.72 32.92 -60.07
CA SER A 851 -14.60 33.85 -61.20
C SER A 851 -13.25 33.70 -61.89
N SER A 852 -12.81 32.45 -62.07
CA SER A 852 -11.54 32.17 -62.72
C SER A 852 -11.71 32.19 -64.24
N SER A 853 -10.65 31.85 -64.96
CA SER A 853 -10.69 31.85 -66.41
C SER A 853 -11.41 30.60 -66.92
N GLU A 854 -11.82 30.66 -68.19
CA GLU A 854 -12.47 29.51 -68.80
C GLU A 854 -11.52 28.32 -68.92
N SER A 855 -10.25 28.59 -69.24
CA SER A 855 -9.27 27.52 -69.34
C SER A 855 -9.05 26.86 -67.97
N ALA A 856 -9.03 27.66 -66.90
CA ALA A 856 -8.89 27.09 -65.56
C ALA A 856 -10.07 26.21 -65.20
N ALA A 857 -11.28 26.63 -65.56
CA ALA A 857 -12.46 25.81 -65.31
C ALA A 857 -12.41 24.51 -66.12
N ARG A 858 -11.94 24.59 -67.37
CA ARG A 858 -11.82 23.39 -68.19
C ARG A 858 -10.81 22.41 -67.60
N SER A 859 -9.69 22.92 -67.11
CA SER A 859 -8.70 22.05 -66.48
C SER A 859 -9.25 21.39 -65.22
N ALA A 860 -10.04 22.14 -64.43
CA ALA A 860 -10.68 21.56 -63.26
C ALA A 860 -11.66 20.47 -63.66
N ARG A 861 -12.42 20.69 -64.74
CA ARG A 861 -13.34 19.66 -65.22
C ARG A 861 -12.59 18.42 -65.68
N ALA A 862 -11.47 18.59 -66.37
CA ALA A 862 -10.68 17.46 -66.83
C ALA A 862 -10.11 16.67 -65.67
N ILE A 863 -9.61 17.37 -64.64
CA ILE A 863 -9.06 16.68 -63.47
C ILE A 863 -10.15 15.90 -62.74
N LEU A 864 -11.32 16.53 -62.56
CA LEU A 864 -12.42 15.86 -61.89
C LEU A 864 -12.91 14.65 -62.67
N LYS A 865 -13.03 14.79 -64.00
CA LYS A 865 -13.52 13.68 -64.81
C LYS A 865 -12.51 12.52 -64.82
N ARG A 866 -11.23 12.83 -64.99
CA ARG A 866 -10.23 11.77 -65.03
C ARG A 866 -10.09 11.07 -63.68
N ASN A 867 -10.17 11.84 -62.58
CA ASN A 867 -10.11 11.23 -61.26
C ASN A 867 -11.31 10.33 -61.01
N GLN A 868 -12.50 10.76 -61.44
CA GLN A 868 -13.68 9.92 -61.29
C GLN A 868 -13.56 8.64 -62.11
N GLU A 869 -13.03 8.74 -63.33
CA GLU A 869 -12.83 7.55 -64.15
C GLU A 869 -11.82 6.61 -63.51
N LYS A 870 -10.74 7.16 -62.94
CA LYS A 870 -9.75 6.33 -62.27
C LYS A 870 -10.35 5.65 -61.04
N GLU A 871 -11.18 6.37 -60.28
CA GLU A 871 -11.84 5.77 -59.13
C GLU A 871 -12.76 4.64 -59.55
N GLN A 872 -13.44 4.79 -60.68
CA GLN A 872 -14.27 3.72 -61.21
C GLN A 872 -13.45 2.52 -61.65
N ASP A 873 -12.14 2.68 -61.84
CA ASP A 873 -11.26 1.61 -62.29
C ASP A 873 -10.51 0.94 -61.14
N GLY A 874 -10.88 1.24 -59.90
CA GLY A 874 -10.28 0.62 -58.74
C GLY A 874 -9.29 1.49 -57.97
N ASP A 875 -8.96 2.67 -58.48
CA ASP A 875 -8.05 3.55 -57.76
C ASP A 875 -8.70 4.05 -56.48
N LYS A 876 -7.90 4.11 -55.41
CA LYS A 876 -8.41 4.56 -54.12
C LYS A 876 -8.74 6.04 -54.16
N GLY A 877 -9.93 6.39 -53.69
CA GLY A 877 -10.36 7.79 -53.70
C GLY A 877 -9.71 8.57 -52.58
N THR A 878 -9.29 9.80 -52.92
CA THR A 878 -8.70 10.72 -51.96
C THR A 878 -9.70 11.69 -51.36
N GLY A 879 -10.97 11.61 -51.75
CA GLY A 879 -11.98 12.52 -51.27
C GLY A 879 -11.78 13.95 -51.72
N PHE A 880 -11.29 14.15 -52.94
CA PHE A 880 -11.09 15.49 -53.47
C PHE A 880 -12.42 16.09 -53.90
N LYS A 881 -12.63 17.36 -53.56
CA LYS A 881 -13.87 18.06 -53.86
C LYS A 881 -13.56 19.41 -54.49
N LEU A 882 -14.48 19.87 -55.34
CA LEU A 882 -14.41 21.18 -55.96
C LEU A 882 -15.72 21.91 -55.71
N SER A 883 -15.64 23.15 -55.24
CA SER A 883 -16.81 23.94 -54.90
C SER A 883 -16.85 25.19 -55.76
N ILE A 884 -18.02 25.47 -56.35
CA ILE A 884 -18.23 26.65 -57.17
C ILE A 884 -19.45 27.38 -56.63
N PHE A 885 -19.27 28.66 -56.29
CA PHE A 885 -20.35 29.48 -55.76
C PHE A 885 -20.37 30.81 -56.50
N PRO A 886 -21.53 31.25 -57.02
CA PRO A 886 -22.83 30.57 -56.99
C PRO A 886 -22.95 29.49 -58.06
N HIS A 887 -24.10 28.81 -58.13
CA HIS A 887 -24.31 27.74 -59.09
C HIS A 887 -24.69 28.25 -60.48
N ASP A 888 -24.90 29.56 -60.64
CA ASP A 888 -25.26 30.10 -61.95
C ASP A 888 -24.12 29.89 -62.96
N LEU A 889 -22.89 30.14 -62.53
CA LEU A 889 -21.73 29.91 -63.38
C LEU A 889 -21.03 28.61 -62.97
N GLY A 890 -20.49 27.90 -63.96
CA GLY A 890 -19.87 26.63 -63.73
C GLY A 890 -20.81 25.45 -63.67
N LEU A 891 -22.11 25.67 -63.88
CA LEU A 891 -23.09 24.59 -63.87
C LEU A 891 -24.17 24.84 -64.91
N LEU B 25 20.47 23.42 31.12
CA LEU B 25 19.98 24.50 30.24
C LEU B 25 18.48 24.45 30.08
N GLY B 26 17.84 25.63 30.16
CA GLY B 26 16.42 25.72 29.87
C GLY B 26 16.08 25.50 28.41
N ILE B 27 17.04 25.76 27.51
CA ILE B 27 16.84 25.47 26.10
C ILE B 27 16.73 23.97 25.88
N GLN B 28 17.49 23.19 26.65
CA GLN B 28 17.34 21.74 26.59
C GLN B 28 15.96 21.31 27.05
N GLY B 29 15.40 21.99 28.04
CA GLY B 29 14.06 21.64 28.51
C GLY B 29 12.99 21.85 27.46
N GLU B 30 13.03 23.00 26.78
CA GLU B 30 12.05 23.26 25.73
C GLU B 30 12.32 22.41 24.50
N VAL B 31 13.57 21.97 24.30
CA VAL B 31 13.87 21.02 23.24
C VAL B 31 13.26 19.66 23.54
N GLU B 32 13.34 19.23 24.81
CA GLU B 32 12.76 17.94 25.19
C GLU B 32 11.25 17.93 25.00
N ASN B 33 10.57 19.01 25.39
CA ASN B 33 9.14 19.11 25.17
C ASN B 33 8.82 19.15 23.67
N LEU B 34 9.66 19.82 22.89
CA LEU B 34 9.49 19.82 21.44
C LEU B 34 9.63 18.42 20.86
N LEU B 35 10.58 17.63 21.36
CA LEU B 35 10.78 16.28 20.88
C LEU B 35 9.57 15.39 21.17
N THR B 36 8.91 15.61 22.31
CA THR B 36 7.70 14.85 22.61
C THR B 36 6.60 15.13 21.59
N ASP B 37 6.44 16.40 21.20
CA ASP B 37 5.50 16.73 20.14
C ASP B 37 5.93 16.14 18.81
N LEU B 38 7.25 16.07 18.57
CA LEU B 38 7.76 15.50 17.33
C LEU B 38 7.45 14.01 17.24
N ASN B 39 7.51 13.30 18.37
CA ASN B 39 7.17 11.88 18.36
C ASN B 39 5.72 11.67 17.97
N TYR B 40 4.82 12.52 18.47
CA TYR B 40 3.43 12.45 18.06
C TYR B 40 3.27 12.78 16.58
N PHE B 41 3.94 13.84 16.12
CA PHE B 41 3.80 14.26 14.74
C PHE B 41 4.37 13.23 13.78
N ASN B 42 5.53 12.65 14.10
CA ASN B 42 6.11 11.61 13.26
C ASN B 42 5.23 10.36 13.26
N ALA B 43 4.62 10.04 14.40
CA ALA B 43 3.66 8.95 14.45
C ALA B 43 2.46 9.24 13.54
N PHE B 44 2.02 10.50 13.50
CA PHE B 44 0.94 10.88 12.60
C PHE B 44 1.35 10.70 11.14
N LEU B 45 2.58 11.10 10.80
CA LEU B 45 3.05 10.97 9.43
C LEU B 45 3.17 9.51 9.01
N LYS B 46 3.69 8.66 9.90
CA LYS B 46 3.78 7.24 9.61
C LYS B 46 2.40 6.62 9.46
N GLU B 47 1.48 6.98 10.36
CA GLU B 47 0.12 6.45 10.29
C GLU B 47 -0.59 6.90 9.03
N ALA B 48 -0.46 8.18 8.67
CA ALA B 48 -1.12 8.70 7.47
C ALA B 48 -0.49 8.13 6.20
N ALA B 49 0.79 7.76 6.24
CA ALA B 49 1.44 7.19 5.06
C ALA B 49 1.11 5.72 4.86
N LYS B 50 0.53 5.05 5.86
CA LYS B 50 0.22 3.63 5.72
C LYS B 50 -0.89 3.40 4.71
N SER B 51 -1.73 4.41 4.47
CA SER B 51 -2.79 4.33 3.47
C SER B 51 -2.88 5.65 2.74
N ARG B 52 -3.02 5.60 1.43
CA ARG B 52 -3.12 6.81 0.63
C ARG B 52 -4.45 7.51 0.89
N ARG B 53 -4.37 8.78 1.31
CA ARG B 53 -5.54 9.56 1.66
C ARG B 53 -6.00 10.34 0.44
N GLU B 54 -7.28 10.22 0.10
CA GLU B 54 -7.86 10.95 -1.03
C GLU B 54 -8.46 12.29 -0.63
N ASN B 55 -8.51 12.60 0.66
CA ASN B 55 -9.12 13.84 1.14
C ASN B 55 -8.09 14.96 1.09
N GLU B 56 -8.45 16.08 0.44
CA GLU B 56 -7.49 17.16 0.26
C GLU B 56 -7.14 17.85 1.57
N VAL B 57 -8.09 17.90 2.52
CA VAL B 57 -7.80 18.54 3.80
C VAL B 57 -6.77 17.73 4.57
N LEU B 58 -6.84 16.40 4.50
CA LEU B 58 -5.81 15.57 5.13
C LEU B 58 -4.50 15.62 4.34
N LYS B 59 -4.58 15.78 3.02
CA LYS B 59 -3.36 15.93 2.23
C LYS B 59 -2.59 17.18 2.64
N GLU B 60 -3.30 18.29 2.80
CA GLU B 60 -2.65 19.53 3.23
C GLU B 60 -2.24 19.46 4.69
N LEU B 61 -3.01 18.74 5.51
CA LEU B 61 -2.64 18.56 6.92
C LEU B 61 -1.35 17.76 7.03
N VAL B 62 -1.21 16.71 6.22
CA VAL B 62 0.02 15.92 6.23
C VAL B 62 1.20 16.76 5.78
N LYS B 63 1.02 17.55 4.72
CA LYS B 63 2.09 18.42 4.25
C LYS B 63 2.47 19.46 5.29
N LYS B 64 1.47 20.01 5.99
CA LYS B 64 1.75 21.07 6.97
C LYS B 64 2.55 20.54 8.15
N ILE B 65 2.15 19.39 8.69
CA ILE B 65 2.89 18.80 9.81
C ILE B 65 4.22 18.24 9.33
N ARG B 66 4.28 17.72 8.11
CA ARG B 66 5.54 17.25 7.56
C ARG B 66 6.55 18.38 7.45
N LYS B 67 6.08 19.57 7.05
CA LYS B 67 6.96 20.73 7.00
C LYS B 67 7.44 21.12 8.39
N VAL B 68 6.52 21.28 9.33
CA VAL B 68 6.90 21.74 10.67
C VAL B 68 7.78 20.70 11.36
N VAL B 69 7.62 19.42 11.01
CA VAL B 69 8.54 18.39 11.50
C VAL B 69 9.93 18.63 10.92
N ASN B 70 10.01 18.87 9.61
CA ASN B 70 11.30 19.07 8.96
C ASN B 70 12.03 20.28 9.51
N ASP B 71 11.31 21.39 9.70
CA ASP B 71 11.94 22.56 10.31
C ASP B 71 12.27 22.33 11.77
N ALA B 72 11.56 21.40 12.43
CA ALA B 72 11.87 21.09 13.81
C ALA B 72 13.19 20.36 13.94
N GLU B 73 13.42 19.32 13.12
CA GLU B 73 14.69 18.62 13.15
C GLU B 73 15.84 19.53 12.74
N ASP B 74 15.62 20.38 11.74
CA ASP B 74 16.65 21.32 11.33
C ASP B 74 16.99 22.30 12.46
N SER B 75 16.00 22.65 13.28
CA SER B 75 16.28 23.54 14.41
C SER B 75 17.00 22.81 15.53
N ILE B 76 16.63 21.57 15.81
CA ILE B 76 17.30 20.81 16.86
C ILE B 76 18.73 20.46 16.47
N ASP B 77 18.95 20.11 15.20
CA ASP B 77 20.32 19.82 14.76
C ASP B 77 21.20 21.06 14.85
N LYS B 78 20.62 22.24 14.65
CA LYS B 78 21.36 23.48 14.90
C LYS B 78 21.75 23.59 16.37
N PHE B 79 20.83 23.24 17.28
CA PHE B 79 21.13 23.29 18.70
C PHE B 79 22.15 22.22 19.09
N VAL B 80 22.05 21.03 18.48
CA VAL B 80 22.98 19.95 18.80
C VAL B 80 24.40 20.33 18.38
N VAL B 81 24.55 20.90 17.19
CA VAL B 81 25.87 21.31 16.72
C VAL B 81 26.42 22.43 17.59
N GLU B 82 25.57 23.42 17.90
CA GLU B 82 26.01 24.54 18.72
C GLU B 82 26.34 24.10 20.14
N ALA B 83 25.62 23.12 20.68
CA ALA B 83 25.96 22.58 21.99
C ALA B 83 27.25 21.78 21.95
N LYS B 84 27.50 21.06 20.86
CA LYS B 84 28.76 20.35 20.70
C LYS B 84 29.94 21.32 20.64
N ARG B 85 29.77 22.43 19.91
CA ARG B 85 30.82 23.45 19.86
C ARG B 85 30.98 24.15 21.20
N HIS B 86 29.89 24.34 21.94
CA HIS B 86 29.98 24.92 23.27
C HIS B 86 30.72 24.01 24.23
N ASP B 87 30.45 22.71 24.17
CA ASP B 87 31.13 21.76 25.05
C ASP B 87 32.60 21.61 24.70
N ASP B 88 32.95 21.75 23.42
CA ASP B 88 34.34 21.61 22.98
C ASP B 88 34.89 22.95 22.52
N THR B 99 28.35 36.10 17.46
CA THR B 99 29.13 35.48 18.52
C THR B 99 28.53 34.13 18.91
N HIS B 100 29.21 33.43 19.83
CA HIS B 100 28.72 32.13 20.28
C HIS B 100 27.40 32.27 21.03
N VAL B 101 27.30 33.26 21.91
CA VAL B 101 26.07 33.45 22.67
C VAL B 101 24.94 33.93 21.75
N ALA B 102 25.26 34.83 20.82
CA ALA B 102 24.25 35.34 19.90
C ALA B 102 23.68 34.23 19.02
N ARG B 103 24.55 33.35 18.52
CA ARG B 103 24.08 32.25 17.69
C ARG B 103 23.20 31.29 18.47
N ALA B 104 23.56 31.01 19.72
CA ALA B 104 22.74 30.16 20.56
C ALA B 104 21.38 30.81 20.85
N LYS B 105 21.37 32.12 21.05
CA LYS B 105 20.11 32.83 21.27
C LYS B 105 19.22 32.74 20.04
N GLY B 106 19.80 32.87 18.85
CA GLY B 106 19.02 32.75 17.63
C GLY B 106 18.40 31.37 17.48
N VAL B 107 19.13 30.33 17.88
CA VAL B 107 18.60 28.98 17.85
C VAL B 107 17.42 28.85 18.81
N ALA B 108 17.55 29.43 20.00
CA ALA B 108 16.46 29.39 20.97
C ALA B 108 15.22 30.09 20.44
N ASP B 109 15.40 31.21 19.75
CA ASP B 109 14.26 31.90 19.13
C ASP B 109 13.59 31.03 18.08
N GLU B 110 14.40 30.28 17.31
CA GLU B 110 13.83 29.36 16.34
C GLU B 110 13.02 28.27 17.02
N ILE B 111 13.52 27.76 18.15
CA ILE B 111 12.80 26.73 18.90
C ILE B 111 11.47 27.28 19.40
N LYS B 112 11.46 28.49 19.92
CA LYS B 112 10.22 29.09 20.42
C LYS B 112 9.23 29.29 19.28
N SER B 113 9.69 29.72 18.12
CA SER B 113 8.82 29.87 16.97
C SER B 113 8.24 28.54 16.53
N ILE B 114 9.07 27.48 16.56
CA ILE B 114 8.60 26.14 16.21
C ILE B 114 7.55 25.67 17.20
N ARG B 115 7.78 25.91 18.50
CA ARG B 115 6.83 25.48 19.51
C ARG B 115 5.50 26.19 19.37
N GLU B 116 5.52 27.46 18.95
CA GLU B 116 4.28 28.17 18.67
C GLU B 116 3.57 27.54 17.47
N ARG B 117 4.33 27.03 16.49
CA ARG B 117 3.73 26.42 15.32
C ARG B 117 3.05 25.09 15.68
N VAL B 118 3.71 24.28 16.50
CA VAL B 118 3.14 22.98 16.85
C VAL B 118 1.94 23.15 17.78
N LYS B 119 1.96 24.17 18.64
CA LYS B 119 0.81 24.41 19.51
C LYS B 119 -0.42 24.80 18.71
N GLU B 120 -0.25 25.64 17.69
CA GLU B 120 -1.38 26.06 16.87
C GLU B 120 -1.88 24.91 16.01
N ILE B 121 -1.00 23.99 15.61
CA ILE B 121 -1.43 22.81 14.86
C ILE B 121 -2.29 21.92 15.74
N ARG B 122 -1.89 21.73 16.99
CA ARG B 122 -2.64 20.86 17.90
C ARG B 122 -4.00 21.45 18.24
N ASP B 123 -4.16 22.77 18.14
CA ASP B 123 -5.42 23.42 18.50
C ASP B 123 -6.32 23.65 17.29
N ASN B 124 -5.84 24.41 16.31
CA ASN B 124 -6.67 24.77 15.17
C ASN B 124 -7.03 23.58 14.30
N ASP B 125 -6.06 22.70 14.04
CA ASP B 125 -6.25 21.59 13.12
C ASP B 125 -6.58 20.28 13.83
N ALA B 126 -6.97 20.33 15.10
CA ALA B 126 -7.19 19.11 15.87
C ALA B 126 -8.27 18.23 15.26
N TYR B 127 -9.17 18.83 14.48
CA TYR B 127 -10.22 18.05 13.83
C TYR B 127 -9.67 17.12 12.76
N GLY B 128 -8.56 17.47 12.13
CA GLY B 128 -7.95 16.60 11.15
C GLY B 128 -7.19 15.45 11.77
N LEU B 129 -6.57 15.71 12.93
CA LEU B 129 -5.85 14.65 13.63
C LEU B 129 -6.79 13.52 14.05
N GLN B 130 -8.01 13.86 14.49
CA GLN B 130 -8.95 12.86 14.96
C GLN B 130 -9.40 11.91 13.86
N ALA B 131 -9.26 12.31 12.59
CA ALA B 131 -9.63 11.44 11.48
C ALA B 131 -8.57 10.38 11.19
N ILE B 132 -7.43 10.43 11.87
CA ILE B 132 -6.34 9.48 11.66
C ILE B 132 -6.01 8.79 12.97
N THR B 133 -6.29 9.44 14.10
CA THR B 133 -6.19 8.78 15.39
C THR B 133 -7.21 7.64 15.52
N LEU B 134 -8.31 7.71 14.79
CA LEU B 134 -9.32 6.67 14.81
C LEU B 134 -9.77 6.41 13.37
N ASP B 135 -10.30 5.21 13.15
CA ASP B 135 -10.76 4.81 11.82
C ASP B 135 -11.95 5.66 11.38
N GLU B 143 -13.01 -0.96 -0.30
CA GLU B 143 -12.16 -2.03 -0.81
C GLU B 143 -12.90 -2.82 -1.89
N GLU B 144 -12.44 -2.69 -3.13
CA GLU B 144 -13.09 -3.32 -4.28
C GLU B 144 -12.08 -4.20 -4.99
N ARG B 145 -12.52 -5.40 -5.39
CA ARG B 145 -11.67 -6.34 -6.11
C ARG B 145 -11.85 -6.11 -7.61
N LYS B 146 -10.83 -5.56 -8.25
CA LYS B 146 -10.86 -5.24 -9.67
C LYS B 146 -9.77 -6.04 -10.37
N ALA B 147 -10.14 -7.19 -10.93
CA ALA B 147 -9.19 -7.99 -11.68
C ALA B 147 -8.78 -7.26 -12.96
N PRO B 148 -7.52 -7.33 -13.35
CA PRO B 148 -7.07 -6.56 -14.52
C PRO B 148 -7.63 -7.12 -15.82
N VAL B 149 -7.67 -6.25 -16.83
CA VAL B 149 -8.09 -6.61 -18.17
C VAL B 149 -6.92 -6.35 -19.12
N VAL B 150 -6.65 -7.32 -19.99
CA VAL B 150 -5.48 -7.28 -20.86
C VAL B 150 -5.91 -7.55 -22.30
N GLU B 151 -4.96 -7.33 -23.22
CA GLU B 151 -5.23 -7.54 -24.64
C GLU B 151 -5.46 -9.02 -24.93
N GLU B 152 -6.50 -9.31 -25.71
CA GLU B 152 -6.73 -10.65 -26.22
C GLU B 152 -6.16 -10.82 -27.62
N ASP B 153 -6.39 -9.84 -28.49
CA ASP B 153 -5.85 -9.83 -29.84
C ASP B 153 -4.74 -8.79 -29.96
N ASP B 154 -3.83 -9.04 -30.90
CA ASP B 154 -2.71 -8.14 -31.18
C ASP B 154 -1.83 -7.93 -29.94
N VAL B 155 -1.22 -9.02 -29.47
CA VAL B 155 -0.19 -8.93 -28.45
C VAL B 155 1.17 -8.86 -29.16
N VAL B 156 1.90 -7.78 -28.91
CA VAL B 156 3.10 -7.45 -29.69
C VAL B 156 4.34 -7.87 -28.92
N GLY B 157 5.18 -8.68 -29.55
CA GLY B 157 6.50 -8.98 -29.02
C GLY B 157 6.57 -10.10 -28.01
N PHE B 158 5.47 -10.79 -27.75
CA PHE B 158 5.47 -11.88 -26.78
C PHE B 158 5.36 -13.25 -27.44
N ASP B 159 5.63 -13.34 -28.75
CA ASP B 159 5.55 -14.63 -29.43
C ASP B 159 6.61 -15.60 -28.93
N ASP B 160 7.81 -15.12 -28.64
CA ASP B 160 8.88 -15.99 -28.17
C ASP B 160 8.94 -16.14 -26.66
N GLU B 161 8.37 -15.19 -25.90
CA GLU B 161 8.28 -15.36 -24.46
C GLU B 161 7.22 -16.38 -24.10
N ALA B 162 6.09 -16.35 -24.81
CA ALA B 162 5.06 -17.36 -24.61
C ALA B 162 5.59 -18.75 -24.98
N LYS B 163 6.35 -18.83 -26.08
CA LYS B 163 6.91 -20.11 -26.50
C LYS B 163 7.90 -20.64 -25.46
N THR B 164 8.70 -19.75 -24.86
CA THR B 164 9.67 -20.18 -23.85
C THR B 164 8.96 -20.72 -22.61
N VAL B 165 7.96 -19.98 -22.11
CA VAL B 165 7.28 -20.39 -20.88
C VAL B 165 6.48 -21.66 -21.10
N ILE B 166 5.83 -21.79 -22.26
CA ILE B 166 5.05 -22.99 -22.56
C ILE B 166 5.94 -24.21 -22.57
N ASP B 167 7.17 -24.07 -23.09
CA ASP B 167 8.12 -25.18 -23.06
C ASP B 167 8.48 -25.57 -21.63
N ARG B 168 8.60 -24.58 -20.74
CA ARG B 168 8.87 -24.86 -19.34
C ARG B 168 7.67 -25.46 -18.62
N LEU B 169 6.45 -25.17 -19.09
CA LEU B 169 5.26 -25.80 -18.52
C LEU B 169 5.12 -27.24 -18.96
N ILE B 170 5.41 -27.52 -20.23
CA ILE B 170 5.24 -28.88 -20.76
C ILE B 170 6.28 -29.82 -20.16
N GLY B 171 7.53 -29.38 -20.06
CA GLY B 171 8.58 -30.22 -19.53
C GLY B 171 8.93 -29.91 -18.09
N GLY B 172 9.46 -30.92 -17.40
CA GLY B 172 9.86 -30.82 -16.02
C GLY B 172 9.56 -32.10 -15.27
N SER B 173 9.60 -32.00 -13.94
CA SER B 173 9.38 -33.15 -13.09
C SER B 173 7.89 -33.52 -13.06
N ASP B 174 7.60 -34.65 -12.41
CA ASP B 174 6.23 -35.15 -12.32
C ASP B 174 5.43 -34.51 -11.20
N TYR B 175 6.04 -33.63 -10.42
CA TYR B 175 5.36 -32.99 -9.31
C TYR B 175 4.83 -31.62 -9.74
N VAL B 176 4.02 -31.02 -8.87
CA VAL B 176 3.46 -29.70 -9.15
C VAL B 176 4.60 -28.68 -9.17
N GLU B 177 4.84 -28.09 -10.33
CA GLU B 177 5.92 -27.14 -10.53
C GLU B 177 5.34 -25.76 -10.79
N VAL B 178 5.91 -24.74 -10.14
CA VAL B 178 5.48 -23.37 -10.34
C VAL B 178 6.42 -22.69 -11.33
N VAL B 179 5.85 -22.04 -12.33
CA VAL B 179 6.63 -21.29 -13.30
C VAL B 179 6.31 -19.81 -13.14
N PRO B 180 7.12 -19.07 -12.39
CA PRO B 180 6.80 -17.66 -12.13
C PRO B 180 7.30 -16.74 -13.24
N VAL B 181 6.45 -15.78 -13.58
CA VAL B 181 6.80 -14.71 -14.52
C VAL B 181 6.94 -13.43 -13.71
N VAL B 182 8.15 -12.87 -13.70
CA VAL B 182 8.47 -11.73 -12.86
C VAL B 182 8.69 -10.51 -13.74
N GLY B 183 8.41 -9.34 -13.20
CA GLY B 183 8.62 -8.12 -13.94
C GLY B 183 8.20 -6.92 -13.14
N MET B 184 8.64 -5.75 -13.62
CA MET B 184 8.33 -4.46 -13.04
C MET B 184 6.87 -4.10 -13.33
N PRO B 185 6.28 -3.16 -12.59
CA PRO B 185 4.87 -2.79 -12.85
C PRO B 185 4.60 -2.41 -14.30
N GLY B 186 3.54 -2.97 -14.87
CA GLY B 186 3.17 -2.67 -16.23
C GLY B 186 4.06 -3.27 -17.29
N LEU B 187 4.82 -4.32 -16.96
CA LEU B 187 5.70 -4.92 -17.95
C LEU B 187 4.95 -5.79 -18.95
N GLY B 188 3.86 -6.43 -18.52
CA GLY B 188 3.10 -7.28 -19.41
C GLY B 188 2.98 -8.72 -18.92
N LYS B 189 3.08 -8.91 -17.60
CA LYS B 189 3.04 -10.26 -17.04
C LYS B 189 1.67 -10.89 -17.23
N THR B 190 0.60 -10.15 -16.93
CA THR B 190 -0.75 -10.71 -17.09
C THR B 190 -1.11 -10.89 -18.55
N THR B 191 -0.61 -10.01 -19.43
CA THR B 191 -0.85 -10.18 -20.86
C THR B 191 -0.18 -11.45 -21.38
N LEU B 192 1.05 -11.71 -20.94
CA LEU B 192 1.72 -12.94 -21.31
C LEU B 192 1.02 -14.16 -20.70
N ALA B 193 0.60 -14.04 -19.44
CA ALA B 193 -0.07 -15.15 -18.78
C ALA B 193 -1.39 -15.49 -19.44
N TYR B 194 -2.14 -14.46 -19.87
CA TYR B 194 -3.39 -14.71 -20.58
C TYR B 194 -3.14 -15.20 -22.00
N LYS B 195 -2.01 -14.80 -22.60
CA LYS B 195 -1.63 -15.34 -23.90
C LYS B 195 -1.30 -16.83 -23.80
N ILE B 196 -0.62 -17.22 -22.73
CA ILE B 196 -0.32 -18.64 -22.50
C ILE B 196 -1.60 -19.38 -22.13
N TYR B 197 -2.44 -18.77 -21.30
CA TYR B 197 -3.67 -19.41 -20.84
C TYR B 197 -4.59 -19.76 -22.00
N LYS B 198 -4.61 -18.95 -23.04
CA LYS B 198 -5.46 -19.17 -24.20
C LYS B 198 -4.70 -19.76 -25.39
N ASP B 199 -3.44 -20.14 -25.20
CA ASP B 199 -2.66 -20.69 -26.30
C ASP B 199 -3.23 -22.04 -26.73
N PRO B 200 -3.28 -22.34 -28.03
CA PRO B 200 -3.83 -23.63 -28.46
C PRO B 200 -3.09 -24.83 -27.91
N LYS B 201 -1.76 -24.75 -27.77
CA LYS B 201 -1.00 -25.88 -27.24
C LYS B 201 -1.27 -26.07 -25.75
N VAL B 202 -1.32 -24.96 -24.99
CA VAL B 202 -1.58 -25.06 -23.56
C VAL B 202 -2.99 -25.59 -23.29
N GLU B 203 -3.97 -25.10 -24.06
CA GLU B 203 -5.35 -25.54 -23.85
C GLU B 203 -5.50 -27.04 -24.10
N TYR B 204 -4.82 -27.56 -25.11
CA TYR B 204 -4.87 -29.00 -25.36
C TYR B 204 -4.06 -29.78 -24.33
N GLU B 205 -2.94 -29.21 -23.87
CA GLU B 205 -2.08 -29.93 -22.94
C GLU B 205 -2.75 -30.13 -21.59
N PHE B 206 -3.32 -29.07 -21.03
CA PHE B 206 -3.89 -29.10 -19.68
C PHE B 206 -5.40 -29.19 -19.80
N PHE B 207 -5.96 -30.32 -19.34
CA PHE B 207 -7.40 -30.52 -19.42
C PHE B 207 -8.16 -29.51 -18.56
N THR B 208 -7.67 -29.25 -17.36
CA THR B 208 -8.30 -28.31 -16.44
C THR B 208 -7.42 -27.07 -16.32
N ARG B 209 -7.97 -25.92 -16.66
CA ARG B 209 -7.26 -24.65 -16.53
C ARG B 209 -8.09 -23.71 -15.69
N VAL B 210 -7.50 -23.20 -14.61
CA VAL B 210 -8.17 -22.32 -13.66
C VAL B 210 -7.40 -21.01 -13.58
N TRP B 211 -8.09 -19.90 -13.79
CA TRP B 211 -7.51 -18.57 -13.62
C TRP B 211 -7.98 -18.00 -12.29
N VAL B 212 -7.04 -17.74 -11.39
CA VAL B 212 -7.33 -17.23 -10.06
C VAL B 212 -6.65 -15.88 -9.91
N TYR B 213 -7.41 -14.88 -9.50
CA TYR B 213 -6.87 -13.54 -9.27
C TYR B 213 -6.54 -13.38 -7.80
N VAL B 214 -5.29 -13.61 -7.43
CA VAL B 214 -4.78 -13.24 -6.12
C VAL B 214 -4.39 -11.76 -6.20
N SER B 215 -4.27 -11.10 -5.06
CA SER B 215 -3.94 -9.68 -5.07
C SER B 215 -3.24 -9.34 -3.75
N GLN B 216 -3.12 -8.05 -3.47
CA GLN B 216 -2.55 -7.62 -2.20
C GLN B 216 -3.40 -8.11 -1.04
N THR B 217 -4.72 -8.00 -1.15
CA THR B 217 -5.65 -8.47 -0.13
C THR B 217 -6.59 -9.50 -0.75
N PHE B 218 -6.81 -10.59 -0.03
CA PHE B 218 -7.72 -11.63 -0.50
C PHE B 218 -8.17 -12.45 0.71
N LYS B 219 -9.25 -13.19 0.52
CA LYS B 219 -9.77 -14.10 1.52
C LYS B 219 -9.67 -15.51 0.97
N ARG B 220 -9.02 -16.41 1.72
CA ARG B 220 -8.81 -17.76 1.22
C ARG B 220 -10.12 -18.50 1.01
N ARG B 221 -11.16 -18.15 1.77
CA ARG B 221 -12.45 -18.82 1.61
C ARG B 221 -13.09 -18.47 0.27
N GLU B 222 -13.08 -17.19 -0.11
CA GLU B 222 -13.68 -16.82 -1.38
C GLU B 222 -12.82 -17.30 -2.55
N ILE B 223 -11.51 -17.42 -2.34
CA ILE B 223 -10.65 -17.97 -3.38
C ILE B 223 -11.02 -19.41 -3.69
N PHE B 224 -11.24 -20.21 -2.64
CA PHE B 224 -11.60 -21.62 -2.84
C PHE B 224 -13.01 -21.75 -3.38
N LEU B 225 -13.92 -20.86 -2.99
CA LEU B 225 -15.28 -20.91 -3.52
C LEU B 225 -15.34 -20.44 -4.96
N ASN B 226 -14.47 -19.48 -5.33
CA ASN B 226 -14.39 -19.07 -6.73
C ASN B 226 -13.90 -20.22 -7.60
N ILE B 227 -12.88 -20.95 -7.14
CA ILE B 227 -12.37 -22.09 -7.89
C ILE B 227 -13.42 -23.20 -7.95
N ILE B 228 -14.14 -23.41 -6.84
CA ILE B 228 -15.20 -24.42 -6.82
C ILE B 228 -16.31 -24.05 -7.79
N SER B 229 -16.62 -22.76 -7.90
CA SER B 229 -17.68 -22.32 -8.81
C SER B 229 -17.35 -22.59 -10.26
N LYS B 230 -16.06 -22.78 -10.60
CA LYS B 230 -15.71 -23.16 -11.96
C LYS B 230 -16.28 -24.53 -12.33
N PHE B 231 -16.48 -25.41 -11.34
CA PHE B 231 -16.83 -26.80 -11.60
C PHE B 231 -18.27 -27.15 -11.24
N THR B 232 -18.78 -26.66 -10.11
CA THR B 232 -20.16 -26.94 -9.71
C THR B 232 -20.90 -25.63 -9.53
N ARG B 233 -22.20 -25.65 -9.82
CA ARG B 233 -22.98 -24.41 -9.84
C ARG B 233 -23.62 -24.16 -8.49
N ASN B 234 -23.85 -25.22 -7.71
CA ASN B 234 -24.45 -25.08 -6.38
C ASN B 234 -23.37 -24.74 -5.37
N THR B 235 -22.94 -23.48 -5.34
CA THR B 235 -21.90 -23.07 -4.39
C THR B 235 -22.47 -22.70 -3.02
N LYS B 236 -23.80 -22.60 -2.91
CA LYS B 236 -24.42 -22.45 -1.59
C LYS B 236 -24.37 -23.76 -0.80
N GLN B 237 -23.87 -24.83 -1.42
CA GLN B 237 -23.74 -26.12 -0.74
C GLN B 237 -22.74 -26.05 0.41
N TYR B 238 -21.81 -25.09 0.38
CA TYR B 238 -20.72 -25.02 1.33
C TYR B 238 -20.79 -23.81 2.27
N ASP B 239 -21.97 -23.46 2.77
CA ASP B 239 -22.09 -22.29 3.64
C ASP B 239 -21.30 -22.45 4.94
N ASP B 240 -21.39 -23.62 5.59
CA ASP B 240 -20.71 -23.83 6.86
C ASP B 240 -19.54 -24.80 6.75
N THR B 241 -19.20 -25.23 5.54
CA THR B 241 -18.04 -26.10 5.37
C THR B 241 -16.76 -25.29 5.59
N PRO B 242 -15.86 -25.74 6.47
CA PRO B 242 -14.65 -24.96 6.76
C PRO B 242 -13.72 -24.89 5.56
N GLU B 243 -12.79 -23.94 5.63
CA GLU B 243 -11.81 -23.80 4.56
C GLU B 243 -10.93 -25.03 4.42
N ASP B 244 -10.77 -25.80 5.52
CA ASP B 244 -9.97 -27.01 5.44
C ASP B 244 -10.61 -28.04 4.52
N ASP B 245 -11.94 -28.20 4.61
CA ASP B 245 -12.61 -29.13 3.71
C ASP B 245 -12.89 -28.51 2.36
N LEU B 246 -12.90 -27.18 2.27
CA LEU B 246 -12.99 -26.54 0.97
C LEU B 246 -11.75 -26.83 0.13
N ALA B 247 -10.57 -26.79 0.76
CA ALA B 247 -9.34 -27.08 0.04
C ALA B 247 -9.31 -28.53 -0.45
N ASN B 248 -9.78 -29.47 0.38
CA ASN B 248 -9.86 -30.86 -0.06
C ASN B 248 -10.89 -31.01 -1.18
N GLU B 249 -11.94 -30.18 -1.17
CA GLU B 249 -12.90 -30.22 -2.26
C GLU B 249 -12.25 -29.81 -3.58
N VAL B 250 -11.41 -28.78 -3.56
CA VAL B 250 -10.68 -28.38 -4.76
C VAL B 250 -9.70 -29.47 -5.17
N LYS B 251 -9.11 -30.17 -4.20
CA LYS B 251 -8.25 -31.31 -4.52
C LYS B 251 -9.01 -32.35 -5.34
N GLU B 252 -10.27 -32.61 -4.99
CA GLU B 252 -11.04 -33.60 -5.71
C GLU B 252 -11.43 -33.12 -7.10
N LEU B 253 -11.79 -31.84 -7.22
CA LEU B 253 -12.21 -31.31 -8.52
C LEU B 253 -11.06 -31.31 -9.52
N LEU B 254 -9.85 -30.96 -9.07
CA LEU B 254 -8.71 -30.85 -9.97
C LEU B 254 -8.15 -32.20 -10.36
N GLY B 255 -8.27 -33.22 -9.51
CA GLY B 255 -7.63 -34.49 -9.76
C GLY B 255 -8.42 -35.49 -10.57
N LYS B 256 -9.62 -35.10 -11.04
CA LYS B 256 -10.46 -36.03 -11.78
C LYS B 256 -9.96 -36.31 -13.19
N GLY B 257 -9.03 -35.50 -13.71
CA GLY B 257 -8.56 -35.66 -15.07
C GLY B 257 -7.04 -35.71 -15.13
N GLY B 258 -6.51 -35.22 -16.24
CA GLY B 258 -5.07 -35.20 -16.48
C GLY B 258 -4.41 -34.04 -15.77
N LYS B 259 -3.49 -33.38 -16.47
CA LYS B 259 -2.81 -32.23 -15.91
C LYS B 259 -3.78 -31.10 -15.64
N TYR B 260 -3.40 -30.21 -14.72
CA TYR B 260 -4.10 -28.95 -14.52
C TYR B 260 -3.09 -27.81 -14.52
N LEU B 261 -3.49 -26.71 -15.14
CA LEU B 261 -2.72 -25.47 -15.13
C LEU B 261 -3.52 -24.42 -14.37
N ILE B 262 -2.91 -23.79 -13.38
CA ILE B 262 -3.57 -22.82 -12.54
C ILE B 262 -2.77 -21.54 -12.56
N VAL B 263 -3.36 -20.47 -13.08
CA VAL B 263 -2.68 -19.19 -13.23
C VAL B 263 -3.01 -18.36 -11.98
N LEU B 264 -2.08 -18.33 -11.03
CA LEU B 264 -2.22 -17.49 -9.85
C LEU B 264 -1.73 -16.09 -10.20
N ASP B 265 -2.66 -15.23 -10.57
CA ASP B 265 -2.34 -13.89 -11.03
C ASP B 265 -2.08 -12.96 -9.84
N ASP B 266 -1.03 -12.16 -9.96
CA ASP B 266 -0.74 -11.08 -9.01
C ASP B 266 -0.56 -11.61 -7.59
N VAL B 267 0.37 -12.53 -7.42
CA VAL B 267 0.75 -13.02 -6.10
C VAL B 267 1.78 -12.05 -5.50
N TRP B 268 1.56 -11.65 -4.26
CA TRP B 268 2.40 -10.63 -3.64
C TRP B 268 3.24 -11.14 -2.47
N THR B 269 2.83 -12.23 -1.82
CA THR B 269 3.56 -12.74 -0.66
C THR B 269 3.71 -14.24 -0.78
N MET B 270 4.78 -14.76 -0.15
CA MET B 270 4.97 -16.21 -0.07
C MET B 270 3.92 -16.84 0.84
N GLU B 271 3.41 -16.10 1.82
CA GLU B 271 2.35 -16.61 2.67
C GLU B 271 1.09 -16.89 1.87
N ALA B 272 0.78 -16.02 0.90
CA ALA B 272 -0.40 -16.22 0.06
C ALA B 272 -0.29 -17.52 -0.74
N TRP B 273 0.88 -17.78 -1.31
CA TRP B 273 1.07 -19.02 -2.06
C TRP B 273 1.00 -20.24 -1.15
N ASP B 274 1.57 -20.13 0.06
CA ASP B 274 1.53 -21.25 0.99
C ASP B 274 0.11 -21.59 1.41
N ARG B 275 -0.71 -20.57 1.65
CA ARG B 275 -2.08 -20.79 2.10
C ARG B 275 -2.97 -21.30 0.99
N ILE B 276 -2.68 -20.95 -0.27
CA ILE B 276 -3.56 -21.32 -1.37
C ILE B 276 -3.17 -22.68 -1.94
N LYS B 277 -1.89 -23.06 -1.82
CA LYS B 277 -1.40 -24.26 -2.49
C LYS B 277 -1.94 -25.54 -1.85
N ILE B 278 -2.68 -25.45 -0.75
CA ILE B 278 -3.33 -26.64 -0.20
C ILE B 278 -4.30 -27.23 -1.21
N ALA B 279 -5.07 -26.37 -1.89
CA ALA B 279 -6.08 -26.84 -2.84
C ALA B 279 -5.47 -27.57 -4.02
N PHE B 280 -4.16 -27.44 -4.24
CA PHE B 280 -3.53 -28.02 -5.42
C PHE B 280 -2.85 -29.33 -5.04
N PRO B 281 -3.34 -30.47 -5.48
CA PRO B 281 -2.77 -31.75 -5.05
C PRO B 281 -1.52 -32.13 -5.84
N ASN B 282 -0.60 -32.81 -5.16
CA ASN B 282 0.60 -33.35 -5.78
C ASN B 282 0.44 -34.83 -6.14
N ASN B 283 -0.51 -35.13 -7.03
CA ASN B 283 -0.81 -36.51 -7.40
C ASN B 283 0.07 -37.04 -8.52
N GLY B 284 1.21 -36.39 -8.79
CA GLY B 284 2.15 -36.91 -9.77
C GLY B 284 1.62 -36.96 -11.19
N LYS B 285 1.00 -35.88 -11.66
CA LYS B 285 0.42 -35.83 -12.99
C LYS B 285 0.95 -34.66 -13.81
N ARG B 286 2.20 -34.26 -13.56
CA ARG B 286 2.85 -33.18 -14.31
C ARG B 286 2.06 -31.87 -14.24
N ASN B 287 1.45 -31.61 -13.09
CA ASN B 287 0.61 -30.43 -12.94
C ASN B 287 1.46 -29.17 -12.83
N ARG B 288 0.95 -28.07 -13.38
CA ARG B 288 1.66 -26.81 -13.44
C ARG B 288 0.87 -25.72 -12.76
N VAL B 289 1.59 -24.78 -12.16
CA VAL B 289 0.99 -23.57 -11.59
C VAL B 289 1.75 -22.38 -12.16
N LEU B 290 1.18 -21.76 -13.20
CA LEU B 290 1.75 -20.54 -13.75
C LEU B 290 1.44 -19.37 -12.82
N MET B 291 2.44 -18.56 -12.53
CA MET B 291 2.31 -17.49 -11.55
C MET B 291 2.90 -16.22 -12.11
N THR B 292 2.25 -15.09 -11.81
CA THR B 292 2.75 -13.77 -12.16
C THR B 292 2.91 -12.95 -10.88
N THR B 293 4.02 -12.23 -10.77
CA THR B 293 4.31 -11.49 -9.55
C THR B 293 5.33 -10.40 -9.85
N ARG B 294 5.26 -9.33 -9.06
CA ARG B 294 6.28 -8.28 -9.09
C ARG B 294 7.46 -8.59 -8.18
N GLN B 295 7.42 -9.69 -7.44
CA GLN B 295 8.40 -10.00 -6.41
C GLN B 295 9.27 -11.15 -6.88
N SER B 296 10.58 -10.91 -6.95
CA SER B 296 11.51 -11.97 -7.31
C SER B 296 11.76 -12.93 -6.16
N ASN B 297 11.67 -12.44 -4.92
CA ASN B 297 11.87 -13.33 -3.77
C ASN B 297 10.74 -14.34 -3.65
N VAL B 298 9.50 -13.93 -3.96
CA VAL B 298 8.39 -14.87 -3.98
C VAL B 298 8.57 -15.86 -5.13
N ALA B 299 9.03 -15.36 -6.28
CA ALA B 299 9.22 -16.22 -7.45
C ALA B 299 10.32 -17.24 -7.19
N LYS B 300 11.42 -16.83 -6.54
CA LYS B 300 12.52 -17.73 -6.27
C LYS B 300 12.08 -18.87 -5.35
N ARG B 301 11.26 -18.56 -4.35
CA ARG B 301 10.81 -19.59 -3.41
C ARG B 301 9.88 -20.59 -4.07
N CYS B 302 9.21 -20.18 -5.16
CA CYS B 302 8.36 -21.12 -5.90
C CYS B 302 9.16 -21.87 -6.97
N ASN B 303 10.24 -21.27 -7.47
CA ASN B 303 11.09 -21.88 -8.48
C ASN B 303 12.43 -21.16 -8.51
N ASP B 304 13.52 -21.92 -8.45
CA ASP B 304 14.85 -21.33 -8.33
C ASP B 304 15.31 -20.57 -9.58
N LYS B 305 14.60 -20.71 -10.70
CA LYS B 305 14.93 -20.03 -11.94
C LYS B 305 13.69 -19.32 -12.46
N PRO B 306 13.33 -18.18 -11.87
CA PRO B 306 12.14 -17.45 -12.34
C PRO B 306 12.34 -16.90 -13.75
N HIS B 307 11.21 -16.69 -14.43
CA HIS B 307 11.20 -16.21 -15.80
C HIS B 307 11.01 -14.69 -15.79
N ASP B 308 12.12 -13.97 -15.91
CA ASP B 308 12.04 -12.51 -15.99
C ASP B 308 11.57 -12.10 -17.38
N LEU B 309 10.52 -11.28 -17.43
CA LEU B 309 9.90 -10.93 -18.69
C LEU B 309 10.70 -9.84 -19.40
N LYS B 310 10.64 -9.85 -20.73
CA LYS B 310 11.44 -8.94 -21.55
C LYS B 310 10.76 -7.59 -21.71
N PHE B 311 11.56 -6.58 -22.00
CA PHE B 311 11.06 -5.31 -22.47
C PHE B 311 10.94 -5.31 -23.99
N LEU B 312 9.90 -4.64 -24.49
CA LEU B 312 9.71 -4.56 -25.93
C LEU B 312 10.86 -3.79 -26.57
N THR B 313 11.23 -4.21 -27.78
CA THR B 313 12.31 -3.56 -28.49
C THR B 313 11.85 -2.23 -29.07
N LYS B 314 12.78 -1.54 -29.74
CA LYS B 314 12.45 -0.25 -30.34
C LYS B 314 11.40 -0.40 -31.43
N ASP B 315 11.51 -1.45 -32.25
CA ASP B 315 10.54 -1.66 -33.32
C ASP B 315 9.22 -2.20 -32.79
N GLU B 316 9.25 -2.95 -31.68
CA GLU B 316 8.02 -3.46 -31.10
C GLU B 316 7.26 -2.37 -30.35
N SER B 317 7.99 -1.44 -29.74
CA SER B 317 7.34 -0.28 -29.12
C SER B 317 6.65 0.58 -30.17
N TRP B 318 7.31 0.80 -31.31
CA TRP B 318 6.69 1.58 -32.38
C TRP B 318 5.52 0.85 -33.00
N GLU B 319 5.64 -0.48 -33.15
CA GLU B 319 4.53 -1.26 -33.71
C GLU B 319 3.32 -1.24 -32.78
N LEU B 320 3.56 -1.31 -31.46
CA LEU B 320 2.46 -1.29 -30.52
C LEU B 320 1.76 0.07 -30.49
N LEU B 321 2.54 1.15 -30.44
CA LEU B 321 1.96 2.48 -30.43
C LEU B 321 1.20 2.78 -31.72
N GLU B 322 1.76 2.37 -32.85
CA GLU B 322 1.11 2.58 -34.14
C GLU B 322 -0.23 1.87 -34.20
N LYS B 323 -0.28 0.62 -33.72
CA LYS B 323 -1.54 -0.13 -33.71
C LYS B 323 -2.56 0.51 -32.77
N LYS B 324 -2.11 0.98 -31.61
CA LYS B 324 -3.03 1.51 -30.62
C LYS B 324 -3.67 2.82 -31.10
N VAL B 325 -2.90 3.67 -31.75
CA VAL B 325 -3.39 4.99 -32.14
C VAL B 325 -4.18 4.94 -33.43
N PHE B 326 -3.63 4.30 -34.47
CA PHE B 326 -4.23 4.32 -35.80
C PHE B 326 -5.07 3.08 -36.11
N HIS B 327 -5.20 2.17 -35.15
CA HIS B 327 -6.02 0.95 -35.31
C HIS B 327 -5.49 0.18 -36.51
N LYS B 328 -6.33 -0.18 -37.48
CA LYS B 328 -5.88 -1.00 -38.60
C LYS B 328 -5.04 -0.20 -39.59
N GLU B 329 -5.34 1.09 -39.74
CA GLU B 329 -4.62 1.92 -40.69
C GLU B 329 -3.18 2.17 -40.23
N LYS B 330 -2.35 2.58 -41.17
CA LYS B 330 -0.94 2.83 -40.92
C LYS B 330 -0.73 4.30 -40.53
N CYS B 331 0.41 4.56 -39.93
CA CYS B 331 0.74 5.93 -39.52
C CYS B 331 1.11 6.77 -40.72
N PRO B 332 0.52 7.96 -40.89
CA PRO B 332 0.94 8.84 -41.97
C PRO B 332 2.39 9.22 -41.79
N PRO B 333 3.12 9.44 -42.90
CA PRO B 333 4.56 9.74 -42.79
C PRO B 333 4.87 11.02 -42.04
N GLU B 334 3.92 11.96 -41.95
CA GLU B 334 4.17 13.19 -41.22
C GLU B 334 4.31 12.94 -39.72
N LEU B 335 3.73 11.85 -39.22
CA LEU B 335 3.75 11.54 -37.79
C LEU B 335 4.73 10.44 -37.41
N GLU B 336 5.37 9.80 -38.40
CA GLU B 336 6.27 8.70 -38.09
C GLU B 336 7.51 9.17 -37.32
N LEU B 337 8.08 10.31 -37.73
CA LEU B 337 9.29 10.80 -37.07
C LEU B 337 9.08 11.14 -35.61
N PRO B 338 8.05 11.92 -35.21
CA PRO B 338 7.87 12.17 -33.77
C PRO B 338 7.25 10.99 -33.05
N GLY B 339 6.49 10.16 -33.78
CA GLY B 339 5.91 8.98 -33.18
C GLY B 339 6.95 7.95 -32.77
N ILE B 340 7.97 7.76 -33.61
CA ILE B 340 9.03 6.82 -33.27
C ILE B 340 9.77 7.27 -32.02
N SER B 341 10.04 8.57 -31.91
CA SER B 341 10.66 9.11 -30.71
C SER B 341 9.79 8.89 -29.49
N ILE B 342 8.47 8.92 -29.67
CA ILE B 342 7.55 8.68 -28.56
C ILE B 342 7.69 7.25 -28.05
N ALA B 343 7.71 6.29 -28.97
CA ALA B 343 7.81 4.89 -28.58
C ALA B 343 9.17 4.57 -27.97
N GLU B 344 10.23 5.25 -28.41
CA GLU B 344 11.55 5.02 -27.84
C GLU B 344 11.69 5.62 -26.45
N LYS B 345 10.99 6.73 -26.19
CA LYS B 345 11.04 7.33 -24.86
C LYS B 345 10.19 6.57 -23.83
N CYS B 346 9.36 5.62 -24.26
CA CYS B 346 8.60 4.77 -23.34
C CYS B 346 9.45 3.63 -22.79
N MET B 347 10.66 3.46 -23.32
CA MET B 347 11.63 2.51 -22.80
C MET B 347 11.06 1.09 -22.82
N GLY B 348 10.37 0.77 -23.92
CA GLY B 348 9.89 -0.57 -24.15
C GLY B 348 8.86 -1.09 -23.17
N LEU B 349 8.30 -0.24 -22.32
CA LEU B 349 7.31 -0.68 -21.35
C LEU B 349 5.92 -0.65 -21.98
N PRO B 350 5.24 -1.78 -22.11
CA PRO B 350 3.92 -1.77 -22.77
C PRO B 350 2.89 -0.89 -22.07
N LEU B 351 2.97 -0.76 -20.74
CA LEU B 351 2.02 0.09 -20.03
C LEU B 351 2.16 1.54 -20.44
N ALA B 352 3.41 2.03 -20.56
CA ALA B 352 3.63 3.40 -20.95
C ALA B 352 3.16 3.65 -22.37
N ILE B 353 3.36 2.69 -23.27
CA ILE B 353 2.94 2.85 -24.66
C ILE B 353 1.42 2.89 -24.75
N VAL B 354 0.74 2.07 -23.94
CA VAL B 354 -0.71 2.05 -23.95
C VAL B 354 -1.27 3.35 -23.37
N VAL B 355 -0.67 3.85 -22.30
CA VAL B 355 -1.13 5.09 -21.68
C VAL B 355 -0.89 6.27 -22.61
N ILE B 356 0.29 6.33 -23.23
CA ILE B 356 0.62 7.43 -24.13
C ILE B 356 -0.31 7.41 -25.34
N ALA B 357 -0.63 6.22 -25.87
CA ALA B 357 -1.50 6.14 -27.03
C ALA B 357 -2.89 6.69 -26.73
N GLY B 358 -3.30 6.65 -25.46
CA GLY B 358 -4.56 7.26 -25.08
C GLY B 358 -4.55 8.77 -25.26
N ALA B 359 -3.41 9.40 -24.95
CA ALA B 359 -3.29 10.84 -25.13
C ALA B 359 -3.19 11.21 -26.61
N LEU B 360 -2.48 10.39 -27.39
CA LEU B 360 -2.34 10.68 -28.82
C LEU B 360 -3.68 10.57 -29.54
N ILE B 361 -4.51 9.62 -29.13
CA ILE B 361 -5.83 9.46 -29.75
C ILE B 361 -6.68 10.70 -29.51
N GLY B 362 -6.67 11.21 -28.27
CA GLY B 362 -7.48 12.38 -27.97
C GLY B 362 -6.99 13.64 -28.64
N LYS B 363 -5.67 13.83 -28.72
CA LYS B 363 -5.13 15.09 -29.21
C LYS B 363 -5.36 15.28 -30.70
N GLY B 364 -5.21 14.21 -31.49
CA GLY B 364 -5.41 14.31 -32.92
C GLY B 364 -4.29 13.71 -33.74
N LYS B 365 -4.18 14.14 -35.01
CA LYS B 365 -3.22 13.55 -35.95
C LYS B 365 -2.49 14.66 -36.71
N THR B 366 -1.98 15.65 -35.98
CA THR B 366 -1.14 16.68 -36.56
C THR B 366 0.27 16.55 -36.01
N THR B 367 1.24 17.02 -36.80
CA THR B 367 2.64 16.86 -36.44
C THR B 367 2.98 17.64 -35.17
N ARG B 368 2.45 18.85 -35.04
CA ARG B 368 2.83 19.72 -33.91
C ARG B 368 2.42 19.11 -32.58
N GLU B 369 1.25 18.47 -32.53
CA GLU B 369 0.79 17.86 -31.28
C GLU B 369 1.70 16.71 -30.85
N TRP B 370 2.17 15.91 -31.80
CA TRP B 370 2.96 14.73 -31.45
C TRP B 370 4.35 15.10 -30.94
N GLU B 371 4.92 16.21 -31.42
CA GLU B 371 6.20 16.65 -30.86
C GLU B 371 6.03 17.20 -29.46
N LEU B 372 4.86 17.79 -29.15
CA LEU B 372 4.59 18.21 -27.78
C LEU B 372 4.51 17.00 -26.85
N VAL B 373 3.88 15.92 -27.31
CA VAL B 373 3.84 14.70 -26.52
C VAL B 373 5.22 14.10 -26.38
N ALA B 374 6.00 14.09 -27.47
CA ALA B 374 7.34 13.51 -27.43
C ALA B 374 8.25 14.27 -26.46
N ALA B 375 8.02 15.58 -26.29
CA ALA B 375 8.79 16.36 -25.35
C ALA B 375 8.31 16.21 -23.92
N SER B 376 7.11 15.66 -23.72
CA SER B 376 6.54 15.49 -22.38
C SER B 376 5.94 14.10 -22.24
N VAL B 377 6.70 13.08 -22.65
CA VAL B 377 6.23 11.71 -22.50
C VAL B 377 6.06 11.35 -21.03
N GLY B 378 7.01 11.76 -20.19
CA GLY B 378 6.95 11.42 -18.78
C GLY B 378 5.75 12.05 -18.08
N GLU B 379 5.47 13.32 -18.38
CA GLU B 379 4.36 14.00 -17.72
C GLU B 379 3.03 13.38 -18.10
N HIS B 380 2.87 13.00 -19.38
CA HIS B 380 1.62 12.37 -19.81
C HIS B 380 1.38 11.04 -19.10
N LEU B 381 2.46 10.36 -18.70
CA LEU B 381 2.32 9.06 -18.06
C LEU B 381 1.79 9.20 -16.64
N ILE B 382 2.34 10.13 -15.86
CA ILE B 382 2.10 10.22 -14.43
C ILE B 382 1.16 11.37 -14.09
N ASN B 383 1.55 12.61 -14.39
CA ASN B 383 0.77 13.77 -13.98
C ASN B 383 -0.57 13.81 -14.71
N ARG B 384 -0.55 13.65 -16.03
CA ARG B 384 -1.79 13.72 -16.80
C ARG B 384 -2.65 12.47 -16.62
N ASP B 385 -2.04 11.34 -16.24
CA ASP B 385 -2.75 10.08 -16.09
C ASP B 385 -2.49 9.52 -14.69
N PRO B 386 -3.18 10.04 -13.68
CA PRO B 386 -3.05 9.50 -12.33
C PRO B 386 -3.91 8.27 -12.04
N GLU B 387 -4.48 7.64 -13.07
CA GLU B 387 -5.35 6.49 -12.89
C GLU B 387 -4.84 5.21 -13.50
N ASN B 388 -3.91 5.28 -14.45
CA ASN B 388 -3.38 4.06 -15.07
C ASN B 388 -1.95 3.78 -14.61
N CYS B 389 -1.06 4.74 -14.76
CA CYS B 389 0.35 4.56 -14.39
C CYS B 389 0.58 4.87 -12.91
N LYS B 390 -0.03 5.93 -12.40
CA LYS B 390 0.21 6.32 -11.01
C LYS B 390 -0.35 5.29 -10.04
N LYS B 391 -1.54 4.76 -10.30
CA LYS B 391 -2.15 3.83 -9.36
C LYS B 391 -1.49 2.46 -9.44
N LEU B 392 -0.99 2.08 -10.62
CA LEU B 392 -0.31 0.80 -10.74
C LEU B 392 1.03 0.81 -10.01
N VAL B 393 1.78 1.91 -10.13
CA VAL B 393 3.03 2.02 -9.40
C VAL B 393 2.78 2.14 -7.91
N GLN B 394 1.71 2.85 -7.53
CA GLN B 394 1.40 3.03 -6.11
C GLN B 394 1.06 1.72 -5.42
N MET B 395 0.66 0.70 -6.19
CA MET B 395 0.40 -0.61 -5.59
C MET B 395 1.67 -1.23 -5.02
N SER B 396 2.82 -0.91 -5.59
CA SER B 396 4.10 -1.37 -5.02
C SER B 396 4.68 -0.36 -4.05
N TYR B 397 4.53 0.93 -4.35
CA TYR B 397 5.10 1.96 -3.50
C TYR B 397 4.42 1.99 -2.13
N ASP B 398 3.10 1.82 -2.09
CA ASP B 398 2.38 1.86 -0.82
C ASP B 398 2.67 0.62 0.02
N ARG B 399 3.00 -0.50 -0.61
CA ARG B 399 3.34 -1.71 0.13
C ARG B 399 4.78 -1.70 0.64
N LEU B 400 5.56 -0.69 0.28
CA LEU B 400 6.91 -0.57 0.79
C LEU B 400 6.88 -0.28 2.29
N PRO B 401 7.91 -0.73 3.02
CA PRO B 401 8.07 -0.27 4.40
C PRO B 401 8.34 1.23 4.43
N TYR B 402 8.02 1.84 5.56
CA TYR B 402 8.14 3.30 5.66
C TYR B 402 9.57 3.77 5.46
N ASP B 403 10.55 2.98 5.90
CA ASP B 403 11.95 3.37 5.73
C ASP B 403 12.41 3.19 4.29
N LEU B 404 11.85 2.21 3.57
CA LEU B 404 12.27 1.95 2.20
C LEU B 404 11.69 2.95 1.21
N LYS B 405 10.69 3.73 1.62
CA LYS B 405 10.05 4.66 0.70
C LYS B 405 10.98 5.81 0.34
N ALA B 406 11.65 6.37 1.35
CA ALA B 406 12.60 7.45 1.07
C ALA B 406 13.80 6.95 0.29
N CYS B 407 14.19 5.70 0.52
CA CYS B 407 15.31 5.12 -0.24
C CYS B 407 14.96 4.99 -1.71
N PHE B 408 13.71 4.62 -2.01
CA PHE B 408 13.31 4.43 -3.40
C PHE B 408 13.15 5.78 -4.11
N LEU B 409 12.57 6.76 -3.42
CA LEU B 409 12.37 8.08 -4.01
C LEU B 409 13.70 8.81 -4.22
N TYR B 410 14.71 8.48 -3.41
CA TYR B 410 16.02 9.10 -3.58
C TYR B 410 16.68 8.70 -4.90
N CYS B 411 16.33 7.54 -5.45
CA CYS B 411 16.89 7.12 -6.73
C CYS B 411 16.45 8.02 -7.87
N GLY B 412 15.38 8.80 -7.69
CA GLY B 412 14.93 9.72 -8.72
C GLY B 412 15.70 11.01 -8.81
N ALA B 413 16.64 11.24 -7.90
CA ALA B 413 17.46 12.46 -7.97
C ALA B 413 18.45 12.39 -9.13
N PHE B 414 18.89 11.19 -9.49
CA PHE B 414 19.81 11.01 -10.59
C PHE B 414 19.08 11.15 -11.93
N PRO B 415 19.79 11.50 -13.00
CA PRO B 415 19.12 11.73 -14.29
C PRO B 415 18.43 10.47 -14.80
N GLY B 416 17.31 10.67 -15.50
CA GLY B 416 16.59 9.55 -16.06
C GLY B 416 17.44 8.80 -17.07
N GLY B 417 17.49 7.48 -16.91
CA GLY B 417 18.30 6.63 -17.77
C GLY B 417 19.76 6.56 -17.43
N SER B 418 20.21 7.26 -16.39
CA SER B 418 21.61 7.25 -16.03
C SER B 418 21.93 6.10 -15.08
N GLN B 419 23.15 5.57 -15.20
CA GLN B 419 23.61 4.46 -14.38
C GLN B 419 23.96 4.97 -12.99
N ILE B 420 23.41 4.31 -11.98
CA ILE B 420 23.66 4.65 -10.58
C ILE B 420 24.58 3.59 -9.98
N PRO B 421 25.81 3.95 -9.60
CA PRO B 421 26.65 2.99 -8.88
C PRO B 421 26.02 2.61 -7.55
N ALA B 422 25.94 1.30 -7.30
CA ALA B 422 25.30 0.82 -6.08
C ALA B 422 26.05 1.27 -4.84
N LYS B 423 27.39 1.29 -4.89
CA LYS B 423 28.17 1.77 -3.76
C LYS B 423 27.92 3.26 -3.50
N LYS B 424 27.73 4.03 -4.57
CA LYS B 424 27.45 5.46 -4.41
C LYS B 424 26.07 5.69 -3.82
N LEU B 425 25.07 4.93 -4.30
CA LEU B 425 23.71 5.07 -3.79
C LEU B 425 23.62 4.67 -2.33
N ILE B 426 24.29 3.57 -1.95
CA ILE B 426 24.24 3.10 -0.57
C ILE B 426 24.84 4.13 0.38
N ARG B 427 26.00 4.68 0.00
CA ARG B 427 26.65 5.67 0.85
C ARG B 427 25.84 6.93 1.00
N LEU B 428 25.00 7.25 0.01
CA LEU B 428 24.13 8.42 0.12
C LEU B 428 22.95 8.14 1.04
N TRP B 429 22.43 6.91 1.01
CA TRP B 429 21.32 6.55 1.92
C TRP B 429 21.74 6.67 3.36
N ILE B 430 22.93 6.15 3.70
CA ILE B 430 23.40 6.20 5.08
C ILE B 430 23.68 7.65 5.49
N ALA B 431 24.27 8.43 4.60
CA ALA B 431 24.60 9.81 4.93
C ALA B 431 23.36 10.69 5.04
N GLU B 432 22.27 10.31 4.37
CA GLU B 432 21.03 11.06 4.48
C GLU B 432 20.24 10.69 5.73
N GLY B 433 20.58 9.60 6.39
CA GLY B 433 19.86 9.15 7.55
C GLY B 433 18.72 8.19 7.28
N PHE B 434 18.60 7.71 6.04
CA PHE B 434 17.52 6.77 5.72
C PHE B 434 17.76 5.41 6.36
N ILE B 435 19.02 5.01 6.53
CA ILE B 435 19.35 3.71 7.10
C ILE B 435 19.48 3.89 8.60
N GLN B 436 18.43 3.51 9.33
CA GLN B 436 18.43 3.51 10.79
C GLN B 436 18.49 2.07 11.27
N TYR B 437 19.54 1.73 12.00
CA TYR B 437 19.81 0.34 12.32
C TYR B 437 20.81 0.28 13.46
N GLN B 438 20.57 -0.63 14.41
CA GLN B 438 21.48 -0.79 15.54
C GLN B 438 21.77 -2.26 15.87
N GLY B 439 21.68 -3.16 14.90
CA GLY B 439 21.96 -4.56 15.13
C GLY B 439 23.43 -4.88 14.94
N PRO B 440 23.73 -6.17 14.72
CA PRO B 440 25.13 -6.57 14.57
C PRO B 440 25.75 -6.27 13.22
N LEU B 441 24.95 -6.24 12.15
CA LEU B 441 25.48 -6.02 10.82
C LEU B 441 25.97 -4.60 10.62
N ALA B 442 26.77 -4.40 9.58
CA ALA B 442 27.22 -3.07 9.22
C ALA B 442 26.17 -2.37 8.35
N LEU B 443 26.19 -1.04 8.38
CA LEU B 443 25.21 -0.26 7.63
C LEU B 443 25.31 -0.48 6.14
N GLU B 444 26.51 -0.79 5.63
CA GLU B 444 26.65 -1.13 4.22
C GLU B 444 25.89 -2.40 3.88
N ASP B 445 25.95 -3.41 4.75
CA ASP B 445 25.22 -4.65 4.52
C ASP B 445 23.73 -4.51 4.79
N VAL B 446 23.31 -3.47 5.52
CA VAL B 446 21.90 -3.25 5.77
C VAL B 446 21.29 -2.41 4.66
N ALA B 447 22.05 -1.44 4.15
CA ALA B 447 21.58 -0.68 3.00
C ALA B 447 21.64 -1.51 1.72
N GLU B 448 22.55 -2.49 1.67
CA GLU B 448 22.67 -3.32 0.47
C GLU B 448 21.45 -4.20 0.29
N ASP B 449 20.90 -4.75 1.38
CA ASP B 449 19.70 -5.57 1.24
C ASP B 449 18.43 -4.73 1.23
N HIS B 450 18.52 -3.44 1.54
CA HIS B 450 17.46 -2.51 1.18
C HIS B 450 17.40 -2.36 -0.34
N LEU B 451 18.56 -2.16 -0.97
CA LEU B 451 18.62 -2.09 -2.43
C LEU B 451 18.21 -3.41 -3.05
N ASN B 452 18.65 -4.53 -2.47
CA ASN B 452 18.28 -5.85 -3.00
C ASN B 452 16.80 -6.12 -2.80
N ASP B 453 16.19 -5.48 -1.79
CA ASP B 453 14.74 -5.58 -1.64
C ASP B 453 14.02 -4.80 -2.73
N LEU B 454 14.56 -3.63 -3.10
CA LEU B 454 13.99 -2.87 -4.21
C LEU B 454 14.13 -3.64 -5.52
N VAL B 455 15.28 -4.29 -5.74
CA VAL B 455 15.48 -5.10 -6.94
C VAL B 455 14.54 -6.29 -6.93
N ASN B 456 14.35 -6.92 -5.76
CA ASN B 456 13.40 -8.02 -5.65
C ASN B 456 11.98 -7.56 -5.94
N ARG B 457 11.60 -6.38 -5.45
CA ARG B 457 10.30 -5.79 -5.77
C ARG B 457 10.22 -5.34 -7.22
N ASN B 458 11.34 -5.35 -7.95
CA ASN B 458 11.42 -4.88 -9.33
C ASN B 458 11.06 -3.41 -9.44
N LEU B 459 11.35 -2.63 -8.40
CA LEU B 459 11.30 -1.18 -8.48
C LEU B 459 12.62 -0.60 -8.94
N VAL B 460 13.69 -1.38 -8.88
CA VAL B 460 15.02 -0.97 -9.34
C VAL B 460 15.59 -2.12 -10.15
N MET B 461 16.13 -1.79 -11.32
CA MET B 461 16.73 -2.77 -12.22
C MET B 461 18.24 -2.78 -12.08
N VAL B 462 18.84 -3.95 -12.31
CA VAL B 462 20.27 -4.16 -12.18
C VAL B 462 20.87 -4.33 -13.56
N THR B 463 21.89 -3.51 -13.87
CA THR B 463 22.57 -3.54 -15.16
C THR B 463 23.92 -4.24 -15.12
N GLN B 464 24.65 -4.12 -14.01
CA GLN B 464 25.95 -4.78 -13.86
C GLN B 464 26.05 -5.40 -12.48
N ARG B 465 26.58 -6.62 -12.42
CA ARG B 465 26.84 -7.32 -11.18
C ARG B 465 28.33 -7.60 -11.04
N SER B 466 28.83 -7.44 -9.82
CA SER B 466 30.24 -7.71 -9.56
C SER B 466 30.55 -9.19 -9.74
N CYS B 467 31.85 -9.51 -9.74
CA CYS B 467 32.27 -10.88 -9.93
C CYS B 467 31.77 -11.79 -8.80
N SER B 468 31.58 -11.23 -7.61
CA SER B 468 31.09 -12.00 -6.47
C SER B 468 29.57 -12.09 -6.41
N GLY B 469 28.86 -11.47 -7.35
CA GLY B 469 27.42 -11.47 -7.35
C GLY B 469 26.77 -10.24 -6.74
N GLN B 470 27.54 -9.40 -6.06
CA GLN B 470 27.00 -8.19 -5.47
C GLN B 470 26.55 -7.21 -6.56
N ILE B 471 25.53 -6.41 -6.25
CA ILE B 471 25.03 -5.43 -7.20
C ILE B 471 26.07 -4.35 -7.39
N LYS B 472 26.40 -4.06 -8.65
CA LYS B 472 27.41 -3.06 -8.99
C LYS B 472 26.80 -1.78 -9.51
N THR B 473 25.95 -1.87 -10.54
CA THR B 473 25.34 -0.70 -11.15
C THR B 473 23.84 -0.97 -11.31
N CYS B 474 23.03 0.03 -10.94
CA CYS B 474 21.58 -0.12 -10.96
C CYS B 474 20.95 1.09 -11.65
N ARG B 475 19.82 0.85 -12.29
CA ARG B 475 19.10 1.87 -13.04
C ARG B 475 17.60 1.71 -12.87
N VAL B 476 16.92 2.85 -12.67
CA VAL B 476 15.48 2.87 -12.47
C VAL B 476 14.80 3.09 -13.81
N HIS B 477 13.70 2.38 -14.05
CA HIS B 477 12.99 2.50 -15.32
C HIS B 477 12.44 3.91 -15.49
N ASP B 478 12.19 4.28 -16.74
CA ASP B 478 11.83 5.67 -17.05
C ASP B 478 10.52 6.08 -16.42
N MET B 479 9.50 5.21 -16.45
CA MET B 479 8.20 5.60 -15.90
C MET B 479 8.26 5.59 -14.37
N LEU B 480 8.91 4.58 -13.79
CA LEU B 480 9.14 4.56 -12.35
C LEU B 480 9.95 5.76 -11.91
N HIS B 481 10.90 6.20 -12.74
CA HIS B 481 11.69 7.39 -12.42
C HIS B 481 10.81 8.63 -12.45
N GLU B 482 9.87 8.71 -13.38
CA GLU B 482 8.93 9.82 -13.40
C GLU B 482 8.03 9.79 -12.17
N PHE B 483 7.64 8.60 -11.71
CA PHE B 483 6.89 8.48 -10.48
C PHE B 483 7.73 8.95 -9.30
N CYS B 484 9.01 8.60 -9.28
CA CYS B 484 9.90 9.07 -8.21
C CYS B 484 10.04 10.58 -8.23
N ARG B 485 10.14 11.16 -9.43
CA ARG B 485 10.23 12.62 -9.53
C ARG B 485 8.94 13.28 -9.09
N HIS B 486 7.79 12.80 -9.58
CA HIS B 486 6.52 13.43 -9.25
C HIS B 486 6.20 13.29 -7.77
N GLU B 487 6.43 12.10 -7.20
CA GLU B 487 6.13 11.88 -5.79
C GLU B 487 7.05 12.71 -4.91
N ALA B 488 8.35 12.67 -5.17
CA ALA B 488 9.30 13.32 -4.27
C ALA B 488 9.25 14.83 -4.38
N MET B 489 9.21 15.37 -5.59
CA MET B 489 9.20 16.83 -5.73
C MET B 489 7.87 17.44 -5.31
N MET B 490 6.75 16.80 -5.66
CA MET B 490 5.44 17.40 -5.45
C MET B 490 4.73 16.90 -4.20
N GLU B 491 4.65 15.58 -4.01
CA GLU B 491 3.83 15.05 -2.92
C GLU B 491 4.57 15.02 -1.59
N GLU B 492 5.90 14.90 -1.61
CA GLU B 492 6.66 14.69 -0.38
C GLU B 492 7.74 15.73 -0.12
N ASN B 493 8.09 16.57 -1.09
CA ASN B 493 9.15 17.56 -0.97
C ASN B 493 10.46 16.93 -0.52
N LEU B 494 10.78 15.74 -1.04
CA LEU B 494 12.04 15.09 -0.69
C LEU B 494 13.22 15.78 -1.34
N PHE B 495 13.12 16.10 -2.63
CA PHE B 495 14.19 16.79 -3.34
C PHE B 495 13.59 17.61 -4.47
N GLN B 496 14.38 18.55 -4.97
CA GLN B 496 13.95 19.46 -6.03
C GLN B 496 15.03 19.57 -7.10
N GLU B 497 14.61 19.58 -8.36
CA GLU B 497 15.53 19.77 -9.47
C GLU B 497 15.83 21.25 -9.66
N ILE B 498 17.08 21.57 -9.93
CA ILE B 498 17.51 22.94 -10.21
C ILE B 498 17.90 23.01 -11.68
N LYS B 499 17.18 23.82 -12.46
CA LYS B 499 17.44 23.91 -13.88
C LYS B 499 16.84 25.20 -14.42
N GLN B 500 17.34 25.60 -15.59
CA GLN B 500 16.66 26.56 -16.45
C GLN B 500 16.64 26.00 -17.86
N GLY B 501 15.51 25.39 -18.23
CA GLY B 501 15.39 24.76 -19.52
C GLY B 501 14.99 25.73 -20.60
N GLN B 502 13.95 25.39 -21.37
CA GLN B 502 13.47 26.31 -22.39
C GLN B 502 12.83 27.54 -21.76
N GLU B 503 11.79 27.35 -20.97
CA GLU B 503 11.04 28.48 -20.40
C GLU B 503 11.19 28.61 -18.89
N ARG B 504 11.27 27.49 -18.16
CA ARG B 504 11.43 27.57 -16.72
C ARG B 504 12.84 28.03 -16.37
N SER B 505 12.98 28.69 -15.22
CA SER B 505 14.25 29.23 -14.77
C SER B 505 14.62 28.68 -13.40
N PHE B 506 15.73 29.17 -12.87
CA PHE B 506 16.18 28.78 -11.55
C PHE B 506 15.19 29.29 -10.50
N PRO B 507 15.00 28.55 -9.40
CA PRO B 507 14.00 28.95 -8.41
C PRO B 507 14.36 30.27 -7.72
N GLY B 508 13.33 30.98 -7.30
CA GLY B 508 13.51 32.25 -6.62
C GLY B 508 13.82 32.09 -5.15
N LYS B 509 13.92 33.24 -4.47
CA LYS B 509 14.22 33.23 -3.05
C LYS B 509 13.09 32.61 -2.24
N GLN B 510 11.85 32.81 -2.69
CA GLN B 510 10.71 32.25 -1.96
C GLN B 510 10.67 30.73 -2.05
N GLU B 511 11.13 30.17 -3.17
CA GLU B 511 11.11 28.71 -3.32
C GLU B 511 12.28 28.06 -2.61
N LEU B 512 13.47 28.66 -2.70
CA LEU B 512 14.65 28.08 -2.07
C LEU B 512 14.51 28.05 -0.55
N ALA B 513 13.70 28.93 0.02
CA ALA B 513 13.47 28.92 1.46
C ALA B 513 12.73 27.68 1.93
N THR B 514 12.03 26.99 1.02
CA THR B 514 11.31 25.78 1.35
C THR B 514 11.97 24.52 0.80
N TYR B 515 13.08 24.65 0.07
CA TYR B 515 13.74 23.49 -0.51
C TYR B 515 14.59 22.79 0.54
N ARG B 516 14.57 21.45 0.51
CA ARG B 516 15.36 20.65 1.44
C ARG B 516 16.52 19.92 0.77
N ARG B 517 16.38 19.56 -0.50
CA ARG B 517 17.45 18.91 -1.24
C ARG B 517 17.48 19.45 -2.66
N LEU B 518 18.69 19.69 -3.17
CA LEU B 518 18.87 20.25 -4.50
C LEU B 518 19.65 19.25 -5.35
N CYS B 519 19.06 18.83 -6.45
CA CYS B 519 19.73 17.99 -7.44
C CYS B 519 19.82 18.76 -8.75
N ILE B 520 21.03 18.82 -9.31
CA ILE B 520 21.32 19.65 -10.48
C ILE B 520 22.22 18.87 -11.42
N GLN B 521 21.94 18.98 -12.73
CA GLN B 521 22.73 18.31 -13.75
C GLN B 521 23.70 19.22 -14.46
N SER B 522 23.27 20.43 -14.83
CA SER B 522 24.09 21.31 -15.65
C SER B 522 23.87 22.75 -15.19
N LEU B 523 24.67 23.66 -15.74
CA LEU B 523 24.60 25.08 -15.44
C LEU B 523 24.80 25.37 -13.96
N ILE B 524 25.65 24.57 -13.30
CA ILE B 524 25.94 24.81 -11.89
C ILE B 524 26.63 26.15 -11.65
N PRO B 525 27.71 26.51 -12.37
CA PRO B 525 28.37 27.80 -12.06
C PRO B 525 27.49 29.01 -12.22
N GLU B 526 26.62 29.03 -13.24
CA GLU B 526 25.70 30.15 -13.42
C GLU B 526 24.58 30.10 -12.40
N PHE B 527 24.19 28.91 -11.95
CA PHE B 527 23.23 28.81 -10.85
C PHE B 527 23.79 29.44 -9.58
N LEU B 528 25.05 29.15 -9.27
CA LEU B 528 25.67 29.70 -8.08
C LEU B 528 26.09 31.15 -8.26
N SER B 529 26.14 31.64 -9.49
CA SER B 529 26.45 33.04 -9.73
C SER B 529 25.31 33.97 -9.34
N MET B 530 24.09 33.45 -9.19
CA MET B 530 22.99 34.24 -8.68
C MET B 530 23.11 34.52 -7.18
N LYS B 531 24.10 33.92 -6.52
CA LYS B 531 24.23 33.97 -5.07
C LYS B 531 22.97 33.45 -4.37
N PRO B 532 22.63 32.17 -4.56
CA PRO B 532 21.43 31.63 -3.93
C PRO B 532 21.60 31.50 -2.43
N SER B 533 20.47 31.34 -1.74
CA SER B 533 20.48 31.20 -0.29
C SER B 533 19.38 30.24 0.12
N GLY B 534 19.77 29.00 0.41
CA GLY B 534 18.84 28.02 0.94
C GLY B 534 19.15 27.68 2.38
N GLU B 535 18.31 28.14 3.31
CA GLU B 535 18.56 27.91 4.72
C GLU B 535 18.25 26.47 5.12
N HIS B 536 17.26 25.86 4.45
CA HIS B 536 16.81 24.52 4.81
C HIS B 536 17.41 23.44 3.91
N VAL B 537 18.43 23.76 3.12
CA VAL B 537 19.01 22.79 2.20
C VAL B 537 19.91 21.84 2.98
N ARG B 538 19.64 20.53 2.83
CA ARG B 538 20.38 19.49 3.53
C ARG B 538 21.27 18.67 2.61
N SER B 539 21.13 18.81 1.30
CA SER B 539 21.97 18.05 0.37
C SER B 539 22.07 18.82 -0.94
N PHE B 540 23.18 18.60 -1.65
CA PHE B 540 23.46 19.23 -2.93
C PHE B 540 24.07 18.18 -3.84
N LEU B 541 23.26 17.63 -4.74
CA LEU B 541 23.65 16.51 -5.59
C LEU B 541 23.95 17.03 -6.99
N CYS B 542 25.22 17.01 -7.37
CA CYS B 542 25.64 17.33 -8.74
C CYS B 542 25.67 16.03 -9.56
N VAL B 543 24.50 15.70 -10.09
CA VAL B 543 24.29 14.43 -10.77
C VAL B 543 24.68 14.51 -12.23
N GLY B 544 25.31 15.62 -12.62
CA GLY B 544 25.75 15.77 -14.00
C GLY B 544 26.81 14.75 -14.37
N SER B 545 26.86 14.44 -15.67
CA SER B 545 27.77 13.40 -16.16
C SER B 545 29.12 13.95 -16.59
N LYS B 546 29.18 15.18 -17.08
CA LYS B 546 30.42 15.78 -17.57
C LYS B 546 31.06 16.60 -16.45
N LYS B 547 32.35 16.38 -16.22
CA LYS B 547 33.05 17.12 -15.18
C LYS B 547 33.25 18.57 -15.59
N ILE B 548 32.87 19.48 -14.69
CA ILE B 548 33.02 20.90 -14.92
C ILE B 548 34.16 21.42 -14.04
N ASP B 549 34.52 22.67 -14.25
CA ASP B 549 35.53 23.35 -13.45
C ASP B 549 34.89 24.55 -12.76
N MET B 550 35.01 24.61 -11.44
CA MET B 550 34.50 25.75 -10.69
C MET B 550 35.40 26.96 -10.91
N PRO B 551 34.88 28.09 -11.35
CA PRO B 551 35.67 29.31 -11.39
C PRO B 551 36.13 29.69 -9.99
N PRO B 552 37.31 30.30 -9.86
CA PRO B 552 37.84 30.62 -8.52
C PRO B 552 36.95 31.56 -7.73
N ASN B 553 36.11 32.36 -8.39
CA ASN B 553 35.20 33.25 -7.68
C ASN B 553 33.95 32.52 -7.19
N GLU B 554 33.57 31.41 -7.83
CA GLU B 554 32.39 30.66 -7.43
C GLU B 554 32.71 29.39 -6.67
N ILE B 555 33.98 29.19 -6.28
CA ILE B 555 34.32 28.01 -5.48
C ILE B 555 33.63 28.01 -4.12
N PRO B 556 33.65 29.10 -3.34
CA PRO B 556 33.00 29.07 -2.02
C PRO B 556 31.50 29.30 -2.03
N SER B 557 30.84 29.21 -3.19
CA SER B 557 29.41 29.53 -3.26
C SER B 557 28.57 28.48 -2.55
N ILE B 558 28.89 27.20 -2.74
CA ILE B 558 28.07 26.14 -2.13
C ILE B 558 28.06 26.20 -0.61
N PRO B 559 29.19 26.33 0.09
CA PRO B 559 29.14 26.35 1.57
C PRO B 559 28.36 27.52 2.14
N LYS B 560 28.28 28.66 1.44
CA LYS B 560 27.53 29.79 1.96
C LYS B 560 26.06 29.73 1.57
N ALA B 561 25.75 29.24 0.37
CA ALA B 561 24.36 29.13 -0.05
C ALA B 561 23.59 28.15 0.83
N PHE B 562 24.20 27.01 1.16
CA PHE B 562 23.54 25.94 1.91
C PHE B 562 24.35 25.68 3.17
N PRO B 563 24.03 26.37 4.27
CA PRO B 563 24.83 26.21 5.49
C PRO B 563 24.58 24.91 6.24
N LEU B 564 23.42 24.28 6.07
CA LEU B 564 23.10 23.04 6.75
C LEU B 564 23.41 21.81 5.90
N LEU B 565 24.41 21.88 5.03
CA LEU B 565 24.65 20.83 4.05
C LEU B 565 25.15 19.57 4.75
N ARG B 566 24.40 18.48 4.57
CA ARG B 566 24.85 17.17 5.05
C ARG B 566 25.49 16.36 3.93
N VAL B 567 24.99 16.48 2.71
CA VAL B 567 25.48 15.72 1.57
C VAL B 567 25.92 16.69 0.49
N LEU B 568 27.14 16.51 -0.01
CA LEU B 568 27.70 17.32 -1.10
C LEU B 568 28.29 16.34 -2.10
N ASP B 569 27.46 15.89 -3.04
CA ASP B 569 27.86 14.91 -4.05
C ASP B 569 28.30 15.69 -5.29
N ALA B 570 29.52 16.19 -5.25
CA ALA B 570 30.07 17.01 -6.34
C ALA B 570 31.28 16.36 -6.97
N GLU B 571 31.25 15.03 -7.13
CA GLU B 571 32.36 14.34 -7.78
C GLU B 571 32.45 14.67 -9.26
N SER B 572 31.39 15.20 -9.85
CA SER B 572 31.40 15.66 -11.24
C SER B 572 31.83 17.10 -11.37
N ILE B 573 32.46 17.66 -10.34
CA ILE B 573 32.92 19.05 -10.35
C ILE B 573 34.38 19.05 -9.90
N LYS B 574 35.22 19.75 -10.66
CA LYS B 574 36.64 19.84 -10.36
C LYS B 574 36.91 21.11 -9.57
N PHE B 575 37.15 20.97 -8.26
CA PHE B 575 37.54 22.09 -7.42
C PHE B 575 39.05 22.22 -7.40
N SER B 576 39.54 23.43 -7.68
CA SER B 576 40.97 23.69 -7.68
C SER B 576 41.47 24.28 -6.37
N ARG B 577 40.58 24.57 -5.42
CA ARG B 577 40.97 25.19 -4.17
C ARG B 577 39.91 24.90 -3.12
N PHE B 578 40.38 24.66 -1.89
CA PHE B 578 39.51 24.56 -0.73
C PHE B 578 39.37 25.92 -0.07
N SER B 579 38.13 26.32 0.18
CA SER B 579 37.83 27.60 0.80
C SER B 579 37.38 27.38 2.25
N ARG B 580 37.63 28.39 3.09
CA ARG B 580 37.37 28.23 4.51
C ARG B 580 35.90 27.99 4.84
N GLU B 581 34.99 28.48 4.00
CA GLU B 581 33.57 28.24 4.27
C GLU B 581 33.20 26.77 4.13
N PHE B 582 34.00 25.99 3.40
CA PHE B 582 33.77 24.55 3.35
C PHE B 582 33.90 23.90 4.72
N PHE B 583 34.69 24.51 5.60
CA PHE B 583 34.93 23.97 6.94
C PHE B 583 33.93 24.47 7.97
N LYS B 584 32.95 25.27 7.56
CA LYS B 584 31.85 25.66 8.43
C LYS B 584 30.60 24.82 8.21
N LEU B 585 30.69 23.75 7.41
CA LEU B 585 29.60 22.81 7.22
C LEU B 585 29.64 21.73 8.30
N PHE B 586 29.31 22.14 9.52
CA PHE B 586 29.42 21.25 10.68
C PHE B 586 28.47 20.06 10.60
N HIS B 587 27.40 20.16 9.81
CA HIS B 587 26.47 19.06 9.66
C HIS B 587 26.86 18.09 8.55
N LEU B 588 27.99 18.31 7.88
CA LEU B 588 28.34 17.52 6.71
C LEU B 588 28.62 16.07 7.09
N ARG B 589 28.11 15.15 6.29
CA ARG B 589 28.28 13.72 6.46
C ARG B 589 28.81 13.03 5.22
N TYR B 590 28.46 13.52 4.03
CA TYR B 590 28.97 12.99 2.77
C TYR B 590 29.55 14.14 1.97
N ILE B 591 30.76 13.95 1.45
CA ILE B 591 31.40 14.95 0.61
C ILE B 591 32.25 14.23 -0.44
N ALA B 592 31.85 14.36 -1.70
CA ALA B 592 32.60 13.81 -2.82
C ALA B 592 32.96 14.96 -3.75
N LEU B 593 34.21 15.02 -4.18
CA LEU B 593 34.67 16.12 -5.02
C LEU B 593 35.89 15.68 -5.81
N SER B 594 35.91 16.07 -7.08
CA SER B 594 37.09 15.90 -7.91
C SER B 594 37.98 17.13 -7.79
N THR B 595 39.28 16.92 -8.05
CA THR B 595 40.24 18.01 -7.98
C THR B 595 41.41 17.71 -8.90
N ASP B 596 42.00 18.76 -9.46
CA ASP B 596 43.13 18.64 -10.35
C ASP B 596 44.40 19.31 -9.82
N LYS B 597 44.28 20.19 -8.82
CA LYS B 597 45.41 20.96 -8.33
C LYS B 597 45.73 20.70 -6.86
N ILE B 598 44.73 20.67 -5.99
CA ILE B 598 45.00 20.56 -4.56
C ILE B 598 45.63 19.22 -4.24
N LYS B 599 46.55 19.22 -3.29
CA LYS B 599 47.27 18.02 -2.86
C LYS B 599 46.99 17.63 -1.42
N THR B 600 46.67 18.59 -0.56
CA THR B 600 46.50 18.34 0.87
C THR B 600 45.08 18.67 1.30
N ILE B 601 44.52 17.81 2.15
CA ILE B 601 43.28 18.12 2.85
C ILE B 601 43.66 18.83 4.15
N PRO B 602 43.29 20.09 4.33
CA PRO B 602 43.82 20.86 5.46
C PRO B 602 43.28 20.39 6.80
N ALA B 603 43.93 20.85 7.86
CA ALA B 603 43.55 20.44 9.21
C ALA B 603 42.19 20.98 9.61
N ASP B 604 41.80 22.14 9.08
CA ASP B 604 40.48 22.69 9.40
C ASP B 604 39.34 21.80 8.91
N PHE B 605 39.63 20.89 7.97
CA PHE B 605 38.62 19.94 7.51
C PHE B 605 38.19 19.00 8.62
N GLY B 606 39.07 18.76 9.62
CA GLY B 606 38.72 17.93 10.76
C GLY B 606 37.68 18.52 11.67
N ASN B 607 37.30 19.79 11.45
CA ASN B 607 36.22 20.42 12.21
C ASN B 607 34.87 19.80 11.90
N LEU B 608 34.76 18.97 10.88
CA LEU B 608 33.50 18.33 10.50
C LEU B 608 33.42 16.93 11.10
N TRP B 609 33.12 16.89 12.41
CA TRP B 609 33.14 15.64 13.16
C TRP B 609 32.06 14.66 12.72
N ASN B 610 31.06 15.12 11.97
CA ASN B 610 29.94 14.25 11.58
C ASN B 610 30.17 13.52 10.26
N ILE B 611 31.36 13.64 9.67
CA ILE B 611 31.57 13.11 8.32
C ILE B 611 31.67 11.60 8.34
N GLN B 612 31.03 10.97 7.36
CA GLN B 612 31.04 9.53 7.16
C GLN B 612 31.81 9.09 5.93
N THR B 613 31.51 9.66 4.76
CA THR B 613 32.11 9.24 3.50
C THR B 613 33.02 10.35 3.00
N LEU B 614 34.21 9.97 2.53
CA LEU B 614 35.20 10.91 2.02
C LEU B 614 35.70 10.44 0.66
N ILE B 615 35.28 11.11 -0.40
CA ILE B 615 35.71 10.81 -1.76
C ILE B 615 36.39 12.04 -2.34
N VAL B 616 37.67 11.91 -2.67
CA VAL B 616 38.44 13.00 -3.28
C VAL B 616 39.17 12.40 -4.49
N GLU B 617 38.58 12.55 -5.67
CA GLU B 617 39.22 12.10 -6.90
C GLU B 617 40.29 13.08 -7.35
N THR B 618 41.53 12.86 -6.95
CA THR B 618 42.62 13.80 -7.19
C THR B 618 43.42 13.35 -8.40
N GLN B 619 43.66 14.28 -9.33
CA GLN B 619 44.50 13.98 -10.49
C GLN B 619 45.97 13.86 -10.11
N GLN B 620 46.36 14.40 -8.95
CA GLN B 620 47.75 14.35 -8.52
C GLN B 620 48.11 12.95 -8.04
N ALA B 621 49.34 12.79 -7.56
CA ALA B 621 49.85 11.49 -7.13
C ALA B 621 49.95 11.35 -5.62
N THR B 622 50.04 12.46 -4.88
CA THR B 622 50.15 12.42 -3.43
C THR B 622 49.02 13.25 -2.82
N LEU B 623 48.32 12.67 -1.86
CA LEU B 623 47.20 13.33 -1.19
C LEU B 623 47.45 13.28 0.32
N ASP B 624 48.18 14.26 0.83
CA ASP B 624 48.50 14.33 2.25
C ASP B 624 47.26 14.74 3.02
N ILE B 625 46.60 13.78 3.65
CA ILE B 625 45.40 14.04 4.45
C ILE B 625 45.86 14.57 5.81
N LYS B 626 45.92 15.89 5.96
CA LYS B 626 46.31 16.50 7.23
C LYS B 626 45.14 16.68 8.17
N ALA B 627 43.91 16.44 7.72
CA ALA B 627 42.75 16.53 8.59
C ALA B 627 42.81 15.44 9.66
N ASP B 628 42.31 15.78 10.85
CA ASP B 628 42.29 14.83 11.97
C ASP B 628 41.11 13.85 11.81
N ILE B 629 41.25 12.96 10.82
CA ILE B 629 40.22 11.99 10.53
C ILE B 629 40.09 10.92 11.60
N TRP B 630 41.04 10.87 12.55
CA TRP B 630 40.96 9.91 13.64
C TRP B 630 40.02 10.36 14.76
N ASN B 631 39.54 11.60 14.71
CA ASN B 631 38.55 12.09 15.65
C ASN B 631 37.15 12.09 15.08
N MET B 632 36.98 11.66 13.83
CA MET B 632 35.65 11.47 13.24
C MET B 632 35.19 10.06 13.59
N THR B 633 34.48 9.96 14.71
CA THR B 633 34.05 8.67 15.22
C THR B 633 33.08 7.98 14.25
N ARG B 634 32.34 8.75 13.47
CA ARG B 634 31.37 8.21 12.53
C ARG B 634 31.95 8.01 11.13
N LEU B 635 33.24 8.27 10.94
CA LEU B 635 33.85 8.09 9.63
C LEU B 635 33.81 6.62 9.21
N ARG B 636 33.46 6.39 7.95
CA ARG B 636 33.27 5.05 7.41
C ARG B 636 34.09 4.76 6.17
N HIS B 637 34.26 5.75 5.28
CA HIS B 637 34.96 5.52 4.02
C HIS B 637 35.94 6.65 3.74
N VAL B 638 37.12 6.28 3.26
CA VAL B 638 38.10 7.23 2.73
C VAL B 638 38.55 6.70 1.37
N CYS B 639 37.90 7.16 0.32
CA CYS B 639 38.15 6.71 -1.05
C CYS B 639 38.84 7.82 -1.82
N THR B 640 39.88 7.45 -2.55
CA THR B 640 40.67 8.38 -3.35
C THR B 640 41.47 7.55 -4.36
N ASN B 641 42.19 8.25 -5.23
CA ASN B 641 43.03 7.59 -6.23
C ASN B 641 44.52 7.87 -6.04
N ALA B 642 44.89 8.93 -5.33
CA ALA B 642 46.29 9.23 -5.08
C ALA B 642 46.84 8.36 -3.95
N SER B 643 48.07 8.65 -3.56
CA SER B 643 48.72 7.96 -2.44
C SER B 643 48.45 8.76 -1.17
N ALA B 644 47.30 8.49 -0.55
CA ALA B 644 46.89 9.27 0.62
C ALA B 644 47.80 9.00 1.81
N THR B 645 48.29 10.07 2.42
CA THR B 645 49.14 9.98 3.60
C THR B 645 48.33 10.34 4.83
N LEU B 646 48.06 9.35 5.67
CA LEU B 646 47.20 9.54 6.83
C LEU B 646 47.93 10.30 7.93
N PRO B 647 47.20 11.04 8.76
CA PRO B 647 47.84 11.78 9.86
C PRO B 647 48.30 10.84 10.97
N SER B 648 49.06 11.39 11.90
CA SER B 648 49.59 10.61 13.00
C SER B 648 48.46 10.17 13.93
N THR B 649 48.42 8.86 14.21
CA THR B 649 47.36 8.34 15.08
C THR B 649 47.62 8.65 16.54
N LYS B 650 48.89 8.65 16.96
CA LYS B 650 49.22 8.88 18.35
C LYS B 650 49.04 10.35 18.72
N ARG B 651 48.82 10.59 20.02
CA ARG B 651 48.73 11.94 20.54
C ARG B 651 50.05 12.37 21.14
N ASP B 657 39.86 12.61 21.58
CA ASP B 657 39.23 11.72 22.55
C ASP B 657 39.89 10.34 22.51
N ASN B 658 39.85 9.64 23.64
CA ASN B 658 40.46 8.31 23.75
C ASN B 658 39.48 7.25 23.23
N LEU B 659 39.37 7.20 21.90
CA LEU B 659 38.44 6.29 21.24
C LEU B 659 39.12 5.50 20.12
N VAL B 660 38.32 4.78 19.33
CA VAL B 660 38.81 4.03 18.19
C VAL B 660 37.81 4.16 17.07
N ASN B 661 38.31 4.21 15.83
CA ASN B 661 37.47 4.36 14.65
C ASN B 661 36.80 3.01 14.33
N ARG B 662 35.76 2.71 15.11
CA ARG B 662 35.06 1.45 14.98
C ARG B 662 34.16 1.40 13.75
N CYS B 663 33.83 2.56 13.17
CA CYS B 663 32.96 2.61 12.01
C CYS B 663 33.72 2.67 10.69
N LEU B 664 35.02 2.93 10.72
CA LEU B 664 35.81 3.04 9.50
C LEU B 664 35.92 1.66 8.85
N GLN B 665 35.55 1.57 7.58
CA GLN B 665 35.48 0.30 6.86
C GLN B 665 36.36 0.26 5.61
N THR B 666 36.62 1.40 4.98
CA THR B 666 37.38 1.45 3.73
C THR B 666 38.48 2.49 3.85
N LEU B 667 39.71 2.08 3.54
CA LEU B 667 40.86 2.97 3.45
C LEU B 667 41.57 2.66 2.13
N SER B 668 41.16 3.33 1.06
CA SER B 668 41.59 3.01 -0.29
C SER B 668 42.79 3.86 -0.70
N THR B 669 43.76 3.21 -1.35
CA THR B 669 44.95 3.84 -1.91
C THR B 669 45.64 4.78 -0.93
N ILE B 670 46.14 4.24 0.18
CA ILE B 670 46.97 5.00 1.09
C ILE B 670 48.43 4.67 0.81
N ALA B 671 49.35 5.49 1.31
CA ALA B 671 50.76 5.25 1.10
C ALA B 671 51.22 4.04 1.91
N PRO B 672 52.20 3.28 1.39
CA PRO B 672 52.70 2.14 2.17
C PRO B 672 53.36 2.54 3.46
N GLU B 673 53.88 3.77 3.55
CA GLU B 673 54.48 4.24 4.80
C GLU B 673 53.46 4.38 5.92
N CYS B 674 52.18 4.52 5.58
CA CYS B 674 51.12 4.71 6.56
C CYS B 674 50.45 3.40 6.98
N CYS B 675 50.93 2.26 6.49
CA CYS B 675 50.39 0.97 6.91
C CYS B 675 51.06 0.53 8.21
N THR B 676 51.03 1.40 9.22
CA THR B 676 51.70 1.15 10.48
C THR B 676 50.81 0.32 11.41
N ALA B 677 51.42 -0.14 12.51
CA ALA B 677 50.69 -0.93 13.49
C ALA B 677 49.63 -0.10 14.19
N GLU B 678 49.95 1.15 14.53
CA GLU B 678 48.99 1.99 15.23
C GLU B 678 47.79 2.33 14.37
N VAL B 679 48.00 2.55 13.07
CA VAL B 679 46.89 2.86 12.17
C VAL B 679 45.93 1.68 12.10
N PHE B 680 46.47 0.46 11.95
CA PHE B 680 45.63 -0.72 11.85
C PHE B 680 44.98 -1.09 13.18
N THR B 681 45.52 -0.60 14.30
CA THR B 681 44.86 -0.76 15.59
C THR B 681 43.66 0.17 15.70
N ARG B 682 43.77 1.38 15.15
CA ARG B 682 42.67 2.35 15.16
C ARG B 682 41.49 1.91 14.31
N THR B 683 41.67 0.93 13.43
CA THR B 683 40.63 0.48 12.51
C THR B 683 40.43 -1.03 12.62
N PRO B 684 39.84 -1.49 13.73
CA PRO B 684 39.63 -2.94 13.88
C PRO B 684 38.65 -3.54 12.88
N ASN B 685 37.74 -2.75 12.33
CA ASN B 685 36.67 -3.25 11.48
C ASN B 685 36.88 -2.92 10.01
N LEU B 686 38.13 -2.69 9.61
CA LEU B 686 38.42 -2.39 8.21
C LEU B 686 38.13 -3.61 7.34
N LYS B 687 37.45 -3.38 6.22
CA LYS B 687 37.09 -4.45 5.30
C LYS B 687 37.71 -4.30 3.92
N LYS B 688 38.11 -3.08 3.54
CA LYS B 688 38.78 -2.85 2.27
C LYS B 688 39.98 -1.96 2.50
N LEU B 689 41.15 -2.39 2.03
CA LEU B 689 42.37 -1.62 2.11
C LEU B 689 43.02 -1.52 0.74
N GLY B 690 43.59 -0.36 0.45
CA GLY B 690 44.28 -0.15 -0.81
C GLY B 690 45.60 0.56 -0.61
N VAL B 691 46.63 0.10 -1.31
CA VAL B 691 47.97 0.67 -1.23
C VAL B 691 48.42 1.02 -2.64
N ARG B 692 48.93 2.24 -2.81
CA ARG B 692 49.40 2.72 -4.11
C ARG B 692 50.80 3.30 -3.95
N GLY B 693 51.70 2.92 -4.86
CA GLY B 693 53.03 3.47 -4.88
C GLY B 693 54.00 2.79 -3.93
N LYS B 694 55.18 2.43 -4.44
CA LYS B 694 56.28 1.91 -3.63
C LYS B 694 55.85 0.68 -2.84
N ILE B 695 55.48 -0.38 -3.56
CA ILE B 695 55.27 -1.67 -2.93
C ILE B 695 56.58 -2.26 -2.44
N ASP B 696 57.71 -1.69 -2.89
CA ASP B 696 59.04 -2.12 -2.44
C ASP B 696 59.20 -1.91 -0.95
N ALA B 697 58.69 -0.80 -0.43
CA ALA B 697 58.77 -0.52 1.00
C ALA B 697 57.73 -1.28 1.82
N LEU B 698 56.71 -1.86 1.17
CA LEU B 698 55.70 -2.61 1.90
C LEU B 698 56.21 -3.98 2.33
N LEU B 699 57.10 -4.58 1.56
CA LEU B 699 57.54 -5.95 1.80
C LEU B 699 58.96 -6.05 2.32
N GLU B 700 59.66 -4.93 2.48
CA GLU B 700 61.04 -4.96 2.95
C GLU B 700 61.11 -5.36 4.41
N SER B 701 62.15 -6.12 4.75
CA SER B 701 62.27 -6.67 6.10
C SER B 701 62.59 -5.57 7.11
N SER B 702 62.30 -5.87 8.38
CA SER B 702 62.55 -4.92 9.45
C SER B 702 63.99 -5.03 9.94
N LYS B 703 64.33 -4.18 10.91
CA LYS B 703 65.69 -4.12 11.43
C LYS B 703 65.93 -5.02 12.63
N ASP B 704 64.90 -5.69 13.13
CA ASP B 704 65.02 -6.54 14.31
C ASP B 704 65.45 -7.97 13.98
N GLY B 705 65.68 -8.27 12.71
CA GLY B 705 66.05 -9.59 12.27
C GLY B 705 64.91 -10.40 11.67
N SER B 706 63.68 -10.11 12.06
CA SER B 706 62.53 -10.78 11.48
C SER B 706 62.25 -10.22 10.08
N GLY B 707 62.03 -11.12 9.12
CA GLY B 707 61.80 -10.70 7.75
C GLY B 707 60.43 -10.13 7.46
N SER B 708 59.50 -10.21 8.41
CA SER B 708 58.16 -9.67 8.22
C SER B 708 58.21 -8.15 8.19
N GLY B 709 57.73 -7.56 7.10
CA GLY B 709 57.73 -6.12 6.95
C GLY B 709 56.40 -5.51 7.35
N LEU B 710 56.06 -4.41 6.68
CA LEU B 710 54.80 -3.73 6.95
C LEU B 710 53.60 -4.57 6.54
N PHE B 711 53.81 -5.56 5.66
CA PHE B 711 52.72 -6.45 5.28
C PHE B 711 52.22 -7.27 6.46
N SER B 712 53.09 -7.48 7.46
CA SER B 712 52.67 -8.21 8.66
C SER B 712 51.58 -7.50 9.42
N ASN B 713 51.63 -6.16 9.50
CA ASN B 713 50.58 -5.40 10.17
C ASN B 713 49.25 -5.50 9.43
N ILE B 714 49.29 -5.70 8.11
CA ILE B 714 48.06 -5.82 7.34
C ILE B 714 47.32 -7.10 7.71
N GLY B 715 48.05 -8.17 8.02
CA GLY B 715 47.41 -9.41 8.40
C GLY B 715 46.67 -9.34 9.72
N LYS B 716 46.94 -8.32 10.53
CA LYS B 716 46.25 -8.15 11.80
C LYS B 716 44.83 -7.61 11.64
N LEU B 717 44.44 -7.23 10.42
CA LEU B 717 43.07 -6.78 10.14
C LEU B 717 42.20 -8.01 9.95
N GLY B 718 41.50 -8.39 11.02
CA GLY B 718 40.71 -9.61 10.99
C GLY B 718 39.49 -9.52 10.10
N CYS B 719 39.00 -8.31 9.84
CA CYS B 719 37.82 -8.13 9.01
C CYS B 719 38.16 -7.80 7.56
N LEU B 720 39.43 -7.81 7.18
CA LEU B 720 39.82 -7.41 5.83
C LEU B 720 39.36 -8.44 4.80
N GLU B 721 38.72 -7.96 3.75
CA GLU B 721 38.27 -8.80 2.66
C GLU B 721 38.90 -8.42 1.32
N TYR B 722 39.14 -7.14 1.10
CA TYR B 722 39.67 -6.63 -0.16
C TYR B 722 41.01 -5.97 0.10
N LEU B 723 42.02 -6.38 -0.68
CA LEU B 723 43.34 -5.74 -0.65
C LEU B 723 43.77 -5.44 -2.07
N LYS B 724 44.23 -4.21 -2.29
CA LYS B 724 44.69 -3.76 -3.60
C LYS B 724 46.09 -3.20 -3.47
N LEU B 725 47.00 -3.64 -4.33
CA LEU B 725 48.37 -3.14 -4.37
C LEU B 725 48.67 -2.63 -5.77
N VAL B 726 49.03 -1.35 -5.85
CA VAL B 726 49.40 -0.71 -7.11
C VAL B 726 50.83 -0.21 -6.97
N ASN B 727 51.65 -0.47 -7.99
CA ASN B 727 53.06 -0.13 -7.96
C ASN B 727 53.37 0.92 -9.04
N ASP B 728 54.30 1.80 -8.73
CA ASP B 728 54.66 2.90 -9.61
C ASP B 728 56.15 2.95 -9.92
N THR B 729 57.01 2.60 -8.95
CA THR B 729 58.46 2.78 -9.09
C THR B 729 59.06 1.64 -9.94
N ARG B 730 59.07 1.85 -11.24
CA ARG B 730 59.74 0.92 -12.14
C ARG B 730 61.25 1.11 -12.15
N LEU B 731 61.74 2.26 -11.68
CA LEU B 731 63.17 2.55 -11.70
C LEU B 731 63.92 1.95 -10.53
N SER B 732 63.22 1.33 -9.58
CA SER B 732 63.89 0.68 -8.47
C SER B 732 64.67 -0.54 -8.95
N SER B 733 65.86 -0.72 -8.39
CA SER B 733 66.74 -1.82 -8.81
C SER B 733 66.41 -3.15 -8.14
N LYS B 734 65.47 -3.17 -7.19
CA LYS B 734 65.15 -4.40 -6.49
C LYS B 734 63.81 -4.95 -6.96
N PRO B 735 63.78 -6.11 -7.60
CA PRO B 735 62.49 -6.74 -7.91
C PRO B 735 61.79 -7.17 -6.63
N LEU B 736 60.46 -7.16 -6.69
CA LEU B 736 59.67 -7.38 -5.48
C LEU B 736 59.44 -8.87 -5.25
N HIS B 737 59.52 -9.27 -3.97
CA HIS B 737 59.34 -10.66 -3.57
C HIS B 737 58.17 -10.72 -2.59
N LEU B 738 57.21 -11.60 -2.87
CA LEU B 738 56.01 -11.68 -2.06
C LEU B 738 56.32 -12.31 -0.70
N PRO B 739 55.83 -11.72 0.38
CA PRO B 739 56.05 -12.33 1.70
C PRO B 739 55.31 -13.64 1.82
N PRO B 740 55.77 -14.54 2.69
CA PRO B 740 55.14 -15.86 2.80
C PRO B 740 53.68 -15.76 3.21
N ALA B 741 52.89 -16.75 2.78
CA ALA B 741 51.44 -16.70 2.91
C ALA B 741 50.97 -16.66 4.35
N TYR B 742 51.77 -17.14 5.30
CA TYR B 742 51.34 -17.13 6.70
C TYR B 742 51.32 -15.72 7.28
N ILE B 743 51.88 -14.74 6.57
CA ILE B 743 51.84 -13.36 7.05
C ILE B 743 50.66 -12.61 6.44
N PHE B 744 50.02 -13.19 5.41
CA PHE B 744 48.89 -12.55 4.76
C PHE B 744 47.68 -12.52 5.68
N PRO B 745 46.75 -11.58 5.44
CA PRO B 745 45.46 -11.66 6.14
C PRO B 745 44.68 -12.88 5.70
N GLN B 746 44.47 -13.82 6.63
CA GLN B 746 43.91 -15.12 6.29
C GLN B 746 42.44 -15.04 5.90
N LYS B 747 41.77 -13.91 6.13
CA LYS B 747 40.38 -13.74 5.73
C LYS B 747 40.24 -13.00 4.41
N LEU B 748 41.34 -12.79 3.69
CA LEU B 748 41.31 -12.06 2.42
C LEU B 748 40.51 -12.82 1.36
N LYS B 749 39.54 -12.16 0.76
CA LYS B 749 38.69 -12.78 -0.24
C LYS B 749 38.85 -12.21 -1.64
N LYS B 750 39.53 -11.08 -1.78
CA LYS B 750 39.76 -10.47 -3.09
C LYS B 750 41.10 -9.75 -3.08
N LEU B 751 41.92 -10.00 -4.08
CA LEU B 751 43.23 -9.40 -4.21
C LEU B 751 43.40 -8.82 -5.61
N SER B 752 44.01 -7.64 -5.67
CA SER B 752 44.26 -6.95 -6.93
C SER B 752 45.70 -6.45 -6.93
N LEU B 753 46.45 -6.77 -7.98
CA LEU B 753 47.84 -6.38 -8.11
C LEU B 753 48.06 -5.68 -9.43
N VAL B 754 48.80 -4.57 -9.39
CA VAL B 754 49.10 -3.78 -10.58
C VAL B 754 50.59 -3.44 -10.59
N ASP B 755 51.28 -3.81 -11.67
CA ASP B 755 52.63 -3.35 -11.98
C ASP B 755 53.64 -3.70 -10.89
N THR B 756 53.40 -4.76 -10.13
CA THR B 756 54.26 -5.06 -8.99
C THR B 756 55.54 -5.79 -9.39
N TRP B 757 55.60 -6.35 -10.60
CA TRP B 757 56.78 -7.08 -11.09
C TRP B 757 57.17 -8.24 -10.18
N PHE B 758 56.20 -8.87 -9.52
CA PHE B 758 56.48 -10.10 -8.81
C PHE B 758 56.80 -11.21 -9.81
N GLU B 759 57.56 -12.21 -9.35
CA GLU B 759 57.81 -13.37 -10.17
C GLU B 759 56.64 -14.34 -10.09
N TRP B 760 56.42 -15.09 -11.18
CA TRP B 760 55.31 -16.04 -11.23
C TRP B 760 55.44 -17.14 -10.19
N LYS B 761 56.65 -17.38 -9.67
CA LYS B 761 56.82 -18.41 -8.64
C LYS B 761 56.11 -18.03 -7.35
N ASP B 762 55.75 -16.76 -7.20
CA ASP B 762 55.02 -16.32 -6.01
C ASP B 762 53.53 -16.63 -6.11
N MET B 763 53.05 -17.11 -7.25
CA MET B 763 51.68 -17.62 -7.31
C MET B 763 51.48 -18.85 -6.42
N SER B 764 52.55 -19.63 -6.19
CA SER B 764 52.42 -20.80 -5.34
C SER B 764 52.03 -20.43 -3.93
N ILE B 765 52.59 -19.33 -3.40
CA ILE B 765 52.24 -18.88 -2.06
C ILE B 765 50.96 -18.04 -2.05
N LEU B 766 50.48 -17.58 -3.21
CA LEU B 766 49.14 -17.04 -3.27
C LEU B 766 48.11 -18.16 -3.25
N GLY B 767 48.53 -19.38 -3.59
CA GLY B 767 47.65 -20.54 -3.51
C GLY B 767 47.38 -21.00 -2.09
N LEU B 768 48.22 -20.59 -1.13
CA LEU B 768 48.04 -21.00 0.26
C LEU B 768 47.01 -20.15 0.99
N LEU B 769 46.47 -19.11 0.36
CA LEU B 769 45.43 -18.31 0.97
C LEU B 769 44.14 -19.13 1.04
N PRO B 770 43.58 -19.35 2.23
CA PRO B 770 42.39 -20.22 2.31
C PRO B 770 41.11 -19.55 1.83
N GLU B 771 41.02 -18.23 1.90
CA GLU B 771 39.76 -17.53 1.61
C GLU B 771 39.78 -16.72 0.33
N LEU B 772 40.88 -16.73 -0.42
CA LEU B 772 40.97 -15.92 -1.63
C LEU B 772 39.97 -16.44 -2.68
N GLU B 773 39.18 -15.53 -3.25
CA GLU B 773 38.16 -15.89 -4.21
C GLU B 773 38.21 -15.10 -5.51
N VAL B 774 38.79 -13.89 -5.50
CA VAL B 774 38.93 -13.09 -6.70
C VAL B 774 40.37 -12.61 -6.79
N LEU B 775 41.02 -12.86 -7.93
CA LEU B 775 42.38 -12.42 -8.18
C LEU B 775 42.42 -11.71 -9.53
N LYS B 776 42.82 -10.44 -9.52
CA LYS B 776 42.94 -9.64 -10.74
C LYS B 776 44.34 -9.07 -10.82
N LEU B 777 45.03 -9.32 -11.92
CA LEU B 777 46.40 -8.89 -12.14
C LEU B 777 46.44 -8.03 -13.39
N LYS B 778 47.00 -6.82 -13.27
CA LYS B 778 46.97 -5.84 -14.34
C LYS B 778 48.35 -5.24 -14.54
N GLU B 779 48.63 -4.90 -15.80
CA GLU B 779 49.84 -4.17 -16.19
C GLU B 779 51.11 -4.87 -15.69
N ASN B 780 51.30 -6.10 -16.17
CA ASN B 780 52.49 -6.91 -15.88
C ASN B 780 52.85 -6.93 -14.39
N ALA B 781 51.83 -7.07 -13.55
CA ALA B 781 52.08 -7.23 -12.12
C ALA B 781 52.91 -8.48 -11.84
N PHE B 782 52.83 -9.46 -12.72
CA PHE B 782 53.66 -10.65 -12.67
C PHE B 782 54.56 -10.68 -13.90
N LYS B 783 55.86 -10.80 -13.66
CA LYS B 783 56.87 -10.71 -14.72
C LYS B 783 57.63 -12.02 -14.82
N GLY B 784 57.82 -12.49 -16.04
CA GLY B 784 58.49 -13.75 -16.30
C GLY B 784 57.89 -14.42 -17.52
N GLN B 785 58.73 -15.15 -18.24
CA GLN B 785 58.28 -15.81 -19.46
C GLN B 785 57.58 -17.14 -19.20
N SER B 786 57.72 -17.71 -18.01
CA SER B 786 57.16 -19.02 -17.73
C SER B 786 56.40 -19.00 -16.41
N TRP B 787 55.26 -19.70 -16.39
CA TRP B 787 54.46 -19.90 -15.19
C TRP B 787 54.05 -21.37 -15.16
N GLU B 788 54.70 -22.16 -14.31
CA GLU B 788 54.35 -23.55 -14.10
C GLU B 788 53.78 -23.70 -12.69
N GLN B 789 52.54 -24.15 -12.61
CA GLN B 789 51.85 -24.23 -11.32
C GLN B 789 52.33 -25.44 -10.52
N GLU B 790 52.39 -25.27 -9.20
CA GLU B 790 52.56 -26.40 -8.32
C GLU B 790 51.23 -27.13 -8.15
N ASP B 791 51.31 -28.36 -7.64
CA ASP B 791 50.10 -29.13 -7.41
C ASP B 791 49.27 -28.51 -6.29
N GLY B 792 47.94 -28.54 -6.47
CA GLY B 792 47.06 -27.97 -5.47
C GLY B 792 47.04 -26.45 -5.55
N GLY B 793 46.69 -25.82 -4.42
CA GLY B 793 46.58 -24.39 -4.36
C GLY B 793 45.26 -23.89 -4.92
N PHE B 794 44.95 -22.64 -4.58
CA PHE B 794 43.70 -21.96 -4.94
C PHE B 794 42.48 -22.82 -4.57
N PRO B 795 42.28 -23.10 -3.29
CA PRO B 795 41.16 -23.98 -2.89
C PRO B 795 39.79 -23.44 -3.29
N ARG B 796 39.60 -22.13 -3.30
CA ARG B 796 38.28 -21.57 -3.59
C ARG B 796 38.33 -20.35 -4.50
N LEU B 797 39.41 -20.12 -5.24
CA LEU B 797 39.46 -19.03 -6.19
C LEU B 797 38.40 -19.22 -7.27
N GLN B 798 37.65 -18.16 -7.56
CA GLN B 798 36.52 -18.23 -8.47
C GLN B 798 36.67 -17.34 -9.70
N VAL B 799 37.39 -16.23 -9.59
CA VAL B 799 37.58 -15.32 -10.72
C VAL B 799 39.06 -15.03 -10.85
N LEU B 800 39.60 -15.19 -12.05
CA LEU B 800 40.97 -14.82 -12.37
C LEU B 800 40.94 -13.87 -13.56
N TRP B 801 41.46 -12.66 -13.37
CA TRP B 801 41.50 -11.64 -14.40
C TRP B 801 42.96 -11.31 -14.68
N ILE B 802 43.34 -11.33 -15.95
CA ILE B 802 44.73 -11.13 -16.37
C ILE B 802 44.74 -10.09 -17.49
N GLU B 803 45.64 -9.12 -17.39
CA GLU B 803 45.93 -8.18 -18.46
C GLU B 803 47.38 -8.34 -18.90
N ARG B 804 47.83 -7.42 -19.75
CA ARG B 804 49.07 -7.61 -20.52
C ARG B 804 50.25 -7.96 -19.64
N THR B 805 50.96 -9.03 -20.02
CA THR B 805 52.15 -9.48 -19.33
C THR B 805 53.01 -10.23 -20.33
N ASP B 806 54.31 -10.35 -20.00
CA ASP B 806 55.27 -11.03 -20.86
C ASP B 806 55.23 -12.56 -20.73
N LEU B 807 54.17 -13.10 -20.14
CA LEU B 807 54.07 -14.55 -19.98
C LEU B 807 53.89 -15.23 -21.34
N THR B 808 54.56 -16.37 -21.51
CA THR B 808 54.49 -17.14 -22.76
C THR B 808 53.98 -18.56 -22.57
N SER B 809 54.32 -19.22 -21.46
CA SER B 809 53.95 -20.60 -21.24
C SER B 809 53.19 -20.72 -19.92
N TRP B 810 52.14 -21.53 -19.92
CA TRP B 810 51.32 -21.76 -18.74
C TRP B 810 51.02 -23.25 -18.66
N LYS B 811 51.42 -23.88 -17.55
CA LYS B 811 51.20 -25.30 -17.33
C LYS B 811 50.55 -25.50 -15.98
N ALA B 812 49.70 -26.52 -15.89
CA ALA B 812 48.94 -26.76 -14.68
C ALA B 812 48.55 -28.23 -14.60
N SER B 813 47.99 -28.61 -13.45
CA SER B 813 47.51 -29.95 -13.20
C SER B 813 45.99 -29.94 -13.05
N SER B 814 45.42 -31.13 -12.85
CA SER B 814 43.97 -31.27 -12.80
C SER B 814 43.34 -30.53 -11.62
N GLY B 815 43.94 -30.59 -10.45
CA GLY B 815 43.35 -30.03 -9.25
C GLY B 815 43.76 -28.61 -8.91
N ASN B 816 44.29 -27.85 -9.87
CA ASN B 816 44.77 -26.51 -9.58
C ASN B 816 43.64 -25.50 -9.39
N PHE B 817 42.52 -25.68 -10.09
CA PHE B 817 41.40 -24.74 -10.03
C PHE B 817 40.12 -25.51 -9.70
N PRO B 818 39.98 -25.94 -8.44
CA PRO B 818 38.75 -26.69 -8.06
C PRO B 818 37.48 -25.86 -8.13
N ARG B 819 37.56 -24.54 -7.95
CA ARG B 819 36.36 -23.71 -7.88
C ARG B 819 36.40 -22.51 -8.82
N LEU B 820 37.24 -22.53 -9.85
CA LEU B 820 37.31 -21.40 -10.78
C LEU B 820 36.05 -21.36 -11.63
N LYS B 821 35.46 -20.16 -11.76
CA LYS B 821 34.24 -19.97 -12.52
C LYS B 821 34.43 -19.07 -13.74
N HIS B 822 35.21 -18.00 -13.61
CA HIS B 822 35.45 -17.07 -14.71
C HIS B 822 36.94 -16.86 -14.87
N LEU B 823 37.42 -16.97 -16.10
CA LEU B 823 38.81 -16.70 -16.44
C LEU B 823 38.86 -15.69 -17.58
N ALA B 824 39.66 -14.65 -17.41
CA ALA B 824 39.82 -13.61 -18.41
C ALA B 824 41.30 -13.35 -18.63
N LEU B 825 41.68 -13.14 -19.89
CA LEU B 825 43.07 -12.91 -20.27
C LEU B 825 43.06 -11.91 -21.41
N ILE B 826 43.61 -10.71 -21.18
CA ILE B 826 43.47 -9.57 -22.07
C ILE B 826 44.85 -9.08 -22.46
N SER B 827 45.06 -8.85 -23.76
CA SER B 827 46.23 -8.20 -24.33
C SER B 827 47.53 -8.97 -24.10
N CYS B 828 47.45 -10.27 -23.79
CA CYS B 828 48.65 -11.08 -23.62
C CYS B 828 48.92 -11.82 -24.93
N ASP B 829 49.57 -11.11 -25.86
CA ASP B 829 49.84 -11.68 -27.17
C ASP B 829 50.98 -12.68 -27.17
N LYS B 830 51.74 -12.80 -26.07
CA LYS B 830 52.88 -13.69 -26.03
C LYS B 830 52.54 -15.09 -25.55
N LEU B 831 51.31 -15.33 -25.11
CA LEU B 831 50.93 -16.66 -24.64
C LEU B 831 50.88 -17.63 -25.83
N GLU B 832 51.40 -18.84 -25.62
CA GLU B 832 51.43 -19.83 -26.69
C GLU B 832 50.20 -20.73 -26.66
N GLU B 833 49.90 -21.30 -25.49
CA GLU B 833 48.77 -22.20 -25.37
C GLU B 833 48.30 -22.21 -23.92
N LEU B 834 47.08 -22.73 -23.71
CA LEU B 834 46.48 -22.86 -22.40
C LEU B 834 46.49 -24.32 -21.96
N PRO B 835 46.59 -24.58 -20.65
CA PRO B 835 46.59 -25.96 -20.17
C PRO B 835 45.30 -26.68 -20.51
N ALA B 836 45.42 -27.96 -20.84
CA ALA B 836 44.24 -28.77 -21.14
C ALA B 836 43.52 -29.24 -19.87
N GLU B 837 44.13 -29.04 -18.71
CA GLU B 837 43.50 -29.45 -17.46
C GLU B 837 42.32 -28.55 -17.09
N LEU B 838 42.13 -27.44 -17.80
CA LEU B 838 41.00 -26.56 -17.54
C LEU B 838 39.67 -27.25 -17.82
N ALA B 839 39.68 -28.33 -18.61
CA ALA B 839 38.44 -29.07 -18.86
C ALA B 839 37.94 -29.80 -17.62
N ASP B 840 38.81 -30.03 -16.64
CA ASP B 840 38.41 -30.70 -15.40
C ASP B 840 37.86 -29.74 -14.36
N VAL B 841 37.80 -28.45 -14.66
CA VAL B 841 37.24 -27.46 -13.74
C VAL B 841 35.72 -27.57 -13.78
N LYS B 842 35.14 -28.18 -12.72
CA LYS B 842 33.70 -28.42 -12.72
C LYS B 842 32.92 -27.13 -12.56
N ASN B 843 33.51 -26.10 -11.96
CA ASN B 843 32.82 -24.84 -11.73
C ASN B 843 33.00 -23.83 -12.86
N LEU B 844 33.70 -24.20 -13.93
CA LEU B 844 33.95 -23.27 -15.02
C LEU B 844 32.65 -22.92 -15.74
N GLN B 845 32.47 -21.62 -16.01
CA GLN B 845 31.28 -21.13 -16.70
C GLN B 845 31.58 -20.24 -17.89
N LEU B 846 32.63 -19.41 -17.84
CA LEU B 846 32.92 -18.50 -18.93
C LEU B 846 34.42 -18.24 -18.99
N ILE B 847 34.95 -18.15 -20.21
CA ILE B 847 36.34 -17.79 -20.45
C ILE B 847 36.37 -16.72 -21.54
N GLU B 848 37.11 -15.64 -21.27
CA GLU B 848 37.30 -14.55 -22.21
C GLU B 848 38.77 -14.43 -22.56
N LEU B 849 39.08 -14.41 -23.85
CA LEU B 849 40.45 -14.27 -24.34
C LEU B 849 40.53 -13.13 -25.35
N GLN B 850 41.56 -12.31 -25.21
CA GLN B 850 41.81 -11.22 -26.14
C GLN B 850 43.27 -11.24 -26.56
N SER B 851 43.51 -11.03 -27.86
CA SER B 851 44.85 -11.10 -28.44
C SER B 851 45.53 -12.42 -28.12
N SER B 852 44.77 -13.50 -28.21
CA SER B 852 45.26 -14.84 -27.93
C SER B 852 45.51 -15.61 -29.22
N SER B 853 46.37 -16.61 -29.13
CA SER B 853 46.74 -17.40 -30.29
C SER B 853 45.59 -18.30 -30.72
N GLU B 854 45.64 -18.72 -31.99
CA GLU B 854 44.62 -19.61 -32.52
C GLU B 854 44.70 -20.99 -31.89
N SER B 855 45.90 -21.44 -31.51
CA SER B 855 46.02 -22.70 -30.80
C SER B 855 45.34 -22.65 -29.44
N ALA B 856 45.29 -21.47 -28.83
CA ALA B 856 44.51 -21.30 -27.60
C ALA B 856 43.03 -21.50 -27.87
N ALA B 857 42.54 -21.01 -29.02
CA ALA B 857 41.16 -21.24 -29.40
C ALA B 857 40.89 -22.72 -29.64
N ARG B 858 41.86 -23.42 -30.25
CA ARG B 858 41.71 -24.86 -30.46
C ARG B 858 41.64 -25.60 -29.14
N SER B 859 42.49 -25.22 -28.18
CA SER B 859 42.44 -25.85 -26.86
C SER B 859 41.13 -25.52 -26.15
N ALA B 860 40.61 -24.32 -26.35
CA ALA B 860 39.30 -23.98 -25.79
C ALA B 860 38.20 -24.82 -26.41
N ARG B 861 38.28 -25.09 -27.71
CA ARG B 861 37.29 -25.95 -28.36
C ARG B 861 37.35 -27.36 -27.82
N ALA B 862 38.56 -27.90 -27.62
CA ALA B 862 38.69 -29.24 -27.05
C ALA B 862 38.19 -29.28 -25.62
N ILE B 863 38.50 -28.24 -24.84
CA ILE B 863 38.04 -28.18 -23.45
C ILE B 863 36.51 -28.12 -23.40
N LEU B 864 35.91 -27.29 -24.27
CA LEU B 864 34.46 -27.19 -24.31
C LEU B 864 33.82 -28.51 -24.75
N LYS B 865 34.43 -29.17 -25.74
CA LYS B 865 33.89 -30.44 -26.21
C LYS B 865 33.95 -31.50 -25.11
N ARG B 866 35.05 -31.55 -24.36
CA ARG B 866 35.15 -32.48 -23.24
C ARG B 866 34.14 -32.15 -22.15
N ASN B 867 33.93 -30.87 -21.89
CA ASN B 867 32.94 -30.47 -20.88
C ASN B 867 31.54 -30.87 -21.31
N GLN B 868 31.23 -30.74 -22.61
CA GLN B 868 29.93 -31.18 -23.11
C GLN B 868 29.77 -32.69 -22.96
N GLU B 869 30.85 -33.44 -23.21
CA GLU B 869 30.79 -34.89 -23.02
C GLU B 869 30.53 -35.26 -21.57
N LYS B 870 31.17 -34.54 -20.64
CA LYS B 870 30.92 -34.79 -19.22
C LYS B 870 29.48 -34.45 -18.86
N GLU B 871 28.94 -33.38 -19.41
CA GLU B 871 27.55 -33.00 -19.13
C GLU B 871 26.58 -34.02 -19.70
N GLN B 872 26.91 -34.66 -20.82
CA GLN B 872 26.04 -35.67 -21.42
C GLN B 872 25.95 -36.93 -20.56
N ASP B 873 26.80 -37.10 -19.56
CA ASP B 873 26.76 -38.24 -18.66
C ASP B 873 25.73 -38.07 -17.55
N GLY B 874 25.00 -36.97 -17.55
CA GLY B 874 24.02 -36.67 -16.50
C GLY B 874 24.30 -35.39 -15.75
N ASP B 875 25.50 -34.83 -15.87
CA ASP B 875 25.81 -33.57 -15.19
C ASP B 875 25.03 -32.42 -15.81
N LYS B 876 24.53 -31.54 -14.95
CA LYS B 876 23.78 -30.38 -15.43
C LYS B 876 24.69 -29.42 -16.16
N GLY B 877 24.15 -28.80 -17.21
CA GLY B 877 24.96 -27.89 -18.00
C GLY B 877 25.36 -26.65 -17.19
N THR B 878 26.59 -26.19 -17.43
CA THR B 878 27.13 -25.03 -16.75
C THR B 878 27.04 -23.75 -17.58
N GLY B 879 26.47 -23.82 -18.78
CA GLY B 879 26.35 -22.64 -19.62
C GLY B 879 27.68 -22.07 -20.07
N PHE B 880 28.54 -22.92 -20.62
CA PHE B 880 29.87 -22.47 -21.06
C PHE B 880 29.73 -21.42 -22.16
N LYS B 881 30.52 -20.36 -22.05
CA LYS B 881 30.54 -19.28 -23.02
C LYS B 881 31.98 -18.88 -23.30
N LEU B 882 32.23 -18.45 -24.54
CA LEU B 882 33.53 -17.96 -24.96
C LEU B 882 33.36 -16.62 -25.66
N SER B 883 34.26 -15.69 -25.37
CA SER B 883 34.17 -14.33 -25.91
C SER B 883 35.57 -13.84 -26.26
N ILE B 884 35.80 -13.56 -27.54
CA ILE B 884 37.02 -12.96 -28.02
C ILE B 884 36.67 -11.63 -28.68
N PHE B 885 37.21 -10.54 -28.15
CA PHE B 885 36.90 -9.21 -28.64
C PHE B 885 38.17 -8.55 -29.17
N PRO B 886 38.12 -7.94 -30.36
CA PRO B 886 36.96 -7.81 -31.26
C PRO B 886 36.69 -9.09 -32.04
N HIS B 887 35.47 -9.27 -32.55
CA HIS B 887 35.14 -10.46 -33.33
C HIS B 887 35.82 -10.46 -34.70
N ASP B 888 36.32 -9.32 -35.15
CA ASP B 888 37.01 -9.27 -36.44
C ASP B 888 38.38 -9.92 -36.38
N LEU B 889 38.92 -10.16 -35.19
CA LEU B 889 40.23 -10.80 -35.06
C LEU B 889 40.11 -12.28 -35.38
N GLY B 890 41.00 -12.76 -36.26
CA GLY B 890 41.00 -14.15 -36.66
C GLY B 890 39.97 -14.51 -37.71
N LEU B 891 39.21 -13.55 -38.22
CA LEU B 891 38.18 -13.79 -39.23
C LEU B 891 37.18 -14.86 -38.79
N LEU C 25 1.58 20.11 54.35
CA LEU C 25 2.27 20.85 53.30
C LEU C 25 1.49 20.84 52.00
N GLY C 26 1.65 21.90 51.20
CA GLY C 26 1.05 21.92 49.88
C GLY C 26 1.69 20.94 48.94
N ILE C 27 2.97 20.61 49.17
CA ILE C 27 3.63 19.59 48.36
C ILE C 27 2.96 18.24 48.54
N GLN C 28 2.59 17.90 49.78
CA GLN C 28 1.88 16.65 50.03
C GLN C 28 0.57 16.59 49.24
N GLY C 29 -0.15 17.72 49.19
CA GLY C 29 -1.35 17.76 48.38
C GLY C 29 -1.08 17.56 46.91
N GLU C 30 -0.02 18.18 46.40
CA GLU C 30 0.31 18.07 44.97
C GLU C 30 0.58 16.62 44.59
N VAL C 31 1.33 15.90 45.42
CA VAL C 31 1.59 14.49 45.16
C VAL C 31 0.29 13.69 45.24
N GLU C 32 -0.64 14.12 46.09
CA GLU C 32 -1.91 13.41 46.21
C GLU C 32 -2.74 13.53 44.93
N ASN C 33 -2.89 14.75 44.42
CA ASN C 33 -3.65 14.94 43.18
C ASN C 33 -2.94 14.27 42.00
N LEU C 34 -1.61 14.29 42.01
CA LEU C 34 -0.86 13.57 40.99
C LEU C 34 -1.12 12.07 41.06
N LEU C 35 -1.18 11.53 42.28
CA LEU C 35 -1.38 10.10 42.46
C LEU C 35 -2.73 9.64 41.90
N THR C 36 -3.77 10.44 42.10
CA THR C 36 -5.08 10.09 41.56
C THR C 36 -5.05 10.08 40.04
N ASP C 37 -4.30 10.99 39.43
CA ASP C 37 -4.18 11.02 37.97
C ASP C 37 -3.48 9.76 37.45
N LEU C 38 -2.40 9.34 38.10
CA LEU C 38 -1.72 8.12 37.68
C LEU C 38 -2.55 6.88 37.98
N ASN C 39 -3.48 6.98 38.94
CA ASN C 39 -4.40 5.87 39.17
C ASN C 39 -5.29 5.65 37.94
N TYR C 40 -5.68 6.73 37.27
CA TYR C 40 -6.42 6.58 36.02
C TYR C 40 -5.50 6.15 34.88
N PHE C 41 -4.29 6.71 34.83
CA PHE C 41 -3.36 6.37 33.76
C PHE C 41 -2.90 4.92 33.84
N ASN C 42 -2.59 4.42 35.04
CA ASN C 42 -2.20 3.02 35.19
C ASN C 42 -3.36 2.09 34.83
N ALA C 43 -4.58 2.45 35.23
CA ALA C 43 -5.74 1.67 34.82
C ALA C 43 -5.93 1.74 33.31
N PHE C 44 -5.59 2.88 32.70
CA PHE C 44 -5.67 3.01 31.25
C PHE C 44 -4.64 2.13 30.56
N LEU C 45 -3.41 2.13 31.08
CA LEU C 45 -2.35 1.32 30.49
C LEU C 45 -2.65 -0.17 30.62
N LYS C 46 -3.16 -0.59 31.79
CA LYS C 46 -3.44 -2.00 32.01
C LYS C 46 -4.51 -2.51 31.06
N GLU C 47 -5.55 -1.70 30.83
CA GLU C 47 -6.58 -2.07 29.85
C GLU C 47 -6.14 -1.85 28.42
N ALA C 48 -5.12 -1.00 28.20
CA ALA C 48 -4.57 -0.82 26.86
C ALA C 48 -3.69 -1.99 26.45
N ALA C 49 -3.09 -2.69 27.42
CA ALA C 49 -2.24 -3.83 27.15
C ALA C 49 -3.03 -5.11 26.92
N LYS C 50 -4.36 -5.07 27.08
CA LYS C 50 -5.17 -6.27 26.89
C LYS C 50 -5.17 -6.77 25.45
N SER C 51 -4.78 -5.93 24.50
CA SER C 51 -4.74 -6.33 23.10
C SER C 51 -3.71 -5.47 22.38
N ARG C 52 -3.31 -5.94 21.20
CA ARG C 52 -2.36 -5.21 20.38
C ARG C 52 -2.98 -3.95 19.79
N ARG C 53 -2.24 -2.85 19.86
CA ARG C 53 -2.61 -1.60 19.21
C ARG C 53 -1.76 -1.44 17.97
N GLU C 54 -2.40 -1.52 16.79
CA GLU C 54 -1.69 -1.44 15.53
C GLU C 54 -1.59 -0.02 15.00
N ASN C 55 -2.53 0.85 15.33
CA ASN C 55 -2.49 2.24 14.87
C ASN C 55 -1.27 2.94 15.46
N GLU C 56 -0.50 3.60 14.61
CA GLU C 56 0.76 4.20 15.04
C GLU C 56 0.55 5.37 16.00
N VAL C 57 -0.54 6.11 15.87
CA VAL C 57 -0.81 7.20 16.81
C VAL C 57 -1.14 6.63 18.20
N LEU C 58 -1.91 5.55 18.25
CA LEU C 58 -2.21 4.92 19.54
C LEU C 58 -0.96 4.34 20.18
N LYS C 59 -0.04 3.79 19.36
CA LYS C 59 1.21 3.27 19.90
C LYS C 59 2.01 4.36 20.59
N GLU C 60 2.12 5.53 19.94
CA GLU C 60 2.87 6.63 20.52
C GLU C 60 2.15 7.22 21.73
N LEU C 61 0.81 7.21 21.70
CA LEU C 61 0.05 7.69 22.85
C LEU C 61 0.28 6.81 24.07
N VAL C 62 0.31 5.49 23.86
CA VAL C 62 0.61 4.57 24.96
C VAL C 62 2.04 4.79 25.46
N LYS C 63 2.98 5.00 24.54
CA LYS C 63 4.37 5.23 24.94
C LYS C 63 4.51 6.54 25.70
N LYS C 64 3.76 7.58 25.29
CA LYS C 64 3.84 8.86 25.99
C LYS C 64 3.24 8.76 27.38
N ILE C 65 2.09 8.10 27.51
CA ILE C 65 1.45 7.94 28.81
C ILE C 65 2.29 7.04 29.70
N ARG C 66 2.86 5.97 29.14
CA ARG C 66 3.74 5.11 29.92
C ARG C 66 4.99 5.86 30.36
N LYS C 67 5.52 6.73 29.51
CA LYS C 67 6.71 7.50 29.86
C LYS C 67 6.41 8.47 31.01
N VAL C 68 5.26 9.16 30.95
CA VAL C 68 4.92 10.09 32.03
C VAL C 68 4.54 9.32 33.29
N VAL C 69 3.96 8.12 33.15
CA VAL C 69 3.65 7.29 34.30
C VAL C 69 4.94 6.88 35.01
N ASN C 70 5.93 6.44 34.22
CA ASN C 70 7.22 6.04 34.80
C ASN C 70 7.92 7.24 35.43
N ASP C 71 8.01 8.34 34.69
CA ASP C 71 8.73 9.51 35.19
C ASP C 71 8.07 10.09 36.43
N ALA C 72 6.73 10.10 36.47
CA ALA C 72 6.05 10.53 37.69
C ALA C 72 6.37 9.59 38.85
N GLU C 73 6.43 8.29 38.58
CA GLU C 73 6.81 7.33 39.63
C GLU C 73 8.23 7.58 40.10
N ASP C 74 9.13 7.97 39.20
CA ASP C 74 10.50 8.29 39.60
C ASP C 74 10.54 9.55 40.46
N SER C 75 9.53 10.42 40.32
CA SER C 75 9.52 11.68 41.07
C SER C 75 8.82 11.54 42.41
N ILE C 76 7.72 10.78 42.47
CA ILE C 76 7.10 10.49 43.75
C ILE C 76 8.05 9.70 44.63
N ASP C 77 8.83 8.80 44.03
CA ASP C 77 9.84 8.07 44.79
C ASP C 77 10.87 9.03 45.39
N LYS C 78 11.28 10.04 44.63
CA LYS C 78 12.18 11.05 45.18
C LYS C 78 11.52 11.80 46.32
N PHE C 79 10.20 12.03 46.23
CA PHE C 79 9.50 12.76 47.29
C PHE C 79 9.39 11.93 48.56
N VAL C 80 8.97 10.67 48.41
CA VAL C 80 8.73 9.83 49.59
C VAL C 80 10.05 9.50 50.29
N VAL C 81 11.13 9.28 49.54
CA VAL C 81 12.42 9.00 50.18
C VAL C 81 12.97 10.25 50.85
N GLU C 82 12.89 11.40 50.19
CA GLU C 82 13.38 12.62 50.79
C GLU C 82 12.55 13.02 52.01
N ALA C 83 11.25 12.69 52.01
CA ALA C 83 10.44 12.88 53.20
C ALA C 83 10.93 11.99 54.34
N LYS C 84 11.29 10.74 54.01
CA LYS C 84 11.85 9.84 55.02
C LYS C 84 13.18 10.37 55.56
N ARG C 85 14.02 10.90 54.68
CA ARG C 85 15.27 11.52 55.12
C ARG C 85 15.02 12.74 55.98
N HIS C 86 13.99 13.52 55.66
CA HIS C 86 13.68 14.72 56.43
C HIS C 86 13.14 14.38 57.82
N ASP C 87 12.52 13.21 57.97
CA ASP C 87 12.00 12.81 59.28
C ASP C 87 13.13 12.65 60.29
N ASP C 88 14.24 12.05 59.87
CA ASP C 88 15.39 11.86 60.75
C ASP C 88 16.26 13.11 60.80
N THR C 99 20.92 21.38 53.45
CA THR C 99 20.60 21.16 52.03
C THR C 99 19.21 20.56 51.87
N HIS C 100 18.51 20.38 52.99
CA HIS C 100 17.16 19.84 52.94
C HIS C 100 16.19 20.80 52.26
N VAL C 101 16.38 22.11 52.45
CA VAL C 101 15.53 23.10 51.81
C VAL C 101 15.69 23.02 50.29
N ALA C 102 16.93 22.94 49.82
CA ALA C 102 17.19 22.87 48.39
C ALA C 102 16.62 21.59 47.78
N ARG C 103 16.78 20.46 48.47
CA ARG C 103 16.27 19.20 47.97
C ARG C 103 14.74 19.21 47.90
N ALA C 104 14.09 19.78 48.93
CA ALA C 104 12.64 19.90 48.90
C ALA C 104 12.18 20.83 47.79
N LYS C 105 12.90 21.92 47.56
CA LYS C 105 12.56 22.84 46.47
C LYS C 105 12.68 22.16 45.11
N GLY C 106 13.74 21.36 44.93
CA GLY C 106 13.89 20.63 43.69
C GLY C 106 12.81 19.58 43.48
N VAL C 107 12.39 18.92 44.56
CA VAL C 107 11.32 17.95 44.47
C VAL C 107 10.01 18.65 44.09
N ALA C 108 9.69 19.75 44.77
CA ALA C 108 8.46 20.47 44.46
C ALA C 108 8.47 21.02 43.05
N ASP C 109 9.63 21.47 42.58
CA ASP C 109 9.75 21.94 41.20
C ASP C 109 9.47 20.80 40.23
N GLU C 110 9.98 19.60 40.52
CA GLU C 110 9.75 18.46 39.64
C GLU C 110 8.28 18.07 39.61
N ILE C 111 7.67 17.89 40.79
CA ILE C 111 6.27 17.47 40.84
C ILE C 111 5.38 18.49 40.13
N LYS C 112 5.78 19.76 40.17
CA LYS C 112 5.06 20.78 39.41
C LYS C 112 5.14 20.52 37.91
N SER C 113 6.30 20.05 37.43
CA SER C 113 6.49 19.86 36.00
C SER C 113 5.70 18.65 35.49
N ILE C 114 5.75 17.52 36.21
CA ILE C 114 4.99 16.35 35.76
C ILE C 114 3.49 16.61 35.87
N ARG C 115 3.06 17.36 36.89
CA ARG C 115 1.65 17.70 36.99
C ARG C 115 1.20 18.54 35.79
N GLU C 116 2.04 19.48 35.36
CA GLU C 116 1.74 20.25 34.16
C GLU C 116 1.73 19.35 32.93
N ARG C 117 2.66 18.39 32.87
CA ARG C 117 2.71 17.47 31.72
C ARG C 117 1.50 16.55 31.71
N VAL C 118 1.01 16.16 32.89
CA VAL C 118 -0.19 15.31 32.96
C VAL C 118 -1.40 16.08 32.46
N LYS C 119 -1.55 17.33 32.90
CA LYS C 119 -2.65 18.17 32.41
C LYS C 119 -2.51 18.46 30.93
N GLU C 120 -1.29 18.52 30.42
CA GLU C 120 -1.08 18.69 28.98
C GLU C 120 -1.63 17.49 28.22
N ILE C 121 -1.42 16.28 28.75
CA ILE C 121 -1.96 15.08 28.11
C ILE C 121 -3.48 15.06 28.24
N ARG C 122 -4.00 15.45 29.40
CA ARG C 122 -5.44 15.42 29.62
C ARG C 122 -6.18 16.48 28.84
N ASP C 123 -5.49 17.52 28.37
CA ASP C 123 -6.16 18.60 27.64
C ASP C 123 -5.98 18.46 26.12
N ASN C 124 -4.74 18.22 25.67
CA ASN C 124 -4.47 18.11 24.24
C ASN C 124 -4.74 16.72 23.70
N ASP C 125 -4.44 15.68 24.47
CA ASP C 125 -4.64 14.30 24.05
C ASP C 125 -5.94 13.70 24.57
N ALA C 126 -6.90 14.53 24.97
CA ALA C 126 -8.14 14.02 25.56
C ALA C 126 -8.89 13.09 24.62
N TYR C 127 -8.93 13.44 23.33
CA TYR C 127 -9.59 12.57 22.36
C TYR C 127 -8.85 11.24 22.24
N GLY C 128 -7.52 11.26 22.30
CA GLY C 128 -6.75 10.04 22.14
C GLY C 128 -7.01 9.04 23.25
N LEU C 129 -7.11 9.52 24.50
CA LEU C 129 -7.36 8.61 25.62
C LEU C 129 -8.69 7.89 25.47
N GLN C 130 -9.70 8.58 24.92
CA GLN C 130 -10.98 7.93 24.65
C GLN C 130 -10.84 6.89 23.55
N ALA C 131 -9.95 7.13 22.58
CA ALA C 131 -9.86 6.26 21.41
C ALA C 131 -9.48 4.83 21.81
N ILE C 132 -8.47 4.69 22.67
CA ILE C 132 -8.08 3.36 23.13
C ILE C 132 -9.18 2.76 24.00
N THR C 133 -9.86 3.59 24.80
CA THR C 133 -10.96 3.11 25.63
C THR C 133 -12.10 2.56 24.79
N LEU C 134 -12.33 3.11 23.61
CA LEU C 134 -13.47 2.74 22.77
C LEU C 134 -13.09 1.75 21.67
N ASP C 135 -12.15 0.85 21.95
CA ASP C 135 -11.79 -0.19 20.99
C ASP C 135 -12.74 -1.37 21.11
N ASP C 136 -12.70 -2.24 20.09
CA ASP C 136 -13.54 -3.43 20.07
C ASP C 136 -12.74 -4.66 19.67
N GLU C 143 -13.22 -10.31 10.04
CA GLU C 143 -12.27 -11.29 10.53
C GLU C 143 -12.15 -12.46 9.57
N GLU C 144 -11.09 -13.26 9.72
CA GLU C 144 -10.89 -14.43 8.91
C GLU C 144 -10.24 -15.51 9.75
N ARG C 145 -10.63 -16.77 9.52
CA ARG C 145 -10.11 -17.91 10.27
C ARG C 145 -8.79 -18.34 9.64
N LYS C 146 -7.70 -17.85 10.24
CA LYS C 146 -6.36 -18.14 9.73
C LYS C 146 -5.84 -19.47 10.28
N ALA C 147 -6.39 -20.57 9.79
CA ALA C 147 -5.92 -21.88 10.20
C ALA C 147 -4.48 -22.07 9.76
N PRO C 148 -3.59 -22.54 10.64
CA PRO C 148 -2.18 -22.65 10.28
C PRO C 148 -1.94 -23.65 9.16
N VAL C 149 -0.88 -23.39 8.38
CA VAL C 149 -0.47 -24.24 7.28
C VAL C 149 0.85 -24.89 7.66
N VAL C 150 0.95 -26.20 7.40
CA VAL C 150 2.10 -26.99 7.83
C VAL C 150 2.59 -27.85 6.68
N GLU C 151 3.80 -28.38 6.84
CA GLU C 151 4.38 -29.27 5.85
C GLU C 151 3.57 -30.56 5.73
N GLU C 152 2.93 -30.75 4.57
CA GLU C 152 2.29 -32.03 4.30
C GLU C 152 3.32 -33.09 3.94
N ASP C 153 4.42 -32.68 3.32
CA ASP C 153 5.51 -33.58 2.95
C ASP C 153 6.81 -33.07 3.54
N ASP C 154 7.82 -33.96 3.56
CA ASP C 154 9.15 -33.63 4.06
C ASP C 154 9.11 -33.17 5.51
N VAL C 155 8.39 -33.91 6.35
CA VAL C 155 8.38 -33.65 7.78
C VAL C 155 9.63 -34.27 8.39
N VAL C 156 10.57 -33.43 8.80
CA VAL C 156 11.89 -33.91 9.22
C VAL C 156 11.87 -34.28 10.69
N GLY C 157 12.23 -35.53 10.98
CA GLY C 157 12.50 -35.96 12.34
C GLY C 157 11.29 -36.13 13.24
N PHE C 158 10.12 -36.42 12.69
CA PHE C 158 8.93 -36.66 13.50
C PHE C 158 8.42 -38.09 13.38
N ASP C 159 9.24 -39.01 12.87
CA ASP C 159 8.79 -40.40 12.75
C ASP C 159 8.63 -41.06 14.12
N ASP C 160 9.61 -40.87 15.00
CA ASP C 160 9.53 -41.47 16.32
C ASP C 160 8.46 -40.81 17.17
N GLU C 161 8.33 -39.48 17.08
CA GLU C 161 7.32 -38.78 17.85
C GLU C 161 5.91 -39.18 17.40
N ALA C 162 5.71 -39.33 16.10
CA ALA C 162 4.39 -39.72 15.60
C ALA C 162 3.99 -41.09 16.09
N LYS C 163 4.93 -42.05 16.06
CA LYS C 163 4.61 -43.41 16.51
C LYS C 163 4.35 -43.45 18.01
N THR C 164 5.05 -42.62 18.79
CA THR C 164 4.83 -42.59 20.23
C THR C 164 3.43 -42.13 20.56
N VAL C 165 2.96 -41.06 19.92
CA VAL C 165 1.61 -40.57 20.17
C VAL C 165 0.57 -41.50 19.57
N ILE C 166 0.85 -42.09 18.41
CA ILE C 166 -0.12 -42.98 17.77
C ILE C 166 -0.37 -44.21 18.62
N ASP C 167 0.70 -44.83 19.12
CA ASP C 167 0.54 -45.98 20.00
C ASP C 167 -0.16 -45.59 21.30
N ARG C 168 -0.01 -44.33 21.73
CA ARG C 168 -0.74 -43.86 22.89
C ARG C 168 -2.22 -43.65 22.59
N LEU C 169 -2.55 -43.32 21.34
CA LEU C 169 -3.94 -43.21 20.95
C LEU C 169 -4.61 -44.58 20.92
N ILE C 170 -3.86 -45.62 20.55
CA ILE C 170 -4.42 -46.96 20.45
C ILE C 170 -4.84 -47.47 21.82
N GLY C 171 -3.96 -47.34 22.82
CA GLY C 171 -4.23 -47.87 24.14
C GLY C 171 -5.05 -46.91 24.99
N GLY C 172 -5.29 -47.34 26.23
CA GLY C 172 -6.07 -46.55 27.15
C GLY C 172 -7.41 -47.17 27.47
N SER C 173 -8.17 -46.45 28.29
CA SER C 173 -9.49 -46.91 28.71
C SER C 173 -10.50 -46.77 27.57
N ASP C 174 -11.60 -47.51 27.70
CA ASP C 174 -12.64 -47.47 26.68
C ASP C 174 -13.34 -46.12 26.62
N TYR C 175 -13.20 -45.30 27.66
CA TYR C 175 -13.89 -44.01 27.71
C TYR C 175 -13.16 -42.97 26.88
N VAL C 176 -13.58 -41.72 27.01
CA VAL C 176 -12.93 -40.63 26.30
C VAL C 176 -11.63 -40.28 27.00
N GLU C 177 -10.52 -40.32 26.25
CA GLU C 177 -9.21 -40.00 26.80
C GLU C 177 -8.53 -38.98 25.89
N VAL C 178 -7.86 -38.02 26.51
CA VAL C 178 -7.21 -36.93 25.80
C VAL C 178 -5.71 -37.20 25.79
N VAL C 179 -5.05 -36.89 24.67
CA VAL C 179 -3.61 -37.03 24.53
C VAL C 179 -3.06 -35.67 24.11
N PRO C 180 -2.86 -34.75 25.04
CA PRO C 180 -2.45 -33.39 24.67
C PRO C 180 -0.98 -33.31 24.30
N VAL C 181 -0.70 -32.74 23.14
CA VAL C 181 0.66 -32.44 22.70
C VAL C 181 0.95 -31.00 23.05
N VAL C 182 1.96 -30.79 23.89
CA VAL C 182 2.23 -29.47 24.45
C VAL C 182 3.68 -29.08 24.15
N GLY C 183 3.89 -27.80 23.91
CA GLY C 183 5.21 -27.30 23.60
C GLY C 183 5.19 -25.80 23.38
N MET C 184 6.39 -25.27 23.12
CA MET C 184 6.57 -23.85 22.88
C MET C 184 6.04 -23.49 21.49
N PRO C 185 5.76 -22.20 21.22
CA PRO C 185 5.22 -21.83 19.90
C PRO C 185 6.15 -22.24 18.77
N GLY C 186 5.56 -22.67 17.67
CA GLY C 186 6.30 -23.05 16.48
C GLY C 186 7.14 -24.30 16.62
N LEU C 187 6.81 -25.19 17.56
CA LEU C 187 7.60 -26.39 17.77
C LEU C 187 7.28 -27.50 16.78
N GLY C 188 6.09 -27.49 16.19
CA GLY C 188 5.70 -28.55 15.29
C GLY C 188 4.53 -29.35 15.79
N LYS C 189 3.74 -28.75 16.69
CA LYS C 189 2.59 -29.46 17.26
C LYS C 189 1.53 -29.73 16.19
N THR C 190 1.21 -28.72 15.37
CA THR C 190 0.26 -28.93 14.30
C THR C 190 0.85 -29.82 13.20
N THR C 191 2.16 -29.73 12.97
CA THR C 191 2.80 -30.58 11.98
C THR C 191 2.75 -32.04 12.41
N LEU C 192 3.01 -32.32 13.69
CA LEU C 192 2.90 -33.68 14.20
C LEU C 192 1.45 -34.14 14.24
N ALA C 193 0.55 -33.23 14.61
CA ALA C 193 -0.88 -33.58 14.65
C ALA C 193 -1.39 -33.93 13.26
N TYR C 194 -0.94 -33.20 12.23
CA TYR C 194 -1.33 -33.52 10.87
C TYR C 194 -0.61 -34.76 10.35
N LYS C 195 0.61 -35.01 10.84
CA LYS C 195 1.30 -36.25 10.51
C LYS C 195 0.54 -37.46 11.05
N ILE C 196 0.05 -37.35 12.29
CA ILE C 196 -0.78 -38.41 12.86
C ILE C 196 -2.14 -38.45 12.18
N TYR C 197 -2.69 -37.27 11.86
CA TYR C 197 -4.03 -37.20 11.30
C TYR C 197 -4.11 -37.90 9.95
N LYS C 198 -3.06 -37.82 9.15
CA LYS C 198 -3.02 -38.48 7.85
C LYS C 198 -2.19 -39.75 7.85
N ASP C 199 -1.74 -40.22 9.01
CA ASP C 199 -0.92 -41.43 9.08
C ASP C 199 -1.75 -42.63 8.65
N PRO C 200 -1.18 -43.53 7.84
CA PRO C 200 -1.96 -44.71 7.41
C PRO C 200 -2.46 -45.58 8.56
N LYS C 201 -1.70 -45.68 9.64
CA LYS C 201 -2.17 -46.45 10.80
C LYS C 201 -3.40 -45.81 11.42
N VAL C 202 -3.40 -44.48 11.54
CA VAL C 202 -4.53 -43.77 12.13
C VAL C 202 -5.74 -43.82 11.20
N GLU C 203 -5.52 -43.60 9.90
CA GLU C 203 -6.62 -43.64 8.95
C GLU C 203 -7.30 -45.00 8.89
N TYR C 204 -6.57 -46.07 9.21
CA TYR C 204 -7.17 -47.40 9.26
C TYR C 204 -7.85 -47.65 10.60
N GLU C 205 -7.21 -47.22 11.69
CA GLU C 205 -7.75 -47.51 13.02
C GLU C 205 -9.01 -46.72 13.29
N PHE C 206 -8.99 -45.42 13.00
CA PHE C 206 -10.09 -44.51 13.32
C PHE C 206 -10.93 -44.30 12.07
N PHE C 207 -12.20 -44.73 12.13
CA PHE C 207 -13.11 -44.50 11.02
C PHE C 207 -13.44 -43.03 10.85
N THR C 208 -13.63 -42.32 11.96
CA THR C 208 -13.96 -40.90 11.94
C THR C 208 -12.77 -40.10 12.45
N ARG C 209 -12.29 -39.17 11.64
CA ARG C 209 -11.20 -38.28 12.01
C ARG C 209 -11.63 -36.85 11.73
N VAL C 210 -11.61 -36.02 12.77
CA VAL C 210 -12.10 -34.65 12.69
C VAL C 210 -10.98 -33.71 13.10
N TRP C 211 -10.75 -32.68 12.29
CA TRP C 211 -9.84 -31.60 12.62
C TRP C 211 -10.65 -30.35 12.97
N VAL C 212 -10.46 -29.87 14.19
CA VAL C 212 -11.14 -28.66 14.67
C VAL C 212 -10.07 -27.64 15.02
N TYR C 213 -10.13 -26.47 14.40
CA TYR C 213 -9.19 -25.39 14.70
C TYR C 213 -9.79 -24.52 15.80
N VAL C 214 -9.58 -24.93 17.04
CA VAL C 214 -9.89 -24.08 18.18
C VAL C 214 -8.78 -23.04 18.27
N SER C 215 -9.02 -21.94 18.96
CA SER C 215 -8.04 -20.86 19.05
C SER C 215 -8.38 -20.00 20.26
N GLN C 216 -7.73 -18.84 20.35
CA GLN C 216 -8.01 -17.90 21.42
C GLN C 216 -9.46 -17.46 21.38
N THR C 217 -9.94 -17.04 20.21
CA THR C 217 -11.32 -16.63 20.01
C THR C 217 -11.98 -17.57 19.03
N PHE C 218 -13.17 -18.05 19.36
CA PHE C 218 -13.92 -18.95 18.49
C PHE C 218 -15.39 -18.88 18.86
N LYS C 219 -16.23 -19.34 17.94
CA LYS C 219 -17.66 -19.45 18.17
C LYS C 219 -17.98 -20.91 18.49
N ARG C 220 -18.58 -21.15 19.65
CA ARG C 220 -18.96 -22.51 20.01
C ARG C 220 -19.96 -23.10 19.02
N ARG C 221 -20.77 -22.24 18.41
CA ARG C 221 -21.78 -22.72 17.45
C ARG C 221 -21.13 -23.15 16.15
N GLU C 222 -20.18 -22.36 15.64
CA GLU C 222 -19.60 -22.64 14.33
C GLU C 222 -18.79 -23.93 14.35
N ILE C 223 -18.26 -24.31 15.52
CA ILE C 223 -17.48 -25.54 15.61
C ILE C 223 -18.38 -26.75 15.42
N PHE C 224 -19.54 -26.75 16.10
CA PHE C 224 -20.46 -27.86 15.95
C PHE C 224 -21.07 -27.90 14.56
N LEU C 225 -21.30 -26.74 13.95
CA LEU C 225 -21.74 -26.71 12.55
C LEU C 225 -20.66 -27.24 11.61
N ASN C 226 -19.40 -26.91 11.90
CA ASN C 226 -18.29 -27.39 11.08
C ASN C 226 -18.19 -28.91 11.15
N ILE C 227 -18.31 -29.48 12.34
CA ILE C 227 -18.24 -30.93 12.50
C ILE C 227 -19.42 -31.60 11.82
N ILE C 228 -20.61 -30.98 11.92
CA ILE C 228 -21.80 -31.54 11.29
C ILE C 228 -21.66 -31.52 9.77
N SER C 229 -21.01 -30.49 9.23
CA SER C 229 -20.82 -30.39 7.79
C SER C 229 -19.96 -31.52 7.23
N LYS C 230 -19.19 -32.20 8.08
CA LYS C 230 -18.43 -33.35 7.62
C LYS C 230 -19.35 -34.48 7.15
N PHE C 231 -20.47 -34.67 7.86
CA PHE C 231 -21.33 -35.83 7.63
C PHE C 231 -22.52 -35.50 6.74
N THR C 232 -23.34 -34.53 7.15
CA THR C 232 -24.50 -34.12 6.38
C THR C 232 -24.27 -32.72 5.83
N ARG C 233 -24.61 -32.52 4.56
CA ARG C 233 -24.33 -31.25 3.89
C ARG C 233 -25.46 -30.25 4.03
N ASN C 234 -26.62 -30.67 4.53
CA ASN C 234 -27.78 -29.77 4.66
C ASN C 234 -27.56 -28.88 5.87
N THR C 235 -27.18 -27.63 5.61
CA THR C 235 -26.92 -26.68 6.69
C THR C 235 -28.13 -25.79 6.97
N LYS C 236 -29.09 -25.73 6.05
CA LYS C 236 -30.22 -24.83 6.22
C LYS C 236 -31.14 -25.25 7.35
N GLN C 237 -31.18 -26.55 7.67
CA GLN C 237 -32.08 -27.05 8.70
C GLN C 237 -31.59 -26.74 10.11
N TYR C 238 -30.37 -26.22 10.27
CA TYR C 238 -29.83 -25.88 11.57
C TYR C 238 -29.67 -24.38 11.77
N ASP C 239 -30.47 -23.57 11.07
CA ASP C 239 -30.32 -22.12 11.14
C ASP C 239 -30.76 -21.57 12.48
N ASP C 240 -31.74 -22.20 13.13
CA ASP C 240 -32.24 -21.73 14.41
C ASP C 240 -32.07 -22.72 15.55
N THR C 241 -31.45 -23.86 15.32
CA THR C 241 -31.26 -24.85 16.37
C THR C 241 -30.33 -24.31 17.44
N PRO C 242 -30.66 -24.46 18.72
CA PRO C 242 -29.79 -23.96 19.79
C PRO C 242 -28.44 -24.65 19.80
N GLU C 243 -27.47 -24.00 20.46
CA GLU C 243 -26.11 -24.52 20.51
C GLU C 243 -26.06 -25.89 21.17
N ASP C 244 -26.74 -26.05 22.32
CA ASP C 244 -26.71 -27.33 23.02
C ASP C 244 -27.41 -28.42 22.22
N ASP C 245 -28.45 -28.07 21.47
CA ASP C 245 -29.08 -29.05 20.59
C ASP C 245 -28.18 -29.41 19.42
N LEU C 246 -27.37 -28.46 18.96
CA LEU C 246 -26.36 -28.78 17.95
C LEU C 246 -25.31 -29.73 18.49
N ALA C 247 -24.90 -29.53 19.74
CA ALA C 247 -23.96 -30.45 20.39
C ALA C 247 -24.58 -31.83 20.53
N ASN C 248 -25.89 -31.90 20.78
CA ASN C 248 -26.58 -33.19 20.83
C ASN C 248 -26.55 -33.87 19.47
N GLU C 249 -26.69 -33.09 18.40
CA GLU C 249 -26.63 -33.66 17.05
C GLU C 249 -25.22 -34.15 16.71
N VAL C 250 -24.21 -33.42 17.16
CA VAL C 250 -22.82 -33.85 16.97
C VAL C 250 -22.58 -35.17 17.71
N LYS C 251 -23.22 -35.33 18.87
CA LYS C 251 -23.08 -36.57 19.63
C LYS C 251 -23.56 -37.77 18.83
N GLU C 252 -24.70 -37.63 18.15
CA GLU C 252 -25.23 -38.73 17.36
C GLU C 252 -24.33 -39.06 16.16
N LEU C 253 -23.75 -38.03 15.54
CA LEU C 253 -22.94 -38.25 14.35
C LEU C 253 -21.65 -38.99 14.70
N LEU C 254 -20.97 -38.56 15.75
CA LEU C 254 -19.71 -39.19 16.13
C LEU C 254 -19.95 -40.58 16.71
N GLY C 255 -21.02 -40.76 17.47
CA GLY C 255 -21.28 -42.04 18.10
C GLY C 255 -21.51 -43.18 17.11
N LYS C 256 -22.27 -42.91 16.04
CA LYS C 256 -22.54 -43.94 15.05
C LYS C 256 -21.31 -44.27 14.22
N GLY C 257 -20.31 -43.39 14.20
CA GLY C 257 -19.14 -43.58 13.37
C GLY C 257 -18.08 -44.45 14.02
N GLY C 258 -18.43 -45.11 15.12
CA GLY C 258 -17.47 -45.97 15.78
C GLY C 258 -16.39 -45.18 16.49
N LYS C 259 -15.24 -45.84 16.64
CA LYS C 259 -14.09 -45.22 17.30
C LYS C 259 -13.61 -44.03 16.47
N TYR C 260 -13.44 -42.88 17.12
CA TYR C 260 -13.15 -41.64 16.43
C TYR C 260 -12.00 -40.89 17.11
N LEU C 261 -11.30 -40.09 16.31
CA LEU C 261 -10.22 -39.25 16.78
C LEU C 261 -10.53 -37.81 16.38
N ILE C 262 -10.33 -36.88 17.32
CA ILE C 262 -10.61 -35.47 17.09
C ILE C 262 -9.36 -34.67 17.43
N VAL C 263 -8.87 -33.91 16.46
CA VAL C 263 -7.66 -33.10 16.64
C VAL C 263 -8.13 -31.69 17.01
N LEU C 264 -8.15 -31.42 18.31
CA LEU C 264 -8.50 -30.09 18.81
C LEU C 264 -7.26 -29.22 18.76
N ASP C 265 -7.01 -28.65 17.58
CA ASP C 265 -5.82 -27.85 17.35
C ASP C 265 -5.88 -26.55 18.14
N ASP C 266 -4.85 -26.30 18.94
CA ASP C 266 -4.64 -25.01 19.61
C ASP C 266 -5.78 -24.66 20.56
N VAL C 267 -6.02 -25.54 21.53
CA VAL C 267 -6.96 -25.23 22.60
C VAL C 267 -6.21 -24.42 23.66
N TRP C 268 -6.73 -23.23 23.98
CA TRP C 268 -6.01 -22.30 24.83
C TRP C 268 -6.47 -22.31 26.29
N THR C 269 -7.71 -22.73 26.56
CA THR C 269 -8.24 -22.67 27.91
C THR C 269 -8.97 -23.97 28.23
N MET C 270 -9.06 -24.27 29.53
CA MET C 270 -9.88 -25.39 29.97
C MET C 270 -11.37 -25.08 29.83
N GLU C 271 -11.75 -23.80 29.92
CA GLU C 271 -13.14 -23.41 29.71
C GLU C 271 -13.59 -23.75 28.30
N ALA C 272 -12.71 -23.55 27.31
CA ALA C 272 -13.04 -23.91 25.93
C ALA C 272 -13.19 -25.42 25.78
N TRP C 273 -12.33 -26.20 26.46
CA TRP C 273 -12.42 -27.65 26.38
C TRP C 273 -13.73 -28.15 26.97
N ASP C 274 -14.16 -27.58 28.09
CA ASP C 274 -15.43 -27.99 28.71
C ASP C 274 -16.61 -27.62 27.82
N ARG C 275 -16.54 -26.45 27.17
CA ARG C 275 -17.63 -26.02 26.30
C ARG C 275 -17.76 -26.93 25.09
N ILE C 276 -16.64 -27.41 24.55
CA ILE C 276 -16.67 -28.17 23.30
C ILE C 276 -16.88 -29.65 23.58
N LYS C 277 -16.36 -30.17 24.70
CA LYS C 277 -16.39 -31.60 24.95
C LYS C 277 -17.80 -32.13 25.23
N ILE C 278 -18.77 -31.24 25.43
CA ILE C 278 -20.14 -31.69 25.68
C ILE C 278 -20.73 -32.41 24.47
N ALA C 279 -20.15 -32.21 23.29
CA ALA C 279 -20.63 -32.87 22.08
C ALA C 279 -19.88 -34.14 21.74
N PHE C 280 -18.88 -34.53 22.54
CA PHE C 280 -18.11 -35.72 22.27
C PHE C 280 -18.70 -36.89 23.03
N PRO C 281 -19.27 -37.89 22.36
CA PRO C 281 -19.94 -38.98 23.08
C PRO C 281 -18.96 -39.90 23.78
N ASN C 282 -19.35 -40.35 24.97
CA ASN C 282 -18.60 -41.35 25.71
C ASN C 282 -19.22 -42.73 25.51
N ASN C 283 -19.13 -43.25 24.28
CA ASN C 283 -19.79 -44.50 23.94
C ASN C 283 -19.06 -45.72 24.47
N GLY C 284 -17.86 -45.56 25.02
CA GLY C 284 -17.06 -46.71 25.41
C GLY C 284 -16.45 -47.44 24.24
N LYS C 285 -16.09 -46.73 23.17
CA LYS C 285 -15.51 -47.32 21.98
C LYS C 285 -14.06 -46.89 21.77
N ARG C 286 -13.36 -46.52 22.84
CA ARG C 286 -11.95 -46.15 22.79
C ARG C 286 -11.70 -44.94 21.90
N ASN C 287 -12.65 -44.02 21.83
CA ASN C 287 -12.45 -42.82 21.04
C ASN C 287 -11.54 -41.84 21.77
N ARG C 288 -10.65 -41.21 21.01
CA ARG C 288 -9.59 -40.39 21.57
C ARG C 288 -9.72 -38.95 21.09
N VAL C 289 -9.04 -38.05 21.80
CA VAL C 289 -8.91 -36.66 21.41
C VAL C 289 -7.44 -36.29 21.44
N LEU C 290 -6.93 -35.79 20.32
CA LEU C 290 -5.55 -35.33 20.20
C LEU C 290 -5.56 -33.80 20.26
N MET C 291 -5.06 -33.25 21.36
CA MET C 291 -5.26 -31.84 21.70
C MET C 291 -3.91 -31.12 21.73
N THR C 292 -3.49 -30.57 20.59
CA THR C 292 -2.30 -29.75 20.55
C THR C 292 -2.57 -28.41 21.25
N THR C 293 -1.60 -27.95 22.03
CA THR C 293 -1.78 -26.73 22.79
C THR C 293 -0.41 -26.20 23.23
N ARG C 294 -0.34 -24.89 23.46
CA ARG C 294 0.83 -24.29 24.08
C ARG C 294 0.78 -24.31 25.60
N GLN C 295 -0.33 -24.76 26.18
CA GLN C 295 -0.57 -24.65 27.62
C GLN C 295 -0.37 -26.01 28.28
N SER C 296 0.47 -26.05 29.30
CA SER C 296 0.66 -27.28 30.06
C SER C 296 -0.37 -27.42 31.16
N ASN C 297 -0.89 -26.30 31.68
CA ASN C 297 -1.97 -26.38 32.67
C ASN C 297 -3.22 -27.00 32.05
N VAL C 298 -3.56 -26.60 30.83
CA VAL C 298 -4.70 -27.19 30.13
C VAL C 298 -4.42 -28.64 29.78
N ALA C 299 -3.17 -28.93 29.39
CA ALA C 299 -2.80 -30.29 29.02
C ALA C 299 -2.87 -31.23 30.21
N LYS C 300 -2.36 -30.80 31.37
CA LYS C 300 -2.36 -31.65 32.55
C LYS C 300 -3.77 -31.90 33.06
N ARG C 301 -4.65 -30.90 32.97
CA ARG C 301 -5.99 -31.05 33.49
C ARG C 301 -6.87 -31.93 32.61
N CYS C 302 -6.46 -32.15 31.36
CA CYS C 302 -7.17 -33.08 30.49
C CYS C 302 -6.58 -34.49 30.53
N ASN C 303 -5.26 -34.59 30.70
CA ASN C 303 -4.61 -35.88 30.90
C ASN C 303 -3.44 -35.68 31.86
N ASP C 304 -3.29 -36.59 32.81
CA ASP C 304 -2.33 -36.40 33.90
C ASP C 304 -0.88 -36.41 33.43
N LYS C 305 -0.59 -36.97 32.26
CA LYS C 305 0.77 -37.09 31.75
C LYS C 305 0.84 -36.55 30.33
N PRO C 306 0.81 -35.22 30.16
CA PRO C 306 0.80 -34.66 28.82
C PRO C 306 2.07 -34.99 28.04
N HIS C 307 1.92 -35.10 26.73
CA HIS C 307 3.02 -35.43 25.82
C HIS C 307 3.72 -34.14 25.40
N ASP C 308 4.97 -33.98 25.80
CA ASP C 308 5.73 -32.80 25.43
C ASP C 308 6.48 -33.05 24.13
N LEU C 309 6.37 -32.13 23.19
CA LEU C 309 7.03 -32.29 21.90
C LEU C 309 8.53 -32.01 22.03
N LYS C 310 9.30 -32.63 21.14
CA LYS C 310 10.75 -32.56 21.19
C LYS C 310 11.27 -31.46 20.26
N PHE C 311 12.54 -31.10 20.46
CA PHE C 311 13.23 -30.20 19.56
C PHE C 311 14.06 -30.99 18.55
N LEU C 312 14.19 -30.44 17.36
CA LEU C 312 15.04 -31.06 16.35
C LEU C 312 16.50 -31.01 16.77
N THR C 313 17.23 -32.09 16.47
CA THR C 313 18.64 -32.14 16.79
C THR C 313 19.42 -31.25 15.82
N LYS C 314 20.73 -31.12 16.09
CA LYS C 314 21.57 -30.30 15.21
C LYS C 314 21.64 -30.89 13.80
N ASP C 315 21.69 -32.22 13.70
CA ASP C 315 21.70 -32.86 12.38
C ASP C 315 20.37 -32.66 11.67
N GLU C 316 19.26 -32.73 12.40
CA GLU C 316 17.95 -32.58 11.79
C GLU C 316 17.68 -31.14 11.39
N SER C 317 18.23 -30.18 12.15
CA SER C 317 18.07 -28.77 11.79
C SER C 317 18.73 -28.46 10.45
N TRP C 318 19.94 -29.00 10.22
CA TRP C 318 20.62 -28.79 8.94
C TRP C 318 19.91 -29.53 7.81
N GLU C 319 19.38 -30.72 8.09
CA GLU C 319 18.68 -31.48 7.05
C GLU C 319 17.42 -30.76 6.61
N LEU C 320 16.70 -30.16 7.56
CA LEU C 320 15.48 -29.41 7.21
C LEU C 320 15.83 -28.12 6.49
N LEU C 321 16.85 -27.40 6.98
CA LEU C 321 17.23 -26.14 6.35
C LEU C 321 17.72 -26.36 4.92
N GLU C 322 18.52 -27.41 4.70
CA GLU C 322 18.99 -27.73 3.36
C GLU C 322 17.83 -28.09 2.44
N LYS C 323 16.85 -28.84 2.97
CA LYS C 323 15.69 -29.20 2.17
C LYS C 323 14.87 -27.98 1.80
N LYS C 324 14.69 -27.05 2.74
CA LYS C 324 13.87 -25.87 2.48
C LYS C 324 14.54 -24.94 1.47
N VAL C 325 15.83 -24.67 1.64
CA VAL C 325 16.53 -23.72 0.77
C VAL C 325 16.70 -24.29 -0.63
N PHE C 326 17.06 -25.56 -0.75
CA PHE C 326 17.38 -26.18 -2.03
C PHE C 326 16.28 -27.16 -2.42
N HIS C 327 15.73 -26.98 -3.63
CA HIS C 327 14.65 -27.83 -4.11
C HIS C 327 15.19 -29.17 -4.60
N LYS C 328 15.23 -30.17 -3.70
CA LYS C 328 15.63 -31.53 -4.04
C LYS C 328 17.04 -31.58 -4.63
N GLU C 329 17.94 -30.80 -4.05
CA GLU C 329 19.33 -30.79 -4.49
C GLU C 329 20.23 -30.54 -3.28
N LYS C 330 21.47 -31.02 -3.38
CA LYS C 330 22.40 -30.92 -2.27
C LYS C 330 22.99 -29.51 -2.18
N CYS C 331 23.47 -29.18 -0.99
CA CYS C 331 24.06 -27.87 -0.77
C CYS C 331 25.44 -27.79 -1.42
N PRO C 332 25.80 -26.65 -2.02
CA PRO C 332 27.16 -26.47 -2.49
C PRO C 332 28.13 -26.54 -1.32
N PRO C 333 29.35 -27.04 -1.55
CA PRO C 333 30.30 -27.17 -0.43
C PRO C 333 30.66 -25.85 0.21
N GLU C 334 30.66 -24.75 -0.53
CA GLU C 334 31.00 -23.45 0.05
C GLU C 334 29.91 -22.97 1.00
N LEU C 335 28.66 -23.32 0.74
CA LEU C 335 27.55 -22.89 1.58
C LEU C 335 27.22 -23.87 2.70
N GLU C 336 27.87 -25.03 2.74
CA GLU C 336 27.57 -26.00 3.79
C GLU C 336 28.08 -25.53 5.13
N LEU C 337 29.26 -24.93 5.17
CA LEU C 337 29.82 -24.44 6.44
C LEU C 337 28.98 -23.35 7.08
N PRO C 338 28.55 -22.29 6.38
CA PRO C 338 27.70 -21.30 7.05
C PRO C 338 26.28 -21.78 7.27
N GLY C 339 25.77 -22.66 6.40
CA GLY C 339 24.42 -23.18 6.58
C GLY C 339 24.28 -24.01 7.84
N ILE C 340 25.28 -24.81 8.16
CA ILE C 340 25.25 -25.62 9.38
C ILE C 340 25.23 -24.71 10.60
N SER C 341 26.01 -23.64 10.58
CA SER C 341 26.02 -22.70 11.69
C SER C 341 24.66 -22.05 11.89
N ILE C 342 23.98 -21.72 10.80
CA ILE C 342 22.65 -21.12 10.90
C ILE C 342 21.67 -22.10 11.54
N ALA C 343 21.72 -23.36 11.11
CA ALA C 343 20.81 -24.37 11.66
C ALA C 343 21.06 -24.59 13.14
N GLU C 344 22.33 -24.53 13.56
CA GLU C 344 22.66 -24.63 14.97
C GLU C 344 22.07 -23.47 15.77
N LYS C 345 22.09 -22.27 15.19
CA LYS C 345 21.61 -21.09 15.90
C LYS C 345 20.09 -21.01 15.97
N CYS C 346 19.38 -21.81 15.16
CA CYS C 346 17.93 -21.90 15.28
C CYS C 346 17.49 -22.69 16.49
N MET C 347 18.42 -23.36 17.18
CA MET C 347 18.14 -24.09 18.41
C MET C 347 17.07 -25.16 18.20
N GLY C 348 17.10 -25.81 17.03
CA GLY C 348 16.22 -26.93 16.78
C GLY C 348 14.75 -26.59 16.69
N LEU C 349 14.40 -25.33 16.50
CA LEU C 349 13.01 -24.93 16.38
C LEU C 349 12.62 -24.91 14.91
N PRO C 350 11.68 -25.75 14.47
CA PRO C 350 11.33 -25.76 13.04
C PRO C 350 10.80 -24.44 12.52
N LEU C 351 10.15 -23.64 13.37
CA LEU C 351 9.67 -22.33 12.94
C LEU C 351 10.83 -21.42 12.57
N ALA C 352 11.88 -21.39 13.40
CA ALA C 352 13.04 -20.57 13.10
C ALA C 352 13.74 -21.02 11.83
N ILE C 353 13.83 -22.33 11.63
CA ILE C 353 14.48 -22.86 10.43
C ILE C 353 13.72 -22.45 9.17
N VAL C 354 12.39 -22.55 9.21
CA VAL C 354 11.58 -22.19 8.06
C VAL C 354 11.70 -20.69 7.77
N VAL C 355 11.71 -19.87 8.83
CA VAL C 355 11.83 -18.43 8.64
C VAL C 355 13.19 -18.06 8.05
N ILE C 356 14.26 -18.64 8.60
CA ILE C 356 15.59 -18.33 8.12
C ILE C 356 15.81 -18.88 6.71
N ALA C 357 15.05 -19.91 6.33
CA ALA C 357 15.18 -20.46 4.98
C ALA C 357 14.65 -19.47 3.94
N GLY C 358 13.59 -18.73 4.28
CA GLY C 358 13.09 -17.72 3.37
C GLY C 358 14.07 -16.59 3.16
N ALA C 359 14.79 -16.21 4.22
CA ALA C 359 15.82 -15.19 4.10
C ALA C 359 16.99 -15.69 3.24
N LEU C 360 17.37 -16.95 3.43
CA LEU C 360 18.51 -17.50 2.68
C LEU C 360 18.23 -17.53 1.18
N ILE C 361 16.99 -17.88 0.80
CA ILE C 361 16.65 -17.92 -0.61
C ILE C 361 16.77 -16.54 -1.24
N GLY C 362 16.30 -15.51 -0.55
CA GLY C 362 16.44 -14.15 -1.05
C GLY C 362 17.87 -13.68 -1.10
N LYS C 363 18.73 -14.17 -0.21
CA LYS C 363 20.11 -13.75 -0.12
C LYS C 363 21.03 -14.47 -1.11
N GLY C 364 20.49 -15.09 -2.16
CA GLY C 364 21.34 -15.70 -3.16
C GLY C 364 22.02 -16.95 -2.64
N LYS C 365 23.10 -17.35 -3.33
CA LYS C 365 23.86 -18.57 -3.02
C LYS C 365 25.34 -18.21 -2.90
N THR C 366 25.63 -17.13 -2.17
CA THR C 366 27.00 -16.66 -2.00
C THR C 366 27.42 -16.90 -0.56
N THR C 367 28.69 -17.28 -0.38
CA THR C 367 29.22 -17.52 0.96
C THR C 367 29.17 -16.25 1.81
N ARG C 368 29.46 -15.10 1.21
CA ARG C 368 29.45 -13.84 1.96
C ARG C 368 28.07 -13.55 2.51
N GLU C 369 27.02 -13.73 1.70
CA GLU C 369 25.67 -13.41 2.14
C GLU C 369 25.17 -14.39 3.19
N TRP C 370 25.50 -15.67 3.03
CA TRP C 370 25.11 -16.65 4.04
C TRP C 370 25.85 -16.42 5.35
N GLU C 371 27.02 -15.78 5.30
CA GLU C 371 27.73 -15.44 6.52
C GLU C 371 27.06 -14.28 7.24
N LEU C 372 26.47 -13.35 6.48
CA LEU C 372 25.76 -12.24 7.10
C LEU C 372 24.50 -12.71 7.82
N VAL C 373 23.79 -13.68 7.24
CA VAL C 373 22.59 -14.23 7.88
C VAL C 373 22.98 -14.93 9.18
N ALA C 374 24.09 -15.67 9.16
CA ALA C 374 24.54 -16.37 10.35
C ALA C 374 24.87 -15.39 11.47
N ALA C 375 25.49 -14.27 11.14
CA ALA C 375 25.81 -13.25 12.13
C ALA C 375 24.58 -12.56 12.69
N SER C 376 23.42 -12.67 12.03
CA SER C 376 22.21 -12.01 12.49
C SER C 376 20.99 -12.92 12.38
N VAL C 377 21.09 -14.16 12.85
CA VAL C 377 19.97 -15.10 12.75
C VAL C 377 18.77 -14.57 13.53
N GLY C 378 19.01 -14.06 14.73
CA GLY C 378 17.91 -13.56 15.56
C GLY C 378 17.19 -12.38 14.93
N GLU C 379 17.94 -11.49 14.28
CA GLU C 379 17.33 -10.34 13.63
C GLU C 379 16.40 -10.76 12.49
N HIS C 380 16.82 -11.76 11.71
CA HIS C 380 16.01 -12.21 10.59
C HIS C 380 14.73 -12.90 11.05
N LEU C 381 14.68 -13.34 12.31
CA LEU C 381 13.50 -14.06 12.81
C LEU C 381 12.41 -13.09 13.24
N ILE C 382 12.73 -12.19 14.16
CA ILE C 382 11.73 -11.31 14.75
C ILE C 382 11.51 -10.07 13.91
N ASN C 383 12.58 -9.36 13.57
CA ASN C 383 12.44 -8.06 12.92
C ASN C 383 12.08 -8.18 11.45
N ARG C 384 12.86 -8.94 10.68
CA ARG C 384 12.66 -8.98 9.23
C ARG C 384 11.43 -9.77 8.83
N ASP C 385 10.99 -10.71 9.66
CA ASP C 385 9.81 -11.53 9.38
C ASP C 385 8.85 -11.45 10.56
N PRO C 386 8.13 -10.34 10.69
CA PRO C 386 7.18 -10.22 11.81
C PRO C 386 5.97 -11.11 11.68
N GLU C 387 5.58 -11.48 10.45
CA GLU C 387 4.38 -12.29 10.27
C GLU C 387 4.58 -13.71 10.79
N ASN C 388 5.80 -14.23 10.70
CA ASN C 388 6.01 -15.63 11.03
C ASN C 388 6.36 -15.82 12.51
N CYS C 389 7.44 -15.18 12.97
CA CYS C 389 7.92 -15.37 14.34
C CYS C 389 7.31 -14.38 15.32
N LYS C 390 7.36 -13.08 15.00
CA LYS C 390 6.90 -12.07 15.94
C LYS C 390 5.42 -12.21 16.24
N LYS C 391 4.59 -12.45 15.21
CA LYS C 391 3.16 -12.52 15.42
C LYS C 391 2.75 -13.78 16.18
N LEU C 392 3.42 -14.91 15.90
CA LEU C 392 3.07 -16.15 16.59
C LEU C 392 3.39 -16.07 18.08
N VAL C 393 4.53 -15.49 18.44
CA VAL C 393 4.88 -15.32 19.85
C VAL C 393 3.91 -14.35 20.53
N GLN C 394 3.44 -13.34 19.79
CA GLN C 394 2.56 -12.33 20.39
C GLN C 394 1.25 -12.94 20.86
N MET C 395 0.84 -14.08 20.31
CA MET C 395 -0.39 -14.72 20.75
C MET C 395 -0.30 -15.15 22.21
N SER C 396 0.83 -15.77 22.60
CA SER C 396 1.01 -16.17 23.98
C SER C 396 1.38 -14.98 24.87
N TYR C 397 2.16 -14.04 24.34
CA TYR C 397 2.62 -12.92 25.16
C TYR C 397 1.47 -12.00 25.54
N ASP C 398 0.64 -11.63 24.55
CA ASP C 398 -0.47 -10.71 24.82
C ASP C 398 -1.55 -11.34 25.68
N ARG C 399 -1.58 -12.67 25.77
CA ARG C 399 -2.55 -13.36 26.62
C ARG C 399 -2.15 -13.35 28.09
N LEU C 400 -0.92 -12.99 28.40
CA LEU C 400 -0.46 -12.94 29.77
C LEU C 400 -1.21 -11.88 30.56
N PRO C 401 -1.38 -12.06 31.86
CA PRO C 401 -1.82 -10.95 32.72
C PRO C 401 -0.76 -9.85 32.71
N TYR C 402 -1.22 -8.63 33.01
CA TYR C 402 -0.35 -7.47 32.92
C TYR C 402 0.89 -7.60 33.81
N ASP C 403 0.73 -8.27 34.95
CA ASP C 403 1.87 -8.46 35.85
C ASP C 403 2.84 -9.49 35.29
N LEU C 404 2.33 -10.52 34.60
CA LEU C 404 3.20 -11.56 34.07
C LEU C 404 4.02 -11.08 32.89
N LYS C 405 3.54 -10.08 32.15
CA LYS C 405 4.27 -9.60 30.99
C LYS C 405 5.59 -8.97 31.38
N ALA C 406 5.59 -8.18 32.47
CA ALA C 406 6.83 -7.58 32.93
C ALA C 406 7.79 -8.65 33.45
N CYS C 407 7.25 -9.75 33.98
CA CYS C 407 8.09 -10.83 34.47
C CYS C 407 8.70 -11.63 33.32
N PHE C 408 7.90 -11.88 32.27
CA PHE C 408 8.39 -12.67 31.14
C PHE C 408 9.47 -11.93 30.37
N LEU C 409 9.20 -10.66 30.04
CA LEU C 409 10.19 -9.88 29.30
C LEU C 409 11.46 -9.67 30.11
N TYR C 410 11.35 -9.64 31.44
CA TYR C 410 12.53 -9.49 32.29
C TYR C 410 13.51 -10.65 32.14
N CYS C 411 13.03 -11.83 31.72
CA CYS C 411 13.92 -12.96 31.52
C CYS C 411 14.86 -12.75 30.34
N GLY C 412 14.53 -11.84 29.42
CA GLY C 412 15.39 -11.56 28.29
C GLY C 412 16.57 -10.65 28.60
N ALA C 413 16.64 -10.12 29.83
CA ALA C 413 17.78 -9.30 30.21
C ALA C 413 19.05 -10.13 30.31
N PHE C 414 18.93 -11.40 30.67
CA PHE C 414 20.06 -12.31 30.80
C PHE C 414 20.51 -12.80 29.42
N PRO C 415 21.78 -13.17 29.28
CA PRO C 415 22.31 -13.51 27.95
C PRO C 415 21.55 -14.66 27.30
N GLY C 416 21.43 -14.58 25.97
CA GLY C 416 20.79 -15.63 25.20
C GLY C 416 21.49 -16.97 25.34
N GLY C 417 20.72 -18.01 25.66
CA GLY C 417 21.27 -19.33 25.88
C GLY C 417 21.76 -19.60 27.28
N SER C 418 21.75 -18.61 28.16
CA SER C 418 22.20 -18.81 29.53
C SER C 418 21.09 -19.46 30.36
N GLN C 419 21.47 -19.94 31.54
CA GLN C 419 20.55 -20.55 32.48
C GLN C 419 20.42 -19.64 33.71
N ILE C 420 19.19 -19.28 34.03
CA ILE C 420 18.89 -18.31 35.08
C ILE C 420 18.56 -19.08 36.36
N PRO C 421 19.24 -18.82 37.47
CA PRO C 421 18.82 -19.42 38.75
C PRO C 421 17.41 -19.00 39.11
N ALA C 422 16.55 -19.98 39.38
CA ALA C 422 15.15 -19.68 39.67
C ALA C 422 15.00 -18.86 40.93
N LYS C 423 15.78 -19.16 41.96
CA LYS C 423 15.72 -18.38 43.20
C LYS C 423 16.13 -16.93 42.94
N LYS C 424 17.18 -16.73 42.16
CA LYS C 424 17.62 -15.37 41.83
C LYS C 424 16.56 -14.64 41.01
N LEU C 425 15.93 -15.34 40.06
CA LEU C 425 14.92 -14.71 39.21
C LEU C 425 13.70 -14.28 40.03
N ILE C 426 13.28 -15.12 40.98
CA ILE C 426 12.09 -14.82 41.77
C ILE C 426 12.30 -13.55 42.58
N ARG C 427 13.46 -13.42 43.22
CA ARG C 427 13.73 -12.24 44.03
C ARG C 427 13.93 -10.99 43.18
N LEU C 428 14.25 -11.17 41.90
CA LEU C 428 14.40 -10.02 41.02
C LEU C 428 13.04 -9.45 40.64
N TRP C 429 12.06 -10.32 40.40
CA TRP C 429 10.70 -9.85 40.11
C TRP C 429 10.11 -9.10 41.29
N ILE C 430 10.29 -9.63 42.50
CA ILE C 430 9.71 -9.00 43.68
C ILE C 430 10.43 -7.71 44.04
N ALA C 431 11.76 -7.69 43.98
CA ALA C 431 12.51 -6.49 44.31
C ALA C 431 12.24 -5.36 43.32
N GLU C 432 12.13 -5.71 42.03
CA GLU C 432 11.85 -4.69 41.01
C GLU C 432 10.48 -4.06 41.22
N GLY C 433 9.48 -4.86 41.53
CA GLY C 433 8.13 -4.39 41.71
C GLY C 433 7.11 -4.97 40.75
N PHE C 434 7.38 -6.10 40.13
CA PHE C 434 6.40 -6.74 39.24
C PHE C 434 5.38 -7.58 39.98
N ILE C 435 5.74 -8.09 41.16
CA ILE C 435 4.82 -8.90 41.95
C ILE C 435 3.97 -7.98 42.82
N GLN C 436 2.82 -7.55 42.30
CA GLN C 436 1.87 -6.75 43.04
C GLN C 436 0.73 -7.65 43.49
N TYR C 437 0.73 -8.02 44.77
CA TYR C 437 -0.22 -8.99 45.30
C TYR C 437 -0.55 -8.60 46.73
N GLN C 438 -1.84 -8.60 47.06
CA GLN C 438 -2.31 -8.10 48.35
C GLN C 438 -3.03 -9.16 49.17
N GLY C 439 -2.85 -10.45 48.87
CA GLY C 439 -3.45 -11.50 49.64
C GLY C 439 -2.57 -11.92 50.80
N PRO C 440 -2.97 -12.97 51.52
CA PRO C 440 -2.16 -13.44 52.66
C PRO C 440 -0.94 -14.25 52.25
N LEU C 441 -0.85 -14.69 51.00
CA LEU C 441 0.29 -15.48 50.56
C LEU C 441 1.57 -14.65 50.57
N ALA C 442 2.68 -15.30 50.89
CA ALA C 442 3.98 -14.65 50.79
C ALA C 442 4.29 -14.35 49.34
N LEU C 443 5.08 -13.29 49.13
CA LEU C 443 5.38 -12.84 47.77
C LEU C 443 6.12 -13.89 46.97
N GLU C 444 7.08 -14.58 47.59
CA GLU C 444 7.83 -15.60 46.86
C GLU C 444 6.96 -16.78 46.47
N ASP C 445 5.93 -17.09 47.26
CA ASP C 445 4.99 -18.13 46.86
C ASP C 445 4.18 -17.69 45.65
N VAL C 446 3.81 -16.42 45.57
CA VAL C 446 3.10 -15.91 44.41
C VAL C 446 4.01 -15.85 43.20
N ALA C 447 5.25 -15.38 43.38
CA ALA C 447 6.19 -15.30 42.27
C ALA C 447 6.54 -16.68 41.74
N GLU C 448 6.68 -17.66 42.64
CA GLU C 448 6.90 -19.04 42.19
C GLU C 448 5.71 -19.54 41.39
N ASP C 449 4.51 -19.08 41.72
CA ASP C 449 3.34 -19.42 40.91
C ASP C 449 3.39 -18.72 39.56
N HIS C 450 3.93 -17.50 39.52
CA HIS C 450 4.09 -16.80 38.26
C HIS C 450 5.11 -17.49 37.37
N LEU C 451 6.26 -17.89 37.94
CA LEU C 451 7.27 -18.59 37.18
C LEU C 451 6.76 -19.92 36.67
N ASN C 452 6.01 -20.66 37.51
CA ASN C 452 5.40 -21.90 37.06
C ASN C 452 4.32 -21.64 36.02
N ASP C 453 3.69 -20.47 36.05
CA ASP C 453 2.72 -20.12 35.02
C ASP C 453 3.40 -19.89 33.68
N LEU C 454 4.56 -19.22 33.68
CA LEU C 454 5.30 -19.03 32.44
C LEU C 454 5.77 -20.36 31.87
N VAL C 455 6.26 -21.25 32.75
CA VAL C 455 6.68 -22.58 32.29
C VAL C 455 5.49 -23.37 31.79
N ASN C 456 4.34 -23.23 32.45
CA ASN C 456 3.14 -23.90 31.98
C ASN C 456 2.73 -23.40 30.60
N ARG C 457 2.80 -22.08 30.38
CA ARG C 457 2.53 -21.53 29.07
C ARG C 457 3.64 -21.78 28.07
N ASN C 458 4.71 -22.46 28.50
CA ASN C 458 5.85 -22.82 27.64
C ASN C 458 6.54 -21.59 27.06
N LEU C 459 6.44 -20.46 27.75
CA LEU C 459 7.28 -19.31 27.44
C LEU C 459 8.65 -19.41 28.08
N VAL C 460 8.81 -20.31 29.05
CA VAL C 460 10.08 -20.54 29.73
C VAL C 460 10.27 -22.05 29.85
N MET C 461 11.52 -22.49 29.73
CA MET C 461 11.88 -23.90 29.78
C MET C 461 12.69 -24.16 31.04
N VAL C 462 12.35 -25.23 31.75
CA VAL C 462 13.06 -25.59 32.97
C VAL C 462 14.18 -26.55 32.64
N THR C 463 15.40 -26.23 33.09
CA THR C 463 16.54 -27.12 32.90
C THR C 463 16.72 -28.06 34.08
N GLN C 464 16.63 -27.56 35.30
CA GLN C 464 16.81 -28.37 36.50
C GLN C 464 15.61 -28.20 37.41
N ARG C 465 15.05 -29.32 37.87
CA ARG C 465 14.00 -29.33 38.87
C ARG C 465 14.51 -30.07 40.10
N SER C 466 14.29 -29.47 41.27
CA SER C 466 14.75 -30.09 42.51
C SER C 466 13.98 -31.38 42.78
N CYS C 467 14.53 -32.20 43.67
CA CYS C 467 13.87 -33.45 44.04
C CYS C 467 12.51 -33.20 44.68
N SER C 468 12.34 -32.05 45.34
CA SER C 468 11.05 -31.68 45.91
C SER C 468 10.05 -31.25 44.87
N GLY C 469 10.47 -31.02 43.62
CA GLY C 469 9.59 -30.62 42.55
C GLY C 469 9.67 -29.16 42.18
N GLN C 470 10.36 -28.33 42.95
CA GLN C 470 10.46 -26.91 42.65
C GLN C 470 11.40 -26.67 41.48
N ILE C 471 11.34 -25.46 40.94
CA ILE C 471 12.18 -25.06 39.81
C ILE C 471 13.52 -24.58 40.36
N LYS C 472 14.61 -25.06 39.76
CA LYS C 472 15.96 -24.68 40.17
C LYS C 472 16.64 -23.73 39.19
N THR C 473 16.63 -24.05 37.90
CA THR C 473 17.16 -23.17 36.87
C THR C 473 16.25 -23.22 35.65
N CYS C 474 16.14 -22.10 34.95
CA CYS C 474 15.29 -21.99 33.78
C CYS C 474 15.99 -21.18 32.71
N ARG C 475 15.64 -21.47 31.46
CA ARG C 475 16.17 -20.76 30.30
C ARG C 475 15.05 -20.46 29.33
N VAL C 476 15.22 -19.39 28.56
CA VAL C 476 14.27 -19.00 27.53
C VAL C 476 14.82 -19.41 26.17
N HIS C 477 13.96 -19.99 25.33
CA HIS C 477 14.38 -20.43 24.01
C HIS C 477 14.87 -19.23 23.19
N ASP C 478 15.76 -19.50 22.23
CA ASP C 478 16.44 -18.42 21.53
C ASP C 478 15.48 -17.56 20.71
N MET C 479 14.39 -18.14 20.20
CA MET C 479 13.43 -17.32 19.47
C MET C 479 12.65 -16.42 20.42
N LEU C 480 12.19 -16.98 21.54
CA LEU C 480 11.46 -16.18 22.52
C LEU C 480 12.37 -15.17 23.20
N HIS C 481 13.67 -15.46 23.27
CA HIS C 481 14.61 -14.54 23.89
C HIS C 481 14.81 -13.29 23.03
N GLU C 482 14.85 -13.46 21.71
CA GLU C 482 14.90 -12.30 20.83
C GLU C 482 13.61 -11.50 20.89
N PHE C 483 12.48 -12.19 21.08
CA PHE C 483 11.21 -11.48 21.29
C PHE C 483 11.24 -10.68 22.59
N CYS C 484 11.78 -11.29 23.65
CA CYS C 484 11.88 -10.58 24.93
C CYS C 484 12.78 -9.35 24.81
N ARG C 485 13.89 -9.48 24.08
CA ARG C 485 14.79 -8.35 23.90
C ARG C 485 14.12 -7.25 23.09
N HIS C 486 13.54 -7.60 21.94
CA HIS C 486 12.94 -6.58 21.07
C HIS C 486 11.76 -5.90 21.76
N GLU C 487 10.89 -6.69 22.41
CA GLU C 487 9.71 -6.13 23.05
C GLU C 487 10.06 -5.19 24.19
N ALA C 488 11.06 -5.56 24.99
CA ALA C 488 11.42 -4.80 26.18
C ALA C 488 12.48 -3.74 25.92
N MET C 489 12.83 -3.51 24.65
CA MET C 489 13.77 -2.47 24.27
C MET C 489 13.14 -1.37 23.44
N MET C 490 12.33 -1.74 22.44
CA MET C 490 11.75 -0.81 21.49
C MET C 490 10.31 -0.45 21.83
N GLU C 491 9.50 -1.43 22.23
CA GLU C 491 8.09 -1.20 22.50
C GLU C 491 7.86 -0.76 23.95
N GLU C 492 8.28 -1.60 24.90
CA GLU C 492 8.01 -1.36 26.31
C GLU C 492 9.11 -0.57 27.01
N ASN C 493 10.34 -0.63 26.51
CA ASN C 493 11.48 0.05 27.12
C ASN C 493 11.66 -0.39 28.58
N LEU C 494 11.57 -1.70 28.80
CA LEU C 494 11.77 -2.25 30.13
C LEU C 494 13.24 -2.29 30.52
N PHE C 495 14.13 -2.62 29.59
CA PHE C 495 15.56 -2.63 29.87
C PHE C 495 16.31 -2.40 28.56
N GLN C 496 17.60 -2.08 28.70
CA GLN C 496 18.45 -1.80 27.54
C GLN C 496 19.80 -2.48 27.73
N GLU C 497 20.24 -3.20 26.70
CA GLU C 497 21.57 -3.80 26.69
C GLU C 497 22.62 -2.74 26.38
N ILE C 498 23.77 -2.84 27.03
CA ILE C 498 24.89 -1.94 26.80
C ILE C 498 26.07 -2.76 26.29
N LYS C 499 26.55 -2.44 25.10
CA LYS C 499 27.64 -3.18 24.49
C LYS C 499 28.39 -2.26 23.55
N GLN C 500 29.59 -2.70 23.16
CA GLN C 500 30.44 -1.96 22.23
C GLN C 500 30.45 -2.73 20.91
N GLY C 501 29.45 -2.46 20.07
CA GLY C 501 29.33 -3.13 18.79
C GLY C 501 29.94 -2.33 17.66
N GLN C 502 29.83 -2.89 16.46
CA GLN C 502 30.35 -2.21 15.27
C GLN C 502 29.59 -0.92 15.00
N GLU C 503 28.26 -0.99 15.03
CA GLU C 503 27.41 0.17 14.77
C GLU C 503 26.77 0.74 16.04
N ARG C 504 27.15 0.23 17.21
CA ARG C 504 26.60 0.71 18.47
C ARG C 504 27.74 0.97 19.43
N SER C 505 27.60 2.04 20.22
CA SER C 505 28.58 2.41 21.23
C SER C 505 27.88 2.58 22.57
N PHE C 506 28.66 2.90 23.59
CA PHE C 506 28.08 3.18 24.90
C PHE C 506 27.20 4.42 24.80
N PRO C 507 25.95 4.34 25.27
CA PRO C 507 25.00 5.42 25.01
C PRO C 507 25.41 6.73 25.66
N GLY C 508 25.10 7.83 24.98
CA GLY C 508 25.35 9.14 25.53
C GLY C 508 24.27 9.55 26.51
N LYS C 509 24.45 10.76 27.06
CA LYS C 509 23.48 11.28 28.02
C LYS C 509 22.13 11.56 27.39
N GLN C 510 22.06 11.67 26.06
CA GLN C 510 20.77 11.81 25.40
C GLN C 510 19.99 10.51 25.43
N GLU C 511 20.68 9.37 25.29
CA GLU C 511 20.01 8.08 25.37
C GLU C 511 19.74 7.67 26.82
N LEU C 512 20.68 7.98 27.73
CA LEU C 512 20.53 7.61 29.13
C LEU C 512 19.41 8.38 29.82
N ALA C 513 18.97 9.53 29.26
CA ALA C 513 17.84 10.24 29.83
C ALA C 513 16.52 9.50 29.61
N THR C 514 16.52 8.47 28.77
CA THR C 514 15.34 7.69 28.47
C THR C 514 15.37 6.30 29.08
N TYR C 515 16.57 5.73 29.27
CA TYR C 515 16.71 4.33 29.66
C TYR C 515 16.16 4.11 31.06
N ARG C 516 15.32 3.08 31.21
CA ARG C 516 14.77 2.74 32.52
C ARG C 516 15.69 1.82 33.30
N ARG C 517 16.18 0.76 32.66
CA ARG C 517 17.07 -0.19 33.29
C ARG C 517 18.17 -0.56 32.32
N LEU C 518 19.30 -1.01 32.86
CA LEU C 518 20.46 -1.40 32.07
C LEU C 518 20.82 -2.84 32.36
N CYS C 519 21.10 -3.60 31.30
CA CYS C 519 21.71 -4.92 31.42
C CYS C 519 22.99 -4.92 30.60
N ILE C 520 24.03 -5.56 31.11
CA ILE C 520 25.33 -5.51 30.48
C ILE C 520 26.09 -6.82 30.72
N GLN C 521 26.63 -7.40 29.65
CA GLN C 521 27.34 -8.66 29.74
C GLN C 521 28.84 -8.50 29.89
N SER C 522 29.44 -7.50 29.24
CA SER C 522 30.88 -7.35 29.25
C SER C 522 31.23 -5.88 29.10
N LEU C 523 32.53 -5.58 29.22
CA LEU C 523 33.08 -4.25 29.06
C LEU C 523 32.48 -3.26 30.05
N ILE C 524 32.13 -3.75 31.23
CA ILE C 524 31.56 -2.93 32.31
C ILE C 524 32.56 -1.88 32.80
N PRO C 525 33.83 -2.23 33.09
CA PRO C 525 34.73 -1.20 33.65
C PRO C 525 34.92 0.01 32.76
N GLU C 526 34.92 -0.15 31.44
CA GLU C 526 35.06 0.99 30.54
C GLU C 526 33.78 1.82 30.45
N PHE C 527 32.61 1.18 30.56
CA PHE C 527 31.37 1.95 30.60
C PHE C 527 31.28 2.80 31.85
N LEU C 528 31.76 2.27 32.98
CA LEU C 528 31.77 3.06 34.21
C LEU C 528 32.91 4.08 34.20
N SER C 529 33.92 3.87 33.36
CA SER C 529 35.04 4.80 33.30
C SER C 529 34.62 6.15 32.72
N MET C 530 33.76 6.15 31.71
CA MET C 530 33.36 7.38 31.02
C MET C 530 32.37 8.21 31.81
N LYS C 531 32.05 7.82 33.05
CA LYS C 531 31.19 8.59 33.94
C LYS C 531 29.82 8.89 33.34
N PRO C 532 28.96 7.88 33.21
CA PRO C 532 27.60 8.12 32.70
C PRO C 532 26.74 8.85 33.72
N SER C 533 25.59 9.35 33.24
CA SER C 533 24.63 10.01 34.13
C SER C 533 23.26 9.37 33.87
N GLY C 534 23.00 8.27 34.57
CA GLY C 534 21.72 7.57 34.49
C GLY C 534 20.73 8.06 35.51
N GLU C 535 20.14 9.23 35.27
CA GLU C 535 19.22 9.81 36.25
C GLU C 535 18.00 8.93 36.48
N HIS C 536 17.43 8.37 35.42
CA HIS C 536 16.21 7.59 35.51
C HIS C 536 16.46 6.09 35.53
N VAL C 537 17.68 5.66 35.86
CA VAL C 537 18.00 4.23 35.86
C VAL C 537 17.53 3.63 37.18
N ARG C 538 16.65 2.64 37.09
CA ARG C 538 16.14 1.93 38.27
C ARG C 538 16.82 0.59 38.50
N SER C 539 17.63 0.12 37.56
CA SER C 539 18.24 -1.20 37.69
C SER C 539 19.56 -1.24 36.94
N PHE C 540 20.53 -1.99 37.47
CA PHE C 540 21.82 -2.21 36.84
C PHE C 540 22.12 -3.70 36.92
N LEU C 541 21.89 -4.40 35.82
CA LEU C 541 21.94 -5.87 35.77
C LEU C 541 23.21 -6.31 35.06
N CYS C 542 24.23 -6.67 35.83
CA CYS C 542 25.46 -7.23 35.29
C CYS C 542 25.25 -8.74 35.07
N VAL C 543 24.72 -9.06 33.90
CA VAL C 543 24.29 -10.42 33.57
C VAL C 543 25.45 -11.22 33.00
N GLY C 544 26.65 -10.67 33.09
CA GLY C 544 27.82 -11.39 32.61
C GLY C 544 28.08 -12.64 33.44
N SER C 545 28.54 -13.70 32.78
CA SER C 545 28.80 -14.97 33.44
C SER C 545 30.23 -15.10 33.95
N LYS C 546 31.10 -14.14 33.63
CA LYS C 546 32.50 -14.19 34.03
C LYS C 546 32.75 -13.15 35.13
N LYS C 547 33.44 -13.58 36.19
CA LYS C 547 33.78 -12.67 37.27
C LYS C 547 34.73 -11.59 36.77
N ILE C 548 34.43 -10.34 37.09
CA ILE C 548 35.25 -9.20 36.69
C ILE C 548 35.73 -8.50 37.95
N ASP C 549 37.05 -8.41 38.11
CA ASP C 549 37.66 -7.70 39.23
C ASP C 549 37.78 -6.23 38.82
N MET C 550 36.76 -5.45 39.14
CA MET C 550 36.75 -4.05 38.77
C MET C 550 37.83 -3.29 39.55
N PRO C 551 38.47 -2.30 38.91
CA PRO C 551 39.45 -1.50 39.63
C PRO C 551 38.78 -0.72 40.74
N PRO C 552 39.49 -0.48 41.85
CA PRO C 552 38.86 0.18 43.00
C PRO C 552 38.38 1.60 42.73
N ASN C 553 38.94 2.29 41.74
CA ASN C 553 38.53 3.66 41.46
C ASN C 553 37.22 3.74 40.69
N GLU C 554 36.76 2.64 40.08
CA GLU C 554 35.47 2.62 39.43
C GLU C 554 34.35 2.11 40.33
N ILE C 555 34.67 1.79 41.59
CA ILE C 555 33.64 1.30 42.51
C ILE C 555 32.52 2.31 42.73
N PRO C 556 32.79 3.59 43.04
CA PRO C 556 31.67 4.53 43.27
C PRO C 556 30.93 4.93 42.01
N SER C 557 31.32 4.43 40.84
CA SER C 557 30.65 4.82 39.60
C SER C 557 29.20 4.35 39.57
N ILE C 558 28.96 3.11 40.00
CA ILE C 558 27.62 2.52 39.94
C ILE C 558 26.63 3.30 40.81
N PRO C 559 26.92 3.59 42.08
CA PRO C 559 25.92 4.30 42.89
C PRO C 559 25.82 5.79 42.58
N LYS C 560 26.87 6.40 42.04
CA LYS C 560 26.83 7.84 41.78
C LYS C 560 26.17 8.15 40.44
N ALA C 561 26.28 7.24 39.47
CA ALA C 561 25.69 7.48 38.17
C ALA C 561 24.19 7.17 38.16
N PHE C 562 23.73 6.31 39.09
CA PHE C 562 22.35 5.85 39.14
C PHE C 562 21.83 6.07 40.56
N PRO C 563 21.44 7.31 40.90
CA PRO C 563 20.94 7.56 42.26
C PRO C 563 19.64 6.84 42.57
N LEU C 564 18.81 6.55 41.57
CA LEU C 564 17.54 5.86 41.75
C LEU C 564 17.68 4.35 41.59
N LEU C 565 18.85 3.79 41.88
CA LEU C 565 19.12 2.38 41.65
C LEU C 565 18.30 1.53 42.63
N ARG C 566 17.28 0.85 42.10
CA ARG C 566 16.52 -0.09 42.92
C ARG C 566 17.18 -1.46 42.96
N VAL C 567 17.48 -2.04 41.79
CA VAL C 567 18.06 -3.37 41.71
C VAL C 567 19.47 -3.25 41.17
N LEU C 568 20.42 -3.82 41.90
CA LEU C 568 21.83 -3.83 41.51
C LEU C 568 22.28 -5.30 41.45
N ASP C 569 22.11 -5.92 40.29
CA ASP C 569 22.53 -7.30 40.10
C ASP C 569 23.99 -7.34 39.64
N ALA C 570 24.88 -7.06 40.60
CA ALA C 570 26.32 -7.04 40.38
C ALA C 570 26.98 -8.33 40.85
N GLU C 571 26.30 -9.46 40.65
CA GLU C 571 26.77 -10.74 41.18
C GLU C 571 28.15 -11.09 40.64
N SER C 572 28.36 -10.92 39.33
CA SER C 572 29.64 -11.26 38.73
C SER C 572 30.75 -10.27 39.10
N ILE C 573 30.41 -9.01 39.36
CA ILE C 573 31.43 -8.01 39.65
C ILE C 573 31.95 -8.21 41.07
N LYS C 574 33.27 -8.21 41.21
CA LYS C 574 33.92 -8.32 42.51
C LYS C 574 34.22 -6.94 43.05
N PHE C 575 33.79 -6.68 44.28
CA PHE C 575 34.00 -5.41 44.95
C PHE C 575 34.94 -5.61 46.12
N SER C 576 36.05 -4.87 46.13
CA SER C 576 37.05 -5.00 47.19
C SER C 576 36.82 -4.05 48.36
N ARG C 577 36.00 -3.01 48.17
CA ARG C 577 35.75 -2.04 49.23
C ARG C 577 34.43 -1.36 48.96
N PHE C 578 33.91 -0.69 49.98
CA PHE C 578 32.69 0.08 49.89
C PHE C 578 33.00 1.58 49.84
N SER C 579 31.94 2.38 49.74
CA SER C 579 32.06 3.83 49.72
C SER C 579 30.76 4.43 50.21
N ARG C 580 30.82 5.71 50.59
CA ARG C 580 29.62 6.40 51.06
C ARG C 580 28.59 6.54 49.96
N GLU C 581 29.03 6.60 48.70
CA GLU C 581 28.07 6.64 47.58
C GLU C 581 27.29 5.34 47.50
N PHE C 582 27.94 4.20 47.75
CA PHE C 582 27.28 2.91 47.69
C PHE C 582 26.10 2.82 48.67
N PHE C 583 26.14 3.57 49.77
CA PHE C 583 25.08 3.55 50.76
C PHE C 583 24.16 4.76 50.64
N LYS C 584 24.25 5.50 49.54
CA LYS C 584 23.32 6.56 49.23
C LYS C 584 22.17 6.09 48.35
N LEU C 585 22.13 4.80 48.02
CA LEU C 585 21.04 4.22 47.22
C LEU C 585 19.82 3.96 48.11
N PHE C 586 19.16 5.05 48.49
CA PHE C 586 18.03 4.95 49.41
C PHE C 586 16.82 4.28 48.76
N HIS C 587 16.77 4.20 47.43
CA HIS C 587 15.70 3.48 46.74
C HIS C 587 16.04 2.02 46.50
N LEU C 588 17.15 1.53 47.03
CA LEU C 588 17.62 0.19 46.73
C LEU C 588 16.69 -0.86 47.30
N ARG C 589 16.39 -1.87 46.48
CA ARG C 589 15.62 -3.05 46.87
C ARG C 589 16.43 -4.33 46.82
N TYR C 590 17.30 -4.47 45.81
CA TYR C 590 18.08 -5.68 45.60
C TYR C 590 19.54 -5.30 45.49
N ILE C 591 20.41 -6.06 46.14
CA ILE C 591 21.84 -5.81 46.12
C ILE C 591 22.57 -7.16 46.15
N ALA C 592 23.36 -7.44 45.12
CA ALA C 592 24.17 -8.64 45.04
C ALA C 592 25.60 -8.26 44.66
N LEU C 593 26.57 -8.80 45.39
CA LEU C 593 27.97 -8.50 45.13
C LEU C 593 28.84 -9.62 45.67
N SER C 594 30.03 -9.75 45.09
CA SER C 594 31.01 -10.74 45.50
C SER C 594 32.25 -10.03 46.04
N THR C 595 32.72 -10.47 47.20
CA THR C 595 33.86 -9.82 47.87
C THR C 595 34.88 -10.87 48.27
N ASP C 596 36.13 -10.41 48.38
CA ASP C 596 37.22 -11.24 48.89
C ASP C 596 37.92 -10.54 50.04
N LYS C 597 37.99 -9.21 49.98
CA LYS C 597 38.68 -8.44 51.01
C LYS C 597 37.72 -7.81 52.02
N ILE C 598 36.43 -7.75 51.71
CA ILE C 598 35.45 -7.11 52.60
C ILE C 598 35.08 -8.12 53.67
N LYS C 599 35.61 -7.92 54.88
CA LYS C 599 35.35 -8.84 55.98
C LYS C 599 34.15 -8.43 56.83
N THR C 600 33.66 -7.21 56.69
CA THR C 600 32.59 -6.71 57.55
C THR C 600 31.77 -5.67 56.80
N ILE C 601 30.45 -5.87 56.78
CA ILE C 601 29.53 -4.90 56.23
C ILE C 601 29.39 -3.74 57.22
N PRO C 602 29.68 -2.51 56.81
CA PRO C 602 29.61 -1.38 57.76
C PRO C 602 28.17 -1.05 58.14
N ALA C 603 28.04 -0.35 59.26
CA ALA C 603 26.73 0.01 59.79
C ALA C 603 26.02 1.04 58.93
N ASP C 604 26.72 1.66 57.97
CA ASP C 604 26.07 2.63 57.09
C ASP C 604 25.04 1.96 56.20
N PHE C 605 25.08 0.63 56.09
CA PHE C 605 24.10 -0.11 55.29
C PHE C 605 22.68 0.08 55.81
N GLY C 606 22.52 0.36 57.11
CA GLY C 606 21.20 0.48 57.70
C GLY C 606 20.38 1.67 57.22
N ASN C 607 20.99 2.59 56.47
CA ASN C 607 20.23 3.72 55.93
C ASN C 607 19.31 3.30 54.79
N LEU C 608 19.55 2.14 54.19
CA LEU C 608 18.77 1.67 53.05
C LEU C 608 17.59 0.81 53.54
N TRP C 609 16.52 1.52 53.93
CA TRP C 609 15.35 0.88 54.55
C TRP C 609 14.50 0.09 53.57
N ASN C 610 14.69 0.28 52.26
CA ASN C 610 13.83 -0.36 51.27
C ASN C 610 14.38 -1.69 50.75
N ILE C 611 15.53 -2.13 51.23
CA ILE C 611 16.17 -3.32 50.67
C ILE C 611 15.42 -4.57 51.13
N GLN C 612 15.19 -5.49 50.18
CA GLN C 612 14.62 -6.79 50.46
C GLN C 612 15.67 -7.89 50.53
N THR C 613 16.49 -8.02 49.48
CA THR C 613 17.40 -9.14 49.31
C THR C 613 18.83 -8.66 49.51
N LEU C 614 19.59 -9.40 50.33
CA LEU C 614 21.02 -9.21 50.48
C LEU C 614 21.74 -10.47 50.01
N ILE C 615 22.70 -10.30 49.10
CA ILE C 615 23.52 -11.41 48.61
C ILE C 615 24.97 -10.99 48.68
N VAL C 616 25.79 -11.79 49.36
CA VAL C 616 27.23 -11.56 49.45
C VAL C 616 27.91 -12.93 49.29
N GLU C 617 28.47 -13.18 48.11
CA GLU C 617 29.20 -14.41 47.85
C GLU C 617 30.66 -14.27 48.29
N THR C 618 30.82 -13.91 49.57
CA THR C 618 32.14 -13.68 50.13
C THR C 618 32.91 -14.98 50.25
N GLN C 619 34.20 -14.93 49.91
CA GLN C 619 35.08 -16.08 50.06
C GLN C 619 35.68 -16.20 51.45
N GLN C 620 35.49 -15.20 52.31
CA GLN C 620 36.00 -15.25 53.67
C GLN C 620 35.14 -16.15 54.54
N ALA C 621 35.71 -16.60 55.66
CA ALA C 621 35.00 -17.48 56.57
C ALA C 621 34.19 -16.72 57.62
N THR C 622 34.46 -15.43 57.81
CA THR C 622 33.74 -14.62 58.78
C THR C 622 33.21 -13.35 58.12
N LEU C 623 32.05 -12.90 58.58
CA LEU C 623 31.44 -11.68 58.05
C LEU C 623 30.51 -11.12 59.12
N ASP C 624 30.69 -9.84 59.45
CA ASP C 624 29.91 -9.18 60.48
C ASP C 624 29.03 -8.11 59.84
N ILE C 625 27.72 -8.20 60.10
CA ILE C 625 26.76 -7.22 59.59
C ILE C 625 26.57 -6.19 60.70
N LYS C 626 27.26 -5.06 60.57
CA LYS C 626 27.14 -4.00 61.57
C LYS C 626 25.83 -3.23 61.44
N ALA C 627 25.17 -3.29 60.29
CA ALA C 627 23.93 -2.54 60.09
C ALA C 627 22.81 -3.12 60.94
N ASP C 628 21.94 -2.23 61.43
CA ASP C 628 20.77 -2.63 62.21
C ASP C 628 19.63 -2.96 61.25
N ILE C 629 19.83 -4.07 60.53
CA ILE C 629 18.89 -4.48 59.48
C ILE C 629 17.56 -4.96 60.02
N TRP C 630 17.42 -5.08 61.34
CA TRP C 630 16.17 -5.56 61.92
C TRP C 630 15.02 -4.57 61.70
N ASN C 631 15.31 -3.29 61.50
CA ASN C 631 14.28 -2.28 61.32
C ASN C 631 13.83 -2.13 59.87
N MET C 632 14.44 -2.85 58.93
CA MET C 632 13.97 -2.87 57.55
C MET C 632 12.80 -3.85 57.48
N THR C 633 11.59 -3.29 57.41
CA THR C 633 10.38 -4.10 57.51
C THR C 633 10.21 -5.05 56.33
N ARG C 634 10.65 -4.66 55.14
CA ARG C 634 10.49 -5.49 53.95
C ARG C 634 11.77 -6.28 53.67
N LEU C 635 12.63 -6.43 54.67
CA LEU C 635 13.78 -7.31 54.52
C LEU C 635 13.30 -8.76 54.43
N ARG C 636 13.79 -9.47 53.41
CA ARG C 636 13.30 -10.82 53.18
C ARG C 636 14.41 -11.86 53.17
N HIS C 637 15.56 -11.57 52.58
CA HIS C 637 16.63 -12.55 52.46
C HIS C 637 17.94 -11.96 52.93
N VAL C 638 18.72 -12.79 53.62
CA VAL C 638 20.13 -12.51 53.93
C VAL C 638 20.90 -13.75 53.51
N CYS C 639 21.42 -13.75 52.29
CA CYS C 639 22.13 -14.90 51.74
C CYS C 639 23.63 -14.70 51.87
N THR C 640 24.08 -14.69 53.12
CA THR C 640 25.49 -14.59 53.42
C THR C 640 26.21 -15.90 53.11
N ASN C 641 27.52 -15.82 52.98
CA ASN C 641 28.35 -17.00 52.78
C ASN C 641 29.27 -17.28 53.97
N ALA C 642 29.13 -16.53 55.07
CA ALA C 642 29.95 -16.71 56.25
C ALA C 642 29.11 -16.47 57.49
N SER C 643 29.68 -16.79 58.65
CA SER C 643 28.95 -16.68 59.91
C SER C 643 28.60 -15.22 60.19
N ALA C 644 27.32 -14.88 60.05
CA ALA C 644 26.86 -13.50 60.19
C ALA C 644 26.58 -13.22 61.67
N THR C 645 27.37 -12.31 62.25
CA THR C 645 27.17 -11.90 63.64
C THR C 645 26.24 -10.70 63.66
N LEU C 646 24.94 -10.97 63.67
CA LEU C 646 23.95 -9.91 63.65
C LEU C 646 23.98 -9.13 64.96
N PRO C 647 23.75 -7.82 64.90
CA PRO C 647 23.77 -7.01 66.13
C PRO C 647 22.52 -7.23 66.97
N SER C 648 22.59 -6.75 68.21
CA SER C 648 21.46 -6.86 69.11
C SER C 648 20.28 -6.04 68.62
N THR C 649 19.08 -6.58 68.79
CA THR C 649 17.86 -5.91 68.33
C THR C 649 17.59 -4.65 69.15
N ASN C 658 8.12 -5.48 70.32
CA ASN C 658 7.10 -4.51 69.93
C ASN C 658 7.04 -4.38 68.40
N LEU C 659 8.05 -4.93 67.74
CA LEU C 659 8.12 -4.92 66.27
C LEU C 659 8.41 -6.33 65.79
N VAL C 660 7.85 -6.67 64.63
CA VAL C 660 7.96 -8.00 64.06
C VAL C 660 8.42 -7.89 62.62
N ASN C 661 9.46 -8.64 62.25
CA ASN C 661 9.88 -8.76 60.85
C ASN C 661 9.04 -9.85 60.18
N ARG C 662 7.81 -9.47 59.84
CA ARG C 662 6.85 -10.42 59.30
C ARG C 662 7.26 -10.96 57.94
N CYS C 663 8.22 -10.31 57.26
CA CYS C 663 8.54 -10.65 55.88
C CYS C 663 9.81 -11.49 55.75
N LEU C 664 10.72 -11.42 56.72
CA LEU C 664 11.99 -12.13 56.62
C LEU C 664 11.76 -13.62 56.49
N GLN C 665 12.43 -14.24 55.50
CA GLN C 665 12.19 -15.65 55.20
C GLN C 665 13.46 -16.50 55.31
N THR C 666 14.61 -15.95 54.93
CA THR C 666 15.80 -16.77 54.74
C THR C 666 17.01 -16.13 55.42
N LEU C 667 17.82 -16.97 56.06
CA LEU C 667 19.15 -16.61 56.53
C LEU C 667 20.09 -17.75 56.15
N SER C 668 21.01 -17.48 55.21
CA SER C 668 21.84 -18.54 54.67
C SER C 668 22.88 -19.00 55.68
N THR C 669 23.52 -18.06 56.38
CA THR C 669 24.55 -18.37 57.36
C THR C 669 24.47 -17.36 58.49
N ILE C 670 24.36 -17.85 59.73
CA ILE C 670 24.22 -17.01 60.91
C ILE C 670 25.14 -17.55 61.99
N ALA C 671 25.52 -16.67 62.91
CA ALA C 671 26.38 -17.05 64.02
C ALA C 671 25.56 -17.77 65.09
N PRO C 672 26.03 -18.91 65.61
CA PRO C 672 25.32 -19.56 66.71
C PRO C 672 25.18 -18.68 67.94
N GLU C 673 26.18 -17.84 68.22
CA GLU C 673 26.12 -16.94 69.35
C GLU C 673 25.05 -15.87 69.21
N CYS C 674 24.49 -15.69 68.03
CA CYS C 674 23.45 -14.71 67.78
C CYS C 674 22.05 -15.30 67.81
N CYS C 675 21.92 -16.56 68.22
CA CYS C 675 20.62 -17.21 68.31
C CYS C 675 19.93 -16.86 69.63
N THR C 676 19.79 -15.57 69.91
CA THR C 676 19.13 -15.13 71.13
C THR C 676 17.63 -15.32 71.01
N ALA C 677 16.95 -15.25 72.17
CA ALA C 677 15.50 -15.37 72.19
C ALA C 677 14.84 -14.20 71.46
N GLU C 678 15.43 -13.01 71.54
CA GLU C 678 14.86 -11.84 70.88
C GLU C 678 14.88 -11.99 69.36
N VAL C 679 15.90 -12.66 68.83
CA VAL C 679 16.04 -12.80 67.38
C VAL C 679 14.86 -13.59 66.81
N PHE C 680 14.53 -14.72 67.41
CA PHE C 680 13.44 -15.55 66.92
C PHE C 680 12.07 -14.97 67.26
N THR C 681 12.00 -14.06 68.22
CA THR C 681 10.75 -13.35 68.47
C THR C 681 10.38 -12.45 67.29
N ARG C 682 11.39 -11.85 66.64
CA ARG C 682 11.15 -10.95 65.52
C ARG C 682 10.94 -11.68 64.20
N THR C 683 11.16 -13.00 64.15
CA THR C 683 11.05 -13.73 62.91
C THR C 683 10.12 -14.95 63.04
N PRO C 684 8.81 -14.73 63.25
CA PRO C 684 7.90 -15.88 63.35
C PRO C 684 7.55 -16.52 62.01
N ASN C 685 7.47 -15.72 60.94
CA ASN C 685 7.08 -16.23 59.63
C ASN C 685 8.28 -16.71 58.82
N LEU C 686 9.47 -16.72 59.40
CA LEU C 686 10.68 -17.12 58.70
C LEU C 686 10.60 -18.60 58.32
N LYS C 687 11.30 -18.97 57.24
CA LYS C 687 11.18 -20.31 56.67
C LYS C 687 12.51 -21.00 56.39
N LYS C 688 13.65 -20.43 56.80
CA LYS C 688 14.94 -21.06 56.60
C LYS C 688 16.01 -20.38 57.47
N LEU C 689 16.73 -21.17 58.24
CA LEU C 689 17.99 -20.75 58.83
C LEU C 689 19.15 -21.45 58.16
N GLY C 690 20.34 -20.95 58.45
CA GLY C 690 21.59 -21.61 58.16
C GLY C 690 22.59 -21.18 59.21
N VAL C 691 23.30 -22.12 59.82
CA VAL C 691 24.16 -21.85 60.97
C VAL C 691 25.56 -22.37 60.66
N ARG C 692 26.49 -21.47 60.42
CA ARG C 692 27.89 -21.81 60.21
C ARG C 692 28.71 -21.25 61.36
N GLY C 693 29.60 -22.06 61.92
CA GLY C 693 30.45 -21.62 62.99
C GLY C 693 30.72 -22.70 64.03
N LYS C 694 31.11 -22.29 65.23
CA LYS C 694 31.39 -23.24 66.31
C LYS C 694 30.07 -23.73 66.89
N ILE C 695 29.69 -24.95 66.50
CA ILE C 695 28.43 -25.54 66.97
C ILE C 695 28.52 -26.05 68.41
N ASP C 696 29.71 -26.03 69.01
CA ASP C 696 29.86 -26.49 70.39
C ASP C 696 29.06 -25.62 71.35
N ALA C 697 29.08 -24.30 71.12
CA ALA C 697 28.29 -23.41 71.97
C ALA C 697 26.80 -23.64 71.79
N LEU C 698 26.39 -24.13 70.62
CA LEU C 698 24.97 -24.40 70.39
C LEU C 698 24.48 -25.56 71.26
N LEU C 699 25.29 -26.59 71.44
CA LEU C 699 24.87 -27.79 72.14
C LEU C 699 25.27 -27.82 73.61
N GLU C 700 26.26 -27.03 74.01
CA GLU C 700 26.75 -27.07 75.38
C GLU C 700 25.70 -26.53 76.35
N SER C 701 25.54 -27.19 77.48
CA SER C 701 24.61 -26.79 78.52
C SER C 701 25.37 -26.39 79.78
N SER C 702 24.97 -25.27 80.37
CA SER C 702 25.62 -24.78 81.57
C SER C 702 25.27 -25.65 82.77
N LYS C 703 26.09 -25.53 83.82
CA LYS C 703 25.89 -26.29 85.05
C LYS C 703 25.01 -25.56 86.06
N ASP C 704 24.47 -24.39 85.71
CA ASP C 704 23.65 -23.61 86.62
C ASP C 704 22.21 -24.10 86.70
N GLY C 705 21.91 -25.30 86.20
CA GLY C 705 20.59 -25.87 86.26
C GLY C 705 19.80 -25.76 84.98
N SER C 706 20.23 -24.94 84.03
CA SER C 706 19.54 -24.78 82.76
C SER C 706 20.05 -25.83 81.78
N GLY C 707 19.20 -26.82 81.49
CA GLY C 707 19.55 -27.90 80.57
C GLY C 707 19.17 -27.66 79.13
N SER C 708 18.66 -26.48 78.79
CA SER C 708 18.26 -26.16 77.42
C SER C 708 19.29 -25.24 76.80
N GLY C 709 19.82 -25.65 75.64
CA GLY C 709 20.78 -24.86 74.90
C GLY C 709 20.11 -23.93 73.92
N LEU C 710 20.90 -23.43 72.98
CA LEU C 710 20.38 -22.53 71.95
C LEU C 710 19.58 -23.28 70.89
N PHE C 711 19.71 -24.60 70.80
CA PHE C 711 18.88 -25.38 69.88
C PHE C 711 17.41 -25.34 70.27
N SER C 712 17.10 -25.12 71.55
CA SER C 712 15.71 -25.01 71.97
C SER C 712 15.03 -23.83 71.30
N ASN C 713 15.76 -22.73 71.11
CA ASN C 713 15.20 -21.58 70.40
C ASN C 713 14.93 -21.93 68.94
N ILE C 714 15.79 -22.74 68.33
CA ILE C 714 15.59 -23.14 66.94
C ILE C 714 14.30 -23.92 66.79
N GLY C 715 14.03 -24.83 67.72
CA GLY C 715 12.83 -25.66 67.65
C GLY C 715 11.54 -24.96 67.98
N LYS C 716 11.60 -23.74 68.52
CA LYS C 716 10.40 -23.00 68.87
C LYS C 716 9.79 -22.27 67.67
N LEU C 717 10.45 -22.27 66.52
CA LEU C 717 9.93 -21.62 65.33
C LEU C 717 8.80 -22.47 64.74
N GLY C 718 7.59 -21.92 64.75
CA GLY C 718 6.42 -22.64 64.27
C GLY C 718 6.21 -22.65 62.78
N CYS C 719 7.09 -22.00 62.01
CA CYS C 719 6.96 -21.97 60.56
C CYS C 719 8.25 -22.29 59.83
N LEU C 720 9.27 -22.78 60.53
CA LEU C 720 10.50 -23.20 59.88
C LEU C 720 10.23 -24.33 58.89
N GLU C 721 10.93 -24.30 57.76
CA GLU C 721 10.85 -25.37 56.77
C GLU C 721 12.20 -25.80 56.21
N TYR C 722 13.29 -25.10 56.54
CA TYR C 722 14.62 -25.46 56.08
C TYR C 722 15.63 -25.12 57.16
N LEU C 723 16.55 -26.05 57.42
CA LEU C 723 17.65 -25.85 58.35
C LEU C 723 18.94 -26.36 57.74
N LYS C 724 20.02 -25.60 57.90
CA LYS C 724 21.34 -26.00 57.43
C LYS C 724 22.35 -25.72 58.53
N LEU C 725 23.30 -26.63 58.71
CA LEU C 725 24.33 -26.51 59.72
C LEU C 725 25.70 -26.81 59.12
N VAL C 726 26.66 -25.92 59.35
CA VAL C 726 28.06 -26.13 59.00
C VAL C 726 28.89 -25.88 60.25
N ASN C 727 29.77 -26.82 60.57
CA ASN C 727 30.61 -26.75 61.76
C ASN C 727 32.04 -26.42 61.35
N ASP C 728 32.66 -25.49 62.10
CA ASP C 728 34.02 -25.06 61.79
C ASP C 728 35.08 -25.77 62.62
N THR C 729 34.69 -26.43 63.71
CA THR C 729 35.67 -27.07 64.59
C THR C 729 36.25 -28.30 63.91
N ARG C 730 37.58 -28.31 63.77
CA ARG C 730 38.28 -29.45 63.18
C ARG C 730 39.48 -29.92 63.99
N LEU C 731 40.04 -29.09 64.88
CA LEU C 731 41.18 -29.50 65.68
C LEU C 731 40.78 -30.49 66.77
N SER C 732 39.56 -30.39 67.28
CA SER C 732 39.09 -31.31 68.31
C SER C 732 38.78 -32.67 67.70
N SER C 733 38.83 -33.70 68.55
CA SER C 733 38.54 -35.06 68.12
C SER C 733 37.18 -35.56 68.56
N LYS C 734 36.37 -34.71 69.16
CA LYS C 734 35.09 -35.14 69.72
C LYS C 734 34.06 -35.39 68.62
N PRO C 735 33.47 -36.57 68.55
CA PRO C 735 32.22 -36.72 67.79
C PRO C 735 31.05 -36.17 68.58
N LEU C 736 30.11 -35.55 67.88
CA LEU C 736 29.06 -34.77 68.52
C LEU C 736 27.77 -35.57 68.63
N HIS C 737 26.87 -35.05 69.45
CA HIS C 737 25.58 -35.67 69.71
C HIS C 737 24.46 -34.74 69.28
N LEU C 738 23.28 -35.31 69.03
CA LEU C 738 22.16 -34.57 68.50
C LEU C 738 21.07 -34.44 69.55
N PRO C 739 20.46 -33.26 69.71
CA PRO C 739 19.48 -33.05 70.77
C PRO C 739 18.20 -33.84 70.51
N PRO C 740 17.38 -34.05 71.54
CA PRO C 740 16.15 -34.82 71.35
C PRO C 740 15.18 -34.11 70.41
N ALA C 741 14.24 -34.90 69.85
CA ALA C 741 13.36 -34.40 68.82
C ALA C 741 12.24 -33.52 69.36
N TYR C 742 11.95 -33.59 70.66
CA TYR C 742 10.87 -32.77 71.20
C TYR C 742 11.25 -31.31 71.33
N ILE C 743 12.53 -30.96 71.13
CA ILE C 743 12.96 -29.58 71.05
C ILE C 743 13.35 -29.21 69.61
N PHE C 744 13.11 -30.09 68.66
CA PHE C 744 13.33 -29.81 67.25
C PHE C 744 12.19 -28.96 66.69
N PRO C 745 12.42 -28.28 65.57
CA PRO C 745 11.33 -27.52 64.94
C PRO C 745 10.18 -28.45 64.55
N GLN C 746 8.96 -27.94 64.72
CA GLN C 746 7.78 -28.75 64.51
C GLN C 746 7.55 -29.02 63.02
N LYS C 747 7.75 -28.02 62.17
CA LYS C 747 7.38 -28.11 60.76
C LYS C 747 8.61 -28.12 59.85
N LEU C 748 9.73 -28.67 60.31
CA LEU C 748 10.93 -28.70 59.49
C LEU C 748 10.72 -29.66 58.33
N LYS C 749 11.11 -29.23 57.13
CA LYS C 749 10.98 -30.05 55.93
C LYS C 749 12.32 -30.49 55.35
N LYS C 750 13.34 -29.63 55.38
CA LYS C 750 14.59 -29.93 54.71
C LYS C 750 15.77 -29.67 55.65
N LEU C 751 16.81 -30.48 55.53
CA LEU C 751 18.00 -30.40 56.36
C LEU C 751 19.24 -30.53 55.50
N SER C 752 20.34 -29.96 55.99
CA SER C 752 21.63 -30.06 55.30
C SER C 752 22.74 -29.83 56.32
N LEU C 753 23.45 -30.89 56.68
CA LEU C 753 24.51 -30.85 57.67
C LEU C 753 25.84 -31.10 56.99
N VAL C 754 26.84 -30.26 57.32
CA VAL C 754 28.16 -30.35 56.70
C VAL C 754 29.22 -30.32 57.79
N ASP C 755 30.07 -31.35 57.81
CA ASP C 755 31.29 -31.36 58.63
C ASP C 755 31.00 -31.15 60.11
N THR C 756 29.94 -31.77 60.62
CA THR C 756 29.60 -31.64 62.03
C THR C 756 30.05 -32.83 62.87
N TRP C 757 30.39 -33.95 62.24
CA TRP C 757 30.89 -35.14 62.92
C TRP C 757 29.91 -35.69 63.94
N PHE C 758 28.62 -35.68 63.61
CA PHE C 758 27.64 -36.31 64.49
C PHE C 758 27.85 -37.82 64.51
N GLU C 759 27.60 -38.41 65.68
CA GLU C 759 27.65 -39.87 65.79
C GLU C 759 26.48 -40.49 65.05
N TRP C 760 26.71 -41.68 64.49
CA TRP C 760 25.65 -42.37 63.74
C TRP C 760 24.53 -42.84 64.66
N LYS C 761 24.74 -42.84 65.97
CA LYS C 761 23.76 -43.37 66.92
C LYS C 761 22.55 -42.47 67.08
N ASP C 762 22.71 -41.16 66.89
CA ASP C 762 21.73 -40.18 67.37
C ASP C 762 20.76 -39.69 66.30
N MET C 763 20.88 -40.19 65.07
CA MET C 763 19.98 -39.80 64.00
C MET C 763 18.68 -40.58 64.02
N SER C 764 18.56 -41.59 64.89
CA SER C 764 17.23 -42.12 65.19
C SER C 764 16.35 -41.06 65.82
N ILE C 765 16.96 -40.08 66.49
CA ILE C 765 16.22 -38.90 66.92
C ILE C 765 15.79 -38.07 65.71
N LEU C 766 16.66 -37.95 64.70
CA LEU C 766 16.28 -37.29 63.46
C LEU C 766 15.17 -38.01 62.73
N GLY C 767 15.02 -39.31 62.97
CA GLY C 767 13.91 -40.07 62.39
C GLY C 767 12.57 -39.80 63.05
N LEU C 768 12.58 -39.10 64.19
CA LEU C 768 11.34 -38.72 64.87
C LEU C 768 10.71 -37.47 64.27
N LEU C 769 11.37 -36.81 63.34
CA LEU C 769 10.78 -35.67 62.65
C LEU C 769 9.67 -36.16 61.74
N PRO C 770 8.43 -35.70 61.92
CA PRO C 770 7.33 -36.27 61.14
C PRO C 770 7.25 -35.73 59.72
N GLU C 771 7.73 -34.51 59.48
CA GLU C 771 7.58 -33.86 58.18
C GLU C 771 8.91 -33.66 57.46
N LEU C 772 9.93 -34.44 57.81
CA LEU C 772 11.20 -34.36 57.12
C LEU C 772 11.08 -34.99 55.74
N GLU C 773 11.56 -34.28 54.72
CA GLU C 773 11.51 -34.74 53.34
C GLU C 773 12.85 -34.69 52.63
N VAL C 774 13.70 -33.72 52.95
CA VAL C 774 15.00 -33.56 52.32
C VAL C 774 16.08 -33.58 53.38
N LEU C 775 17.14 -34.34 53.15
CA LEU C 775 18.28 -34.43 54.06
C LEU C 775 19.56 -34.53 53.27
N LYS C 776 20.51 -33.66 53.56
CA LYS C 776 21.80 -33.64 52.89
C LYS C 776 22.92 -33.70 53.91
N LEU C 777 23.89 -34.57 53.68
CA LEU C 777 25.09 -34.69 54.50
C LEU C 777 26.30 -34.59 53.60
N LYS C 778 27.19 -33.64 53.90
CA LYS C 778 28.34 -33.38 53.05
C LYS C 778 29.58 -33.16 53.91
N GLU C 779 30.74 -33.45 53.31
CA GLU C 779 32.04 -33.21 53.94
C GLU C 779 32.15 -33.89 55.30
N ASN C 780 31.90 -35.20 55.31
CA ASN C 780 32.02 -36.02 56.51
C ASN C 780 31.13 -35.49 57.63
N ALA C 781 29.85 -35.30 57.32
CA ALA C 781 28.90 -34.76 58.30
C ALA C 781 28.70 -35.67 59.50
N PHE C 782 28.97 -36.96 59.35
CA PHE C 782 28.84 -37.92 60.44
C PHE C 782 30.13 -38.71 60.58
N LYS C 783 30.45 -39.11 61.81
CA LYS C 783 31.66 -39.87 62.09
C LYS C 783 31.31 -41.14 62.85
N GLY C 784 32.13 -42.17 62.64
CA GLY C 784 31.90 -43.48 63.22
C GLY C 784 32.12 -44.59 62.21
N GLN C 785 32.43 -45.80 62.68
CA GLN C 785 32.72 -46.89 61.76
C GLN C 785 31.47 -47.67 61.38
N SER C 786 30.44 -47.67 62.23
CA SER C 786 29.28 -48.54 62.04
C SER C 786 28.00 -47.72 62.01
N TRP C 787 27.09 -48.10 61.12
CA TRP C 787 25.76 -47.50 61.02
C TRP C 787 24.71 -48.58 61.20
N GLU C 788 23.85 -48.39 62.20
CA GLU C 788 22.72 -49.28 62.50
C GLU C 788 21.51 -48.41 62.76
N GLN C 789 20.36 -48.80 62.21
CA GLN C 789 19.13 -48.03 62.36
C GLN C 789 18.14 -48.76 63.27
N GLU C 790 17.42 -48.01 64.09
CA GLU C 790 16.34 -48.57 64.87
C GLU C 790 15.06 -48.62 64.05
N ASP C 791 14.01 -49.17 64.64
CA ASP C 791 12.75 -49.36 63.93
C ASP C 791 12.06 -48.02 63.68
N GLY C 792 11.34 -47.96 62.56
CA GLY C 792 10.60 -46.76 62.22
C GLY C 792 11.49 -45.61 61.77
N GLY C 793 10.92 -44.42 61.77
CA GLY C 793 11.66 -43.23 61.38
C GLY C 793 11.49 -42.86 59.93
N PHE C 794 11.74 -41.58 59.63
CA PHE C 794 11.60 -41.02 58.30
C PHE C 794 10.24 -41.32 57.66
N PRO C 795 9.14 -40.88 58.27
CA PRO C 795 7.82 -41.16 57.69
C PRO C 795 7.58 -40.52 56.33
N ARG C 796 8.26 -39.40 56.04
CA ARG C 796 8.02 -38.66 54.81
C ARG C 796 9.31 -38.33 54.07
N LEU C 797 10.42 -38.98 54.42
CA LEU C 797 11.70 -38.65 53.79
C LEU C 797 11.69 -39.05 52.33
N GLN C 798 12.25 -38.18 51.49
CA GLN C 798 12.20 -38.35 50.04
C GLN C 798 13.58 -38.43 49.39
N VAL C 799 14.55 -37.65 49.86
CA VAL C 799 15.88 -37.64 49.26
C VAL C 799 16.93 -37.61 50.36
N LEU C 800 17.96 -38.44 50.23
CA LEU C 800 19.09 -38.47 51.15
C LEU C 800 20.37 -38.36 50.34
N TRP C 801 21.18 -37.35 50.63
CA TRP C 801 22.43 -37.09 49.95
C TRP C 801 23.58 -37.26 50.92
N ILE C 802 24.57 -38.07 50.55
CA ILE C 802 25.73 -38.34 51.40
C ILE C 802 26.99 -38.17 50.57
N GLU C 803 27.96 -37.42 51.10
CA GLU C 803 29.26 -37.24 50.46
C GLU C 803 30.36 -37.42 51.49
N ARG C 804 31.37 -38.22 51.11
CA ARG C 804 32.54 -38.49 51.96
C ARG C 804 32.13 -39.02 53.33
N THR C 805 31.37 -40.11 53.32
CA THR C 805 30.91 -40.71 54.57
C THR C 805 32.07 -41.33 55.33
N ASP C 806 31.95 -41.34 56.66
CA ASP C 806 32.97 -41.94 57.51
C ASP C 806 32.68 -43.40 57.83
N LEU C 807 31.46 -43.87 57.57
CA LEU C 807 31.07 -45.22 57.93
C LEU C 807 31.74 -46.24 57.01
N THR C 808 31.84 -47.47 57.50
CA THR C 808 32.24 -48.61 56.68
C THR C 808 31.14 -49.64 56.50
N SER C 809 30.26 -49.79 57.49
CA SER C 809 29.16 -50.74 57.41
C SER C 809 27.84 -50.05 57.69
N TRP C 810 26.78 -50.53 57.07
CA TRP C 810 25.44 -49.96 57.22
C TRP C 810 24.41 -51.07 57.29
N LYS C 811 23.61 -51.04 58.36
CA LYS C 811 22.50 -51.95 58.56
C LYS C 811 21.23 -51.14 58.73
N ALA C 812 20.14 -51.60 58.14
CA ALA C 812 18.88 -50.87 58.15
C ALA C 812 17.71 -51.83 58.30
N SER C 813 16.53 -51.26 58.41
CA SER C 813 15.28 -52.00 58.49
C SER C 813 14.32 -51.51 57.41
N SER C 814 13.30 -52.32 57.12
CA SER C 814 12.37 -52.00 56.04
C SER C 814 11.56 -50.74 56.35
N GLY C 815 11.32 -50.45 57.63
CA GLY C 815 10.52 -49.30 58.00
C GLY C 815 11.24 -47.98 58.01
N ASN C 816 12.55 -47.97 57.70
CA ASN C 816 13.32 -46.74 57.73
C ASN C 816 13.00 -45.81 56.57
N PHE C 817 12.74 -46.35 55.37
CA PHE C 817 12.53 -45.53 54.18
C PHE C 817 11.22 -45.95 53.50
N PRO C 818 10.08 -45.56 54.06
CA PRO C 818 8.80 -45.90 53.42
C PRO C 818 8.54 -45.13 52.13
N ARG C 819 9.03 -43.89 52.02
CA ARG C 819 8.75 -43.05 50.86
C ARG C 819 10.01 -42.46 50.26
N LEU C 820 11.15 -43.14 50.40
CA LEU C 820 12.39 -42.64 49.82
C LEU C 820 12.35 -42.73 48.31
N LYS C 821 12.83 -41.67 47.64
CA LYS C 821 12.89 -41.63 46.19
C LYS C 821 14.33 -41.68 45.69
N HIS C 822 15.20 -40.84 46.22
CA HIS C 822 16.57 -40.71 45.71
C HIS C 822 17.56 -40.86 46.85
N LEU C 823 18.60 -41.66 46.60
CA LEU C 823 19.73 -41.82 47.51
C LEU C 823 21.00 -41.55 46.74
N ALA C 824 21.87 -40.70 47.28
CA ALA C 824 23.12 -40.32 46.65
C ALA C 824 24.28 -40.67 47.56
N LEU C 825 25.27 -41.36 47.01
CA LEU C 825 26.48 -41.76 47.73
C LEU C 825 27.68 -41.34 46.88
N ILE C 826 28.16 -40.12 47.11
CA ILE C 826 29.24 -39.54 46.32
C ILE C 826 30.51 -39.58 47.14
N SER C 827 31.60 -40.05 46.51
CA SER C 827 32.93 -40.12 47.13
C SER C 827 32.93 -40.96 48.41
N CYS C 828 32.09 -41.99 48.48
CA CYS C 828 32.03 -42.85 49.66
C CYS C 828 32.90 -44.09 49.43
N ASP C 829 34.21 -43.87 49.51
CA ASP C 829 35.16 -44.95 49.28
C ASP C 829 35.25 -45.91 50.46
N LYS C 830 34.79 -45.48 51.64
CA LYS C 830 34.88 -46.32 52.83
C LYS C 830 33.75 -47.33 52.91
N LEU C 831 32.75 -47.23 52.03
CA LEU C 831 31.58 -48.11 52.10
C LEU C 831 31.96 -49.55 51.73
N GLU C 832 31.63 -50.48 52.62
CA GLU C 832 31.83 -51.90 52.33
C GLU C 832 30.67 -52.45 51.51
N GLU C 833 29.46 -52.41 52.06
CA GLU C 833 28.28 -52.89 51.36
C GLU C 833 27.04 -52.22 51.93
N LEU C 834 26.01 -52.14 51.11
CA LEU C 834 24.75 -51.54 51.51
C LEU C 834 23.80 -52.59 52.07
N PRO C 835 22.92 -52.21 53.00
CA PRO C 835 21.93 -53.15 53.51
C PRO C 835 20.94 -53.56 52.43
N ALA C 836 20.44 -54.79 52.54
CA ALA C 836 19.48 -55.30 51.55
C ALA C 836 18.08 -54.77 51.77
N GLU C 837 17.83 -54.10 52.91
CA GLU C 837 16.50 -53.57 53.19
C GLU C 837 16.13 -52.41 52.28
N LEU C 838 17.12 -51.81 51.60
CA LEU C 838 16.83 -50.71 50.68
C LEU C 838 16.02 -51.17 49.47
N ALA C 839 16.00 -52.47 49.18
CA ALA C 839 15.22 -52.99 48.06
C ALA C 839 13.74 -53.12 48.37
N ASP C 840 13.34 -52.91 49.63
CA ASP C 840 11.94 -52.99 50.01
C ASP C 840 11.18 -51.69 49.81
N VAL C 841 11.85 -50.64 49.35
CA VAL C 841 11.21 -49.35 49.14
C VAL C 841 10.45 -49.40 47.82
N LYS C 842 9.13 -49.31 47.89
CA LYS C 842 8.30 -49.34 46.69
C LYS C 842 8.36 -48.02 45.92
N ASN C 843 8.62 -46.92 46.63
CA ASN C 843 8.65 -45.60 46.01
C ASN C 843 10.04 -45.18 45.53
N LEU C 844 11.03 -46.06 45.64
CA LEU C 844 12.39 -45.73 45.23
C LEU C 844 12.45 -45.49 43.73
N GLN C 845 13.30 -44.54 43.33
CA GLN C 845 13.44 -44.17 41.93
C GLN C 845 14.89 -44.23 41.46
N LEU C 846 15.84 -43.83 42.31
CA LEU C 846 17.22 -43.69 41.88
C LEU C 846 18.16 -43.84 43.06
N ILE C 847 19.21 -44.64 42.88
CA ILE C 847 20.35 -44.69 43.79
C ILE C 847 21.61 -44.53 42.95
N GLU C 848 22.42 -43.51 43.28
CA GLU C 848 23.61 -43.18 42.52
C GLU C 848 24.83 -43.28 43.41
N LEU C 849 25.90 -43.90 42.90
CA LEU C 849 27.15 -44.07 43.63
C LEU C 849 28.31 -43.55 42.78
N GLN C 850 29.23 -42.85 43.42
CA GLN C 850 30.43 -42.33 42.77
C GLN C 850 31.65 -42.68 43.60
N SER C 851 32.69 -43.16 42.91
CA SER C 851 33.98 -43.51 43.54
C SER C 851 33.80 -44.52 44.66
N SER C 852 32.87 -45.46 44.47
CA SER C 852 32.64 -46.49 45.47
C SER C 852 33.71 -47.58 45.37
N SER C 853 33.84 -48.35 46.44
CA SER C 853 34.80 -49.43 46.50
C SER C 853 34.31 -50.63 45.69
N GLU C 854 35.20 -51.62 45.52
CA GLU C 854 34.83 -52.83 44.79
C GLU C 854 33.72 -53.58 45.51
N SER C 855 33.81 -53.71 46.83
CA SER C 855 32.76 -54.39 47.58
C SER C 855 31.46 -53.61 47.53
N ALA C 856 31.54 -52.28 47.56
CA ALA C 856 30.34 -51.46 47.43
C ALA C 856 29.70 -51.62 46.06
N ALA C 857 30.53 -51.80 45.02
CA ALA C 857 29.99 -52.06 43.69
C ALA C 857 29.25 -53.41 43.66
N ARG C 858 29.78 -54.41 44.36
CA ARG C 858 29.10 -55.70 44.43
C ARG C 858 27.75 -55.57 45.12
N SER C 859 27.67 -54.79 46.20
CA SER C 859 26.40 -54.57 46.87
C SER C 859 25.43 -53.80 45.98
N ALA C 860 25.95 -52.85 45.20
CA ALA C 860 25.11 -52.11 44.27
C ALA C 860 24.54 -53.04 43.19
N ARG C 861 25.36 -53.97 42.70
CA ARG C 861 24.88 -54.94 41.72
C ARG C 861 23.82 -55.86 42.34
N ALA C 862 24.03 -56.30 43.58
CA ALA C 862 23.07 -57.16 44.25
C ALA C 862 21.74 -56.44 44.47
N ILE C 863 21.79 -55.19 44.90
CA ILE C 863 20.57 -54.42 45.09
C ILE C 863 19.86 -54.19 43.77
N LEU C 864 20.63 -53.89 42.71
CA LEU C 864 20.05 -53.70 41.39
C LEU C 864 19.38 -54.99 40.90
N LYS C 865 20.01 -56.13 41.15
CA LYS C 865 19.40 -57.41 40.77
C LYS C 865 18.10 -57.65 41.51
N ARG C 866 18.08 -57.37 42.82
CA ARG C 866 16.86 -57.55 43.60
C ARG C 866 15.76 -56.60 43.15
N ASN C 867 16.13 -55.35 42.86
CA ASN C 867 15.15 -54.38 42.37
C ASN C 867 14.61 -54.79 41.00
N GLN C 868 15.49 -55.31 40.14
CA GLN C 868 15.05 -55.79 38.83
C GLN C 868 14.11 -56.98 38.96
N GLU C 869 14.39 -57.89 39.89
CA GLU C 869 13.53 -59.05 40.11
C GLU C 869 12.16 -58.61 40.61
N LYS C 870 12.12 -57.66 41.55
CA LYS C 870 10.84 -57.19 42.08
C LYS C 870 10.04 -56.45 40.99
N GLU C 871 10.72 -55.65 40.17
CA GLU C 871 10.04 -54.95 39.09
C GLU C 871 9.52 -55.93 38.04
N GLN C 872 10.30 -56.97 37.73
CA GLN C 872 9.86 -57.98 36.79
C GLN C 872 8.76 -58.88 37.37
N ASP C 873 8.48 -58.77 38.66
CA ASP C 873 7.43 -59.57 39.30
C ASP C 873 6.03 -59.00 39.07
N GLY C 874 5.92 -57.83 38.45
CA GLY C 874 4.64 -57.22 38.15
C GLY C 874 4.57 -55.73 38.45
N ASP C 875 5.57 -55.16 39.11
CA ASP C 875 5.58 -53.74 39.44
C ASP C 875 6.34 -52.99 38.35
N LYS C 876 5.66 -52.09 37.66
CA LYS C 876 6.29 -51.36 36.57
C LYS C 876 7.41 -50.47 37.09
N GLY C 877 8.50 -50.41 36.33
CA GLY C 877 9.67 -49.67 36.79
C GLY C 877 9.44 -48.17 36.81
N THR C 878 10.16 -47.50 37.71
CA THR C 878 10.07 -46.05 37.85
C THR C 878 11.16 -45.30 37.10
N GLY C 879 12.03 -46.01 36.39
CA GLY C 879 13.10 -45.37 35.65
C GLY C 879 14.46 -45.43 36.31
N PHE C 880 14.85 -46.58 36.86
CA PHE C 880 16.13 -46.68 37.56
C PHE C 880 17.30 -46.62 36.59
N LYS C 881 18.37 -45.96 37.02
CA LYS C 881 19.64 -45.96 36.31
C LYS C 881 20.77 -46.04 37.33
N LEU C 882 21.87 -46.66 36.91
CA LEU C 882 23.02 -46.85 37.79
C LEU C 882 24.31 -46.54 37.03
N SER C 883 25.26 -45.92 37.72
CA SER C 883 26.54 -45.56 37.12
C SER C 883 27.57 -46.63 37.44
N ILE C 884 27.99 -47.38 36.43
CA ILE C 884 28.98 -48.44 36.57
C ILE C 884 29.98 -48.31 35.44
N PHE C 885 31.27 -48.36 35.77
CA PHE C 885 32.32 -48.34 34.76
C PHE C 885 33.59 -48.98 35.30
N PRO C 886 34.11 -50.03 34.65
CA PRO C 886 33.59 -50.68 33.44
C PRO C 886 32.44 -51.63 33.73
N HIS C 887 31.62 -51.94 32.72
CA HIS C 887 30.49 -52.83 32.92
C HIS C 887 30.87 -54.31 32.95
N ASP C 888 32.07 -54.65 32.46
CA ASP C 888 32.45 -56.06 32.34
C ASP C 888 32.98 -56.65 33.64
N LEU C 889 33.26 -55.82 34.64
CA LEU C 889 33.80 -56.31 35.90
C LEU C 889 32.67 -56.72 36.84
N GLY C 890 32.77 -57.91 37.41
CA GLY C 890 31.79 -58.38 38.36
C GLY C 890 30.51 -58.93 37.77
N LEU C 891 30.45 -59.12 36.46
CA LEU C 891 29.26 -59.64 35.81
C LEU C 891 28.99 -61.10 36.21
N VAL D 77 -22.01 4.27 61.17
CA VAL D 77 -23.20 5.01 61.59
C VAL D 77 -22.92 6.51 61.57
N ILE D 78 -21.69 6.89 61.91
CA ILE D 78 -21.29 8.29 61.89
C ILE D 78 -21.04 8.72 60.45
N SER D 79 -21.54 9.91 60.09
CA SER D 79 -21.43 10.39 58.71
C SER D 79 -19.98 10.54 58.27
N THR D 80 -19.05 10.70 59.21
CA THR D 80 -17.64 10.79 58.85
C THR D 80 -17.14 9.52 58.19
N LEU D 81 -17.55 8.35 58.70
CA LEU D 81 -17.11 7.07 58.18
C LEU D 81 -17.99 6.56 57.04
N THR D 82 -18.98 7.34 56.61
CA THR D 82 -19.85 6.96 55.50
C THR D 82 -19.61 7.75 54.23
N SER D 83 -19.44 9.08 54.32
CA SER D 83 -19.14 9.86 53.12
C SER D 83 -17.76 9.51 52.57
N LEU D 84 -16.75 9.52 53.43
CA LEU D 84 -15.40 9.04 53.10
C LEU D 84 -14.75 9.82 51.96
N HIS D 85 -15.32 10.97 51.59
CA HIS D 85 -14.78 11.85 50.56
C HIS D 85 -14.63 11.16 49.21
N GLY D 86 -15.39 10.11 48.96
CA GLY D 86 -15.31 9.39 47.71
C GLY D 86 -16.01 8.05 47.81
N ASP D 87 -16.25 7.46 46.64
CA ASP D 87 -16.97 6.20 46.58
C ASP D 87 -16.22 5.13 45.79
N LYS D 88 -15.51 5.51 44.74
CA LYS D 88 -14.80 4.53 43.93
C LYS D 88 -13.62 3.94 44.67
N VAL D 89 -12.84 4.80 45.35
CA VAL D 89 -11.71 4.31 46.14
C VAL D 89 -12.20 3.44 47.28
N VAL D 90 -13.31 3.81 47.91
CA VAL D 90 -13.89 2.99 48.98
C VAL D 90 -14.32 1.64 48.44
N TYR D 91 -14.95 1.63 47.26
CA TYR D 91 -15.39 0.37 46.67
C TYR D 91 -14.21 -0.55 46.38
N ASP D 92 -13.12 0.01 45.84
CA ASP D 92 -11.93 -0.79 45.59
C ASP D 92 -11.32 -1.29 46.90
N THR D 93 -11.33 -0.45 47.94
CA THR D 93 -10.80 -0.87 49.23
C THR D 93 -11.61 -2.01 49.82
N ILE D 94 -12.94 -1.96 49.66
CA ILE D 94 -13.80 -3.04 50.16
C ILE D 94 -13.47 -4.36 49.46
N GLN D 95 -13.30 -4.29 48.14
CA GLN D 95 -12.94 -5.49 47.39
C GLN D 95 -11.56 -6.01 47.80
N ALA D 96 -10.61 -5.10 48.05
CA ALA D 96 -9.28 -5.50 48.47
C ALA D 96 -9.32 -6.18 49.83
N ALA D 97 -10.16 -5.69 50.74
CA ALA D 97 -10.28 -6.31 52.06
C ALA D 97 -11.01 -7.63 52.00
N LYS D 98 -11.70 -7.91 50.90
CA LYS D 98 -12.52 -9.13 50.79
C LYS D 98 -11.68 -10.39 50.69
N LEU D 99 -10.43 -10.31 50.23
CA LEU D 99 -9.61 -11.51 50.08
C LEU D 99 -9.10 -12.04 51.42
N TYR D 100 -9.18 -11.25 52.49
CA TYR D 100 -8.69 -11.69 53.78
C TYR D 100 -9.80 -12.40 54.54
N PRO D 101 -9.55 -13.63 55.03
CA PRO D 101 -10.60 -14.35 55.78
C PRO D 101 -11.10 -13.61 57.01
N GLN D 102 -10.20 -12.90 57.72
CA GLN D 102 -10.61 -12.13 58.89
C GLN D 102 -11.35 -10.85 58.53
N LEU D 103 -11.33 -10.44 57.27
CA LEU D 103 -12.05 -9.26 56.82
C LEU D 103 -13.14 -9.56 55.80
N SER D 104 -13.43 -10.84 55.55
CA SER D 104 -14.44 -11.18 54.55
C SER D 104 -15.84 -10.76 54.99
N GLU D 105 -16.17 -11.01 56.27
CA GLU D 105 -17.50 -10.65 56.76
C GLU D 105 -17.63 -9.14 56.91
N LEU D 106 -16.57 -8.46 57.34
CA LEU D 106 -16.63 -7.01 57.48
C LEU D 106 -16.75 -6.33 56.13
N ALA D 107 -16.00 -6.79 55.14
CA ALA D 107 -16.06 -6.20 53.81
C ALA D 107 -17.41 -6.46 53.14
N LEU D 108 -17.97 -7.66 53.37
CA LEU D 108 -19.26 -7.99 52.75
C LEU D 108 -20.38 -7.10 53.28
N LYS D 109 -20.42 -6.88 54.59
CA LYS D 109 -21.46 -6.02 55.16
C LYS D 109 -21.23 -4.56 54.78
N LEU D 110 -19.96 -4.13 54.73
CA LEU D 110 -19.67 -2.77 54.29
C LEU D 110 -20.03 -2.56 52.82
N GLU D 111 -19.91 -3.61 52.00
CA GLU D 111 -20.32 -3.51 50.60
C GLU D 111 -21.80 -3.25 50.49
N LYS D 112 -22.61 -3.92 51.31
CA LYS D 112 -24.05 -3.67 51.32
C LYS D 112 -24.35 -2.26 51.79
N ASP D 113 -23.61 -1.76 52.79
CA ASP D 113 -23.82 -0.41 53.28
C ASP D 113 -23.46 0.64 52.24
N GLN D 114 -22.55 0.33 51.31
CA GLN D 114 -22.27 1.25 50.22
C GLN D 114 -23.47 1.38 49.29
N ILE D 115 -24.18 0.27 49.06
CA ILE D 115 -25.41 0.31 48.27
C ILE D 115 -26.47 1.12 49.00
N ARG D 116 -26.46 1.07 50.34
CA ARG D 116 -27.39 1.89 51.12
C ARG D 116 -27.19 3.38 50.82
N PHE D 117 -25.94 3.81 50.72
CA PHE D 117 -25.65 5.21 50.38
C PHE D 117 -26.10 5.48 48.95
N TRP D 118 -25.92 4.51 48.06
CA TRP D 118 -26.32 4.69 46.67
C TRP D 118 -27.82 4.88 46.54
N ILE D 119 -28.60 4.26 47.43
CA ILE D 119 -30.05 4.39 47.36
C ILE D 119 -30.52 5.63 48.10
N ALA D 120 -29.84 5.99 49.19
CA ALA D 120 -30.32 7.08 50.05
C ALA D 120 -30.33 8.42 49.32
N THR D 121 -29.28 8.72 48.56
CA THR D 121 -29.13 10.01 47.91
C THR D 121 -29.45 9.98 46.42
N ARG D 122 -29.60 8.79 45.83
CA ARG D 122 -29.92 8.62 44.42
C ARG D 122 -28.91 9.38 43.56
N LYS D 123 -27.68 8.89 43.57
CA LYS D 123 -26.66 9.47 42.71
C LYS D 123 -26.92 9.09 41.26
N ASP D 124 -26.35 9.86 40.34
CA ASP D 124 -26.55 9.61 38.92
C ASP D 124 -25.96 8.27 38.54
N PRO D 125 -26.51 7.58 37.54
CA PRO D 125 -25.94 6.28 37.14
C PRO D 125 -24.52 6.39 36.59
N SER D 126 -24.10 7.58 36.17
CA SER D 126 -22.73 7.75 35.67
C SER D 126 -21.71 7.48 36.77
N VAL D 127 -21.98 7.94 37.99
CA VAL D 127 -21.04 7.74 39.09
C VAL D 127 -20.91 6.27 39.44
N VAL D 128 -22.04 5.56 39.53
CA VAL D 128 -21.99 4.14 39.88
C VAL D 128 -21.36 3.33 38.75
N PHE D 129 -21.58 3.74 37.50
CA PHE D 129 -20.96 3.06 36.37
C PHE D 129 -19.44 3.15 36.45
N GLU D 130 -18.92 4.32 36.81
CA GLU D 130 -17.47 4.47 36.97
C GLU D 130 -16.98 3.76 38.22
N ALA D 131 -17.79 3.75 39.28
CA ALA D 131 -17.39 3.09 40.52
C ALA D 131 -17.20 1.60 40.32
N LEU D 132 -18.04 0.98 39.48
CA LEU D 132 -17.90 -0.44 39.16
C LEU D 132 -16.84 -0.69 38.11
N ASN D 133 -16.22 0.36 37.57
CA ASN D 133 -15.14 0.24 36.58
C ASN D 133 -15.58 -0.56 35.37
N LEU D 134 -16.77 -0.26 34.86
CA LEU D 134 -17.23 -0.84 33.60
C LEU D 134 -16.79 -0.04 32.39
N ASN D 135 -15.93 0.96 32.58
CA ASN D 135 -15.55 1.87 31.51
C ASN D 135 -14.49 1.29 30.57
N TRP D 136 -14.03 0.06 30.80
CA TRP D 136 -13.07 -0.59 29.90
C TRP D 136 -13.60 -1.99 29.57
N ALA D 137 -14.46 -2.06 28.56
CA ALA D 137 -15.01 -3.31 28.09
C ALA D 137 -15.72 -3.07 26.77
N GLY D 138 -15.52 -3.98 25.81
CA GLY D 138 -16.17 -3.88 24.53
C GLY D 138 -17.43 -4.71 24.47
N ILE D 139 -17.39 -5.83 23.72
CA ILE D 139 -18.51 -6.74 23.67
C ILE D 139 -18.67 -7.51 24.98
N SER D 140 -17.67 -7.44 25.86
CA SER D 140 -17.61 -8.21 27.11
C SER D 140 -18.39 -7.56 28.25
N ILE D 141 -19.18 -6.51 28.02
CA ILE D 141 -19.90 -5.87 29.14
C ILE D 141 -20.94 -6.82 29.71
N PHE D 142 -21.74 -7.44 28.86
CA PHE D 142 -22.87 -8.26 29.29
C PHE D 142 -22.45 -9.46 30.15
N PRO D 143 -21.45 -10.25 29.74
CA PRO D 143 -21.04 -11.39 30.60
C PRO D 143 -20.48 -10.98 31.94
N LYS D 144 -20.04 -9.73 32.09
CA LYS D 144 -19.42 -9.30 33.33
C LYS D 144 -20.45 -9.23 34.45
N PRO D 145 -20.19 -9.88 35.60
CA PRO D 145 -21.16 -9.80 36.71
C PRO D 145 -21.33 -8.39 37.26
N GLU D 146 -20.36 -7.50 37.04
CA GLU D 146 -20.52 -6.11 37.47
C GLU D 146 -21.64 -5.42 36.69
N PHE D 147 -21.85 -5.82 35.44
CA PHE D 147 -22.96 -5.29 34.66
C PHE D 147 -24.30 -5.71 35.26
N SER D 148 -24.39 -6.96 35.72
CA SER D 148 -25.64 -7.44 36.32
C SER D 148 -25.98 -6.67 37.59
N ALA D 149 -24.99 -6.45 38.45
CA ALA D 149 -25.23 -5.63 39.64
C ALA D 149 -25.50 -4.17 39.27
N TRP D 150 -24.91 -3.71 38.17
CA TRP D 150 -25.20 -2.37 37.69
C TRP D 150 -26.65 -2.26 37.21
N LEU D 151 -27.17 -3.33 36.63
CA LEU D 151 -28.58 -3.37 36.27
C LEU D 151 -29.47 -3.48 37.51
N LYS D 152 -29.04 -4.26 38.50
CA LYS D 152 -29.83 -4.41 39.72
C LYS D 152 -29.89 -3.09 40.50
N TYR D 153 -28.85 -2.26 40.37
CA TYR D 153 -28.85 -0.98 41.07
C TYR D 153 -29.94 -0.06 40.52
N VAL D 154 -30.04 0.05 39.20
CA VAL D 154 -31.03 0.94 38.61
C VAL D 154 -32.44 0.45 38.90
N ASP D 155 -32.61 -0.87 38.99
CA ASP D 155 -33.91 -1.43 39.36
C ASP D 155 -34.26 -1.07 40.79
N ASP D 156 -33.28 -1.11 41.70
CA ASP D 156 -33.55 -0.82 43.10
C ASP D 156 -33.91 0.65 43.30
N VAL D 157 -33.21 1.57 42.64
CA VAL D 157 -33.55 2.98 42.78
C VAL D 157 -34.84 3.30 42.05
N ASN D 158 -35.21 2.49 41.06
CA ASN D 158 -36.52 2.63 40.43
C ASN D 158 -37.65 2.10 41.31
N ALA D 159 -37.32 1.46 42.43
CA ALA D 159 -38.30 1.10 43.45
C ALA D 159 -38.20 1.99 44.68
N ARG D 160 -37.27 2.95 44.68
CA ARG D 160 -37.12 3.87 45.80
C ARG D 160 -37.02 5.31 45.34
N HIS D 161 -37.41 5.62 44.10
CA HIS D 161 -37.23 6.96 43.56
C HIS D 161 -38.17 7.95 44.26
N PRO D 162 -37.65 9.12 44.64
CA PRO D 162 -38.52 10.12 45.29
C PRO D 162 -39.65 10.62 44.41
N LYS D 163 -39.43 10.73 43.10
CA LYS D 163 -40.45 11.20 42.17
C LYS D 163 -40.49 10.28 40.96
N GLU D 164 -41.65 10.26 40.30
CA GLU D 164 -41.92 9.31 39.23
C GLU D 164 -41.11 9.57 37.96
N ALA D 165 -40.17 10.52 37.98
CA ALA D 165 -39.30 10.73 36.82
C ALA D 165 -38.42 9.50 36.61
N PRO D 166 -38.45 8.90 35.43
CA PRO D 166 -37.68 7.66 35.22
C PRO D 166 -36.18 7.88 35.28
N LEU D 167 -35.46 6.85 35.72
CA LEU D 167 -34.01 6.81 35.68
C LEU D 167 -33.58 5.63 34.83
N SER D 168 -32.66 5.87 33.90
CA SER D 168 -32.33 4.88 32.90
C SER D 168 -30.82 4.70 32.80
N ILE D 169 -30.42 3.50 32.38
CA ILE D 169 -29.00 3.21 32.15
C ILE D 169 -28.57 3.74 30.79
N ILE D 170 -29.52 3.96 29.89
CA ILE D 170 -29.16 4.29 28.50
C ILE D 170 -28.36 5.59 28.40
N PRO D 171 -28.72 6.69 29.07
CA PRO D 171 -27.88 7.90 28.97
C PRO D 171 -26.46 7.69 29.43
N THR D 172 -26.23 6.82 30.41
CA THR D 172 -24.86 6.50 30.82
C THR D 172 -24.12 5.72 29.73
N LEU D 173 -24.80 4.78 29.08
CA LEU D 173 -24.15 3.98 28.04
C LEU D 173 -23.89 4.79 26.78
N LYS D 174 -24.66 5.86 26.55
CA LYS D 174 -24.40 6.72 25.40
C LYS D 174 -23.11 7.51 25.58
N GLN D 175 -22.93 8.13 26.74
CA GLN D 175 -21.73 8.92 26.98
C GLN D 175 -20.48 8.05 26.95
N ARG D 176 -20.57 6.84 27.52
CA ARG D 176 -19.44 5.94 27.57
C ARG D 176 -19.08 5.36 26.20
N PHE D 177 -20.06 4.95 25.40
CA PHE D 177 -19.79 4.31 24.13
C PHE D 177 -19.86 5.25 22.93
N SER D 178 -19.93 6.56 23.16
CA SER D 178 -19.90 7.52 22.05
C SER D 178 -19.22 8.80 22.50
N ARG D 179 -18.58 9.46 21.54
CA ARG D 179 -17.93 10.75 21.75
C ARG D 179 -18.78 11.91 21.24
N GLY D 180 -20.05 11.66 20.96
CA GLY D 180 -20.87 12.62 20.25
C GLY D 180 -20.75 12.42 18.74
N ASP D 181 -21.65 13.08 18.02
CA ASP D 181 -21.71 13.01 16.56
C ASP D 181 -21.94 11.58 16.06
N GLU D 182 -22.54 10.73 16.89
CA GLU D 182 -22.81 9.36 16.49
C GLU D 182 -23.88 9.28 15.40
N ALA D 183 -24.72 10.29 15.27
CA ALA D 183 -25.81 10.33 14.30
C ALA D 183 -26.77 9.14 14.50
N GLY D 184 -27.03 8.80 15.75
CA GLY D 184 -27.93 7.70 16.08
C GLY D 184 -27.50 6.95 17.32
N THR D 185 -27.85 5.66 17.38
CA THR D 185 -27.42 4.81 18.49
C THR D 185 -26.94 3.45 18.01
N ASP D 186 -26.18 3.42 16.91
CA ASP D 186 -25.74 2.14 16.34
C ASP D 186 -24.81 1.38 17.29
N VAL D 187 -23.92 2.09 17.98
CA VAL D 187 -22.99 1.43 18.90
C VAL D 187 -23.74 0.65 19.97
N LEU D 188 -24.87 1.17 20.43
CA LEU D 188 -25.71 0.46 21.39
C LEU D 188 -26.42 -0.73 20.76
N LEU D 189 -26.92 -0.56 19.53
CA LEU D 189 -27.75 -1.60 18.92
C LEU D 189 -26.91 -2.78 18.44
N LYS D 190 -25.70 -2.52 17.93
CA LYS D 190 -24.87 -3.61 17.45
C LYS D 190 -24.44 -4.53 18.59
N LEU D 191 -24.28 -3.97 19.79
CA LEU D 191 -23.93 -4.80 20.95
C LEU D 191 -25.17 -5.55 21.46
N ILE D 192 -26.35 -4.95 21.31
CA ILE D 192 -27.58 -5.64 21.70
C ILE D 192 -27.76 -6.90 20.84
N ALA D 193 -27.52 -6.77 19.54
CA ALA D 193 -27.54 -7.94 18.66
C ALA D 193 -26.44 -8.93 19.03
N ASN D 194 -25.26 -8.42 19.40
CA ASN D 194 -24.16 -9.29 19.80
C ASN D 194 -24.51 -10.08 21.06
N GLY D 195 -25.12 -9.42 22.04
CA GLY D 195 -25.52 -10.11 23.25
C GLY D 195 -26.63 -11.13 23.01
N LYS D 196 -27.59 -10.78 22.14
CA LYS D 196 -28.67 -11.69 21.81
C LYS D 196 -28.21 -12.82 20.89
N ALA D 197 -27.00 -12.73 20.33
CA ALA D 197 -26.47 -13.79 19.48
C ALA D 197 -26.10 -15.03 20.26
N THR D 198 -25.97 -14.94 21.58
CA THR D 198 -25.64 -16.09 22.42
C THR D 198 -26.54 -16.10 23.64
N THR D 199 -26.91 -17.30 24.10
CA THR D 199 -27.76 -17.43 25.27
C THR D 199 -27.02 -17.09 26.56
N GLU D 200 -25.68 -17.03 26.54
CA GLU D 200 -24.92 -16.70 27.74
C GLU D 200 -25.12 -15.25 28.18
N ALA D 201 -25.47 -14.36 27.25
CA ALA D 201 -25.71 -12.96 27.57
C ALA D 201 -27.06 -12.44 27.11
N LYS D 202 -27.95 -13.30 26.60
CA LYS D 202 -29.24 -12.82 26.10
C LYS D 202 -30.11 -12.27 27.21
N THR D 203 -29.97 -12.79 28.43
CA THR D 203 -30.82 -12.35 29.54
C THR D 203 -30.61 -10.88 29.85
N VAL D 204 -29.36 -10.44 29.87
CA VAL D 204 -29.08 -9.03 30.15
C VAL D 204 -29.14 -8.21 28.86
N ALA D 205 -28.98 -8.85 27.70
CA ALA D 205 -29.09 -8.13 26.43
C ALA D 205 -30.51 -7.62 26.22
N ASN D 206 -31.52 -8.46 26.51
CA ASN D 206 -32.90 -8.02 26.39
C ASN D 206 -33.27 -7.00 27.47
N LYS D 207 -32.62 -7.08 28.64
CA LYS D 207 -32.82 -6.06 29.66
C LYS D 207 -32.35 -4.70 29.18
N VAL D 208 -31.22 -4.66 28.49
CA VAL D 208 -30.71 -3.40 27.94
C VAL D 208 -31.59 -2.92 26.79
N GLU D 209 -32.03 -3.83 25.93
CA GLU D 209 -32.87 -3.44 24.80
C GLU D 209 -34.19 -2.84 25.26
N SER D 210 -34.81 -3.45 26.27
CA SER D 210 -36.04 -2.90 26.82
C SER D 210 -35.81 -1.54 27.46
N ALA D 211 -34.62 -1.33 28.03
CA ALA D 211 -34.28 0.00 28.54
C ALA D 211 -34.11 1.01 27.42
N LEU D 212 -33.59 0.56 26.28
CA LEU D 212 -33.44 1.46 25.14
C LEU D 212 -34.79 1.91 24.59
N PHE D 213 -35.72 0.97 24.44
CA PHE D 213 -37.07 1.32 23.98
C PHE D 213 -37.77 2.22 24.99
N ASP D 214 -37.61 1.92 26.28
CA ASP D 214 -38.21 2.76 27.32
C ASP D 214 -37.61 4.16 27.30
N PHE D 215 -36.29 4.26 27.07
CA PHE D 215 -35.64 5.56 27.00
C PHE D 215 -36.19 6.39 25.85
N TRP D 216 -36.36 5.76 24.69
CA TRP D 216 -36.90 6.47 23.53
C TRP D 216 -38.33 6.94 23.79
N LEU D 217 -39.16 6.09 24.40
CA LEU D 217 -40.54 6.47 24.68
C LEU D 217 -40.61 7.60 25.72
N ASN D 218 -39.79 7.52 26.77
CA ASN D 218 -39.80 8.56 27.80
C ASN D 218 -39.36 9.90 27.23
N SER D 219 -38.39 9.90 26.33
CA SER D 219 -37.96 11.11 25.64
C SER D 219 -38.85 11.46 24.47
N ARG D 220 -39.83 10.62 24.16
CA ARG D 220 -40.78 10.84 23.05
C ARG D 220 -40.04 11.08 21.74
N GLU D 221 -39.10 10.19 21.43
CA GLU D 221 -38.36 10.28 20.17
C GLU D 221 -39.29 10.06 18.99
N THR D 222 -39.04 10.78 17.91
CA THR D 222 -39.82 10.59 16.70
C THR D 222 -39.54 9.19 16.14
N PRO D 223 -40.58 8.44 15.75
CA PRO D 223 -40.33 7.14 15.11
C PRO D 223 -39.56 7.26 13.80
N ASP D 224 -39.61 8.43 13.15
CA ASP D 224 -38.76 8.67 12.00
C ASP D 224 -37.28 8.65 12.40
N LYS D 225 -36.95 9.28 13.52
CA LYS D 225 -35.57 9.28 14.00
C LYS D 225 -35.13 7.88 14.39
N VAL D 226 -36.01 7.12 15.05
CA VAL D 226 -35.65 5.77 15.48
C VAL D 226 -35.44 4.85 14.28
N MET D 227 -36.23 5.02 13.22
CA MET D 227 -36.00 4.25 12.00
C MET D 227 -34.65 4.60 11.39
N ASP D 228 -34.25 5.88 11.45
CA ASP D 228 -32.93 6.26 10.98
C ASP D 228 -31.84 5.57 11.77
N ALA D 229 -32.05 5.37 13.07
CA ALA D 229 -31.09 4.62 13.87
C ALA D 229 -30.98 3.17 13.41
N PHE D 230 -32.12 2.53 13.11
CA PHE D 230 -32.08 1.14 12.69
C PHE D 230 -31.57 1.00 11.26
N LYS D 231 -31.79 2.01 10.43
CA LYS D 231 -31.49 1.94 9.01
C LYS D 231 -30.07 2.37 8.68
N TYR D 232 -29.45 3.18 9.54
CA TYR D 232 -28.13 3.72 9.23
C TYR D 232 -27.10 2.61 9.07
N GLY D 233 -26.31 2.70 8.01
CA GLY D 233 -25.30 1.70 7.72
C GLY D 233 -25.74 0.59 6.78
N THR D 234 -26.93 0.68 6.21
CA THR D 234 -27.41 -0.32 5.28
C THR D 234 -28.46 0.29 4.36
N THR D 235 -28.67 -0.35 3.22
CA THR D 235 -29.66 0.13 2.25
C THR D 235 -31.07 -0.16 2.76
N THR D 236 -32.04 0.54 2.16
CA THR D 236 -33.43 0.36 2.55
C THR D 236 -33.92 -1.05 2.27
N GLN D 237 -33.49 -1.66 1.17
CA GLN D 237 -33.93 -3.01 0.84
C GLN D 237 -33.49 -4.01 1.91
N ALA D 238 -32.24 -3.90 2.38
CA ALA D 238 -31.75 -4.79 3.42
C ALA D 238 -32.37 -4.48 4.77
N PHE D 239 -32.72 -3.22 5.02
CA PHE D 239 -33.34 -2.86 6.30
C PHE D 239 -34.69 -3.55 6.46
N LEU D 240 -35.48 -3.59 5.39
CA LEU D 240 -36.76 -4.30 5.45
C LEU D 240 -36.55 -5.80 5.67
N GLY D 241 -35.42 -6.33 5.20
CA GLY D 241 -35.11 -7.73 5.33
C GLY D 241 -34.38 -8.13 6.59
N SER D 242 -34.15 -7.19 7.51
CA SER D 242 -33.44 -7.48 8.75
C SER D 242 -34.44 -7.54 9.90
N PRO D 243 -34.09 -8.23 10.99
CA PRO D 243 -34.94 -8.18 12.19
C PRO D 243 -35.09 -6.78 12.75
N ARG D 244 -34.19 -5.86 12.38
CA ARG D 244 -34.29 -4.48 12.85
C ARG D 244 -35.62 -3.85 12.47
N TRP D 245 -36.18 -4.23 11.32
CA TRP D 245 -37.50 -3.73 10.94
C TRP D 245 -38.56 -4.19 11.94
N LYS D 246 -38.48 -5.44 12.37
CA LYS D 246 -39.43 -5.94 13.37
C LYS D 246 -39.33 -5.17 14.67
N GLU D 247 -38.10 -4.82 15.07
CA GLU D 247 -37.92 -4.01 16.28
C GLU D 247 -38.49 -2.61 16.08
N TRP D 248 -38.41 -2.07 14.86
CA TRP D 248 -39.03 -0.77 14.59
C TRP D 248 -40.54 -0.85 14.68
N GLU D 249 -41.14 -1.95 14.22
CA GLU D 249 -42.57 -2.13 14.38
C GLU D 249 -42.96 -2.27 15.84
N ARG D 250 -42.12 -2.95 16.63
CA ARG D 250 -42.37 -3.03 18.06
C ARG D 250 -42.30 -1.66 18.71
N TYR D 251 -41.34 -0.84 18.30
CA TYR D 251 -41.27 0.53 18.80
C TYR D 251 -42.49 1.33 18.37
N LEU D 252 -42.92 1.15 17.11
CA LEU D 252 -44.06 1.90 16.60
C LEU D 252 -45.34 1.56 17.38
N SER D 253 -45.55 0.27 17.67
CA SER D 253 -46.73 -0.12 18.43
C SER D 253 -46.68 0.44 19.85
N ALA D 254 -45.51 0.43 20.48
CA ALA D 254 -45.37 1.02 21.81
C ALA D 254 -45.58 2.53 21.77
N TYR D 255 -45.04 3.19 20.74
CA TYR D 255 -45.20 4.63 20.61
C TYR D 255 -46.66 5.01 20.39
N ASN D 256 -47.36 4.25 19.54
CA ASN D 256 -48.76 4.55 19.26
C ASN D 256 -49.64 4.30 20.49
N ALA D 257 -49.42 3.17 21.17
CA ALA D 257 -50.24 2.83 22.33
C ALA D 257 -50.02 3.79 23.48
N ARG D 258 -48.76 4.15 23.74
CA ARG D 258 -48.44 5.02 24.87
C ARG D 258 -48.78 6.48 24.62
N TYR D 259 -48.84 6.91 23.37
CA TYR D 259 -49.07 8.31 23.01
C TYR D 259 -50.21 8.40 22.00
N PRO D 260 -51.46 8.30 22.46
CA PRO D 260 -52.60 8.41 21.53
C PRO D 260 -52.80 9.79 20.96
N GLU D 261 -52.16 10.83 21.52
CA GLU D 261 -52.40 12.19 21.07
C GLU D 261 -52.01 12.39 19.59
N LYS D 262 -51.06 11.61 19.09
CA LYS D 262 -50.71 11.64 17.68
C LYS D 262 -50.22 10.25 17.29
N LYS D 263 -50.79 9.70 16.22
CA LYS D 263 -50.46 8.35 15.79
C LYS D 263 -50.10 8.38 14.31
N ALA D 264 -49.48 7.28 13.86
CA ALA D 264 -49.16 7.11 12.46
C ALA D 264 -49.01 5.62 12.17
N THR D 265 -49.46 5.22 10.98
CA THR D 265 -49.30 3.85 10.55
C THR D 265 -47.88 3.62 10.04
N ALA D 266 -47.55 2.35 9.80
CA ALA D 266 -46.23 2.02 9.29
C ALA D 266 -46.00 2.63 7.91
N ILE D 267 -47.01 2.59 7.05
CA ILE D 267 -46.85 3.10 5.69
C ILE D 267 -46.94 4.61 5.64
N GLU D 268 -47.70 5.21 6.58
CA GLU D 268 -47.84 6.67 6.55
C GLU D 268 -46.60 7.35 7.12
N THR D 269 -45.99 6.77 8.16
CA THR D 269 -44.70 7.25 8.62
C THR D 269 -43.64 7.07 7.53
N LEU D 270 -43.69 5.93 6.83
CA LEU D 270 -42.75 5.68 5.73
C LEU D 270 -42.94 6.68 4.61
N THR D 271 -44.19 7.05 4.31
CA THR D 271 -44.46 8.03 3.27
C THR D 271 -43.95 9.42 3.65
N ARG D 272 -44.05 9.77 4.93
CA ARG D 272 -43.58 11.09 5.37
C ARG D 272 -42.08 11.25 5.23
N LYS D 273 -41.32 10.15 5.19
CA LYS D 273 -39.87 10.24 4.97
C LYS D 273 -39.52 10.08 3.49
N TYR D 274 -40.08 9.07 2.82
CA TYR D 274 -39.92 8.89 1.38
C TYR D 274 -41.23 9.22 0.69
N GLY D 275 -41.19 10.17 -0.24
CA GLY D 275 -42.34 10.44 -1.08
C GLY D 275 -42.81 9.18 -1.76
N ASP D 276 -44.12 9.03 -1.96
CA ASP D 276 -44.67 7.76 -2.41
C ASP D 276 -44.16 7.34 -3.78
N ALA D 277 -43.58 8.26 -4.57
CA ALA D 277 -42.90 7.87 -5.79
C ALA D 277 -41.63 7.07 -5.47
N GLN D 278 -40.80 7.61 -4.58
CA GLN D 278 -39.61 6.88 -4.13
C GLN D 278 -39.99 5.67 -3.30
N LEU D 279 -41.19 5.67 -2.72
CA LEU D 279 -41.64 4.53 -1.93
C LEU D 279 -42.13 3.41 -2.84
N LEU D 280 -42.72 3.75 -3.98
CA LEU D 280 -43.34 2.74 -4.83
C LEU D 280 -42.31 1.77 -5.38
N ASP D 281 -41.17 2.27 -5.87
CA ASP D 281 -40.15 1.37 -6.39
C ASP D 281 -39.37 0.70 -5.27
N THR D 282 -39.43 1.25 -4.06
CA THR D 282 -38.84 0.57 -2.91
C THR D 282 -39.65 -0.66 -2.54
N LEU D 283 -40.99 -0.54 -2.53
CA LEU D 283 -41.84 -1.70 -2.32
C LEU D 283 -41.81 -2.66 -3.49
N ILE D 284 -41.65 -2.14 -4.71
CA ILE D 284 -41.48 -3.00 -5.88
C ILE D 284 -40.20 -3.80 -5.77
N GLY D 285 -39.10 -3.14 -5.39
CA GLY D 285 -37.85 -3.85 -5.22
C GLY D 285 -37.92 -4.89 -4.12
N ALA D 286 -38.59 -4.57 -3.02
CA ALA D 286 -38.79 -5.55 -1.96
C ALA D 286 -39.67 -6.71 -2.42
N SER D 287 -40.54 -6.48 -3.39
CA SER D 287 -41.31 -7.58 -3.97
C SER D 287 -40.44 -8.49 -4.84
N SER D 288 -39.48 -7.92 -5.56
CA SER D 288 -38.57 -8.73 -6.36
C SER D 288 -37.71 -9.62 -5.47
N LYS D 289 -37.21 -9.08 -4.36
CA LYS D 289 -36.46 -9.87 -3.40
C LYS D 289 -37.43 -10.79 -2.66
N GLY D 290 -37.33 -12.09 -2.90
CA GLY D 290 -38.26 -13.03 -2.30
C GLY D 290 -38.21 -13.07 -0.79
N GLU D 291 -37.11 -12.64 -0.19
CA GLU D 291 -37.01 -12.62 1.26
C GLU D 291 -37.91 -11.56 1.87
N THR D 292 -38.08 -10.42 1.17
CA THR D 292 -38.93 -9.33 1.64
C THR D 292 -40.29 -9.30 0.98
N LYS D 293 -40.67 -10.37 0.25
CA LYS D 293 -41.93 -10.35 -0.48
C LYS D 293 -43.13 -10.25 0.45
N THR D 294 -43.11 -10.99 1.56
CA THR D 294 -44.24 -10.98 2.48
C THR D 294 -44.42 -9.61 3.14
N LEU D 295 -43.32 -8.99 3.57
CA LEU D 295 -43.41 -7.68 4.20
C LEU D 295 -43.89 -6.62 3.21
N ALA D 296 -43.37 -6.66 1.98
CA ALA D 296 -43.78 -5.69 0.97
C ALA D 296 -45.26 -5.87 0.60
N ALA D 297 -45.78 -7.09 0.76
CA ALA D 297 -47.18 -7.33 0.44
C ALA D 297 -48.10 -6.56 1.37
N LYS D 298 -47.78 -6.54 2.68
CA LYS D 298 -48.64 -5.84 3.62
C LYS D 298 -48.45 -4.33 3.53
N LEU D 299 -47.24 -3.87 3.17
CA LEU D 299 -47.00 -2.45 3.04
C LEU D 299 -47.64 -1.90 1.77
N GLN D 300 -47.56 -2.65 0.68
CA GLN D 300 -48.14 -2.20 -0.59
C GLN D 300 -49.66 -2.08 -0.49
N ALA D 301 -50.30 -3.03 0.21
CA ALA D 301 -51.74 -2.97 0.39
C ALA D 301 -52.15 -1.72 1.17
N GLN D 302 -51.38 -1.38 2.22
CA GLN D 302 -51.70 -0.19 2.99
C GLN D 302 -51.45 1.09 2.19
N GLN D 303 -50.48 1.08 1.28
CA GLN D 303 -50.25 2.24 0.43
C GLN D 303 -51.45 2.48 -0.49
N PHE D 304 -52.05 1.41 -1.02
CA PHE D 304 -53.28 1.55 -1.78
C PHE D 304 -54.42 2.05 -0.90
N ASP D 305 -54.42 1.64 0.39
CA ASP D 305 -55.45 2.11 1.31
C ASP D 305 -55.37 3.61 1.52
N ARG D 306 -54.15 4.15 1.67
CA ARG D 306 -54.01 5.59 1.88
C ARG D 306 -54.31 6.37 0.60
N TRP D 307 -54.13 5.73 -0.56
CA TRP D 307 -54.48 6.40 -1.83
C TRP D 307 -56.01 6.36 -2.00
N MET D 308 -56.64 5.25 -1.60
CA MET D 308 -58.12 5.15 -1.68
C MET D 308 -58.75 6.19 -0.74
N ASN D 309 -58.16 6.37 0.46
CA ASN D 309 -58.69 7.38 1.43
C ASN D 309 -58.70 8.75 0.76
N LEU D 310 -57.57 9.18 0.22
CA LEU D 310 -57.50 10.48 -0.46
C LEU D 310 -58.39 10.54 -1.70
N LYS D 311 -59.16 9.48 -1.96
CA LYS D 311 -60.11 9.41 -3.07
C LYS D 311 -59.45 9.60 -4.42
N GLU D 312 -58.24 9.08 -4.58
CA GLU D 312 -57.52 9.20 -5.85
C GLU D 312 -58.01 8.18 -6.85
N SER D 313 -58.25 8.62 -8.08
CA SER D 313 -58.52 7.69 -9.17
C SER D 313 -57.21 7.05 -9.62
N PRO D 314 -57.27 5.88 -10.26
CA PRO D 314 -56.05 5.31 -10.83
C PRO D 314 -55.34 6.25 -11.80
N LEU D 315 -56.09 7.02 -12.59
CA LEU D 315 -55.47 8.02 -13.44
C LEU D 315 -54.84 9.14 -12.62
N ASP D 316 -55.50 9.56 -11.54
CA ASP D 316 -54.92 10.60 -10.69
C ASP D 316 -53.62 10.14 -10.05
N VAL D 317 -53.55 8.87 -9.66
CA VAL D 317 -52.30 8.32 -9.14
C VAL D 317 -51.23 8.35 -10.22
N TYR D 318 -51.60 7.99 -11.46
CA TYR D 318 -50.63 8.01 -12.55
C TYR D 318 -50.12 9.43 -12.82
N ASN D 319 -51.03 10.40 -12.91
CA ASN D 319 -50.63 11.77 -13.24
C ASN D 319 -49.74 12.37 -12.16
N ARG D 320 -50.08 12.14 -10.90
CA ARG D 320 -49.27 12.70 -9.80
C ARG D 320 -47.88 12.08 -9.78
N LEU D 321 -47.80 10.76 -9.99
CA LEU D 321 -46.50 10.09 -9.95
C LEU D 321 -45.73 10.27 -11.25
N ARG D 322 -46.41 10.66 -12.33
CA ARG D 322 -45.73 10.84 -13.62
C ARG D 322 -44.77 12.01 -13.59
N SER D 323 -45.00 12.99 -12.70
CA SER D 323 -44.11 14.14 -12.62
C SER D 323 -42.70 13.75 -12.19
N SER D 324 -42.52 12.57 -11.59
CA SER D 324 -41.21 12.10 -11.20
C SER D 324 -40.83 10.75 -11.80
N TYR D 325 -41.81 9.95 -12.23
CA TYR D 325 -41.51 8.63 -12.78
C TYR D 325 -41.23 8.68 -14.28
N GLY D 326 -41.68 9.73 -14.97
CA GLY D 326 -41.64 9.75 -16.42
C GLY D 326 -42.99 9.44 -17.02
N ASP D 327 -43.21 9.87 -18.27
CA ASP D 327 -44.52 9.73 -18.88
C ASP D 327 -44.85 8.28 -19.19
N THR D 328 -43.86 7.50 -19.62
CA THR D 328 -44.09 6.15 -20.12
C THR D 328 -43.71 5.06 -19.12
N ALA D 329 -43.25 5.43 -17.92
CA ALA D 329 -42.72 4.44 -16.98
C ALA D 329 -43.80 3.46 -16.54
N PHE D 330 -45.01 3.94 -16.28
CA PHE D 330 -46.05 3.10 -15.71
C PHE D 330 -46.58 2.05 -16.68
N PHE D 331 -46.23 2.13 -17.96
CA PHE D 331 -46.61 1.13 -18.94
C PHE D 331 -45.53 0.08 -19.17
N ASN D 332 -44.46 0.11 -18.36
CA ASN D 332 -43.38 -0.86 -18.44
C ASN D 332 -43.30 -1.66 -17.16
N GLU D 333 -42.95 -2.93 -17.27
CA GLU D 333 -42.78 -3.76 -16.10
C GLU D 333 -41.60 -3.27 -15.28
N PRO D 334 -41.62 -3.45 -13.95
CA PRO D 334 -42.69 -4.02 -13.13
C PRO D 334 -43.69 -2.98 -12.65
N GLN D 335 -43.56 -1.73 -13.11
CA GLN D 335 -44.48 -0.67 -12.69
C GLN D 335 -45.88 -0.91 -13.20
N LEU D 336 -46.02 -1.57 -14.35
CA LEU D 336 -47.35 -1.85 -14.87
C LEU D 336 -48.12 -2.78 -13.95
N ASN D 337 -47.44 -3.78 -13.39
CA ASN D 337 -48.11 -4.75 -12.53
C ASN D 337 -48.62 -4.08 -11.26
N VAL D 338 -47.82 -3.20 -10.65
CA VAL D 338 -48.25 -2.56 -9.40
C VAL D 338 -49.34 -1.53 -9.67
N TRP D 339 -49.32 -0.90 -10.86
CA TRP D 339 -50.35 0.09 -11.17
C TRP D 339 -51.68 -0.58 -11.50
N VAL D 340 -51.64 -1.70 -12.23
CA VAL D 340 -52.85 -2.46 -12.50
C VAL D 340 -53.35 -3.13 -11.23
N SER D 341 -52.44 -3.52 -10.33
CA SER D 341 -52.85 -4.13 -9.07
C SER D 341 -53.67 -3.17 -8.23
N TYR D 342 -53.37 -1.86 -8.33
CA TYR D 342 -54.19 -0.89 -7.61
C TYR D 342 -55.54 -0.71 -8.28
N MET D 343 -55.61 -0.91 -9.60
CA MET D 343 -56.91 -0.92 -10.27
C MET D 343 -57.80 -2.02 -9.72
N ASN D 344 -57.21 -3.12 -9.25
CA ASN D 344 -58.00 -4.16 -8.62
C ASN D 344 -58.59 -3.67 -7.30
N VAL D 345 -57.79 -3.02 -6.46
CA VAL D 345 -58.28 -2.55 -5.17
C VAL D 345 -59.25 -1.39 -5.34
N PHE D 346 -59.07 -0.61 -6.41
CA PHE D 346 -59.98 0.51 -6.67
C PHE D 346 -61.35 -0.01 -7.09
N VAL D 347 -61.37 -0.98 -8.01
CA VAL D 347 -62.63 -1.57 -8.44
C VAL D 347 -63.24 -2.44 -7.35
N ASP D 348 -62.41 -3.02 -6.47
CA ASP D 348 -62.92 -3.87 -5.41
C ASP D 348 -63.87 -3.11 -4.50
N LYS D 349 -63.52 -1.89 -4.13
CA LYS D 349 -64.42 -1.03 -3.37
C LYS D 349 -65.42 -0.30 -4.26
N ASN D 350 -65.11 -0.15 -5.55
CA ASN D 350 -65.94 0.60 -6.48
C ASN D 350 -66.24 -0.24 -7.72
N PRO D 351 -67.12 -1.25 -7.61
CA PRO D 351 -67.34 -2.16 -8.75
C PRO D 351 -68.10 -1.52 -9.92
N SER D 352 -68.73 -0.37 -9.73
CA SER D 352 -69.63 0.19 -10.73
C SER D 352 -68.98 1.22 -11.64
N LYS D 353 -67.70 1.54 -11.47
CA LYS D 353 -67.02 2.49 -12.33
C LYS D 353 -65.81 1.91 -13.04
N VAL D 354 -65.71 0.59 -13.14
CA VAL D 354 -64.58 -0.03 -13.84
C VAL D 354 -64.67 0.22 -15.34
N ASP D 355 -65.89 0.15 -15.89
CA ASP D 355 -66.05 0.25 -17.34
C ASP D 355 -65.65 1.62 -17.86
N LYS D 356 -66.06 2.69 -17.17
CA LYS D 356 -65.68 4.03 -17.60
C LYS D 356 -64.23 4.34 -17.30
N MET D 357 -63.59 3.58 -16.40
CA MET D 357 -62.17 3.77 -16.14
C MET D 357 -61.34 3.44 -17.37
N PHE D 358 -61.70 2.36 -18.07
CA PHE D 358 -60.94 1.98 -19.25
C PHE D 358 -61.21 2.92 -20.42
N LEU D 359 -62.36 3.59 -20.43
CA LEU D 359 -62.66 4.55 -21.49
C LEU D 359 -61.74 5.77 -21.41
N GLU D 360 -61.55 6.30 -20.21
CA GLU D 360 -60.64 7.45 -20.06
C GLU D 360 -59.19 7.03 -20.27
N LEU D 361 -58.85 5.77 -19.99
CA LEU D 361 -57.52 5.28 -20.32
C LEU D 361 -57.29 5.25 -21.82
N GLY D 362 -58.29 4.79 -22.57
CA GLY D 362 -58.19 4.75 -24.02
C GLY D 362 -58.30 6.11 -24.67
N ASP D 363 -58.78 7.12 -23.94
CA ASP D 363 -58.89 8.47 -24.47
C ASP D 363 -57.63 9.29 -24.20
N THR D 364 -57.05 9.17 -23.01
CA THR D 364 -55.84 9.91 -22.68
C THR D 364 -54.57 9.26 -23.22
N PHE D 365 -54.65 8.01 -23.68
CA PHE D 365 -53.52 7.31 -24.24
C PHE D 365 -53.93 6.64 -25.55
N GLY D 366 -52.93 6.13 -26.27
CA GLY D 366 -53.20 5.48 -27.53
C GLY D 366 -53.76 4.08 -27.36
N ASP D 367 -54.02 3.45 -28.51
CA ASP D 367 -54.56 2.08 -28.50
C ASP D 367 -53.56 1.10 -27.91
N MET D 368 -52.27 1.25 -28.27
CA MET D 368 -51.26 0.35 -27.75
C MET D 368 -51.11 0.49 -26.23
N ARG D 369 -51.09 1.72 -25.74
CA ARG D 369 -50.97 1.95 -24.31
C ARG D 369 -52.19 1.44 -23.55
N LEU D 370 -53.35 1.39 -24.19
CA LEU D 370 -54.52 0.78 -23.56
C LEU D 370 -54.38 -0.74 -23.53
N PHE D 371 -53.87 -1.34 -24.62
CA PHE D 371 -53.74 -2.79 -24.68
C PHE D 371 -52.73 -3.30 -23.65
N ARG D 372 -51.66 -2.54 -23.41
CA ARG D 372 -50.65 -2.97 -22.44
C ARG D 372 -51.24 -3.08 -21.04
N VAL D 373 -52.05 -2.10 -20.64
CA VAL D 373 -52.71 -2.16 -19.35
C VAL D 373 -53.78 -3.25 -19.35
N LEU D 374 -54.50 -3.40 -20.46
CA LEU D 374 -55.57 -4.38 -20.54
C LEU D 374 -55.04 -5.80 -20.39
N GLY D 375 -53.90 -6.09 -21.02
CA GLY D 375 -53.33 -7.43 -20.92
C GLY D 375 -52.91 -7.80 -19.52
N GLU D 376 -52.34 -6.84 -18.78
CA GLU D 376 -51.97 -7.10 -17.39
C GLU D 376 -53.19 -7.22 -16.49
N ALA D 377 -54.29 -6.56 -16.87
CA ALA D 377 -55.51 -6.62 -16.07
C ALA D 377 -56.12 -8.02 -16.08
N LYS D 378 -55.88 -8.79 -17.12
CA LYS D 378 -56.41 -10.15 -17.19
C LYS D 378 -55.78 -11.09 -16.17
N LYS D 379 -54.67 -10.69 -15.55
CA LYS D 379 -54.03 -11.49 -14.52
C LYS D 379 -54.61 -11.28 -13.13
N PHE D 380 -55.53 -10.32 -12.99
CA PHE D 380 -56.17 -10.03 -11.72
C PHE D 380 -57.62 -10.46 -11.76
N PRO D 381 -58.05 -11.37 -10.87
CA PRO D 381 -59.41 -11.93 -10.98
C PRO D 381 -60.53 -10.90 -10.95
N ASN D 382 -60.38 -9.83 -10.19
CA ASN D 382 -61.42 -8.82 -10.10
C ASN D 382 -61.59 -8.02 -11.38
N LEU D 383 -60.65 -8.11 -12.32
CA LEU D 383 -60.72 -7.37 -13.56
C LEU D 383 -60.74 -8.23 -14.82
N GLU D 384 -60.73 -9.56 -14.68
CA GLU D 384 -60.65 -10.43 -15.86
C GLU D 384 -61.84 -10.25 -16.78
N SER D 385 -63.05 -10.19 -16.22
CA SER D 385 -64.25 -10.14 -17.05
C SER D 385 -64.30 -8.88 -17.90
N THR D 386 -64.00 -7.72 -17.29
CA THR D 386 -64.06 -6.47 -18.04
C THR D 386 -62.87 -6.30 -18.95
N ALA D 387 -61.69 -6.79 -18.54
CA ALA D 387 -60.50 -6.65 -19.37
C ALA D 387 -60.62 -7.46 -20.66
N THR D 388 -61.10 -8.70 -20.54
CA THR D 388 -61.29 -9.52 -21.74
C THR D 388 -62.36 -8.93 -22.64
N LYS D 389 -63.43 -8.38 -22.06
CA LYS D 389 -64.51 -7.80 -22.85
C LYS D 389 -64.01 -6.61 -23.67
N LEU D 390 -63.18 -5.76 -23.07
CA LEU D 390 -62.68 -4.60 -23.81
C LEU D 390 -61.60 -5.02 -24.81
N GLN D 391 -60.73 -5.97 -24.43
CA GLN D 391 -59.60 -6.33 -25.28
C GLN D 391 -60.06 -7.00 -26.57
N MET D 392 -61.02 -7.93 -26.47
CA MET D 392 -61.45 -8.65 -27.67
C MET D 392 -62.23 -7.74 -28.62
N GLU D 393 -63.14 -6.92 -28.08
CA GLU D 393 -63.89 -6.00 -28.93
C GLU D 393 -62.98 -4.97 -29.58
N LYS D 394 -61.99 -4.46 -28.85
CA LYS D 394 -61.03 -3.55 -29.45
C LYS D 394 -60.16 -4.25 -30.48
N ALA D 395 -59.94 -5.57 -30.32
CA ALA D 395 -59.16 -6.30 -31.30
C ALA D 395 -59.95 -6.56 -32.58
N SER D 396 -61.26 -6.81 -32.44
CA SER D 396 -62.09 -7.07 -33.61
C SER D 396 -62.15 -5.86 -34.53
N THR D 397 -62.27 -4.67 -33.96
CA THR D 397 -62.34 -3.46 -34.77
C THR D 397 -61.00 -3.08 -35.39
N LEU D 398 -59.92 -3.74 -34.98
CA LEU D 398 -58.60 -3.48 -35.55
C LEU D 398 -58.20 -4.51 -36.61
N PHE D 399 -58.68 -5.74 -36.50
CA PHE D 399 -58.41 -6.73 -37.53
C PHE D 399 -59.10 -6.37 -38.84
N ALA D 400 -60.24 -5.67 -38.77
CA ALA D 400 -60.97 -5.31 -39.97
C ALA D 400 -60.36 -4.10 -40.68
N SER D 401 -59.41 -3.41 -40.06
CA SER D 401 -58.81 -2.23 -40.68
C SER D 401 -57.96 -2.58 -41.90
N GLY D 402 -57.42 -3.79 -41.95
CA GLY D 402 -56.56 -4.18 -43.06
C GLY D 402 -55.11 -3.76 -42.92
N LYS D 403 -54.70 -3.20 -41.80
CA LYS D 403 -53.31 -2.83 -41.59
C LYS D 403 -52.44 -4.08 -41.57
N SER D 404 -51.14 -3.88 -41.81
CA SER D 404 -50.21 -5.00 -41.82
C SER D 404 -50.20 -5.69 -40.46
N PRO D 405 -50.22 -7.02 -40.42
CA PRO D 405 -50.22 -7.71 -39.11
C PRO D 405 -48.99 -7.42 -38.28
N GLU D 406 -47.89 -7.03 -38.91
CA GLU D 406 -46.70 -6.63 -38.15
C GLU D 406 -46.98 -5.41 -37.28
N GLY D 407 -47.67 -4.42 -37.83
CA GLY D 407 -48.01 -3.24 -37.04
C GLY D 407 -49.02 -3.55 -35.95
N ILE D 408 -50.04 -4.36 -36.27
CA ILE D 408 -51.08 -4.67 -35.29
C ILE D 408 -50.52 -5.53 -34.16
N PHE D 409 -49.48 -6.32 -34.43
CA PHE D 409 -48.88 -7.15 -33.40
C PHE D 409 -48.33 -6.30 -32.26
N LYS D 410 -47.66 -5.19 -32.59
CA LYS D 410 -47.13 -4.31 -31.56
C LYS D 410 -48.24 -3.52 -30.88
N VAL D 411 -49.28 -3.15 -31.62
CA VAL D 411 -50.37 -2.38 -31.05
C VAL D 411 -51.15 -3.22 -30.04
N LEU D 412 -51.37 -4.49 -30.35
CA LEU D 412 -52.14 -5.39 -29.50
C LEU D 412 -51.43 -5.73 -28.19
N ALA D 413 -50.24 -5.16 -27.94
CA ALA D 413 -49.43 -5.46 -26.76
C ALA D 413 -49.04 -6.94 -26.71
N LEU D 414 -48.95 -7.59 -27.87
CA LEU D 414 -48.52 -8.98 -27.92
C LEU D 414 -47.01 -9.11 -27.72
N ASP D 415 -46.29 -8.00 -27.69
CA ASP D 415 -44.83 -8.02 -27.55
C ASP D 415 -44.38 -8.06 -26.09
N ASN D 416 -45.31 -8.11 -25.14
CA ASN D 416 -44.94 -8.22 -23.73
C ASN D 416 -45.82 -9.22 -22.97
N VAL D 417 -46.50 -10.12 -23.67
CA VAL D 417 -47.36 -11.10 -23.00
C VAL D 417 -46.55 -11.98 -22.07
N GLY D 418 -45.43 -12.50 -22.57
CA GLY D 418 -44.54 -13.31 -21.77
C GLY D 418 -44.26 -14.67 -22.38
N ASP D 419 -43.80 -15.59 -21.52
CA ASP D 419 -43.45 -16.93 -21.98
C ASP D 419 -44.68 -17.75 -22.35
N ASP D 420 -45.86 -17.37 -21.86
CA ASP D 420 -47.09 -18.10 -22.11
C ASP D 420 -47.89 -17.54 -23.28
N ILE D 421 -47.22 -16.95 -24.27
CA ILE D 421 -47.93 -16.34 -25.38
C ILE D 421 -48.63 -17.40 -26.25
N LEU D 422 -48.09 -18.62 -26.28
CA LEU D 422 -48.73 -19.67 -27.07
C LEU D 422 -50.07 -20.11 -26.50
N SER D 423 -50.25 -20.07 -25.19
CA SER D 423 -51.54 -20.36 -24.59
C SER D 423 -52.43 -19.11 -24.50
N ASN D 424 -51.91 -17.95 -24.89
CA ASN D 424 -52.68 -16.72 -24.82
C ASN D 424 -53.82 -16.75 -25.84
N THR D 425 -55.01 -16.31 -25.41
CA THR D 425 -56.17 -16.36 -26.29
C THR D 425 -56.11 -15.30 -27.38
N LEU D 426 -55.60 -14.10 -27.07
CA LEU D 426 -55.48 -13.05 -28.07
C LEU D 426 -54.49 -13.44 -29.17
N PHE D 427 -53.40 -14.11 -28.80
CA PHE D 427 -52.40 -14.50 -29.79
C PHE D 427 -52.98 -15.45 -30.82
N HIS D 428 -53.93 -16.30 -30.42
CA HIS D 428 -54.62 -17.16 -31.39
C HIS D 428 -55.48 -16.35 -32.34
N LYS D 429 -56.10 -15.27 -31.85
CA LYS D 429 -56.89 -14.40 -32.73
C LYS D 429 -56.00 -13.76 -33.79
N TRP D 430 -54.78 -13.34 -33.40
CA TRP D 430 -53.88 -12.74 -34.36
C TRP D 430 -53.35 -13.76 -35.36
N LEU D 431 -53.12 -15.00 -34.91
CA LEU D 431 -52.64 -16.03 -35.82
C LEU D 431 -53.65 -16.32 -36.92
N ALA D 432 -54.93 -16.44 -36.56
CA ALA D 432 -55.96 -16.66 -37.56
C ALA D 432 -56.06 -15.48 -38.52
N TYR D 433 -55.95 -14.25 -37.99
CA TYR D 433 -55.97 -13.08 -38.85
C TYR D 433 -54.76 -13.05 -39.77
N LEU D 434 -53.58 -13.40 -39.25
CA LEU D 434 -52.37 -13.36 -40.05
C LEU D 434 -52.41 -14.40 -41.17
N GLN D 435 -52.97 -15.58 -40.88
CA GLN D 435 -53.16 -16.57 -41.93
C GLN D 435 -54.13 -16.07 -43.00
N LYS D 436 -55.21 -15.42 -42.58
CA LYS D 436 -56.16 -14.84 -43.53
C LYS D 436 -55.49 -13.75 -44.38
N PHE D 437 -54.71 -12.89 -43.73
CA PHE D 437 -53.99 -11.85 -44.45
C PHE D 437 -52.98 -12.45 -45.43
N ASN D 438 -52.32 -13.54 -45.02
CA ASN D 438 -51.29 -14.13 -45.86
C ASN D 438 -51.86 -14.70 -47.15
N LYS D 439 -53.01 -15.37 -47.07
CA LYS D 439 -53.62 -15.93 -48.27
C LYS D 439 -54.29 -14.87 -49.15
N GLU D 440 -54.71 -13.74 -48.57
CA GLU D 440 -55.25 -12.66 -49.39
C GLU D 440 -54.14 -11.88 -50.10
N HIS D 441 -52.91 -11.98 -49.61
CA HIS D 441 -51.75 -11.33 -50.21
C HIS D 441 -50.63 -12.35 -50.41
N PRO D 442 -50.81 -13.28 -51.35
CA PRO D 442 -49.79 -14.32 -51.56
C PRO D 442 -48.45 -13.78 -52.02
N ASN D 443 -48.41 -12.60 -52.64
CA ASN D 443 -47.15 -11.99 -53.08
C ASN D 443 -46.52 -11.10 -52.02
N ASN D 444 -47.21 -10.84 -50.92
CA ASN D 444 -46.69 -10.01 -49.83
C ASN D 444 -46.84 -10.75 -48.51
N GLN D 445 -46.42 -12.01 -48.48
CA GLN D 445 -46.58 -12.86 -47.32
C GLN D 445 -45.73 -12.35 -46.15
N GLU D 446 -46.27 -12.45 -44.95
CA GLU D 446 -45.56 -12.10 -43.73
C GLU D 446 -45.45 -13.31 -42.82
N SER D 447 -44.31 -13.39 -42.13
CA SER D 447 -44.00 -14.54 -41.28
C SER D 447 -44.46 -14.29 -39.85
N TRP D 448 -44.91 -15.35 -39.19
CA TRP D 448 -45.33 -15.25 -37.81
C TRP D 448 -44.15 -15.36 -36.84
N PHE D 449 -43.07 -16.02 -37.27
CA PHE D 449 -41.95 -16.25 -36.37
C PHE D 449 -41.14 -14.99 -36.13
N ASP D 450 -40.87 -14.21 -37.19
CA ASP D 450 -40.00 -13.05 -37.04
C ASP D 450 -40.59 -12.00 -36.11
N MET D 451 -41.91 -12.00 -35.90
CA MET D 451 -42.49 -11.09 -34.93
C MET D 451 -42.16 -11.53 -33.50
N LEU D 452 -42.28 -12.83 -33.24
CA LEU D 452 -41.88 -13.37 -31.94
C LEU D 452 -40.38 -13.23 -31.72
N ARG D 453 -39.60 -13.48 -32.77
CA ARG D 453 -38.15 -13.37 -32.67
C ARG D 453 -37.71 -11.94 -32.40
N ILE D 454 -38.33 -10.97 -33.07
CA ILE D 454 -37.97 -9.58 -32.85
C ILE D 454 -38.42 -9.12 -31.47
N SER D 455 -39.67 -9.41 -31.11
CA SER D 455 -40.22 -8.88 -29.86
C SER D 455 -39.54 -9.52 -28.65
N TYR D 456 -39.42 -10.84 -28.64
CA TYR D 456 -38.95 -11.57 -27.47
C TYR D 456 -37.48 -11.94 -27.51
N GLN D 457 -36.80 -11.73 -28.64
CA GLN D 457 -35.40 -12.09 -28.86
C GLN D 457 -35.23 -13.60 -28.86
N PRO D 458 -34.14 -14.13 -29.41
CA PRO D 458 -33.97 -15.60 -29.47
C PRO D 458 -33.99 -16.28 -28.10
N PHE D 459 -33.42 -15.65 -27.07
CA PHE D 459 -33.47 -16.28 -25.76
C PHE D 459 -34.89 -16.30 -25.20
N GLY D 460 -35.72 -15.32 -25.58
CA GLY D 460 -37.13 -15.38 -25.24
C GLY D 460 -37.89 -16.38 -26.08
N VAL D 461 -37.41 -16.65 -27.30
CA VAL D 461 -38.03 -17.67 -28.14
C VAL D 461 -37.77 -19.05 -27.54
N GLU D 462 -36.57 -19.27 -27.02
CA GLU D 462 -36.26 -20.55 -26.36
C GLU D 462 -37.15 -20.76 -25.16
N ARG D 463 -37.34 -19.72 -24.35
CA ARG D 463 -38.24 -19.82 -23.20
C ARG D 463 -39.67 -20.06 -23.64
N ILE D 464 -40.07 -19.44 -24.76
CA ILE D 464 -41.40 -19.67 -25.31
C ILE D 464 -41.57 -21.13 -25.72
N ILE D 465 -40.55 -21.72 -26.35
CA ILE D 465 -40.66 -23.10 -26.83
C ILE D 465 -40.77 -24.07 -25.66
N GLU D 466 -39.93 -23.89 -24.64
CA GLU D 466 -39.93 -24.83 -23.52
C GLU D 466 -41.19 -24.70 -22.68
N THR D 467 -41.64 -23.47 -22.42
CA THR D 467 -42.88 -23.29 -21.65
C THR D 467 -44.09 -23.80 -22.41
N GLY D 468 -44.14 -23.59 -23.72
CA GLY D 468 -45.23 -24.10 -24.54
C GLY D 468 -45.26 -25.62 -24.58
N ARG D 469 -44.09 -26.22 -24.76
CA ARG D 469 -44.02 -27.69 -24.80
C ARG D 469 -44.37 -28.31 -23.47
N LYS D 470 -44.22 -27.58 -22.36
CA LYS D 470 -44.65 -28.08 -21.07
C LYS D 470 -46.16 -28.27 -20.99
N ASN D 471 -46.92 -27.49 -21.75
CA ASN D 471 -48.37 -27.61 -21.79
C ASN D 471 -48.78 -28.50 -22.94
N PRO D 472 -49.47 -29.62 -22.67
CA PRO D 472 -49.83 -30.54 -23.78
C PRO D 472 -50.78 -29.93 -24.79
N LEU D 473 -51.53 -28.89 -24.43
CA LEU D 473 -52.50 -28.31 -25.36
C LEU D 473 -51.83 -27.51 -26.48
N THR D 474 -50.54 -27.20 -26.36
CA THR D 474 -49.83 -26.44 -27.38
C THR D 474 -48.47 -27.06 -27.70
N ARG D 475 -48.33 -28.37 -27.52
CA ARG D 475 -47.07 -29.04 -27.82
C ARG D 475 -46.73 -28.95 -29.31
N LEU D 476 -47.72 -29.21 -30.16
CA LEU D 476 -47.48 -29.18 -31.60
C LEU D 476 -47.07 -27.79 -32.07
N MET D 477 -47.75 -26.74 -31.58
CA MET D 477 -47.39 -25.40 -31.97
C MET D 477 -46.02 -25.00 -31.42
N ALA D 478 -45.62 -25.60 -30.29
CA ALA D 478 -44.27 -25.41 -29.79
C ALA D 478 -43.24 -26.07 -30.70
N GLU D 479 -43.64 -27.14 -31.40
CA GLU D 479 -42.75 -27.75 -32.37
C GLU D 479 -42.59 -26.87 -33.61
N LYS D 480 -43.66 -26.15 -33.97
CA LYS D 480 -43.60 -25.27 -35.14
C LYS D 480 -42.61 -24.14 -34.93
N VAL D 481 -42.63 -23.52 -33.76
CA VAL D 481 -41.70 -22.42 -33.49
C VAL D 481 -40.27 -22.94 -33.36
N GLU D 482 -40.08 -24.14 -32.82
CA GLU D 482 -38.75 -24.72 -32.74
C GLU D 482 -38.19 -24.98 -34.14
N ASN D 483 -39.01 -25.49 -35.05
CA ASN D 483 -38.56 -25.75 -36.41
C ASN D 483 -38.22 -24.45 -37.13
N ALA D 484 -39.01 -23.41 -36.93
CA ALA D 484 -38.72 -22.12 -37.54
C ALA D 484 -37.51 -21.46 -36.89
N TYR D 485 -37.31 -21.71 -35.59
CA TYR D 485 -36.13 -21.18 -34.91
C TYR D 485 -34.86 -21.81 -35.44
N HIS D 486 -34.86 -23.13 -35.64
CA HIS D 486 -33.69 -23.80 -36.19
C HIS D 486 -33.51 -23.49 -37.67
N ASN D 487 -34.61 -23.25 -38.40
CA ASN D 487 -34.51 -22.79 -39.77
C ASN D 487 -33.91 -21.39 -39.83
N TYR D 488 -34.30 -20.53 -38.89
CA TYR D 488 -33.73 -19.19 -38.82
C TYR D 488 -32.22 -19.24 -38.58
N TRP D 489 -31.74 -20.31 -37.94
CA TRP D 489 -30.31 -20.48 -37.75
C TRP D 489 -29.58 -20.64 -39.08
N LEU D 490 -30.18 -21.40 -40.01
CA LEU D 490 -29.54 -21.61 -41.30
C LEU D 490 -29.58 -20.37 -42.16
N ASP D 491 -30.63 -19.55 -42.03
CA ASP D 491 -30.72 -18.32 -42.81
C ASP D 491 -29.59 -17.36 -42.44
N ILE D 492 -29.26 -17.26 -41.15
CA ILE D 492 -28.22 -16.33 -40.72
C ILE D 492 -26.86 -17.02 -40.75
N LYS D 493 -26.84 -18.28 -41.15
CA LYS D 493 -25.61 -19.04 -41.33
C LYS D 493 -24.79 -19.10 -40.03
N MET D 494 -25.34 -19.78 -39.03
CA MET D 494 -24.62 -20.03 -37.80
C MET D 494 -23.94 -21.39 -37.90
N GLU D 495 -22.65 -21.44 -37.62
CA GLU D 495 -21.88 -22.65 -37.82
C GLU D 495 -22.38 -23.76 -36.88
N PRO D 496 -22.29 -25.02 -37.29
CA PRO D 496 -22.72 -26.11 -36.39
C PRO D 496 -21.96 -26.14 -35.08
N LYS D 497 -20.69 -25.72 -35.08
CA LYS D 497 -19.93 -25.69 -33.83
C LYS D 497 -20.50 -24.69 -32.83
N THR D 498 -21.29 -23.73 -33.30
CA THR D 498 -21.92 -22.79 -32.38
C THR D 498 -23.31 -23.28 -31.97
N ALA D 499 -24.01 -23.98 -32.86
CA ALA D 499 -25.28 -24.58 -32.49
C ALA D 499 -25.11 -25.67 -31.44
N PHE D 500 -23.89 -26.22 -31.33
CA PHE D 500 -23.59 -27.13 -30.23
C PHE D 500 -23.74 -26.42 -28.89
N ARG D 501 -23.27 -25.17 -28.81
CA ARG D 501 -23.48 -24.38 -27.61
C ARG D 501 -24.91 -23.88 -27.51
N SER D 502 -25.50 -23.49 -28.63
CA SER D 502 -26.85 -22.93 -28.62
C SER D 502 -27.87 -23.93 -28.12
N LEU D 503 -27.74 -25.20 -28.53
CA LEU D 503 -28.62 -26.26 -28.03
C LEU D 503 -28.29 -26.68 -26.61
N HIS D 504 -27.36 -25.98 -25.95
CA HIS D 504 -26.98 -26.26 -24.56
C HIS D 504 -26.48 -27.70 -24.40
N LEU D 505 -25.77 -28.17 -25.41
CA LEU D 505 -25.07 -29.46 -25.30
C LEU D 505 -23.79 -29.35 -24.50
N ASP D 506 -23.25 -28.14 -24.33
CA ASP D 506 -22.01 -27.97 -23.58
C ASP D 506 -22.19 -28.27 -22.10
N GLU D 507 -23.40 -28.10 -21.57
CA GLU D 507 -23.66 -28.34 -20.16
C GLU D 507 -24.34 -29.68 -19.91
N SER D 508 -24.44 -30.55 -20.90
CA SER D 508 -25.02 -31.87 -20.71
C SER D 508 -24.04 -32.85 -20.05
N GLY D 509 -22.80 -32.45 -19.84
CA GLY D 509 -21.86 -33.31 -19.12
C GLY D 509 -21.20 -34.30 -20.05
N GLU D 510 -21.27 -35.58 -19.69
CA GLU D 510 -20.73 -36.66 -20.50
C GLU D 510 -21.86 -37.59 -20.92
N LYS D 511 -21.50 -38.58 -21.75
CA LYS D 511 -22.47 -39.48 -22.36
C LYS D 511 -23.52 -38.68 -23.15
N LEU D 512 -23.03 -37.83 -24.05
CA LEU D 512 -23.92 -36.94 -24.79
C LEU D 512 -24.62 -37.66 -25.94
N LEU D 513 -24.13 -38.84 -26.33
CA LEU D 513 -24.65 -39.49 -27.52
C LEU D 513 -26.05 -40.05 -27.32
N ALA D 514 -26.49 -40.23 -26.07
CA ALA D 514 -27.85 -40.66 -25.79
C ALA D 514 -28.81 -39.49 -25.59
N ASP D 515 -28.31 -38.27 -25.57
CA ASP D 515 -29.15 -37.09 -25.40
C ASP D 515 -29.94 -36.83 -26.68
N PRO D 516 -31.26 -36.68 -26.62
CA PRO D 516 -32.01 -36.34 -27.83
C PRO D 516 -31.57 -35.06 -28.49
N LYS D 517 -31.04 -34.09 -27.73
CA LYS D 517 -30.54 -32.86 -28.32
C LYS D 517 -29.36 -33.14 -29.25
N PHE D 518 -28.60 -34.19 -28.99
CA PHE D 518 -27.50 -34.56 -29.88
C PHE D 518 -28.03 -34.97 -31.26
N ASN D 519 -29.16 -35.70 -31.29
CA ASN D 519 -29.74 -36.11 -32.56
C ASN D 519 -30.18 -34.91 -33.38
N THR D 520 -30.79 -33.91 -32.74
CA THR D 520 -31.22 -32.72 -33.46
C THR D 520 -30.03 -31.89 -33.91
N TRP D 521 -28.95 -31.88 -33.12
CA TRP D 521 -27.75 -31.16 -33.53
C TRP D 521 -27.12 -31.79 -34.76
N VAL D 522 -27.06 -33.13 -34.81
CA VAL D 522 -26.53 -33.80 -35.98
C VAL D 522 -27.42 -33.56 -37.19
N GLN D 523 -28.74 -33.58 -36.98
CA GLN D 523 -29.66 -33.24 -38.07
C GLN D 523 -29.45 -31.83 -38.55
N TYR D 524 -29.20 -30.89 -37.63
CA TYR D 524 -28.90 -29.51 -38.01
C TYR D 524 -27.60 -29.43 -38.80
N LEU D 525 -26.60 -30.22 -38.40
CA LEU D 525 -25.32 -30.23 -39.11
C LEU D 525 -25.48 -30.78 -40.52
N LYS D 526 -26.34 -31.80 -40.68
CA LYS D 526 -26.60 -32.34 -42.01
C LYS D 526 -27.25 -31.30 -42.91
N THR D 527 -28.20 -30.53 -42.37
CA THR D 527 -28.87 -29.50 -43.15
C THR D 527 -27.94 -28.33 -43.43
N PHE D 528 -27.07 -27.98 -42.48
CA PHE D 528 -26.14 -26.88 -42.70
C PHE D 528 -25.15 -27.21 -43.81
N ASN D 529 -24.58 -28.41 -43.78
CA ASN D 529 -23.64 -28.81 -44.83
C ASN D 529 -24.34 -28.89 -46.18
N ASP D 530 -25.56 -29.43 -46.23
CA ASP D 530 -26.28 -29.54 -47.48
C ASP D 530 -26.60 -28.17 -48.07
N ARG D 531 -27.05 -27.24 -47.22
CA ARG D 531 -27.45 -25.93 -47.71
C ARG D 531 -26.26 -25.03 -48.02
N TYR D 532 -25.15 -25.18 -47.29
CA TYR D 532 -23.95 -24.36 -47.44
C TYR D 532 -22.76 -25.28 -47.69
N PRO D 533 -22.54 -25.66 -48.96
CA PRO D 533 -21.46 -26.61 -49.30
C PRO D 533 -20.10 -25.95 -49.51
N ASN D 534 -19.74 -25.01 -48.63
CA ASN D 534 -18.42 -24.42 -48.66
C ASN D 534 -17.66 -24.79 -47.38
N GLU D 535 -18.25 -24.46 -46.23
CA GLU D 535 -17.67 -24.80 -44.93
C GLU D 535 -18.45 -25.97 -44.34
N LYS D 536 -18.16 -27.16 -44.87
CA LYS D 536 -18.79 -28.38 -44.40
C LYS D 536 -17.90 -29.06 -43.36
N THR D 537 -18.45 -29.27 -42.16
CA THR D 537 -17.74 -29.90 -41.06
C THR D 537 -18.56 -31.06 -40.53
N THR D 538 -17.88 -32.16 -40.22
CA THR D 538 -18.53 -33.36 -39.72
C THR D 538 -18.69 -33.27 -38.20
N VAL D 539 -19.27 -34.31 -37.61
CA VAL D 539 -19.63 -34.27 -36.19
C VAL D 539 -18.39 -34.14 -35.33
N ILE D 540 -17.33 -34.88 -35.65
CA ILE D 540 -16.13 -34.86 -34.83
C ILE D 540 -15.50 -33.47 -34.81
N ASP D 541 -15.61 -32.73 -35.92
CA ASP D 541 -15.10 -31.36 -35.92
C ASP D 541 -15.85 -30.48 -34.94
N GLY D 542 -17.18 -30.63 -34.86
CA GLY D 542 -17.95 -29.84 -33.92
C GLY D 542 -17.63 -30.18 -32.47
N LEU D 543 -17.50 -31.47 -32.17
CA LEU D 543 -17.21 -31.89 -30.80
C LEU D 543 -15.82 -31.44 -30.36
N ARG D 544 -14.83 -31.57 -31.25
CA ARG D 544 -13.47 -31.20 -30.89
C ARG D 544 -13.31 -29.69 -30.71
N ASP D 545 -14.11 -28.90 -31.43
CA ASP D 545 -14.04 -27.45 -31.31
C ASP D 545 -14.64 -26.95 -30.01
N ASN D 546 -15.40 -27.78 -29.29
CA ASN D 546 -16.07 -27.38 -28.07
C ASN D 546 -15.58 -28.12 -26.83
N SER D 547 -15.23 -29.39 -26.96
CA SER D 547 -14.89 -30.24 -25.83
C SER D 547 -13.46 -30.74 -25.96
N HIS D 548 -12.79 -30.90 -24.82
CA HIS D 548 -11.43 -31.41 -24.81
C HIS D 548 -11.39 -32.87 -25.26
N ASP D 549 -10.24 -33.28 -25.80
CA ASP D 549 -10.10 -34.67 -26.22
C ASP D 549 -10.23 -35.64 -25.05
N ILE D 550 -9.80 -35.23 -23.86
CA ILE D 550 -9.96 -36.06 -22.68
C ILE D 550 -11.44 -36.34 -22.42
N ALA D 551 -12.28 -35.31 -22.54
CA ALA D 551 -13.71 -35.51 -22.35
C ALA D 551 -14.32 -36.38 -23.45
N LEU D 552 -13.75 -36.33 -24.66
CA LEU D 552 -14.25 -37.21 -25.72
C LEU D 552 -13.90 -38.66 -25.44
N LEU D 553 -12.73 -38.92 -24.86
CA LEU D 553 -12.39 -40.28 -24.48
C LEU D 553 -13.33 -40.82 -23.42
N ARG D 554 -13.68 -39.97 -22.44
CA ARG D 554 -14.64 -40.36 -21.43
C ARG D 554 -16.01 -40.62 -22.05
N MET D 555 -16.45 -39.72 -22.93
CA MET D 555 -17.79 -39.80 -23.49
C MET D 555 -17.96 -41.04 -24.35
N PHE D 556 -16.95 -41.36 -25.17
CA PHE D 556 -17.08 -42.48 -26.09
C PHE D 556 -16.92 -43.81 -25.38
N SER D 557 -16.08 -43.86 -24.35
CA SER D 557 -15.97 -45.08 -23.54
C SER D 557 -17.25 -45.34 -22.75
N ALA D 558 -17.94 -44.28 -22.34
CA ALA D 558 -19.22 -44.40 -21.65
C ALA D 558 -20.39 -44.58 -22.60
N ALA D 559 -20.14 -44.58 -23.90
CA ALA D 559 -21.20 -44.77 -24.90
C ALA D 559 -21.08 -46.09 -25.63
N LYS D 560 -19.87 -46.65 -25.75
CA LYS D 560 -19.71 -47.95 -26.40
C LYS D 560 -20.30 -49.08 -25.59
N ASN D 561 -20.40 -48.93 -24.27
CA ASN D 561 -20.93 -49.98 -23.41
C ASN D 561 -22.45 -50.02 -23.36
N ASP D 562 -23.12 -49.05 -24.01
CA ASP D 562 -24.57 -49.01 -24.02
C ASP D 562 -25.13 -49.90 -25.13
N PRO D 563 -26.36 -50.40 -24.97
CA PRO D 563 -26.98 -51.19 -26.04
C PRO D 563 -27.19 -50.41 -27.32
N SER D 564 -27.18 -49.08 -27.26
CA SER D 564 -27.31 -48.24 -28.44
C SER D 564 -26.08 -47.35 -28.55
N THR D 565 -26.04 -46.55 -29.61
CA THR D 565 -25.01 -45.56 -29.92
C THR D 565 -23.61 -46.16 -30.02
N GLU D 566 -23.47 -47.48 -30.13
CA GLU D 566 -22.14 -48.07 -30.31
C GLU D 566 -21.54 -47.66 -31.66
N LYS D 567 -22.35 -47.66 -32.71
CA LYS D 567 -21.85 -47.31 -34.04
C LYS D 567 -21.36 -45.88 -34.08
N LEU D 568 -22.10 -44.95 -33.48
CA LEU D 568 -21.67 -43.56 -33.43
C LEU D 568 -20.38 -43.42 -32.63
N ALA D 569 -20.28 -44.15 -31.50
CA ALA D 569 -19.08 -44.08 -30.67
C ALA D 569 -17.87 -44.63 -31.41
N THR D 570 -18.03 -45.76 -32.11
CA THR D 570 -16.91 -46.36 -32.82
C THR D 570 -16.47 -45.51 -34.00
N ASP D 571 -17.42 -44.94 -34.75
CA ASP D 571 -17.07 -44.09 -35.88
C ASP D 571 -16.37 -42.82 -35.42
N LEU D 572 -16.85 -42.22 -34.33
CA LEU D 572 -16.23 -41.00 -33.82
C LEU D 572 -14.86 -41.27 -33.22
N GLN D 573 -14.66 -42.46 -32.63
CA GLN D 573 -13.34 -42.84 -32.15
C GLN D 573 -12.34 -42.93 -33.30
N SER D 574 -12.76 -43.55 -34.41
CA SER D 574 -11.91 -43.61 -35.59
C SER D 574 -11.66 -42.23 -36.16
N ALA D 575 -12.67 -41.36 -36.16
CA ALA D 575 -12.50 -40.00 -36.65
C ALA D 575 -11.49 -39.24 -35.82
N LEU D 576 -11.50 -39.45 -34.50
CA LEU D 576 -10.51 -38.82 -33.65
C LEU D 576 -9.12 -39.39 -33.90
N ILE D 577 -9.04 -40.67 -34.25
CA ILE D 577 -7.74 -41.28 -34.55
C ILE D 577 -7.12 -40.64 -35.79
N LEU D 578 -7.92 -40.48 -36.85
CA LEU D 578 -7.44 -39.81 -38.05
C LEU D 578 -7.14 -38.35 -37.77
N LYS D 579 -7.98 -37.70 -36.95
CA LYS D 579 -7.74 -36.30 -36.59
C LYS D 579 -6.45 -36.14 -35.79
N TRP D 580 -6.01 -37.19 -35.12
CA TRP D 580 -4.77 -37.12 -34.35
C TRP D 580 -3.55 -37.03 -35.26
N GLN D 581 -3.51 -37.85 -36.32
CA GLN D 581 -2.38 -37.86 -37.23
C GLN D 581 -2.40 -36.71 -38.23
N ASP D 582 -3.52 -36.00 -38.34
CA ASP D 582 -3.57 -34.83 -39.22
C ASP D 582 -2.63 -33.73 -38.72
N ALA D 583 -2.58 -33.55 -37.40
CA ALA D 583 -1.68 -32.57 -36.78
C ALA D 583 -0.34 -33.16 -36.41
N LYS D 584 -0.05 -34.40 -36.82
CA LYS D 584 1.19 -35.10 -36.50
C LYS D 584 1.41 -35.19 -34.99
N LYS D 585 0.40 -35.75 -34.32
CA LYS D 585 0.45 -35.92 -32.86
C LYS D 585 1.15 -37.24 -32.56
N THR D 586 2.43 -37.17 -32.22
CA THR D 586 3.17 -38.38 -31.88
C THR D 586 2.63 -38.97 -30.58
N PRO D 587 2.74 -40.30 -30.42
CA PRO D 587 2.18 -40.93 -29.21
C PRO D 587 2.78 -40.43 -27.92
N GLU D 588 3.98 -39.86 -27.95
CA GLU D 588 4.57 -39.32 -26.73
C GLU D 588 3.76 -38.14 -26.20
N GLU D 589 3.34 -37.22 -27.08
CA GLU D 589 2.55 -36.08 -26.64
C GLU D 589 1.17 -36.53 -26.15
N LEU D 590 0.55 -37.48 -26.83
CA LEU D 590 -0.76 -37.97 -26.39
C LEU D 590 -0.68 -38.67 -25.05
N LYS D 591 0.41 -39.42 -24.81
CA LYS D 591 0.55 -40.11 -23.54
C LYS D 591 0.68 -39.13 -22.38
N ARG D 592 1.44 -38.05 -22.57
CA ARG D 592 1.61 -37.08 -21.50
C ARG D 592 0.36 -36.23 -21.29
N VAL D 593 -0.40 -35.97 -22.36
CA VAL D 593 -1.64 -35.22 -22.22
C VAL D 593 -2.70 -36.05 -21.49
N PHE D 594 -2.81 -37.33 -21.85
CA PHE D 594 -3.79 -38.22 -21.25
C PHE D 594 -3.27 -38.94 -20.01
N VAL D 595 -2.32 -38.34 -19.30
CA VAL D 595 -1.74 -38.99 -18.13
C VAL D 595 -2.77 -39.05 -17.01
N GLY D 596 -2.83 -40.20 -16.33
CA GLY D 596 -3.64 -40.31 -15.13
C GLY D 596 -5.12 -40.46 -15.36
N VAL D 597 -5.56 -40.69 -16.59
CA VAL D 597 -6.97 -40.87 -16.91
C VAL D 597 -7.15 -42.25 -17.52
N PRO D 598 -8.18 -42.99 -17.17
CA PRO D 598 -8.45 -44.28 -17.82
C PRO D 598 -9.17 -44.08 -19.15
N ALA D 599 -9.38 -45.21 -19.84
CA ALA D 599 -10.10 -45.26 -21.11
C ALA D 599 -9.36 -44.48 -22.21
N ALA D 600 -8.13 -44.05 -21.91
CA ALA D 600 -7.30 -43.36 -22.89
C ALA D 600 -6.22 -44.25 -23.48
N ASP D 601 -5.72 -45.21 -22.71
CA ASP D 601 -4.68 -46.10 -23.20
C ASP D 601 -5.20 -47.06 -24.27
N GLU D 602 -6.48 -47.47 -24.16
CA GLU D 602 -7.04 -48.38 -25.14
C GLU D 602 -7.06 -47.74 -26.53
N MET D 603 -7.48 -46.48 -26.62
CA MET D 603 -7.46 -45.79 -27.91
C MET D 603 -6.04 -45.39 -28.31
N LEU D 604 -5.17 -45.13 -27.32
CA LEU D 604 -3.78 -44.80 -27.64
C LEU D 604 -3.07 -46.00 -28.26
N ASP D 605 -3.34 -47.21 -27.76
CA ASP D 605 -2.78 -48.40 -28.36
C ASP D 605 -3.27 -48.58 -29.79
N ARG D 606 -4.56 -48.32 -30.03
CA ARG D 606 -5.09 -48.36 -31.39
C ARG D 606 -4.43 -47.30 -32.26
N TYR D 607 -4.10 -46.15 -31.68
CA TYR D 607 -3.42 -45.11 -32.44
C TYR D 607 -2.00 -45.50 -32.80
N ILE D 608 -1.29 -46.15 -31.87
CA ILE D 608 0.07 -46.60 -32.15
C ILE D 608 0.06 -47.66 -33.23
N LYS D 609 -0.89 -48.61 -33.15
CA LYS D 609 -0.97 -49.66 -34.15
C LYS D 609 -1.38 -49.10 -35.52
N LEU D 610 -2.20 -48.04 -35.52
CA LEU D 610 -2.59 -47.42 -36.78
C LEU D 610 -1.46 -46.60 -37.36
N LEU D 611 -0.70 -45.90 -36.52
CA LEU D 611 0.45 -45.14 -36.98
C LEU D 611 1.53 -46.06 -37.54
N ALA D 612 1.77 -47.19 -36.87
CA ALA D 612 2.75 -48.15 -37.37
C ALA D 612 2.32 -48.75 -38.70
N VAL D 613 1.03 -49.07 -38.82
CA VAL D 613 0.53 -49.62 -40.08
C VAL D 613 0.67 -48.60 -41.21
N ALA D 614 0.32 -47.34 -40.94
CA ALA D 614 0.42 -46.31 -41.97
C ALA D 614 1.87 -46.10 -42.40
N SER D 615 2.80 -46.13 -41.45
CA SER D 615 4.21 -45.96 -41.78
C SER D 615 4.80 -47.19 -42.46
N SER D 616 4.20 -48.37 -42.25
CA SER D 616 4.71 -49.60 -42.83
C SER D 616 4.29 -49.80 -44.29
N THR D 617 3.31 -49.05 -44.77
CA THR D 617 2.87 -49.20 -46.15
C THR D 617 3.92 -48.60 -47.09
N PRO D 618 4.40 -49.36 -48.08
CA PRO D 618 5.41 -48.89 -49.04
C PRO D 618 4.91 -47.70 -49.88
PG ATP E . -26.95 13.32 -21.40
O1G ATP E . -27.39 13.84 -20.08
O2G ATP E . -26.82 11.79 -21.44
O3G ATP E . -25.66 13.95 -21.93
PB ATP E . -28.68 13.02 -23.80
O1B ATP E . -28.01 13.45 -25.02
O2B ATP E . -28.74 11.52 -23.55
O3B ATP E . -28.03 13.66 -22.51
PA ATP E . -31.62 13.03 -24.01
O1A ATP E . -31.60 12.11 -25.18
O2A ATP E . -32.17 12.44 -22.72
O3A ATP E . -30.17 13.57 -23.69
O5' ATP E . -32.41 14.37 -24.33
C5' ATP E . -32.85 15.24 -23.28
C4' ATP E . -34.33 15.47 -23.49
O4' ATP E . -34.55 15.84 -24.87
C3' ATP E . -35.21 14.25 -23.21
O3' ATP E . -36.32 14.59 -22.39
C2' ATP E . -35.62 13.77 -24.60
O2' ATP E . -36.94 13.24 -24.60
C1' ATP E . -35.58 15.05 -25.42
N9 ATP E . -35.27 14.85 -26.83
C8 ATP E . -34.04 14.60 -27.38
N7 ATP E . -34.05 14.46 -28.68
C5 ATP E . -35.38 14.63 -29.02
C6 ATP E . -36.06 14.61 -30.26
N6 ATP E . -35.45 14.40 -31.43
N1 ATP E . -37.39 14.83 -30.25
C2 ATP E . -37.99 15.05 -29.08
N3 ATP E . -37.46 15.10 -27.86
C4 ATP E . -36.14 14.88 -27.90
PG ATP F . 1.08 -5.40 -12.76
O1G ATP F . -0.05 -4.60 -12.20
O2G ATP F . 1.06 -6.88 -12.37
O3G ATP F . 2.45 -4.81 -12.43
PB ATP F . 1.30 -6.36 -15.55
O1B ATP F . 2.75 -6.52 -15.83
O2B ATP F . 0.54 -7.65 -15.28
O3B ATP F . 1.03 -5.40 -14.34
PA ATP F . -0.27 -5.99 -18.01
O1A ATP F . 0.11 -7.32 -18.51
O2A ATP F . -1.75 -5.84 -17.66
O3A ATP F . 0.55 -5.60 -16.73
O5' ATP F . 0.13 -4.84 -19.00
C5' ATP F . -0.13 -3.45 -18.69
C4' ATP F . -0.85 -2.85 -19.87
O4' ATP F . -0.04 -3.02 -21.05
C3' ATP F . -2.22 -3.43 -20.17
O3' ATP F . -3.18 -2.44 -20.45
C2' ATP F . -1.96 -4.37 -21.35
O2' ATP F . -3.09 -4.41 -22.22
C1' ATP F . -0.78 -3.71 -22.05
N9 ATP F . 0.14 -4.64 -22.70
C8 ATP F . 1.09 -5.40 -22.09
N7 ATP F . 1.79 -6.15 -22.91
C5 ATP F . 1.24 -5.86 -24.16
C6 ATP F . 1.54 -6.33 -25.45
N6 ATP F . 2.49 -7.23 -25.72
N1 ATP F . 0.81 -5.84 -26.48
C2 ATP F . -0.15 -4.95 -26.21
N3 ATP F . -0.51 -4.42 -25.04
C4 ATP F . 0.22 -4.93 -24.04
PG ATP G . 1.48 -22.76 17.15
O1G ATP G . 0.24 -23.17 16.41
O2G ATP G . 1.34 -22.90 18.67
O3G ATP G . 1.96 -21.36 16.80
PB ATP G . 2.95 -25.15 16.20
O1B ATP G . 3.93 -25.89 17.01
O2B ATP G . 1.59 -25.82 16.03
O3B ATP G . 2.69 -23.71 16.78
PA ATP G . 3.63 -25.55 13.35
O1A ATP G . 3.41 -27.00 13.49
O2A ATP G . 2.68 -24.85 12.38
O3A ATP G . 3.49 -24.81 14.74
O5' ATP G . 5.11 -25.20 12.92
C5' ATP G . 5.49 -23.86 12.57
C4' ATP G . 6.28 -23.93 11.29
O4' ATP G . 7.29 -24.96 11.40
C3' ATP G . 5.45 -24.27 10.05
O3' ATP G . 5.77 -23.42 8.95
C2' ATP G . 5.77 -25.74 9.78
O2' ATP G . 5.78 -26.01 8.38
C1' ATP G . 7.20 -25.87 10.33
N9 ATP G . 7.51 -27.20 10.85
C8 ATP G . 7.15 -27.70 12.07
N7 ATP G . 7.58 -28.92 12.30
C5 ATP G . 8.28 -29.23 11.14
C6 ATP G . 8.98 -30.39 10.73
N6 ATP G . 9.09 -31.49 11.50
N1 ATP G . 9.57 -30.38 9.53
C2 ATP G . 9.44 -29.29 8.76
N3 ATP G . 8.81 -28.14 9.04
C4 ATP G . 8.24 -28.18 10.24
#